data_6WTV
#
_entry.id   6WTV
#
_cell.length_a   93.800
_cell.length_b   98.654
_cell.length_c   103.094
_cell.angle_alpha   114.150
_cell.angle_beta   105.000
_cell.angle_gamma   89.690
#
_symmetry.space_group_name_H-M   'P 1'
#
loop_
_entity.id
_entity.type
_entity.pdbx_description
1 polymer 'reticulocyte binding protein 2b'
2 polymer '258259 Fab light chain'
3 polymer '258259 Fab heavy chain'
#
loop_
_entity_poly.entity_id
_entity_poly.type
_entity_poly.pdbx_seq_one_letter_code
_entity_poly.pdbx_strand_id
1 'polypeptide(L)'
;GAMGSTNTTDNIDYFDISDESNYYLISQLRPHFSNIYFFDEFKRYASYHTEIKRYEDIHKTKVNSLLNEASRAIGICNRA
KNTVKGLINILENPQKFKTQRESYDVKLRQYEEKKEAFRGCLLNKNRKNLDQIKKINNEIRDLLEKLKCSQDCQTNVYFD
MIKIYLVDFKKMPYENYDTFIKQYKNSYLSGVDMIRKIEKQIDNPVTINAIKFTQKEMGYIIDRFEYHLQKVKHSIDQVT
ALSDGVKPKQVTKNRLKEYYFNIGNYYSIFKFGKDSLNMLNKALIHKEKIVHNLLGELFGHLEERIS
;
A,G,J,D
2 'polypeptide(L)'
;TGSVTSYELTQAPSVSVAPGQTARITCGGDNIGRKTVNWYQQKPGQAPVLVIYYDNDRPSGIPERFSGSNSGNMATLSIS
RVEVGDEADYYCQVWDSNNDHPVFGGGTKLTVVGQPKAAPSVTLFPPSSEELQANKATLVCLISDFYPGAVTVAWKADSS
PVKAGVETTTPSKQSNNKYAASSYLSLTPEQWKSHRSYSCQVTHEGSTVEKTVAPTECS
;
C,I,L,F
3 'polypeptide(L)'
;TGVHSEVQLLESGGGLVRPGGSQRLSCAASGFTFTPYAMTWVRQAPGKGLEWLSTISGSGGSTYYADSVKGRFTISRDNS
KNMLYLQMNSLTAEDTALYYCTKDKDEYTFGHNAFDVWGQGTMVTVSSASTKGPSVFPLAPSSKSTSGGTAALGCLVKDY
FPEPVTVSWNSGALTSGVHTFPAVLQSSGLYSLSSVVTVPSSSLGTQTYICNVNHKPSNTKVDKKVEPKSCDKTHTCP
;
B,H,K,E
#
# COMPACT_ATOMS: atom_id res chain seq x y z
N THR A 6 -13.24 -14.21 28.32
CA THR A 6 -12.04 -14.51 27.53
C THR A 6 -11.19 -13.26 27.35
N ASN A 7 -10.95 -12.54 28.44
CA ASN A 7 -10.18 -11.30 28.45
C ASN A 7 -10.79 -10.23 27.56
N THR A 8 -12.06 -10.37 27.21
CA THR A 8 -12.77 -9.43 26.35
C THR A 8 -14.09 -9.04 26.99
N THR A 9 -14.57 -7.85 26.64
CA THR A 9 -15.85 -7.33 27.11
C THR A 9 -16.88 -7.51 26.00
N ASP A 10 -17.94 -8.25 26.31
CA ASP A 10 -19.03 -8.48 25.37
C ASP A 10 -20.24 -7.59 25.64
N ASN A 11 -20.23 -6.82 26.71
CA ASN A 11 -21.39 -6.04 27.12
C ASN A 11 -20.92 -4.71 27.68
N ILE A 12 -21.29 -3.61 27.01
CA ILE A 12 -20.90 -2.27 27.43
C ILE A 12 -22.14 -1.45 27.80
N ASP A 13 -23.16 -2.12 28.34
CA ASP A 13 -24.35 -1.44 28.80
C ASP A 13 -24.08 -0.46 29.94
N TYR A 14 -22.86 -0.43 30.48
CA TYR A 14 -22.59 0.36 31.68
C TYR A 14 -22.38 1.85 31.40
N PHE A 15 -22.42 2.28 30.13
CA PHE A 15 -22.31 3.70 29.83
C PHE A 15 -23.66 4.40 29.97
N ASP A 16 -23.61 5.66 30.40
CA ASP A 16 -24.80 6.49 30.47
C ASP A 16 -24.43 7.93 30.21
N ILE A 17 -25.45 8.74 29.93
CA ILE A 17 -25.28 10.15 29.60
C ILE A 17 -26.45 10.93 30.19
N SER A 18 -26.18 12.13 30.68
CA SER A 18 -27.19 13.02 31.22
C SER A 18 -27.14 14.35 30.48
N ASP A 19 -28.27 15.05 30.46
CA ASP A 19 -28.34 16.34 29.80
C ASP A 19 -27.47 17.36 30.52
N GLU A 20 -27.22 18.48 29.85
CA GLU A 20 -26.38 19.53 30.40
C GLU A 20 -26.98 20.17 31.64
N SER A 21 -28.28 19.97 31.89
CA SER A 21 -28.91 20.41 33.13
C SER A 21 -28.77 19.39 34.25
N ASN A 22 -28.38 18.16 33.92
CA ASN A 22 -28.22 17.05 34.87
C ASN A 22 -29.54 16.63 35.50
N TYR A 23 -30.66 16.87 34.83
CA TYR A 23 -31.97 16.52 35.37
C TYR A 23 -32.44 15.14 34.90
N TYR A 24 -32.14 14.78 33.66
CA TYR A 24 -32.55 13.49 33.10
C TYR A 24 -31.34 12.59 32.93
N LEU A 25 -31.48 11.33 33.35
CA LEU A 25 -30.42 10.33 33.21
C LEU A 25 -30.88 9.25 32.24
N ILE A 26 -30.12 9.06 31.16
CA ILE A 26 -30.45 8.08 30.14
C ILE A 26 -29.65 6.82 30.41
N SER A 27 -30.34 5.70 30.54
CA SER A 27 -29.72 4.40 30.76
C SER A 27 -29.93 3.51 29.55
N GLN A 28 -28.95 2.64 29.28
CA GLN A 28 -29.06 1.71 28.17
C GLN A 28 -30.07 0.60 28.44
N LEU A 29 -30.41 0.37 29.71
CA LEU A 29 -31.41 -0.63 30.07
C LEU A 29 -32.79 0.01 30.07
N ARG A 30 -33.78 -0.77 29.66
CA ARG A 30 -35.16 -0.31 29.72
C ARG A 30 -35.56 -0.04 31.17
N PRO A 31 -36.42 0.95 31.42
CA PRO A 31 -37.09 1.82 30.45
C PRO A 31 -36.28 3.06 30.08
N HIS A 32 -34.96 3.01 30.25
CA HIS A 32 -34.04 4.07 29.87
C HIS A 32 -34.22 5.33 30.72
N PHE A 33 -35.46 5.68 31.05
CA PHE A 33 -35.76 6.85 31.86
C PHE A 33 -36.40 6.43 33.17
N SER A 34 -35.96 7.06 34.27
CA SER A 34 -36.59 6.81 35.56
C SER A 34 -38.02 7.35 35.61
N ASN A 35 -38.35 8.34 34.77
CA ASN A 35 -39.69 8.91 34.77
C ASN A 35 -40.73 7.92 34.26
N ILE A 36 -40.32 6.94 33.45
CA ILE A 36 -41.27 5.94 32.97
C ILE A 36 -41.81 5.11 34.14
N TYR A 37 -40.94 4.77 35.09
CA TYR A 37 -41.40 4.06 36.28
C TYR A 37 -42.42 4.88 37.06
N PHE A 38 -42.28 6.21 37.06
CA PHE A 38 -43.29 7.05 37.68
C PHE A 38 -44.60 6.99 36.90
N PHE A 39 -44.52 6.91 35.57
CA PHE A 39 -45.73 6.79 34.76
C PHE A 39 -46.43 5.46 35.01
N ASP A 40 -45.65 4.38 35.13
CA ASP A 40 -46.24 3.08 35.43
C ASP A 40 -46.83 3.04 36.84
N GLU A 41 -46.25 3.82 37.77
CA GLU A 41 -46.77 3.86 39.13
C GLU A 41 -48.06 4.67 39.23
N PHE A 42 -48.21 5.70 38.38
CA PHE A 42 -49.44 6.47 38.42
C PHE A 42 -50.63 5.66 37.93
N LYS A 43 -50.40 4.68 37.05
CA LYS A 43 -51.46 3.75 36.69
C LYS A 43 -51.92 2.95 37.91
N ARG A 44 -50.99 2.59 38.79
CA ARG A 44 -51.36 1.96 40.05
C ARG A 44 -52.01 2.96 41.00
N TYR A 45 -51.59 4.22 40.95
CA TYR A 45 -52.27 5.26 41.72
C TYR A 45 -53.69 5.47 41.21
N ALA A 46 -53.87 5.51 39.89
CA ALA A 46 -55.19 5.72 39.32
C ALA A 46 -56.11 4.52 39.50
N SER A 47 -55.56 3.36 39.85
CA SER A 47 -56.38 2.17 40.03
C SER A 47 -57.29 2.26 41.25
N TYR A 48 -57.00 3.16 42.18
CA TYR A 48 -57.80 3.34 43.38
C TYR A 48 -58.77 4.51 43.27
N HIS A 49 -58.75 5.23 42.16
CA HIS A 49 -59.61 6.40 41.95
C HIS A 49 -60.46 6.16 40.71
N THR A 50 -61.78 6.12 40.90
CA THR A 50 -62.68 5.82 39.78
C THR A 50 -62.69 6.94 38.75
N GLU A 51 -62.45 8.18 39.17
CA GLU A 51 -62.45 9.29 38.23
C GLU A 51 -61.22 9.27 37.33
N ILE A 52 -60.07 8.87 37.87
CA ILE A 52 -58.85 8.83 37.09
C ILE A 52 -58.70 7.51 36.32
N LYS A 53 -59.27 6.43 36.85
CA LYS A 53 -59.11 5.12 36.22
C LYS A 53 -59.75 5.05 34.84
N ARG A 54 -60.69 5.94 34.53
CA ARG A 54 -61.31 5.94 33.21
C ARG A 54 -60.31 6.32 32.12
N TYR A 55 -59.38 7.22 32.41
CA TYR A 55 -58.39 7.66 31.45
C TYR A 55 -57.12 6.82 31.48
N GLU A 56 -57.18 5.63 32.07
CA GLU A 56 -55.99 4.78 32.14
C GLU A 56 -55.70 4.13 30.79
N ASP A 57 -56.72 3.91 29.96
CA ASP A 57 -56.51 3.32 28.65
C ASP A 57 -55.74 4.25 27.73
N ILE A 58 -56.12 5.54 27.71
CA ILE A 58 -55.38 6.51 26.92
C ILE A 58 -54.02 6.83 27.52
N HIS A 59 -53.82 6.50 28.80
CA HIS A 59 -52.52 6.76 29.43
C HIS A 59 -51.46 5.79 28.92
N LYS A 60 -51.82 4.52 28.75
CA LYS A 60 -50.84 3.53 28.28
C LYS A 60 -50.36 3.87 26.88
N THR A 61 -51.27 4.26 25.98
CA THR A 61 -50.86 4.67 24.64
C THR A 61 -49.97 5.90 24.68
N LYS A 62 -50.14 6.76 25.69
CA LYS A 62 -49.28 7.93 25.84
C LYS A 62 -47.93 7.57 26.44
N VAL A 63 -47.90 6.57 27.32
CA VAL A 63 -46.65 6.18 27.97
C VAL A 63 -45.87 5.17 27.13
N ASN A 64 -46.56 4.20 26.53
CA ASN A 64 -45.87 3.20 25.71
C ASN A 64 -45.21 3.83 24.50
N SER A 65 -45.79 4.90 23.96
CA SER A 65 -45.18 5.58 22.83
C SER A 65 -43.84 6.20 23.21
N LEU A 66 -43.76 6.77 24.41
CA LEU A 66 -42.48 7.30 24.89
C LEU A 66 -41.48 6.18 25.13
N LEU A 67 -41.95 5.04 25.64
CA LEU A 67 -41.07 3.89 25.83
C LEU A 67 -40.61 3.31 24.50
N ASN A 68 -41.49 3.33 23.49
CA ASN A 68 -41.11 2.84 22.16
C ASN A 68 -40.08 3.76 21.52
N GLU A 69 -40.29 5.08 21.61
CA GLU A 69 -39.35 6.02 21.02
C GLU A 69 -38.03 6.06 21.79
N ALA A 70 -38.08 5.83 23.11
CA ALA A 70 -36.85 5.72 23.87
C ALA A 70 -36.09 4.46 23.47
N SER A 71 -36.79 3.33 23.36
CA SER A 71 -36.16 2.10 22.91
C SER A 71 -35.72 2.20 21.45
N ARG A 72 -36.41 3.02 20.65
CA ARG A 72 -36.02 3.19 19.26
C ARG A 72 -34.76 4.02 19.13
N ALA A 73 -34.65 5.09 19.93
CA ALA A 73 -33.49 5.98 19.82
C ALA A 73 -32.22 5.31 20.33
N ILE A 74 -32.33 4.45 21.36
CA ILE A 74 -31.15 3.74 21.85
C ILE A 74 -30.65 2.75 20.80
N GLY A 75 -31.57 2.06 20.13
CA GLY A 75 -31.20 1.14 19.06
C GLY A 75 -30.52 1.81 17.88
N ILE A 76 -30.80 3.09 17.65
CA ILE A 76 -30.12 3.81 16.57
C ILE A 76 -28.64 3.97 16.89
N CYS A 77 -28.29 4.01 18.16
CA CYS A 77 -26.90 4.15 18.59
C CYS A 77 -26.16 2.81 18.69
N ASN A 78 -26.78 1.72 18.22
CA ASN A 78 -26.09 0.43 18.23
C ASN A 78 -24.90 0.43 17.28
N ARG A 79 -24.95 1.23 16.22
CA ARG A 79 -23.79 1.37 15.34
C ARG A 79 -22.63 2.02 16.07
N ALA A 80 -22.90 3.10 16.81
CA ALA A 80 -21.86 3.72 17.62
C ALA A 80 -21.49 2.84 18.82
N LYS A 81 -22.43 2.01 19.29
CA LYS A 81 -22.14 1.17 20.44
C LYS A 81 -21.15 0.07 20.09
N ASN A 82 -21.44 -0.70 19.03
CA ASN A 82 -20.56 -1.79 18.62
C ASN A 82 -19.20 -1.28 18.15
N THR A 83 -19.12 -0.04 17.68
CA THR A 83 -17.83 0.52 17.28
C THR A 83 -16.92 0.73 18.49
N VAL A 84 -17.49 1.22 19.60
CA VAL A 84 -16.70 1.38 20.82
C VAL A 84 -16.38 0.01 21.43
N LYS A 85 -17.33 -0.92 21.38
CA LYS A 85 -17.08 -2.26 21.90
C LYS A 85 -15.87 -2.90 21.23
N GLY A 86 -15.69 -2.64 19.93
CA GLY A 86 -14.53 -3.19 19.25
C GLY A 86 -13.23 -2.57 19.71
N LEU A 87 -13.22 -1.24 19.90
CA LEU A 87 -12.01 -0.58 20.36
C LEU A 87 -11.66 -0.97 21.80
N ILE A 88 -12.66 -1.27 22.62
CA ILE A 88 -12.41 -1.73 23.99
C ILE A 88 -11.75 -3.10 23.97
N ASN A 89 -12.31 -4.03 23.18
CA ASN A 89 -11.75 -5.37 23.08
C ASN A 89 -10.31 -5.37 22.54
N ILE A 90 -9.92 -4.35 21.80
CA ILE A 90 -8.54 -4.26 21.30
C ILE A 90 -7.62 -3.68 22.37
N LEU A 91 -8.10 -2.67 23.11
CA LEU A 91 -7.25 -1.99 24.08
C LEU A 91 -7.12 -2.73 25.40
N GLU A 92 -8.03 -3.66 25.70
CA GLU A 92 -7.95 -4.44 26.93
C GLU A 92 -7.40 -5.85 26.69
N ASN A 93 -7.06 -6.19 25.45
CA ASN A 93 -6.54 -7.52 25.12
C ASN A 93 -5.19 -7.36 24.42
N PRO A 94 -4.08 -7.70 25.08
CA PRO A 94 -2.77 -7.57 24.41
C PRO A 94 -2.62 -8.48 23.20
N GLN A 95 -3.22 -9.68 23.23
CA GLN A 95 -3.13 -10.57 22.08
C GLN A 95 -3.88 -10.00 20.89
N LYS A 96 -5.05 -9.39 21.12
CA LYS A 96 -5.77 -8.77 20.02
C LYS A 96 -5.10 -7.50 19.55
N PHE A 97 -4.41 -6.80 20.45
CA PHE A 97 -3.69 -5.58 20.07
C PHE A 97 -2.51 -5.88 19.16
N LYS A 98 -1.96 -7.09 19.20
CA LYS A 98 -0.82 -7.45 18.38
C LYS A 98 -1.21 -7.93 16.98
N THR A 99 -2.49 -8.20 16.74
CA THR A 99 -2.93 -8.56 15.40
C THR A 99 -3.04 -7.36 14.48
N GLN A 100 -3.18 -6.16 15.02
CA GLN A 100 -3.21 -4.94 14.23
C GLN A 100 -1.82 -4.30 14.23
N ARG A 101 -1.72 -3.13 13.60
CA ARG A 101 -0.43 -2.52 13.33
C ARG A 101 -0.27 -1.09 13.83
N GLU A 102 -1.32 -0.49 14.39
CA GLU A 102 -1.25 0.89 14.82
C GLU A 102 -0.78 1.00 16.27
N SER A 103 -0.11 2.10 16.58
CA SER A 103 0.43 2.31 17.91
C SER A 103 -0.69 2.37 18.94
N TYR A 104 -0.33 2.06 20.19
CA TYR A 104 -1.33 2.00 21.26
C TYR A 104 -1.96 3.36 21.52
N ASP A 105 -1.16 4.43 21.42
CA ASP A 105 -1.70 5.78 21.63
C ASP A 105 -2.69 6.16 20.53
N VAL A 106 -2.54 5.57 19.34
CA VAL A 106 -3.47 5.87 18.25
C VAL A 106 -4.83 5.25 18.54
N LYS A 107 -4.85 4.03 19.08
CA LYS A 107 -6.12 3.37 19.38
C LYS A 107 -6.82 4.02 20.58
N LEU A 108 -6.06 4.61 21.50
CA LEU A 108 -6.68 5.32 22.61
C LEU A 108 -7.40 6.58 22.13
N ARG A 109 -6.80 7.31 21.18
CA ARG A 109 -7.48 8.47 20.61
C ARG A 109 -8.72 8.06 19.84
N GLN A 110 -8.66 6.92 19.15
CA GLN A 110 -9.85 6.39 18.47
C GLN A 110 -10.92 6.00 19.47
N TYR A 111 -10.52 5.47 20.62
CA TYR A 111 -11.49 5.07 21.63
C TYR A 111 -12.17 6.29 22.27
N GLU A 112 -11.40 7.34 22.55
CA GLU A 112 -11.97 8.52 23.19
C GLU A 112 -12.92 9.25 22.25
N GLU A 113 -12.62 9.26 20.95
CA GLU A 113 -13.51 9.92 20.00
C GLU A 113 -14.82 9.14 19.84
N LYS A 114 -14.73 7.81 19.72
CA LYS A 114 -15.92 7.02 19.52
C LYS A 114 -16.75 6.90 20.80
N LYS A 115 -16.10 6.94 21.96
CA LYS A 115 -16.83 6.83 23.23
C LYS A 115 -17.77 8.01 23.42
N GLU A 116 -17.28 9.23 23.19
CA GLU A 116 -18.14 10.41 23.32
C GLU A 116 -19.10 10.54 22.15
N ALA A 117 -18.72 10.06 20.97
CA ALA A 117 -19.66 10.01 19.86
C ALA A 117 -20.81 9.04 20.16
N PHE A 118 -20.54 8.02 20.97
CA PHE A 118 -21.57 7.07 21.38
C PHE A 118 -22.44 7.66 22.49
N ARG A 119 -21.82 8.16 23.56
CA ARG A 119 -22.60 8.76 24.64
C ARG A 119 -23.32 10.03 24.17
N GLY A 120 -22.77 10.72 23.17
CA GLY A 120 -23.49 11.82 22.56
C GLY A 120 -24.68 11.35 21.76
N CYS A 121 -24.59 10.16 21.13
CA CYS A 121 -25.72 9.61 20.39
C CYS A 121 -26.88 9.29 21.33
N LEU A 122 -26.60 8.67 22.47
CA LEU A 122 -27.66 8.30 23.40
C LEU A 122 -28.43 9.53 23.89
N LEU A 123 -27.76 10.68 23.95
CA LEU A 123 -28.41 11.92 24.36
C LEU A 123 -29.07 12.66 23.20
N ASN A 124 -28.40 12.71 22.06
CA ASN A 124 -28.91 13.50 20.92
C ASN A 124 -30.19 12.88 20.36
N LYS A 125 -30.20 11.56 20.17
CA LYS A 125 -31.37 10.90 19.61
C LYS A 125 -32.53 10.84 20.61
N ASN A 126 -32.30 11.19 21.88
CA ASN A 126 -33.35 11.16 22.89
C ASN A 126 -33.77 12.55 23.35
N ARG A 127 -33.30 13.60 22.67
CA ARG A 127 -33.67 14.96 23.08
C ARG A 127 -35.16 15.21 22.88
N LYS A 128 -35.75 14.65 21.82
CA LYS A 128 -37.18 14.81 21.61
C LYS A 128 -37.99 14.03 22.66
N ASN A 129 -37.43 12.93 23.17
CA ASN A 129 -38.14 12.17 24.20
C ASN A 129 -38.13 12.90 25.54
N LEU A 130 -37.06 13.62 25.85
CA LEU A 130 -36.99 14.32 27.13
C LEU A 130 -38.04 15.42 27.22
N ASP A 131 -38.33 16.08 26.09
CA ASP A 131 -39.38 17.10 26.09
C ASP A 131 -40.76 16.48 26.31
N GLN A 132 -40.96 15.25 25.84
CA GLN A 132 -42.23 14.57 26.05
C GLN A 132 -42.42 14.18 27.52
N ILE A 133 -41.33 14.01 28.26
CA ILE A 133 -41.43 13.64 29.67
C ILE A 133 -42.12 14.75 30.46
N LYS A 134 -41.79 16.01 30.15
CA LYS A 134 -42.41 17.12 30.86
C LYS A 134 -43.90 17.20 30.56
N LYS A 135 -44.30 16.89 29.32
CA LYS A 135 -45.72 16.95 28.97
C LYS A 135 -46.52 15.89 29.68
N ILE A 136 -46.03 14.64 29.69
CA ILE A 136 -46.74 13.55 30.37
C ILE A 136 -46.81 13.79 31.87
N ASN A 137 -45.79 14.44 32.43
CA ASN A 137 -45.83 14.81 33.85
C ASN A 137 -46.94 15.82 34.12
N ASN A 138 -47.11 16.79 33.23
CA ASN A 138 -48.19 17.76 33.39
C ASN A 138 -49.55 17.14 33.11
N GLU A 139 -49.61 16.18 32.18
CA GLU A 139 -50.87 15.49 31.91
C GLU A 139 -51.31 14.67 33.12
N ILE A 140 -50.36 14.14 33.89
CA ILE A 140 -50.70 13.42 35.11
C ILE A 140 -51.32 14.37 36.13
N ARG A 141 -50.81 15.60 36.19
CA ARG A 141 -51.35 16.59 37.12
C ARG A 141 -52.81 16.90 36.81
N ASP A 142 -53.15 17.01 35.52
CA ASP A 142 -54.52 17.31 35.14
C ASP A 142 -55.46 16.13 35.42
N LEU A 143 -54.95 14.90 35.29
CA LEU A 143 -55.77 13.74 35.60
C LEU A 143 -56.06 13.63 37.10
N LEU A 144 -55.12 14.05 37.94
CA LEU A 144 -55.34 14.00 39.37
C LEU A 144 -56.30 15.08 39.86
N GLU A 145 -56.57 16.10 39.03
CA GLU A 145 -57.50 17.15 39.42
C GLU A 145 -58.95 16.72 39.31
N LYS A 146 -59.24 15.62 38.61
CA LYS A 146 -60.59 15.12 38.46
C LYS A 146 -61.09 14.35 39.67
N LEU A 147 -60.33 14.36 40.77
CA LEU A 147 -60.75 13.66 41.97
C LEU A 147 -61.97 14.31 42.59
N LYS A 148 -62.82 13.49 43.23
CA LYS A 148 -64.04 14.01 43.83
C LYS A 148 -63.74 14.86 45.05
N CYS A 149 -62.61 14.64 45.72
CA CYS A 149 -62.27 15.38 46.92
C CYS A 149 -61.82 16.80 46.55
N SER A 150 -62.23 17.76 47.38
CA SER A 150 -61.87 19.16 47.20
C SER A 150 -60.92 19.67 48.27
N GLN A 151 -61.23 19.40 49.54
CA GLN A 151 -60.36 19.81 50.63
C GLN A 151 -60.16 18.72 51.69
N ASP A 152 -60.73 17.53 51.50
CA ASP A 152 -60.63 16.44 52.48
C ASP A 152 -60.37 15.13 51.72
N CYS A 153 -59.18 15.04 51.11
CA CYS A 153 -58.77 13.85 50.38
C CYS A 153 -58.16 12.86 51.35
N GLN A 154 -58.71 11.66 51.42
CA GLN A 154 -58.19 10.62 52.30
C GLN A 154 -56.81 10.19 51.84
N THR A 155 -55.86 10.13 52.78
CA THR A 155 -54.50 9.71 52.49
C THR A 155 -54.30 8.21 52.63
N ASN A 156 -55.38 7.44 52.71
CA ASN A 156 -55.26 5.99 52.84
C ASN A 156 -54.56 5.39 51.63
N VAL A 157 -54.95 5.82 50.43
CA VAL A 157 -54.30 5.35 49.21
C VAL A 157 -52.82 5.76 49.21
N TYR A 158 -52.54 6.98 49.67
CA TYR A 158 -51.16 7.46 49.71
C TYR A 158 -50.32 6.65 50.69
N PHE A 159 -50.85 6.37 51.88
CA PHE A 159 -50.12 5.60 52.87
C PHE A 159 -50.16 4.10 52.61
N ASP A 160 -51.18 3.60 51.90
CA ASP A 160 -51.18 2.19 51.52
C ASP A 160 -50.11 1.91 50.48
N MET A 161 -49.79 2.89 49.63
CA MET A 161 -48.69 2.75 48.69
C MET A 161 -47.34 2.81 49.40
N ILE A 162 -47.24 3.60 50.47
CA ILE A 162 -46.00 3.68 51.22
C ILE A 162 -45.68 2.33 51.87
N LYS A 163 -46.70 1.65 52.40
CA LYS A 163 -46.49 0.33 52.99
C LYS A 163 -46.03 -0.67 51.95
N ILE A 164 -46.49 -0.53 50.71
CA ILE A 164 -46.05 -1.42 49.65
C ILE A 164 -44.60 -1.12 49.27
N TYR A 165 -44.22 0.15 49.27
CA TYR A 165 -42.86 0.52 48.88
C TYR A 165 -41.83 -0.02 49.87
N LEU A 166 -42.15 0.00 51.16
CA LEU A 166 -41.22 -0.52 52.16
C LEU A 166 -40.99 -2.01 52.00
N VAL A 167 -42.00 -2.76 51.55
CA VAL A 167 -41.83 -4.18 51.28
C VAL A 167 -40.95 -4.38 50.06
N ASP A 168 -41.14 -3.56 49.02
CA ASP A 168 -40.29 -3.65 47.84
C ASP A 168 -38.86 -3.27 48.15
N PHE A 169 -38.66 -2.35 49.10
CA PHE A 169 -37.30 -1.95 49.47
C PHE A 169 -36.52 -3.09 50.11
N LYS A 170 -37.21 -3.95 50.88
CA LYS A 170 -36.54 -5.04 51.56
C LYS A 170 -36.01 -6.10 50.60
N LYS A 171 -36.52 -6.14 49.36
CA LYS A 171 -36.07 -7.15 48.41
C LYS A 171 -34.66 -6.85 47.90
N MET A 172 -34.24 -5.59 47.93
CA MET A 172 -32.90 -5.25 47.42
C MET A 172 -31.88 -5.37 48.53
N PRO A 173 -30.74 -6.03 48.29
CA PRO A 173 -29.67 -6.14 49.30
C PRO A 173 -28.77 -4.92 49.34
N TYR A 174 -29.21 -3.88 50.05
CA TYR A 174 -28.40 -2.66 50.16
C TYR A 174 -27.14 -2.92 50.98
N GLU A 175 -27.25 -3.72 52.04
CA GLU A 175 -26.09 -4.00 52.89
C GLU A 175 -25.03 -4.77 52.12
N ASN A 176 -25.44 -5.78 51.35
CA ASN A 176 -24.48 -6.53 50.55
C ASN A 176 -23.92 -5.68 49.41
N TYR A 177 -24.76 -4.81 48.84
CA TYR A 177 -24.28 -3.92 47.78
C TYR A 177 -23.24 -2.94 48.31
N ASP A 178 -23.50 -2.36 49.48
CA ASP A 178 -22.53 -1.44 50.08
C ASP A 178 -21.25 -2.18 50.46
N THR A 179 -21.37 -3.42 50.93
CA THR A 179 -20.19 -4.22 51.22
C THR A 179 -19.44 -4.57 49.95
N PHE A 180 -20.18 -4.87 48.87
CA PHE A 180 -19.55 -5.23 47.61
C PHE A 180 -18.76 -4.06 47.02
N ILE A 181 -19.36 -2.86 47.02
CA ILE A 181 -18.72 -1.73 46.36
C ILE A 181 -17.49 -1.26 47.13
N LYS A 182 -17.58 -1.20 48.46
CA LYS A 182 -16.42 -0.79 49.25
C LYS A 182 -15.29 -1.80 49.12
N GLN A 183 -15.62 -3.08 49.00
CA GLN A 183 -14.61 -4.12 48.88
C GLN A 183 -13.96 -4.10 47.50
N TYR A 184 -14.76 -3.98 46.45
CA TYR A 184 -14.20 -3.95 45.09
C TYR A 184 -13.51 -2.63 44.80
N LYS A 185 -14.01 -1.53 45.37
CA LYS A 185 -13.30 -0.25 45.25
C LYS A 185 -11.97 -0.28 46.00
N ASN A 186 -11.89 -1.04 47.08
CA ASN A 186 -10.62 -1.22 47.78
C ASN A 186 -9.62 -1.97 46.93
N SER A 187 -10.05 -3.05 46.29
CA SER A 187 -9.16 -3.81 45.42
C SER A 187 -8.79 -3.02 44.16
N TYR A 188 -9.70 -2.15 43.71
CA TYR A 188 -9.41 -1.34 42.52
C TYR A 188 -8.35 -0.28 42.82
N LEU A 189 -8.44 0.38 43.98
CA LEU A 189 -7.46 1.39 44.32
C LEU A 189 -6.08 0.77 44.56
N SER A 190 -6.04 -0.41 45.17
CA SER A 190 -4.76 -1.09 45.38
C SER A 190 -4.15 -1.55 44.06
N GLY A 191 -4.99 -1.91 43.08
CA GLY A 191 -4.47 -2.29 41.78
C GLY A 191 -3.85 -1.12 41.04
N VAL A 192 -4.51 0.04 41.06
CA VAL A 192 -3.96 1.22 40.40
C VAL A 192 -2.66 1.65 41.06
N ASP A 193 -2.60 1.55 42.39
CA ASP A 193 -1.44 2.07 43.11
C ASP A 193 -0.22 1.17 42.94
N MET A 194 -0.42 -0.14 42.80
CA MET A 194 0.73 -1.01 42.58
C MET A 194 1.27 -0.87 41.16
N ILE A 195 0.41 -0.55 40.19
CA ILE A 195 0.88 -0.27 38.85
C ILE A 195 1.70 1.02 38.83
N ARG A 196 1.37 1.96 39.71
CA ARG A 196 2.20 3.15 39.84
C ARG A 196 3.58 2.79 40.36
N LYS A 197 3.67 1.79 41.24
CA LYS A 197 4.95 1.45 41.86
C LYS A 197 5.85 0.69 40.91
N ILE A 198 5.29 -0.26 40.15
CA ILE A 198 6.10 -1.17 39.35
C ILE A 198 6.13 -0.80 37.87
N GLU A 199 5.50 0.31 37.47
CA GLU A 199 5.54 0.71 36.07
C GLU A 199 6.95 1.06 35.65
N LYS A 200 7.28 0.74 34.41
CA LYS A 200 8.58 1.06 33.84
C LYS A 200 8.45 1.03 32.32
N GLN A 201 9.37 1.72 31.65
CA GLN A 201 9.31 1.92 30.21
C GLN A 201 10.49 1.29 29.50
N ILE A 202 10.95 0.15 30.01
CA ILE A 202 12.07 -0.55 29.38
C ILE A 202 11.57 -1.62 28.39
N ASP A 203 10.58 -2.41 28.80
CA ASP A 203 10.08 -3.51 28.00
C ASP A 203 8.71 -3.14 27.40
N ASN A 204 8.03 -4.15 26.87
CA ASN A 204 6.74 -3.95 26.21
C ASN A 204 5.67 -3.56 27.24
N PRO A 205 5.09 -2.37 27.13
CA PRO A 205 4.04 -1.96 28.09
C PRO A 205 2.62 -2.35 27.70
N VAL A 206 2.44 -3.24 26.72
CA VAL A 206 1.11 -3.58 26.24
C VAL A 206 0.27 -4.21 27.34
N THR A 207 0.86 -5.15 28.09
CA THR A 207 0.13 -5.77 29.19
C THR A 207 -0.15 -4.76 30.31
N ILE A 208 0.76 -3.82 30.53
CA ILE A 208 0.53 -2.80 31.55
C ILE A 208 -0.46 -1.76 31.03
N ASN A 209 -0.39 -1.41 29.75
CA ASN A 209 -1.34 -0.45 29.18
C ASN A 209 -2.76 -0.99 29.19
N ALA A 210 -2.93 -2.30 28.98
CA ALA A 210 -4.26 -2.88 29.00
C ALA A 210 -4.85 -2.90 30.41
N ILE A 211 -4.00 -3.02 31.43
CA ILE A 211 -4.49 -2.98 32.80
C ILE A 211 -5.05 -1.61 33.13
N LYS A 212 -4.28 -0.55 32.86
CA LYS A 212 -4.73 0.80 33.17
C LYS A 212 -5.96 1.18 32.35
N PHE A 213 -6.02 0.73 31.09
CA PHE A 213 -7.23 0.95 30.29
C PHE A 213 -8.44 0.29 30.93
N THR A 214 -8.28 -0.96 31.37
CA THR A 214 -9.39 -1.66 32.01
C THR A 214 -9.70 -1.04 33.37
N GLN A 215 -8.67 -0.59 34.09
CA GLN A 215 -8.90 0.05 35.38
C GLN A 215 -9.64 1.37 35.22
N LYS A 216 -9.36 2.11 34.14
CA LYS A 216 -10.11 3.34 33.89
C LYS A 216 -11.59 3.05 33.68
N GLU A 217 -11.91 1.91 33.07
CA GLU A 217 -13.31 1.50 32.97
C GLU A 217 -13.88 1.16 34.34
N MET A 218 -13.07 0.50 35.18
CA MET A 218 -13.55 0.12 36.52
C MET A 218 -13.87 1.34 37.35
N GLY A 219 -12.99 2.35 37.34
CA GLY A 219 -13.25 3.56 38.11
C GLY A 219 -14.50 4.28 37.68
N TYR A 220 -14.85 4.20 36.39
CA TYR A 220 -16.10 4.79 35.93
C TYR A 220 -17.30 3.98 36.41
N ILE A 221 -17.19 2.66 36.38
CA ILE A 221 -18.27 1.81 36.86
C ILE A 221 -18.48 1.99 38.36
N ILE A 222 -17.38 2.14 39.11
CA ILE A 222 -17.49 2.36 40.55
C ILE A 222 -18.18 3.69 40.84
N ASP A 223 -17.80 4.74 40.10
CA ASP A 223 -18.44 6.04 40.31
C ASP A 223 -19.93 5.99 39.99
N ARG A 224 -20.30 5.27 38.94
CA ARG A 224 -21.72 5.17 38.59
C ARG A 224 -22.47 4.25 39.53
N PHE A 225 -21.79 3.24 40.09
CA PHE A 225 -22.43 2.35 41.05
C PHE A 225 -22.76 3.09 42.35
N GLU A 226 -21.80 3.88 42.86
CA GLU A 226 -22.03 4.62 44.08
C GLU A 226 -23.02 5.77 43.90
N TYR A 227 -23.21 6.25 42.67
CA TYR A 227 -24.23 7.24 42.43
C TYR A 227 -25.63 6.66 42.64
N HIS A 228 -25.88 5.48 42.07
CA HIS A 228 -27.18 4.84 42.24
C HIS A 228 -27.34 4.29 43.65
N LEU A 229 -26.27 3.75 44.23
CA LEU A 229 -26.35 3.23 45.60
C LEU A 229 -26.71 4.35 46.58
N GLN A 230 -26.20 5.55 46.35
CA GLN A 230 -26.58 6.69 47.18
C GLN A 230 -27.98 7.18 46.83
N LYS A 231 -28.35 7.16 45.55
CA LYS A 231 -29.67 7.61 45.14
C LYS A 231 -30.76 6.66 45.62
N VAL A 232 -30.51 5.35 45.53
CA VAL A 232 -31.48 4.37 46.03
C VAL A 232 -31.61 4.47 47.53
N LYS A 233 -30.50 4.71 48.24
CA LYS A 233 -30.56 4.90 49.68
C LYS A 233 -31.45 6.08 50.05
N HIS A 234 -31.40 7.14 49.24
CA HIS A 234 -32.22 8.31 49.50
C HIS A 234 -33.71 7.97 49.39
N SER A 235 -34.10 7.27 48.33
CA SER A 235 -35.50 6.93 48.14
C SER A 235 -36.01 6.01 49.26
N ILE A 236 -35.16 5.11 49.73
CA ILE A 236 -35.56 4.22 50.82
C ILE A 236 -35.72 5.02 52.11
N ASP A 237 -34.75 5.87 52.42
CA ASP A 237 -34.80 6.64 53.66
C ASP A 237 -35.91 7.68 53.65
N GLN A 238 -36.23 8.24 52.48
CA GLN A 238 -37.26 9.28 52.42
C GLN A 238 -38.66 8.68 52.59
N VAL A 239 -38.95 7.61 51.86
CA VAL A 239 -40.26 6.97 52.00
C VAL A 239 -40.42 6.38 53.40
N THR A 240 -39.36 5.77 53.95
CA THR A 240 -39.43 5.26 55.31
C THR A 240 -39.65 6.37 56.32
N ALA A 241 -39.10 7.56 56.06
CA ALA A 241 -39.36 8.70 56.94
C ALA A 241 -40.81 9.14 56.86
N LEU A 242 -41.45 8.98 55.70
CA LEU A 242 -42.86 9.34 55.57
C LEU A 242 -43.74 8.42 56.39
N SER A 243 -43.44 7.12 56.40
CA SER A 243 -44.24 6.17 57.17
C SER A 243 -44.01 6.33 58.67
N ASP A 244 -42.81 6.74 59.07
CA ASP A 244 -42.50 6.94 60.48
C ASP A 244 -42.82 8.35 60.95
N GLY A 245 -43.26 9.24 60.07
CA GLY A 245 -43.59 10.60 60.41
C GLY A 245 -45.07 10.80 60.69
N VAL A 246 -45.51 12.04 60.55
CA VAL A 246 -46.91 12.38 60.79
C VAL A 246 -47.77 11.77 59.70
N LYS A 247 -48.98 11.32 60.07
CA LYS A 247 -49.94 10.72 59.16
C LYS A 247 -51.23 11.51 59.21
N PRO A 248 -51.33 12.60 58.45
CA PRO A 248 -52.61 13.33 58.37
C PRO A 248 -53.67 12.49 57.69
N LYS A 249 -54.80 12.31 58.38
CA LYS A 249 -55.86 11.47 57.85
C LYS A 249 -56.53 12.07 56.61
N GLN A 250 -56.39 13.37 56.39
CA GLN A 250 -57.00 14.02 55.24
C GLN A 250 -56.24 15.29 54.91
N VAL A 251 -55.88 15.45 53.63
CA VAL A 251 -55.24 16.66 53.13
C VAL A 251 -56.02 17.11 51.89
N THR A 252 -55.70 18.32 51.42
CA THR A 252 -56.37 18.87 50.26
C THR A 252 -55.95 18.13 49.00
N LYS A 253 -56.56 18.51 47.87
CA LYS A 253 -56.26 17.86 46.60
C LYS A 253 -54.95 18.38 46.01
N ASN A 254 -54.66 19.67 46.19
CA ASN A 254 -53.41 20.22 45.68
C ASN A 254 -52.21 19.54 46.33
N ARG A 255 -52.27 19.33 47.65
CA ARG A 255 -51.19 18.62 48.32
C ARG A 255 -51.21 17.12 48.04
N LEU A 256 -52.36 16.57 47.67
CA LEU A 256 -52.41 15.14 47.35
C LEU A 256 -51.77 14.85 46.00
N LYS A 257 -51.85 15.78 45.05
CA LYS A 257 -51.15 15.61 43.78
C LYS A 257 -49.65 15.48 44.00
N GLU A 258 -49.07 16.40 44.77
CA GLU A 258 -47.65 16.33 45.08
C GLU A 258 -47.33 15.18 46.02
N TYR A 259 -48.31 14.69 46.77
CA TYR A 259 -48.11 13.49 47.59
C TYR A 259 -47.74 12.30 46.73
N TYR A 260 -48.58 11.99 45.73
CA TYR A 260 -48.28 10.89 44.81
C TYR A 260 -47.02 11.18 44.00
N PHE A 261 -46.81 12.46 43.63
CA PHE A 261 -45.60 12.84 42.94
C PHE A 261 -44.36 12.62 43.81
N ASN A 262 -44.51 12.77 45.12
CA ASN A 262 -43.38 12.60 46.03
C ASN A 262 -42.96 11.13 46.11
N ILE A 263 -43.89 10.26 46.52
CA ILE A 263 -43.57 8.84 46.63
C ILE A 263 -43.34 8.23 45.25
N GLY A 264 -44.00 8.78 44.22
CA GLY A 264 -43.79 8.26 42.87
C GLY A 264 -42.39 8.50 42.36
N ASN A 265 -41.83 9.68 42.63
CA ASN A 265 -40.47 9.98 42.20
C ASN A 265 -39.46 9.13 42.97
N TYR A 266 -39.68 8.92 44.27
CA TYR A 266 -38.75 8.11 45.06
C TYR A 266 -38.75 6.66 44.58
N TYR A 267 -39.94 6.05 44.47
CA TYR A 267 -40.03 4.68 44.00
C TYR A 267 -39.52 4.53 42.56
N SER A 268 -39.59 5.61 41.77
CA SER A 268 -39.05 5.57 40.43
C SER A 268 -37.53 5.48 40.46
N ILE A 269 -36.88 6.31 41.28
CA ILE A 269 -35.43 6.25 41.42
C ILE A 269 -35.01 4.89 41.98
N PHE A 270 -35.83 4.30 42.84
CA PHE A 270 -35.49 3.00 43.41
C PHE A 270 -35.47 1.91 42.33
N LYS A 271 -36.60 1.70 41.66
CA LYS A 271 -36.67 0.68 40.63
C LYS A 271 -35.70 0.97 39.49
N PHE A 272 -35.48 2.24 39.18
CA PHE A 272 -34.47 2.59 38.18
C PHE A 272 -33.07 2.28 38.69
N GLY A 273 -32.80 2.58 39.96
CA GLY A 273 -31.50 2.27 40.53
C GLY A 273 -31.28 0.78 40.73
N LYS A 274 -32.35 0.04 41.04
CA LYS A 274 -32.22 -1.41 41.18
C LYS A 274 -31.78 -2.05 39.87
N ASP A 275 -32.30 -1.54 38.75
CA ASP A 275 -31.88 -2.04 37.44
C ASP A 275 -30.43 -1.71 37.16
N SER A 276 -30.00 -0.48 37.49
CA SER A 276 -28.63 -0.07 37.21
C SER A 276 -27.64 -0.74 38.15
N LEU A 277 -27.97 -0.81 39.45
CA LEU A 277 -27.07 -1.43 40.42
C LEU A 277 -26.82 -2.89 40.08
N ASN A 278 -27.80 -3.57 39.49
CA ASN A 278 -27.60 -4.96 39.10
C ASN A 278 -26.62 -5.07 37.93
N MET A 279 -26.83 -4.26 36.89
CA MET A 279 -25.95 -4.32 35.73
C MET A 279 -24.54 -3.83 36.07
N LEU A 280 -24.45 -2.75 36.85
CA LEU A 280 -23.14 -2.22 37.23
C LEU A 280 -22.38 -3.17 38.14
N ASN A 281 -23.07 -4.08 38.83
CA ASN A 281 -22.39 -5.04 39.69
C ASN A 281 -21.68 -6.11 38.86
N LYS A 282 -22.35 -6.64 37.83
CA LYS A 282 -21.73 -7.66 37.01
C LYS A 282 -20.65 -7.09 36.09
N ALA A 283 -20.79 -5.83 35.68
CA ALA A 283 -19.76 -5.19 34.88
C ALA A 283 -18.47 -5.02 35.67
N LEU A 284 -18.59 -4.58 36.92
CA LEU A 284 -17.40 -4.48 37.78
C LEU A 284 -16.78 -5.85 38.02
N ILE A 285 -17.61 -6.88 38.13
CA ILE A 285 -17.09 -8.23 38.33
C ILE A 285 -16.38 -8.72 37.08
N HIS A 286 -16.97 -8.50 35.90
CA HIS A 286 -16.32 -8.89 34.67
C HIS A 286 -15.05 -8.08 34.43
N LYS A 287 -15.02 -6.81 34.87
CA LYS A 287 -13.83 -6.01 34.71
C LYS A 287 -12.71 -6.46 35.65
N GLU A 288 -13.07 -6.94 36.84
CA GLU A 288 -12.06 -7.45 37.78
C GLU A 288 -11.39 -8.71 37.23
N LYS A 289 -12.19 -9.60 36.61
CA LYS A 289 -11.61 -10.82 36.06
C LYS A 289 -10.69 -10.52 34.89
N ILE A 290 -11.03 -9.52 34.08
CA ILE A 290 -10.16 -9.13 32.97
C ILE A 290 -8.84 -8.58 33.50
N VAL A 291 -8.88 -7.78 34.56
CA VAL A 291 -7.66 -7.20 35.11
C VAL A 291 -6.79 -8.29 35.71
N HIS A 292 -7.39 -9.22 36.46
CA HIS A 292 -6.62 -10.28 37.09
C HIS A 292 -6.00 -11.22 36.06
N ASN A 293 -6.70 -11.48 34.96
CA ASN A 293 -6.09 -12.21 33.85
C ASN A 293 -4.91 -11.44 33.27
N LEU A 294 -5.06 -10.13 33.12
CA LEU A 294 -3.95 -9.29 32.68
C LEU A 294 -2.82 -9.30 33.71
N LEU A 295 -3.17 -9.22 35.00
CA LEU A 295 -2.16 -9.35 36.04
C LEU A 295 -1.53 -10.75 36.02
N GLY A 296 -2.33 -11.78 35.75
CA GLY A 296 -1.78 -13.11 35.61
C GLY A 296 -0.86 -13.24 34.42
N GLU A 297 -1.23 -12.61 33.30
CA GLU A 297 -0.37 -12.63 32.12
C GLU A 297 0.88 -11.78 32.34
N LEU A 298 0.77 -10.72 33.15
CA LEU A 298 1.92 -9.86 33.39
C LEU A 298 2.98 -10.56 34.23
N PHE A 299 2.56 -11.30 35.25
CA PHE A 299 3.47 -12.03 36.13
C PHE A 299 3.68 -13.47 35.70
N GLY A 300 3.41 -13.79 34.43
CA GLY A 300 3.56 -15.15 33.95
C GLY A 300 4.90 -15.42 33.31
N HIS A 301 5.58 -14.37 32.86
CA HIS A 301 6.88 -14.47 32.21
C HIS A 301 7.92 -13.83 33.12
N LEU A 302 8.30 -14.57 34.17
CA LEU A 302 9.24 -14.03 35.15
C LEU A 302 10.69 -14.11 34.67
N GLU A 303 11.04 -15.12 33.89
CA GLU A 303 12.39 -15.24 33.35
C GLU A 303 12.57 -14.36 32.11
N GLU A 304 12.14 -13.11 32.19
CA GLU A 304 12.24 -12.18 31.06
C GLU A 304 12.18 -10.74 31.54
N TYR B 7 -2.05 6.71 59.62
CA TYR B 7 -0.67 6.66 59.15
C TYR B 7 0.05 7.97 59.48
N GLU B 8 1.15 7.87 60.23
CA GLU B 8 1.90 9.03 60.67
C GLU B 8 3.07 9.28 59.73
N LEU B 9 3.23 10.53 59.30
CA LEU B 9 4.32 10.94 58.43
C LEU B 9 5.21 11.93 59.20
N THR B 10 6.41 11.47 59.56
CA THR B 10 7.35 12.32 60.29
C THR B 10 8.25 13.06 59.31
N GLN B 11 8.29 14.38 59.43
CA GLN B 11 9.14 15.23 58.60
C GLN B 11 9.95 16.15 59.51
N ALA B 12 11.22 16.36 59.14
CA ALA B 12 12.05 17.29 59.88
C ALA B 12 11.51 18.70 59.73
N PRO B 13 11.47 19.50 60.81
CA PRO B 13 10.91 20.85 60.70
C PRO B 13 11.70 21.76 59.78
N SER B 14 13.03 21.68 59.80
CA SER B 14 13.87 22.58 59.02
C SER B 14 15.06 21.82 58.45
N VAL B 15 15.46 22.21 57.23
CA VAL B 15 16.65 21.67 56.56
C VAL B 15 17.28 22.81 55.77
N SER B 16 18.58 23.03 55.98
CA SER B 16 19.29 24.11 55.33
C SER B 16 20.31 23.55 54.34
N VAL B 17 20.74 24.41 53.41
CA VAL B 17 21.64 23.99 52.34
C VAL B 17 22.24 25.23 51.68
N ALA B 18 23.51 25.14 51.27
CA ALA B 18 24.14 26.20 50.51
C ALA B 18 23.79 26.09 49.04
N PRO B 19 23.88 27.20 48.28
CA PRO B 19 23.56 27.13 46.86
C PRO B 19 24.51 26.19 46.11
N GLY B 20 24.01 25.67 44.99
CA GLY B 20 24.79 24.73 44.20
C GLY B 20 24.81 23.33 44.77
N GLN B 21 24.72 23.22 46.10
CA GLN B 21 24.70 21.93 46.76
C GLN B 21 23.38 21.21 46.46
N THR B 22 23.24 20.03 47.03
CA THR B 22 22.04 19.21 46.88
C THR B 22 21.30 19.16 48.21
N ALA B 23 20.05 19.60 48.20
CA ALA B 23 19.20 19.55 49.38
C ALA B 23 18.43 18.23 49.42
N ARG B 24 18.30 17.68 50.62
CA ARG B 24 17.63 16.39 50.81
C ARG B 24 16.52 16.55 51.84
N ILE B 25 15.28 16.59 51.35
CA ILE B 25 14.10 16.61 52.22
C ILE B 25 13.66 15.17 52.45
N THR B 26 13.35 14.83 53.70
CA THR B 26 13.01 13.48 54.08
C THR B 26 11.55 13.38 54.48
N CYS B 27 11.04 12.14 54.45
CA CYS B 27 9.67 11.85 54.86
C CYS B 27 9.63 10.40 55.31
N GLY B 28 9.31 10.17 56.59
CA GLY B 28 9.39 8.86 57.19
C GLY B 28 8.04 8.18 57.34
N GLY B 29 8.06 6.85 57.29
CA GLY B 29 6.86 6.05 57.47
C GLY B 29 7.24 4.65 57.91
N ASP B 30 6.26 3.96 58.52
CA ASP B 30 6.50 2.62 59.02
C ASP B 30 6.90 1.67 57.89
N ASN B 31 6.15 1.70 56.79
CA ASN B 31 6.52 0.98 55.57
C ASN B 31 6.12 1.87 54.39
N ILE B 32 6.81 3.01 54.27
CA ILE B 32 6.47 3.99 53.25
C ILE B 32 6.84 3.51 51.85
N GLY B 33 7.72 2.52 51.73
CA GLY B 33 8.02 1.93 50.44
C GLY B 33 6.88 1.11 49.86
N ARG B 34 5.81 0.88 50.63
CA ARG B 34 4.65 0.16 50.15
C ARG B 34 3.65 1.06 49.43
N LYS B 35 3.69 2.37 49.68
CA LYS B 35 2.73 3.31 49.13
C LYS B 35 3.46 4.41 48.39
N THR B 36 2.83 4.93 47.34
CA THR B 36 3.40 6.05 46.60
C THR B 36 3.43 7.31 47.46
N VAL B 37 4.43 8.15 47.23
CA VAL B 37 4.62 9.40 47.96
C VAL B 37 4.67 10.53 46.95
N ASN B 38 3.86 11.56 47.19
CA ASN B 38 3.84 12.77 46.37
C ASN B 38 4.36 13.95 47.16
N TRP B 39 5.11 14.81 46.49
CA TRP B 39 5.74 15.96 47.13
C TRP B 39 5.14 17.26 46.60
N TYR B 40 5.17 18.29 47.44
CA TYR B 40 4.59 19.59 47.11
C TYR B 40 5.55 20.68 47.57
N GLN B 41 5.37 21.86 46.98
CA GLN B 41 6.21 23.02 47.27
C GLN B 41 5.32 24.25 47.40
N GLN B 42 5.33 24.87 48.58
CA GLN B 42 4.52 26.05 48.84
C GLN B 42 5.43 27.23 49.15
N LYS B 43 5.47 28.19 48.22
CA LYS B 43 6.22 29.41 48.44
C LYS B 43 5.52 30.26 49.50
N PRO B 44 6.25 31.17 50.14
CA PRO B 44 5.63 32.05 51.15
C PRO B 44 4.47 32.85 50.56
N GLY B 45 3.30 32.66 51.13
CA GLY B 45 2.11 33.34 50.64
C GLY B 45 1.65 32.90 49.28
N GLN B 46 1.93 31.66 48.90
CA GLN B 46 1.59 31.13 47.59
C GLN B 46 0.85 29.80 47.76
N ALA B 47 0.47 29.19 46.63
CA ALA B 47 -0.26 27.95 46.65
C ALA B 47 0.69 26.77 46.47
N PRO B 48 0.34 25.60 47.02
CA PRO B 48 1.17 24.41 46.83
C PRO B 48 1.23 23.99 45.36
N VAL B 49 2.38 23.46 44.97
CA VAL B 49 2.62 23.00 43.61
C VAL B 49 3.17 21.58 43.68
N LEU B 50 2.53 20.65 42.96
CA LEU B 50 3.02 19.28 42.91
C LEU B 50 4.39 19.23 42.25
N VAL B 51 5.38 18.74 42.99
CA VAL B 51 6.76 18.72 42.55
C VAL B 51 7.21 17.32 42.13
N ILE B 52 6.84 16.30 42.91
CA ILE B 52 7.14 14.90 42.59
C ILE B 52 5.93 14.07 43.00
N TYR B 53 5.59 13.08 42.17
CA TYR B 53 4.51 12.15 42.50
C TYR B 53 4.98 10.72 42.23
N TYR B 54 4.34 9.78 42.92
CA TYR B 54 4.63 8.35 42.78
C TYR B 54 6.12 8.07 42.95
N ASP B 55 6.65 8.49 44.11
CA ASP B 55 8.02 8.25 44.52
C ASP B 55 9.04 8.97 43.65
N ASN B 56 8.97 8.79 42.33
CA ASN B 56 9.99 9.34 41.44
C ASN B 56 9.48 10.04 40.20
N ASP B 57 8.18 10.02 39.91
CA ASP B 57 7.68 10.71 38.73
C ASP B 57 7.68 12.23 38.97
N ARG B 58 7.92 12.97 37.89
CA ARG B 58 8.08 14.42 37.96
C ARG B 58 7.12 15.07 36.97
N PRO B 59 6.28 15.99 37.42
CA PRO B 59 5.36 16.67 36.49
C PRO B 59 6.14 17.48 35.46
N SER B 60 5.51 17.66 34.29
CA SER B 60 6.11 18.46 33.24
C SER B 60 6.19 19.92 33.68
N GLY B 61 7.33 20.55 33.38
CA GLY B 61 7.59 21.90 33.82
C GLY B 61 8.39 21.99 35.10
N ILE B 62 8.52 20.91 35.85
CA ILE B 62 9.36 20.89 37.05
C ILE B 62 10.80 20.62 36.62
N PRO B 63 11.76 21.40 37.12
CA PRO B 63 13.16 21.19 36.70
C PRO B 63 13.65 19.79 37.04
N GLU B 64 14.64 19.34 36.25
CA GLU B 64 15.21 18.00 36.46
C GLU B 64 15.95 17.87 37.78
N ARG B 65 16.25 18.98 38.45
CA ARG B 65 16.93 18.93 39.74
C ARG B 65 16.07 18.30 40.84
N PHE B 66 14.78 18.11 40.60
CA PHE B 66 13.86 17.56 41.59
C PHE B 66 13.71 16.07 41.33
N SER B 67 14.23 15.26 42.25
CA SER B 67 14.14 13.81 42.17
C SER B 67 13.63 13.27 43.48
N GLY B 68 13.17 12.03 43.46
CA GLY B 68 12.60 11.40 44.65
C GLY B 68 13.00 9.95 44.76
N SER B 69 13.09 9.49 46.01
CA SER B 69 13.36 8.10 46.33
C SER B 69 12.40 7.65 47.41
N ASN B 70 12.11 6.34 47.41
CA ASN B 70 11.19 5.78 48.40
C ASN B 70 11.44 4.28 48.49
N SER B 71 11.91 3.83 49.65
CA SER B 71 12.16 2.41 49.88
C SER B 71 12.24 2.18 51.38
N GLY B 72 11.55 1.14 51.86
CA GLY B 72 11.59 0.78 53.26
C GLY B 72 10.84 1.76 54.16
N ASN B 73 11.57 2.49 54.99
CA ASN B 73 10.98 3.38 55.98
C ASN B 73 11.28 4.85 55.72
N MET B 74 11.85 5.18 54.55
CA MET B 74 12.24 6.56 54.29
C MET B 74 11.94 6.92 52.84
N ALA B 75 11.23 8.03 52.65
CA ALA B 75 10.99 8.62 51.34
C ALA B 75 11.63 10.00 51.32
N THR B 76 12.56 10.21 50.39
CA THR B 76 13.38 11.41 50.37
C THR B 76 13.22 12.14 49.04
N LEU B 77 13.01 13.45 49.12
CA LEU B 77 13.01 14.33 47.95
C LEU B 77 14.34 15.05 47.87
N SER B 78 14.93 15.06 46.67
CA SER B 78 16.26 15.61 46.46
C SER B 78 16.21 16.77 45.49
N ILE B 79 16.80 17.90 45.88
CA ILE B 79 16.92 19.07 45.02
C ILE B 79 18.41 19.37 44.85
N SER B 80 18.89 19.26 43.61
CA SER B 80 20.28 19.50 43.29
C SER B 80 20.45 20.86 42.63
N ARG B 81 21.69 21.35 42.63
CA ARG B 81 22.02 22.68 42.10
C ARG B 81 21.08 23.74 42.68
N VAL B 82 20.97 23.73 44.01
CA VAL B 82 19.97 24.55 44.69
C VAL B 82 20.27 26.02 44.47
N GLU B 83 19.23 26.77 44.11
CA GLU B 83 19.29 28.22 44.02
C GLU B 83 18.37 28.82 45.08
N VAL B 84 18.42 30.16 45.19
CA VAL B 84 17.61 30.84 46.19
C VAL B 84 16.12 30.67 45.92
N GLY B 85 15.74 30.36 44.69
CA GLY B 85 14.34 30.16 44.35
C GLY B 85 13.73 28.91 44.93
N ASP B 86 14.54 27.99 45.44
CA ASP B 86 14.03 26.75 46.03
C ASP B 86 13.59 26.92 47.48
N GLU B 87 13.85 28.08 48.09
CA GLU B 87 13.48 28.34 49.47
C GLU B 87 11.96 28.30 49.64
N ALA B 88 11.43 27.19 50.16
CA ALA B 88 9.99 27.03 50.33
C ALA B 88 9.74 25.92 51.34
N ASP B 89 8.47 25.55 51.49
CA ASP B 89 8.05 24.47 52.38
C ASP B 89 7.66 23.26 51.55
N TYR B 90 8.10 22.08 51.98
CA TYR B 90 7.90 20.84 51.24
C TYR B 90 7.16 19.83 52.10
N TYR B 91 6.11 19.23 51.54
CA TYR B 91 5.30 18.25 52.24
C TYR B 91 5.28 16.94 51.44
N CYS B 92 4.84 15.88 52.11
CA CYS B 92 4.64 14.59 51.47
C CYS B 92 3.21 14.11 51.74
N GLN B 93 2.61 13.45 50.75
CA GLN B 93 1.23 13.01 50.82
C GLN B 93 1.16 11.50 50.62
N VAL B 94 0.43 10.82 51.49
CA VAL B 94 0.27 9.38 51.47
C VAL B 94 -1.20 9.06 51.67
N TRP B 95 -1.64 7.93 51.10
CA TRP B 95 -3.01 7.46 51.28
C TRP B 95 -3.09 6.58 52.51
N ASP B 96 -3.96 6.93 53.45
CA ASP B 96 -4.15 6.12 54.64
C ASP B 96 -4.83 4.81 54.28
N SER B 97 -4.22 3.69 54.67
CA SER B 97 -4.71 2.39 54.25
C SER B 97 -6.02 2.03 54.95
N ASN B 98 -6.02 2.04 56.28
CA ASN B 98 -7.20 1.62 57.05
C ASN B 98 -8.13 2.77 57.40
N ASN B 99 -7.75 4.01 57.15
CA ASN B 99 -8.63 5.15 57.37
C ASN B 99 -9.23 5.72 56.09
N ASP B 100 -8.67 5.35 54.93
CA ASP B 100 -9.24 5.69 53.62
C ASP B 100 -9.35 7.20 53.42
N HIS B 101 -8.18 7.86 53.45
CA HIS B 101 -8.09 9.29 53.16
C HIS B 101 -6.63 9.71 53.04
N PRO B 102 -6.33 10.77 52.29
CA PRO B 102 -4.96 11.26 52.23
C PRO B 102 -4.50 11.81 53.57
N VAL B 103 -3.18 11.94 53.71
CA VAL B 103 -2.57 12.49 54.92
C VAL B 103 -1.31 13.24 54.52
N PHE B 104 -1.13 14.44 55.06
CA PHE B 104 0.02 15.28 54.77
C PHE B 104 1.02 15.24 55.93
N GLY B 105 2.29 15.39 55.58
CA GLY B 105 3.33 15.46 56.59
C GLY B 105 3.39 16.82 57.27
N GLY B 106 4.23 16.90 58.30
CA GLY B 106 4.40 18.14 59.03
C GLY B 106 5.01 19.25 58.21
N GLY B 107 5.78 18.91 57.18
CA GLY B 107 6.39 19.91 56.33
C GLY B 107 7.81 20.25 56.74
N THR B 108 8.70 20.40 55.77
CA THR B 108 10.09 20.74 56.01
C THR B 108 10.39 22.08 55.35
N LYS B 109 10.92 23.01 56.14
CA LYS B 109 11.25 24.35 55.65
C LYS B 109 12.68 24.35 55.13
N LEU B 110 12.84 24.50 53.82
CA LEU B 110 14.14 24.57 53.19
C LEU B 110 14.61 26.02 53.18
N THR B 111 15.78 26.26 53.78
CA THR B 111 16.39 27.58 53.80
C THR B 111 17.75 27.50 53.12
N VAL B 112 18.01 28.42 52.21
CA VAL B 112 19.29 28.50 51.51
C VAL B 112 20.18 29.48 52.25
N VAL B 113 21.40 29.05 52.55
CA VAL B 113 22.36 29.87 53.29
C VAL B 113 23.43 30.34 52.32
N GLY B 114 24.57 30.81 52.84
CA GLY B 114 25.69 31.22 52.02
C GLY B 114 25.46 32.45 51.17
N GLN B 115 24.24 32.98 51.11
CA GLN B 115 24.02 34.24 50.40
C GLN B 115 24.82 35.34 51.09
N PRO B 116 25.21 36.38 50.35
CA PRO B 116 26.02 37.45 50.97
C PRO B 116 25.26 38.13 52.09
N LYS B 117 25.91 38.22 53.25
CA LYS B 117 25.31 38.91 54.39
C LYS B 117 24.99 40.35 54.04
N ALA B 118 23.82 40.80 54.46
CA ALA B 118 23.40 42.19 54.29
C ALA B 118 22.87 42.73 55.61
N ALA B 119 23.25 43.95 55.94
CA ALA B 119 22.86 44.57 57.19
C ALA B 119 21.51 45.25 57.06
N PRO B 120 20.75 45.33 58.14
CA PRO B 120 19.41 45.92 58.07
C PRO B 120 19.44 47.44 58.08
N SER B 121 18.60 48.03 57.24
CA SER B 121 18.34 49.47 57.27
C SER B 121 17.04 49.72 58.01
N VAL B 122 17.05 50.67 58.93
CA VAL B 122 15.88 50.92 59.78
C VAL B 122 15.53 52.40 59.72
N THR B 123 14.23 52.69 59.87
CA THR B 123 13.71 54.04 59.96
C THR B 123 12.76 54.10 61.14
N LEU B 124 13.02 55.02 62.07
CA LEU B 124 12.19 55.20 63.25
C LEU B 124 11.28 56.40 63.05
N PHE B 125 10.03 56.26 63.50
CA PHE B 125 9.03 57.30 63.34
C PHE B 125 8.46 57.72 64.68
N PRO B 126 8.39 59.01 64.99
CA PRO B 126 7.79 59.45 66.23
C PRO B 126 6.27 59.39 66.15
N PRO B 127 5.57 59.42 67.27
CA PRO B 127 4.10 59.45 67.23
C PRO B 127 3.61 60.73 66.55
N SER B 128 2.67 60.57 65.64
CA SER B 128 2.14 61.71 64.89
C SER B 128 1.39 62.66 65.82
N SER B 129 1.30 63.92 65.39
CA SER B 129 0.57 64.91 66.17
C SER B 129 -0.92 64.61 66.20
N GLU B 130 -1.46 64.03 65.13
CA GLU B 130 -2.87 63.66 65.11
C GLU B 130 -3.18 62.54 66.09
N GLU B 131 -2.23 61.62 66.29
CA GLU B 131 -2.44 60.54 67.26
C GLU B 131 -2.32 61.05 68.69
N LEU B 132 -1.45 62.03 68.93
CA LEU B 132 -1.31 62.58 70.28
C LEU B 132 -2.58 63.28 70.73
N GLN B 133 -3.34 63.84 69.80
CA GLN B 133 -4.62 64.47 70.15
C GLN B 133 -5.60 63.44 70.70
N ALA B 134 -5.52 62.19 70.23
CA ALA B 134 -6.33 61.11 70.74
C ALA B 134 -5.78 60.52 72.04
N ASN B 135 -4.76 61.15 72.62
CA ASN B 135 -4.15 60.72 73.88
C ASN B 135 -3.57 59.30 73.79
N LYS B 136 -3.08 58.93 72.61
CA LYS B 136 -2.38 57.67 72.41
C LYS B 136 -1.13 57.94 71.58
N ALA B 137 -0.13 57.07 71.73
CA ALA B 137 1.13 57.24 71.04
C ALA B 137 1.65 55.88 70.58
N THR B 138 2.17 55.84 69.36
CA THR B 138 2.72 54.62 68.79
C THR B 138 4.02 54.96 68.06
N LEU B 139 5.09 54.25 68.39
CA LEU B 139 6.38 54.40 67.75
C LEU B 139 6.59 53.28 66.74
N VAL B 140 6.98 53.64 65.52
CA VAL B 140 7.11 52.69 64.42
C VAL B 140 8.60 52.55 64.09
N CYS B 141 9.10 51.31 64.19
CA CYS B 141 10.46 50.97 63.83
C CYS B 141 10.42 49.92 62.73
N LEU B 142 10.91 50.26 61.55
CA LEU B 142 10.74 49.45 60.36
C LEU B 142 12.09 48.94 59.88
N ILE B 143 12.33 47.64 60.03
CA ILE B 143 13.58 47.00 59.66
C ILE B 143 13.38 46.28 58.34
N SER B 144 14.33 46.43 57.42
CA SER B 144 14.21 45.82 56.11
C SER B 144 15.58 45.69 55.47
N ASP B 145 15.62 44.98 54.33
CA ASP B 145 16.82 44.83 53.51
C ASP B 145 17.96 44.18 54.29
N PHE B 146 17.69 43.02 54.87
CA PHE B 146 18.73 42.31 55.62
C PHE B 146 18.63 40.81 55.36
N TYR B 147 19.69 40.11 55.72
CA TYR B 147 19.84 38.67 55.57
C TYR B 147 21.05 38.22 56.39
N PRO B 148 20.99 37.06 57.07
CA PRO B 148 19.87 36.13 57.21
C PRO B 148 18.65 36.71 57.93
N GLY B 149 17.50 36.06 57.79
CA GLY B 149 16.27 36.60 58.34
C GLY B 149 16.08 36.30 59.82
N ALA B 150 16.80 37.05 60.66
CA ALA B 150 16.67 36.92 62.10
C ALA B 150 17.32 38.11 62.81
N VAL B 151 16.50 38.97 63.42
CA VAL B 151 16.98 40.13 64.16
C VAL B 151 16.38 40.11 65.56
N THR B 152 16.92 40.97 66.42
CA THR B 152 16.46 41.13 67.80
C THR B 152 16.25 42.60 68.07
N VAL B 153 15.01 43.01 68.27
CA VAL B 153 14.64 44.41 68.48
C VAL B 153 14.55 44.67 69.98
N ALA B 154 15.03 45.84 70.40
CA ALA B 154 15.00 46.23 71.80
C ALA B 154 14.72 47.72 71.88
N TRP B 155 13.64 48.08 72.59
CA TRP B 155 13.26 49.46 72.79
C TRP B 155 13.80 49.96 74.12
N LYS B 156 14.35 51.17 74.11
CA LYS B 156 14.96 51.75 75.31
C LYS B 156 14.38 53.15 75.53
N ALA B 157 13.72 53.35 76.66
CA ALA B 157 13.33 54.68 77.09
C ALA B 157 14.57 55.42 77.57
N ASP B 158 14.95 56.48 76.86
CA ASP B 158 16.22 57.16 77.06
C ASP B 158 17.38 56.17 76.92
N SER B 159 17.94 55.74 78.05
CA SER B 159 18.99 54.73 78.06
C SER B 159 18.59 53.46 78.79
N SER B 160 17.35 53.35 79.25
CA SER B 160 16.88 52.18 79.97
C SER B 160 15.81 51.48 79.16
N PRO B 161 15.86 50.15 79.02
CA PRO B 161 14.82 49.44 78.27
C PRO B 161 13.47 49.58 78.94
N VAL B 162 12.43 49.76 78.11
CA VAL B 162 11.09 49.97 78.63
C VAL B 162 10.47 48.67 79.12
N LYS B 163 10.62 47.59 78.35
CA LYS B 163 10.10 46.27 78.71
C LYS B 163 8.58 46.30 78.95
N ALA B 164 7.87 47.09 78.15
CA ALA B 164 6.43 47.22 78.29
C ALA B 164 5.86 47.83 77.02
N GLY B 165 4.77 47.24 76.52
CA GLY B 165 4.08 47.78 75.36
C GLY B 165 4.78 47.57 74.04
N VAL B 166 5.68 46.59 73.95
CA VAL B 166 6.43 46.34 72.72
C VAL B 166 5.78 45.18 71.98
N GLU B 167 5.57 45.37 70.67
CA GLU B 167 5.01 44.35 69.79
C GLU B 167 5.85 44.29 68.53
N THR B 168 6.36 43.10 68.22
CA THR B 168 7.27 42.92 67.09
C THR B 168 6.77 41.82 66.18
N THR B 169 6.86 42.06 64.87
CA THR B 169 6.40 41.09 63.88
C THR B 169 7.49 40.04 63.60
N THR B 170 7.06 38.93 63.02
CA THR B 170 8.00 37.93 62.55
C THR B 170 8.67 38.39 61.26
N PRO B 171 9.92 38.00 61.02
CA PRO B 171 10.61 38.41 59.79
C PRO B 171 9.97 37.76 58.57
N SER B 172 9.66 38.58 57.58
CA SER B 172 9.04 38.12 56.34
C SER B 172 10.01 38.35 55.18
N LYS B 173 10.03 37.40 54.25
CA LYS B 173 10.92 37.48 53.10
C LYS B 173 10.29 38.36 52.03
N GLN B 174 10.99 39.42 51.64
CA GLN B 174 10.53 40.33 50.61
C GLN B 174 10.92 39.81 49.22
N SER B 175 10.43 40.50 48.19
CA SER B 175 10.73 40.11 46.82
C SER B 175 12.22 40.26 46.50
N ASN B 176 12.95 41.07 47.25
CA ASN B 176 14.38 41.24 47.06
C ASN B 176 15.20 40.09 47.63
N ASN B 177 14.56 38.98 48.01
CA ASN B 177 15.17 37.86 48.71
C ASN B 177 15.75 38.25 50.06
N LYS B 178 15.54 39.49 50.49
CA LYS B 178 15.97 39.94 51.81
C LYS B 178 14.85 39.66 52.81
N TYR B 179 14.88 40.32 53.97
CA TYR B 179 13.85 40.13 54.98
C TYR B 179 13.46 41.48 55.55
N ALA B 180 12.28 41.52 56.16
CA ALA B 180 11.74 42.75 56.73
C ALA B 180 11.02 42.43 58.02
N ALA B 181 11.00 43.41 58.92
CA ALA B 181 10.33 43.28 60.20
C ALA B 181 10.02 44.66 60.74
N SER B 182 9.08 44.72 61.67
CA SER B 182 8.68 45.99 62.28
C SER B 182 8.34 45.76 63.74
N SER B 183 8.40 46.85 64.51
CA SER B 183 8.11 46.81 65.93
C SER B 183 7.36 48.07 66.33
N TYR B 184 6.50 47.94 67.34
CA TYR B 184 5.66 49.04 67.78
C TYR B 184 5.73 49.15 69.31
N LEU B 185 5.71 50.39 69.80
CA LEU B 185 5.70 50.67 71.23
C LEU B 185 4.48 51.53 71.52
N SER B 186 3.54 50.99 72.28
CA SER B 186 2.36 51.74 72.72
C SER B 186 2.65 52.36 74.08
N LEU B 187 2.45 53.67 74.19
CA LEU B 187 2.72 54.39 75.42
C LEU B 187 1.85 55.63 75.47
N THR B 188 1.65 56.14 76.69
CA THR B 188 0.87 57.35 76.86
C THR B 188 1.65 58.56 76.34
N PRO B 189 0.95 59.60 75.88
CA PRO B 189 1.66 60.82 75.48
C PRO B 189 2.44 61.46 76.61
N GLU B 190 2.02 61.22 77.86
CA GLU B 190 2.81 61.70 79.00
C GLU B 190 4.16 60.98 79.06
N GLN B 191 4.19 59.71 78.69
CA GLN B 191 5.45 58.97 78.66
C GLN B 191 6.32 59.40 77.48
N TRP B 192 5.71 59.84 76.38
CA TRP B 192 6.47 60.24 75.21
C TRP B 192 7.08 61.63 75.38
N LYS B 193 6.35 62.54 76.01
CA LYS B 193 6.82 63.92 76.20
C LYS B 193 7.73 64.08 77.41
N SER B 194 7.71 63.14 78.36
CA SER B 194 8.52 63.28 79.56
C SER B 194 9.95 62.81 79.32
N HIS B 195 10.14 61.77 78.53
CA HIS B 195 11.47 61.21 78.32
C HIS B 195 12.27 62.07 77.35
N ARG B 196 13.59 61.89 77.38
CA ARG B 196 14.47 62.64 76.50
C ARG B 196 14.32 62.18 75.06
N SER B 197 14.33 60.87 74.83
CA SER B 197 14.18 60.32 73.49
C SER B 197 13.79 58.86 73.62
N TYR B 198 13.49 58.25 72.47
CA TYR B 198 13.18 56.83 72.38
C TYR B 198 14.00 56.22 71.25
N SER B 199 14.66 55.11 71.55
CA SER B 199 15.57 54.47 70.61
C SER B 199 15.06 53.07 70.26
N CYS B 200 15.28 52.67 69.00
CA CYS B 200 14.99 51.33 68.52
C CYS B 200 16.31 50.66 68.17
N GLN B 201 16.73 49.70 68.98
CA GLN B 201 17.99 48.99 68.79
C GLN B 201 17.69 47.61 68.20
N VAL B 202 18.09 47.40 66.95
CA VAL B 202 17.93 46.12 66.28
C VAL B 202 19.33 45.56 66.01
N THR B 203 19.60 44.38 66.54
CA THR B 203 20.90 43.72 66.41
C THR B 203 20.76 42.56 65.44
N HIS B 204 21.56 42.58 64.38
CA HIS B 204 21.47 41.56 63.34
C HIS B 204 22.39 40.38 63.66
N GLU B 205 23.59 40.38 63.08
CA GLU B 205 24.55 39.28 63.28
C GLU B 205 25.55 39.62 64.39
N GLY B 206 25.05 40.05 65.55
CA GLY B 206 25.90 40.55 66.60
C GLY B 206 26.24 42.03 66.48
N SER B 207 26.13 42.60 65.28
CA SER B 207 26.32 44.02 65.08
C SER B 207 24.96 44.69 65.16
N THR B 208 24.82 45.68 66.03
CA THR B 208 23.54 46.32 66.30
C THR B 208 23.39 47.60 65.47
N VAL B 209 22.19 47.85 64.99
CA VAL B 209 21.80 49.10 64.34
C VAL B 209 20.74 49.76 65.20
N GLU B 210 20.86 51.07 65.40
CA GLU B 210 19.97 51.78 66.30
C GLU B 210 19.58 53.12 65.69
N LYS B 211 18.31 53.50 65.92
CA LYS B 211 17.78 54.79 65.53
C LYS B 211 17.12 55.42 66.76
N THR B 212 17.23 56.74 66.86
CA THR B 212 16.74 57.48 68.02
C THR B 212 15.87 58.63 67.56
N VAL B 213 14.68 58.74 68.13
CA VAL B 213 13.76 59.84 67.87
C VAL B 213 13.35 60.45 69.19
N ALA B 214 13.02 61.74 69.17
CA ALA B 214 12.70 62.51 70.36
C ALA B 214 11.57 63.47 70.06
N PRO B 215 10.76 63.83 71.09
CA PRO B 215 9.68 64.82 70.91
C PRO B 215 10.22 66.21 70.62
N GLU C 6 -6.19 26.32 30.20
CA GLU C 6 -5.49 26.05 31.46
C GLU C 6 -6.48 25.68 32.57
N VAL C 7 -6.26 24.52 33.19
CA VAL C 7 -7.09 24.09 34.30
C VAL C 7 -6.88 25.02 35.48
N GLN C 8 -7.98 25.52 36.04
CA GLN C 8 -7.91 26.52 37.10
C GLN C 8 -8.99 26.24 38.14
N LEU C 9 -8.65 26.42 39.40
CA LEU C 9 -9.58 26.30 40.52
C LEU C 9 -9.64 27.63 41.25
N LEU C 10 -10.86 28.12 41.48
CA LEU C 10 -11.07 29.44 42.07
C LEU C 10 -12.00 29.30 43.27
N GLU C 11 -11.62 29.92 44.39
CA GLU C 11 -12.33 29.77 45.65
C GLU C 11 -12.77 31.13 46.18
N SER C 12 -13.86 31.12 46.93
CA SER C 12 -14.40 32.33 47.54
C SER C 12 -15.32 31.92 48.69
N GLY C 13 -15.99 32.90 49.28
CA GLY C 13 -16.89 32.67 50.39
C GLY C 13 -16.24 32.73 51.76
N GLY C 14 -14.92 32.81 51.84
CA GLY C 14 -14.24 32.86 53.12
C GLY C 14 -14.32 34.25 53.73
N GLY C 15 -14.75 34.31 54.98
CA GLY C 15 -14.86 35.58 55.68
C GLY C 15 -14.92 35.38 57.17
N LEU C 16 -15.18 36.48 57.87
CA LEU C 16 -15.26 36.45 59.33
C LEU C 16 -16.64 35.98 59.77
N VAL C 17 -16.67 35.00 60.68
CA VAL C 17 -17.91 34.42 61.19
C VAL C 17 -17.77 34.23 62.69
N ARG C 18 -18.82 34.55 63.43
CA ARG C 18 -18.82 34.37 64.87
C ARG C 18 -18.78 32.86 65.20
N PRO C 19 -18.23 32.50 66.35
CA PRO C 19 -18.22 31.08 66.75
C PRO C 19 -19.64 30.53 66.81
N GLY C 20 -19.79 29.28 66.36
CA GLY C 20 -21.08 28.65 66.26
C GLY C 20 -21.85 28.96 64.99
N GLY C 21 -21.41 29.94 64.21
CA GLY C 21 -22.09 30.30 62.98
C GLY C 21 -21.80 29.31 61.86
N SER C 22 -22.29 29.67 60.68
CA SER C 22 -22.13 28.85 59.50
C SER C 22 -21.44 29.64 58.40
N GLN C 23 -20.89 28.92 57.42
CA GLN C 23 -20.21 29.54 56.30
C GLN C 23 -20.18 28.54 55.14
N ARG C 24 -20.31 29.06 53.93
CA ARG C 24 -20.36 28.23 52.72
C ARG C 24 -19.18 28.61 51.82
N LEU C 25 -18.26 27.67 51.62
CA LEU C 25 -17.13 27.86 50.72
C LEU C 25 -17.45 27.26 49.36
N SER C 26 -16.91 27.89 48.32
CA SER C 26 -17.12 27.47 46.95
C SER C 26 -15.79 27.33 46.23
N CYS C 27 -15.74 26.41 45.26
CA CYS C 27 -14.54 26.17 44.46
C CYS C 27 -14.95 26.12 43.00
N ALA C 28 -14.62 27.15 42.25
CA ALA C 28 -14.99 27.26 40.84
C ALA C 28 -13.92 26.63 39.96
N ALA C 29 -14.33 25.69 39.12
CA ALA C 29 -13.42 24.94 38.26
C ALA C 29 -13.63 25.32 36.80
N SER C 30 -12.55 25.28 36.04
CA SER C 30 -12.59 25.56 34.61
C SER C 30 -11.32 25.03 33.97
N GLY C 31 -11.41 24.72 32.68
CA GLY C 31 -10.28 24.22 31.91
C GLY C 31 -10.11 22.72 31.91
N PHE C 32 -11.03 21.98 32.51
CA PHE C 32 -10.93 20.52 32.54
C PHE C 32 -12.31 19.94 32.79
N THR C 33 -12.47 18.68 32.40
CA THR C 33 -13.73 17.97 32.64
C THR C 33 -13.91 17.77 34.13
N PHE C 34 -14.82 18.55 34.73
CA PHE C 34 -14.94 18.56 36.18
C PHE C 34 -15.56 17.28 36.72
N THR C 35 -16.47 16.66 35.96
CA THR C 35 -17.24 15.54 36.50
C THR C 35 -16.39 14.33 36.90
N PRO C 36 -15.49 13.81 36.05
CA PRO C 36 -14.82 12.56 36.43
C PRO C 36 -13.84 12.70 37.59
N TYR C 37 -13.29 13.88 37.81
CA TYR C 37 -12.25 14.05 38.82
C TYR C 37 -12.85 14.18 40.21
N ALA C 38 -12.11 13.68 41.21
CA ALA C 38 -12.52 13.74 42.60
C ALA C 38 -11.91 14.97 43.25
N MET C 39 -12.76 15.90 43.68
CA MET C 39 -12.31 17.14 44.28
C MET C 39 -12.07 16.95 45.77
N THR C 40 -11.22 17.81 46.33
CA THR C 40 -10.77 17.67 47.71
C THR C 40 -10.70 19.04 48.38
N TRP C 41 -10.97 19.06 49.68
CA TRP C 41 -10.80 20.25 50.50
C TRP C 41 -9.65 20.03 51.47
N VAL C 42 -8.81 21.05 51.62
CA VAL C 42 -7.65 21.00 52.51
C VAL C 42 -7.40 22.40 53.06
N ARG C 43 -7.33 22.51 54.38
CA ARG C 43 -7.10 23.78 55.04
C ARG C 43 -5.69 23.84 55.62
N GLN C 44 -5.27 25.05 55.97
CA GLN C 44 -3.91 25.28 56.46
C GLN C 44 -3.96 26.45 57.44
N ALA C 45 -3.73 26.15 58.72
CA ALA C 45 -3.73 27.19 59.72
C ALA C 45 -2.52 28.12 59.52
N PRO C 46 -2.67 29.41 59.83
CA PRO C 46 -1.54 30.35 59.66
C PRO C 46 -0.34 29.95 60.50
N GLY C 47 0.72 29.48 59.82
CA GLY C 47 1.91 29.03 60.51
C GLY C 47 2.02 27.52 60.56
N LYS C 48 0.89 26.85 60.75
CA LYS C 48 0.86 25.40 60.81
C LYS C 48 0.92 24.82 59.39
N GLY C 49 0.93 23.49 59.31
CA GLY C 49 1.05 22.81 58.04
C GLY C 49 -0.30 22.52 57.40
N LEU C 50 -0.23 21.87 56.24
CA LEU C 50 -1.44 21.49 55.52
C LEU C 50 -2.21 20.41 56.29
N GLU C 51 -3.53 20.42 56.12
CA GLU C 51 -4.41 19.47 56.80
C GLU C 51 -5.53 19.08 55.87
N TRP C 52 -5.58 17.81 55.49
CA TRP C 52 -6.68 17.30 54.67
C TRP C 52 -7.99 17.38 55.45
N LEU C 53 -9.07 17.66 54.73
CA LEU C 53 -10.39 17.80 55.35
C LEU C 53 -11.41 16.85 54.75
N SER C 54 -11.71 16.98 53.45
CA SER C 54 -12.78 16.18 52.85
C SER C 54 -12.54 16.07 51.35
N THR C 55 -12.79 14.89 50.82
CA THR C 55 -12.76 14.64 49.38
C THR C 55 -14.05 13.96 48.96
N ILE C 56 -14.47 14.25 47.73
CA ILE C 56 -15.74 13.77 47.21
C ILE C 56 -15.49 13.08 45.87
N SER C 57 -16.26 12.04 45.59
CA SER C 57 -16.15 11.34 44.33
C SER C 57 -16.68 12.20 43.19
N GLY C 58 -16.50 11.70 41.96
CA GLY C 58 -16.97 12.40 40.79
C GLY C 58 -18.48 12.53 40.74
N SER C 59 -19.17 11.39 40.75
CA SER C 59 -20.63 11.38 40.74
C SER C 59 -21.24 11.84 42.05
N GLY C 60 -20.44 11.95 43.12
CA GLY C 60 -20.94 12.36 44.40
C GLY C 60 -21.41 11.24 45.31
N GLY C 61 -21.35 9.99 44.84
CA GLY C 61 -21.79 8.87 45.66
C GLY C 61 -20.82 8.50 46.78
N SER C 62 -19.63 9.08 46.80
CA SER C 62 -18.64 8.82 47.83
C SER C 62 -18.15 10.15 48.40
N THR C 63 -18.24 10.28 49.73
CA THR C 63 -17.82 11.50 50.41
C THR C 63 -17.01 11.13 51.63
N TYR C 64 -15.81 11.68 51.75
CA TYR C 64 -14.93 11.46 52.89
C TYR C 64 -14.88 12.72 53.73
N TYR C 65 -14.58 12.55 55.01
CA TYR C 65 -14.46 13.67 55.93
C TYR C 65 -13.42 13.36 56.98
N ALA C 66 -12.72 14.40 57.44
CA ALA C 66 -11.78 14.26 58.54
C ALA C 66 -12.54 14.24 59.87
N ASP C 67 -11.94 13.57 60.86
CA ASP C 67 -12.58 13.47 62.16
C ASP C 67 -12.76 14.85 62.81
N SER C 68 -11.89 15.80 62.49
CA SER C 68 -12.00 17.13 63.07
C SER C 68 -13.22 17.88 62.52
N VAL C 69 -13.67 17.54 61.32
CA VAL C 69 -14.77 18.23 60.67
C VAL C 69 -15.99 17.35 60.47
N LYS C 70 -15.93 16.08 60.88
CA LYS C 70 -17.07 15.19 60.70
C LYS C 70 -18.25 15.63 61.54
N GLY C 71 -19.45 15.43 61.00
CA GLY C 71 -20.67 15.86 61.67
C GLY C 71 -20.97 17.33 61.58
N ARG C 72 -20.00 18.16 61.20
CA ARG C 72 -20.19 19.60 61.08
C ARG C 72 -20.03 20.10 59.66
N PHE C 73 -19.08 19.55 58.90
CA PHE C 73 -18.82 19.97 57.53
C PHE C 73 -19.47 18.99 56.56
N THR C 74 -19.91 19.52 55.42
CA THR C 74 -20.51 18.72 54.36
C THR C 74 -19.92 19.16 53.03
N ILE C 75 -19.49 18.19 52.22
CA ILE C 75 -18.93 18.48 50.91
C ILE C 75 -19.96 18.14 49.85
N SER C 76 -19.96 18.91 48.77
CA SER C 76 -20.93 18.72 47.69
C SER C 76 -20.39 19.37 46.43
N ARG C 77 -20.94 18.93 45.29
CA ARG C 77 -20.55 19.45 43.99
C ARG C 77 -21.75 19.48 43.07
N ASP C 78 -21.67 20.35 42.07
CA ASP C 78 -22.69 20.46 41.02
C ASP C 78 -21.99 20.20 39.68
N ASN C 79 -22.14 18.99 39.16
CA ASN C 79 -21.45 18.61 37.94
C ASN C 79 -22.02 19.26 36.69
N SER C 80 -23.00 20.15 36.83
CA SER C 80 -23.51 20.94 35.70
C SER C 80 -23.00 22.37 35.70
N LYS C 81 -22.37 22.82 36.79
CA LYS C 81 -21.78 24.14 36.87
C LYS C 81 -20.29 24.12 37.17
N ASN C 82 -19.70 22.93 37.32
CA ASN C 82 -18.29 22.78 37.66
C ASN C 82 -17.95 23.50 38.97
N MET C 83 -18.89 23.44 39.92
CA MET C 83 -18.72 24.06 41.22
C MET C 83 -18.47 23.00 42.28
N LEU C 84 -17.87 23.43 43.39
CA LEU C 84 -17.48 22.51 44.45
C LEU C 84 -17.61 23.24 45.78
N TYR C 85 -18.46 22.72 46.66
CA TYR C 85 -18.88 23.43 47.87
C TYR C 85 -18.37 22.74 49.13
N LEU C 86 -18.37 23.51 50.22
CA LEU C 86 -18.03 22.99 51.54
C LEU C 86 -18.87 23.76 52.56
N GLN C 87 -19.97 23.16 53.00
CA GLN C 87 -20.85 23.78 53.98
C GLN C 87 -20.29 23.55 55.38
N MET C 88 -19.85 24.63 56.03
CA MET C 88 -19.29 24.56 57.37
C MET C 88 -20.33 25.04 58.38
N ASN C 89 -20.51 24.27 59.44
CA ASN C 89 -21.48 24.58 60.49
C ASN C 89 -20.84 24.43 61.85
N SER C 90 -21.32 25.24 62.81
CA SER C 90 -20.83 25.23 64.18
C SER C 90 -19.32 25.40 64.23
N LEU C 91 -18.86 26.52 63.69
CA LEU C 91 -17.44 26.80 63.58
C LEU C 91 -16.86 27.21 64.92
N THR C 92 -15.69 26.66 65.25
CA THR C 92 -14.97 27.00 66.47
C THR C 92 -13.71 27.77 66.11
N ALA C 93 -13.04 28.27 67.16
CA ALA C 93 -11.83 29.06 66.95
C ALA C 93 -10.72 28.22 66.31
N GLU C 94 -10.71 26.91 66.57
CA GLU C 94 -9.70 26.02 65.99
C GLU C 94 -9.95 25.72 64.52
N ASP C 95 -10.97 26.32 63.91
CA ASP C 95 -11.25 26.14 62.49
C ASP C 95 -10.74 27.30 61.64
N THR C 96 -10.18 28.33 62.26
CA THR C 96 -9.69 29.50 61.52
C THR C 96 -8.44 29.11 60.73
N ALA C 97 -8.58 29.07 59.41
CA ALA C 97 -7.47 28.70 58.54
C ALA C 97 -7.79 29.14 57.13
N LEU C 98 -6.82 28.97 56.24
CA LEU C 98 -6.98 29.24 54.82
C LEU C 98 -7.23 27.92 54.09
N TYR C 99 -8.31 27.87 53.32
CA TYR C 99 -8.82 26.62 52.77
C TYR C 99 -8.51 26.53 51.28
N TYR C 100 -7.92 25.41 50.87
CA TYR C 100 -7.63 25.11 49.48
C TYR C 100 -8.57 24.03 48.97
N CYS C 101 -8.85 24.06 47.68
CA CYS C 101 -9.55 22.99 46.99
C CYS C 101 -8.66 22.45 45.88
N THR C 102 -8.68 21.12 45.70
CA THR C 102 -7.79 20.47 44.76
C THR C 102 -8.55 19.44 43.95
N LYS C 103 -7.85 18.83 43.00
CA LYS C 103 -8.37 17.75 42.18
C LYS C 103 -7.29 16.70 42.00
N ASP C 104 -7.68 15.43 41.99
CA ASP C 104 -6.74 14.37 41.69
C ASP C 104 -6.17 14.56 40.29
N LYS C 105 -4.91 14.16 40.12
CA LYS C 105 -4.26 14.36 38.82
C LYS C 105 -4.83 13.44 37.75
N ASP C 106 -5.54 12.39 38.14
CA ASP C 106 -6.21 11.48 37.22
C ASP C 106 -7.71 11.47 37.51
N GLU C 107 -8.42 10.55 36.87
CA GLU C 107 -9.85 10.42 37.02
C GLU C 107 -10.20 9.13 37.76
N TYR C 108 -11.34 9.15 38.44
CA TYR C 108 -11.90 7.96 39.10
C TYR C 108 -10.90 7.36 40.09
N THR C 109 -10.36 8.21 40.95
CA THR C 109 -9.32 7.82 41.89
C THR C 109 -9.74 7.93 43.35
N PHE C 110 -10.63 8.88 43.68
CA PHE C 110 -11.21 9.01 45.02
C PHE C 110 -10.16 9.44 46.05
N GLY C 111 -9.38 10.45 45.68
CA GLY C 111 -8.39 11.01 46.58
C GLY C 111 -7.11 10.22 46.73
N HIS C 112 -6.98 9.08 46.06
CA HIS C 112 -5.78 8.25 46.15
C HIS C 112 -4.78 8.64 45.05
N ASN C 113 -4.50 9.93 44.93
CA ASN C 113 -3.67 10.44 43.85
C ASN C 113 -2.88 11.62 44.35
N ALA C 114 -2.05 12.17 43.46
CA ALA C 114 -1.42 13.46 43.71
C ALA C 114 -2.43 14.58 43.45
N PHE C 115 -2.09 15.77 43.92
CA PHE C 115 -2.94 16.95 43.76
C PHE C 115 -2.15 17.98 42.95
N ASP C 116 -2.39 17.99 41.64
CA ASP C 116 -1.58 18.78 40.72
C ASP C 116 -2.02 20.24 40.65
N VAL C 117 -3.32 20.50 40.70
CA VAL C 117 -3.86 21.85 40.57
C VAL C 117 -4.40 22.28 41.93
N TRP C 118 -3.98 23.47 42.38
CA TRP C 118 -4.41 24.03 43.64
C TRP C 118 -4.98 25.43 43.43
N GLY C 119 -5.99 25.77 44.23
CA GLY C 119 -6.50 27.12 44.25
C GLY C 119 -5.59 28.05 45.01
N GLN C 120 -5.95 29.33 45.00
CA GLN C 120 -5.17 30.32 45.74
C GLN C 120 -5.55 30.39 47.21
N GLY C 121 -6.70 29.83 47.58
CA GLY C 121 -7.09 29.75 48.97
C GLY C 121 -7.93 30.92 49.46
N THR C 122 -9.03 30.60 50.14
CA THR C 122 -9.86 31.61 50.79
C THR C 122 -9.71 31.48 52.30
N MET C 123 -9.80 32.61 52.99
CA MET C 123 -9.49 32.70 54.41
C MET C 123 -10.77 32.70 55.23
N VAL C 124 -10.88 31.76 56.16
CA VAL C 124 -11.99 31.67 57.10
C VAL C 124 -11.49 32.09 58.48
N THR C 125 -12.17 33.06 59.09
CA THR C 125 -11.79 33.57 60.39
C THR C 125 -12.96 33.44 61.35
N VAL C 126 -12.71 32.86 62.53
CA VAL C 126 -13.73 32.65 63.55
C VAL C 126 -13.25 33.31 64.83
N SER C 127 -14.00 34.32 65.29
CA SER C 127 -13.66 35.02 66.52
C SER C 127 -14.88 35.76 67.02
N SER C 128 -14.84 36.12 68.30
CA SER C 128 -15.94 36.86 68.94
C SER C 128 -15.86 38.36 68.71
N ALA C 129 -14.75 38.86 68.19
CA ALA C 129 -14.59 40.29 67.97
C ALA C 129 -15.28 40.72 66.67
N SER C 130 -15.77 41.96 66.66
CA SER C 130 -16.41 42.53 65.49
C SER C 130 -15.38 43.24 64.62
N THR C 131 -15.78 43.52 63.39
CA THR C 131 -14.90 44.23 62.47
C THR C 131 -14.70 45.67 62.94
N LYS C 132 -13.46 46.15 62.84
CA LYS C 132 -13.09 47.48 63.30
C LYS C 132 -12.46 48.26 62.16
N GLY C 133 -12.77 49.56 62.10
CA GLY C 133 -12.20 50.42 61.09
C GLY C 133 -10.78 50.82 61.42
N PRO C 134 -9.90 50.81 60.42
CA PRO C 134 -8.49 51.15 60.67
C PRO C 134 -8.32 52.65 60.84
N SER C 135 -7.58 53.03 61.88
CA SER C 135 -7.22 54.43 62.11
C SER C 135 -5.89 54.70 61.42
N VAL C 136 -5.89 55.66 60.51
CA VAL C 136 -4.72 55.98 59.70
C VAL C 136 -4.10 57.26 60.21
N PHE C 137 -2.80 57.22 60.53
CA PHE C 137 -2.05 58.37 60.99
C PHE C 137 -0.82 58.56 60.12
N PRO C 138 -0.46 59.81 59.80
CA PRO C 138 0.69 60.06 58.93
C PRO C 138 2.01 59.93 59.67
N LEU C 139 3.05 59.60 58.92
CA LEU C 139 4.41 59.47 59.44
C LEU C 139 5.27 60.53 58.74
N ALA C 140 5.44 61.68 59.39
CA ALA C 140 6.21 62.77 58.83
C ALA C 140 7.68 62.38 58.68
N PRO C 141 8.42 63.07 57.79
CA PRO C 141 9.85 62.77 57.64
C PRO C 141 10.67 63.13 58.88
N ALA C 151 12.95 62.19 53.17
CA ALA C 151 13.71 60.96 53.10
C ALA C 151 12.79 59.75 53.06
N ALA C 152 12.28 59.36 54.24
CA ALA C 152 11.38 58.23 54.37
C ALA C 152 10.14 58.68 55.12
N LEU C 153 9.00 58.61 54.44
CA LEU C 153 7.71 59.00 55.02
C LEU C 153 6.68 57.92 54.70
N GLY C 154 5.61 57.92 55.48
CA GLY C 154 4.59 56.92 55.28
C GLY C 154 3.35 57.17 56.12
N CYS C 155 2.55 56.12 56.28
CA CYS C 155 1.32 56.17 57.05
C CYS C 155 1.22 54.93 57.94
N LEU C 156 0.51 55.08 59.05
CA LEU C 156 0.35 54.02 60.03
C LEU C 156 -1.11 53.58 60.04
N VAL C 157 -1.35 52.33 59.64
CA VAL C 157 -2.68 51.74 59.66
C VAL C 157 -2.80 50.96 60.97
N LYS C 158 -3.57 51.48 61.91
CA LYS C 158 -3.57 51.00 63.28
C LYS C 158 -4.97 50.57 63.72
N ASP C 159 -5.04 49.44 64.42
CA ASP C 159 -6.25 48.95 65.08
C ASP C 159 -7.36 48.66 64.07
N TYR C 160 -7.17 47.55 63.35
CA TYR C 160 -8.17 47.06 62.41
C TYR C 160 -8.32 45.55 62.56
N PHE C 161 -9.50 45.06 62.22
CA PHE C 161 -9.78 43.63 62.25
C PHE C 161 -10.94 43.31 61.32
N PRO C 162 -10.82 42.27 60.48
CA PRO C 162 -9.59 41.49 60.34
C PRO C 162 -8.75 41.94 59.14
N GLU C 163 -7.73 41.17 58.81
CA GLU C 163 -6.97 41.42 57.60
C GLU C 163 -7.83 41.04 56.38
N PRO C 164 -7.48 41.56 55.19
CA PRO C 164 -6.35 42.42 54.85
C PRO C 164 -6.69 43.90 54.65
N VAL C 165 -5.67 44.74 54.61
CA VAL C 165 -5.79 46.16 54.30
C VAL C 165 -4.87 46.46 53.13
N THR C 166 -5.45 46.96 52.04
CA THR C 166 -4.67 47.39 50.89
C THR C 166 -4.37 48.88 51.01
N VAL C 167 -3.10 49.24 50.88
CA VAL C 167 -2.65 50.61 51.04
C VAL C 167 -2.11 51.09 49.70
N SER C 168 -2.72 52.15 49.17
CA SER C 168 -2.30 52.74 47.91
C SER C 168 -1.79 54.16 48.15
N TRP C 169 -0.80 54.56 47.36
CA TRP C 169 -0.16 55.86 47.47
C TRP C 169 -0.60 56.75 46.33
N ASN C 170 -1.30 57.84 46.66
CA ASN C 170 -1.75 58.83 45.67
C ASN C 170 -2.63 58.19 44.60
N SER C 171 -3.56 57.33 45.03
CA SER C 171 -4.51 56.67 44.13
C SER C 171 -3.77 55.87 43.06
N GLY C 172 -2.65 55.26 43.44
CA GLY C 172 -1.87 54.47 42.50
C GLY C 172 -1.04 55.27 41.54
N ALA C 173 -0.73 56.54 41.86
CA ALA C 173 0.09 57.36 40.98
C ALA C 173 1.55 56.95 41.07
N LEU C 174 2.14 57.04 42.26
CA LEU C 174 3.52 56.64 42.49
C LEU C 174 3.55 55.31 43.24
N THR C 175 4.31 54.35 42.72
CA THR C 175 4.49 53.05 43.35
C THR C 175 5.97 52.66 43.42
N SER C 176 6.87 53.62 43.22
CA SER C 176 8.30 53.36 43.27
C SER C 176 8.83 53.71 44.66
N GLY C 177 9.57 52.78 45.25
CA GLY C 177 10.07 52.94 46.59
C GLY C 177 9.08 52.61 47.69
N VAL C 178 7.85 52.24 47.34
CA VAL C 178 6.86 51.87 48.34
C VAL C 178 7.13 50.46 48.83
N HIS C 179 6.85 50.21 50.10
CA HIS C 179 7.11 48.90 50.70
C HIS C 179 6.23 48.79 51.95
N THR C 180 5.12 48.07 51.83
CA THR C 180 4.20 47.84 52.94
C THR C 180 4.62 46.58 53.69
N PHE C 181 4.82 46.72 54.99
CA PHE C 181 5.25 45.61 55.82
C PHE C 181 4.06 44.76 56.24
N PRO C 182 4.26 43.45 56.43
CA PRO C 182 3.17 42.62 56.95
C PRO C 182 2.71 43.10 58.32
N ALA C 183 1.41 43.03 58.54
CA ALA C 183 0.82 43.58 59.76
C ALA C 183 1.22 42.77 60.98
N VAL C 184 1.24 43.44 62.13
CA VAL C 184 1.48 42.80 63.42
C VAL C 184 0.14 42.50 64.05
N LEU C 185 0.08 41.41 64.81
CA LEU C 185 -1.13 41.01 65.53
C LEU C 185 -0.90 41.30 67.01
N GLN C 186 -1.48 42.39 67.50
CA GLN C 186 -1.35 42.76 68.90
C GLN C 186 -2.10 41.77 69.78
N SER C 187 -1.86 41.87 71.09
CA SER C 187 -2.52 40.98 72.05
C SER C 187 -4.02 41.19 72.09
N SER C 188 -4.50 42.37 71.68
CA SER C 188 -5.93 42.66 71.68
C SER C 188 -6.68 41.94 70.57
N GLY C 189 -5.97 41.38 69.58
CA GLY C 189 -6.61 40.79 68.43
C GLY C 189 -6.77 41.72 67.24
N LEU C 190 -6.41 42.98 67.38
CA LEU C 190 -6.46 43.95 66.28
C LEU C 190 -5.10 44.03 65.62
N TYR C 191 -5.10 44.13 64.29
CA TYR C 191 -3.87 44.19 63.52
C TYR C 191 -3.36 45.62 63.41
N SER C 192 -2.09 45.74 63.02
CA SER C 192 -1.46 47.04 62.83
C SER C 192 -0.31 46.88 61.84
N LEU C 193 -0.23 47.79 60.87
CA LEU C 193 0.84 47.78 59.90
C LEU C 193 1.21 49.22 59.55
N SER C 194 2.33 49.37 58.84
CA SER C 194 2.79 50.66 58.37
C SER C 194 3.29 50.54 56.95
N SER C 195 3.02 51.56 56.14
CA SER C 195 3.45 51.61 54.75
C SER C 195 4.27 52.86 54.53
N VAL C 196 5.54 52.68 54.18
CA VAL C 196 6.45 53.80 53.95
C VAL C 196 6.84 53.81 52.48
N VAL C 197 7.29 54.99 52.02
CA VAL C 197 7.70 55.20 50.64
C VAL C 197 9.05 55.91 50.64
N THR C 198 9.96 55.42 49.80
CA THR C 198 11.28 56.03 49.66
C THR C 198 11.23 57.08 48.54
N VAL C 199 11.65 58.29 48.86
CA VAL C 199 11.56 59.40 47.92
C VAL C 199 12.71 60.37 48.21
N PRO C 200 13.30 60.99 47.19
CA PRO C 200 14.41 61.92 47.44
C PRO C 200 13.97 63.14 48.24
N SER C 201 14.98 63.84 48.79
CA SER C 201 14.71 65.02 49.59
C SER C 201 14.36 66.24 48.73
N SER C 202 14.83 66.26 47.48
CA SER C 202 14.48 67.37 46.60
C SER C 202 13.00 67.36 46.25
N SER C 203 12.40 66.17 46.15
CA SER C 203 10.97 66.07 45.90
C SER C 203 10.14 66.51 47.10
N LEU C 204 10.73 66.56 48.29
CA LEU C 204 10.00 66.97 49.47
C LEU C 204 9.62 68.46 49.37
N GLY C 205 8.66 68.86 50.20
CA GLY C 205 8.20 70.24 50.22
C GLY C 205 7.28 70.64 49.10
N THR C 206 7.65 70.37 47.85
CA THR C 206 6.83 70.74 46.70
C THR C 206 5.83 69.66 46.34
N GLN C 207 6.22 68.39 46.42
CA GLN C 207 5.32 67.28 46.09
C GLN C 207 4.37 67.01 47.24
N THR C 208 3.23 66.42 46.92
CA THR C 208 2.22 66.03 47.89
C THR C 208 2.06 64.52 47.87
N TYR C 209 1.89 63.94 49.06
CA TYR C 209 1.76 62.49 49.22
C TYR C 209 0.53 62.20 50.06
N ILE C 210 -0.45 61.53 49.47
CA ILE C 210 -1.69 61.16 50.15
C ILE C 210 -1.79 59.64 50.13
N CYS C 211 -1.66 59.02 51.30
CA CYS C 211 -1.82 57.58 51.42
C CYS C 211 -3.31 57.24 51.41
N ASN C 212 -3.70 56.34 50.53
CA ASN C 212 -5.09 55.92 50.40
C ASN C 212 -5.23 54.52 50.99
N VAL C 213 -6.00 54.40 52.07
CA VAL C 213 -6.16 53.16 52.81
C VAL C 213 -7.58 52.65 52.58
N ASN C 214 -7.69 51.36 52.24
CA ASN C 214 -8.98 50.74 51.98
C ASN C 214 -9.10 49.48 52.82
N HIS C 215 -10.20 49.36 53.57
CA HIS C 215 -10.48 48.19 54.40
C HIS C 215 -11.79 47.58 53.94
N LYS C 216 -11.73 46.33 53.49
CA LYS C 216 -12.94 45.68 52.95
C LYS C 216 -13.96 45.36 54.03
N PRO C 217 -13.62 44.69 55.14
CA PRO C 217 -14.67 44.33 56.11
C PRO C 217 -15.34 45.53 56.76
N SER C 218 -14.55 46.55 57.15
CA SER C 218 -15.13 47.72 57.81
C SER C 218 -15.92 48.60 56.86
N ASN C 219 -15.78 48.40 55.55
CA ASN C 219 -16.46 49.21 54.54
C ASN C 219 -16.15 50.69 54.73
N THR C 220 -14.86 51.00 54.86
CA THR C 220 -14.42 52.36 55.11
C THR C 220 -13.07 52.59 54.43
N LYS C 221 -12.99 53.66 53.65
CA LYS C 221 -11.75 54.07 53.01
C LYS C 221 -11.35 55.44 53.55
N VAL C 222 -10.06 55.60 53.85
CA VAL C 222 -9.53 56.81 54.47
C VAL C 222 -8.30 57.25 53.71
N ASP C 223 -8.19 58.56 53.45
CA ASP C 223 -7.01 59.17 52.86
C ASP C 223 -6.41 60.17 53.83
N LYS C 224 -5.09 60.13 53.96
CA LYS C 224 -4.36 60.99 54.89
C LYS C 224 -3.22 61.68 54.16
N LYS C 225 -2.97 62.94 54.51
CA LYS C 225 -1.90 63.72 53.91
C LYS C 225 -0.64 63.64 54.77
N VAL C 226 0.50 63.49 54.10
CA VAL C 226 1.81 63.41 54.75
C VAL C 226 2.66 64.55 54.20
N GLU C 227 3.16 65.39 55.09
CA GLU C 227 3.98 66.54 54.71
C GLU C 227 4.73 67.02 55.93
N PRO C 228 5.91 67.61 55.77
CA PRO C 228 6.65 68.15 56.92
C PRO C 228 5.90 69.33 57.52
N LYS C 229 5.77 69.32 58.85
CA LYS C 229 5.06 70.39 59.56
C LYS C 229 5.79 70.76 60.85
N ASN D 7 31.60 14.55 12.19
CA ASN D 7 31.60 13.61 11.07
C ASN D 7 32.92 12.85 11.00
N THR D 8 33.09 11.89 11.89
CA THR D 8 34.34 11.14 12.01
C THR D 8 34.05 9.65 12.03
N THR D 9 34.59 8.92 11.05
CA THR D 9 34.54 7.46 11.05
C THR D 9 35.55 6.94 12.06
N ASP D 10 35.08 6.13 13.01
CA ASP D 10 35.91 5.70 14.12
C ASP D 10 36.63 4.39 13.89
N ASN D 11 36.14 3.54 12.99
CA ASN D 11 36.82 2.30 12.67
C ASN D 11 36.53 1.93 11.22
N ILE D 12 37.46 1.19 10.62
CA ILE D 12 37.35 0.81 9.21
C ILE D 12 37.44 -0.71 9.06
N ASP D 13 36.60 -1.42 9.82
CA ASP D 13 36.59 -2.88 9.74
C ASP D 13 35.91 -3.39 8.47
N TYR D 14 35.21 -2.53 7.73
CA TYR D 14 34.48 -2.99 6.55
C TYR D 14 35.39 -3.37 5.39
N PHE D 15 36.68 -3.03 5.45
CA PHE D 15 37.59 -3.42 4.39
C PHE D 15 37.91 -4.91 4.47
N ASP D 16 37.92 -5.56 3.31
CA ASP D 16 38.36 -6.94 3.21
C ASP D 16 39.04 -7.14 1.86
N ILE D 17 39.86 -8.18 1.78
CA ILE D 17 40.61 -8.49 0.56
C ILE D 17 40.66 -10.00 0.39
N SER D 18 40.67 -10.43 -0.86
CA SER D 18 40.83 -11.84 -1.23
C SER D 18 42.14 -12.02 -1.98
N ASP D 19 42.59 -13.27 -2.02
CA ASP D 19 43.80 -13.58 -2.79
C ASP D 19 43.48 -13.57 -4.29
N GLU D 20 44.52 -13.80 -5.09
CA GLU D 20 44.34 -13.74 -6.55
C GLU D 20 43.45 -14.86 -7.06
N SER D 21 43.48 -16.03 -6.43
CA SER D 21 42.65 -17.15 -6.86
C SER D 21 41.21 -17.02 -6.42
N ASN D 22 40.89 -16.05 -5.57
CA ASN D 22 39.55 -15.81 -5.03
C ASN D 22 39.00 -16.98 -4.23
N TYR D 23 39.84 -17.96 -3.88
CA TYR D 23 39.40 -19.08 -3.06
C TYR D 23 39.39 -18.74 -1.57
N TYR D 24 40.20 -17.76 -1.15
CA TYR D 24 40.30 -17.37 0.24
C TYR D 24 39.88 -15.91 0.39
N LEU D 25 39.03 -15.63 1.37
CA LEU D 25 38.58 -14.28 1.69
C LEU D 25 38.99 -13.95 3.10
N ILE D 26 39.72 -12.83 3.27
CA ILE D 26 40.28 -12.43 4.55
C ILE D 26 39.47 -11.27 5.10
N SER D 27 39.07 -11.36 6.36
CA SER D 27 38.33 -10.32 7.05
C SER D 27 39.14 -9.81 8.24
N GLN D 28 38.79 -8.61 8.70
CA GLN D 28 39.49 -8.01 9.83
C GLN D 28 39.00 -8.53 11.17
N LEU D 29 37.79 -9.07 11.23
CA LEU D 29 37.25 -9.62 12.46
C LEU D 29 37.65 -11.08 12.61
N ARG D 30 37.68 -11.56 13.85
CA ARG D 30 37.96 -12.97 14.09
C ARG D 30 36.87 -13.82 13.45
N PRO D 31 37.20 -15.00 12.91
CA PRO D 31 38.55 -15.58 12.85
C PRO D 31 39.31 -15.22 11.57
N HIS D 32 38.93 -14.11 10.93
CA HIS D 32 39.61 -13.59 9.73
C HIS D 32 39.46 -14.50 8.51
N PHE D 33 39.27 -15.79 8.73
CA PHE D 33 39.06 -16.74 7.63
C PHE D 33 37.79 -17.55 7.90
N SER D 34 37.05 -17.84 6.82
CA SER D 34 35.85 -18.67 6.95
C SER D 34 36.21 -20.11 7.27
N ASN D 35 37.38 -20.58 6.83
CA ASN D 35 37.78 -21.96 7.03
C ASN D 35 38.07 -22.30 8.48
N ILE D 36 38.42 -21.30 9.30
CA ILE D 36 38.65 -21.57 10.72
C ILE D 36 37.35 -21.99 11.41
N TYR D 37 36.21 -21.48 10.93
CA TYR D 37 34.93 -21.95 11.45
C TYR D 37 34.67 -23.40 11.05
N PHE D 38 35.21 -23.83 9.90
CA PHE D 38 35.11 -25.23 9.53
C PHE D 38 36.05 -26.10 10.35
N PHE D 39 37.25 -25.58 10.66
CA PHE D 39 38.16 -26.31 11.54
C PHE D 39 37.56 -26.46 12.93
N ASP D 40 36.80 -25.47 13.38
CA ASP D 40 36.12 -25.60 14.67
C ASP D 40 34.98 -26.61 14.60
N GLU D 41 34.26 -26.64 13.47
CA GLU D 41 33.12 -27.53 13.35
C GLU D 41 33.54 -28.99 13.19
N PHE D 42 34.74 -29.26 12.69
CA PHE D 42 35.19 -30.64 12.60
C PHE D 42 35.44 -31.25 13.97
N LYS D 43 35.68 -30.42 15.00
CA LYS D 43 35.73 -30.92 16.36
C LYS D 43 34.39 -31.50 16.79
N ARG D 44 33.30 -31.06 16.17
CA ARG D 44 31.99 -31.65 16.44
C ARG D 44 31.80 -32.95 15.65
N TYR D 45 32.21 -32.96 14.38
CA TYR D 45 32.10 -34.18 13.59
C TYR D 45 32.98 -35.29 14.15
N ALA D 46 34.22 -34.94 14.55
CA ALA D 46 35.17 -35.96 14.99
C ALA D 46 34.72 -36.64 16.27
N SER D 47 33.96 -35.95 17.11
CA SER D 47 33.48 -36.54 18.35
C SER D 47 32.46 -37.65 18.13
N TYR D 48 31.95 -37.81 16.91
CA TYR D 48 30.99 -38.84 16.58
C TYR D 48 31.64 -40.07 15.97
N HIS D 49 32.94 -40.04 15.72
CA HIS D 49 33.68 -41.18 15.17
C HIS D 49 34.82 -41.53 16.11
N THR D 50 34.89 -42.80 16.50
CA THR D 50 35.89 -43.22 17.48
C THR D 50 37.30 -43.20 16.91
N GLU D 51 37.44 -43.37 15.60
CA GLU D 51 38.76 -43.36 14.98
C GLU D 51 39.41 -41.98 14.99
N ILE D 52 38.70 -40.95 15.43
CA ILE D 52 39.24 -39.59 15.40
C ILE D 52 39.41 -39.07 16.82
N LYS D 53 40.10 -39.84 17.65
CA LYS D 53 40.40 -39.40 19.01
C LYS D 53 41.64 -38.52 19.07
N ARG D 54 42.27 -38.24 17.94
CA ARG D 54 43.51 -37.48 17.88
C ARG D 54 43.33 -36.03 17.48
N TYR D 55 42.15 -35.65 16.96
CA TYR D 55 41.96 -34.29 16.46
C TYR D 55 41.78 -33.27 17.57
N GLU D 56 41.39 -33.69 18.77
CA GLU D 56 41.20 -32.74 19.86
C GLU D 56 42.50 -32.01 20.19
N ASP D 57 43.62 -32.74 20.18
CA ASP D 57 44.93 -32.10 20.35
C ASP D 57 45.37 -31.38 19.10
N ILE D 58 44.94 -31.85 17.93
CA ILE D 58 45.28 -31.18 16.67
C ILE D 58 44.64 -29.80 16.62
N HIS D 59 43.43 -29.68 17.17
CA HIS D 59 42.72 -28.40 17.14
C HIS D 59 43.45 -27.35 17.97
N LYS D 60 43.98 -27.73 19.13
CA LYS D 60 44.67 -26.77 19.99
C LYS D 60 46.08 -26.49 19.51
N THR D 61 46.70 -27.43 18.82
CA THR D 61 48.10 -27.27 18.42
C THR D 61 48.22 -26.59 17.06
N LYS D 62 47.30 -26.87 16.13
CA LYS D 62 47.39 -26.37 14.76
C LYS D 62 46.32 -25.34 14.42
N VAL D 63 45.07 -25.59 14.79
CA VAL D 63 44.00 -24.67 14.40
C VAL D 63 44.12 -23.35 15.15
N ASN D 64 44.23 -23.41 16.48
CA ASN D 64 44.37 -22.18 17.26
C ASN D 64 45.68 -21.46 16.95
N SER D 65 46.71 -22.20 16.55
CA SER D 65 47.95 -21.57 16.11
C SER D 65 47.72 -20.77 14.83
N LEU D 66 46.87 -21.29 13.93
CA LEU D 66 46.51 -20.53 12.74
C LEU D 66 45.66 -19.32 13.08
N LEU D 67 44.80 -19.44 14.10
CA LEU D 67 43.94 -18.32 14.48
C LEU D 67 44.75 -17.19 15.10
N ASN D 68 45.71 -17.52 15.98
CA ASN D 68 46.55 -16.48 16.56
C ASN D 68 47.48 -15.87 15.51
N GLU D 69 48.00 -16.70 14.60
CA GLU D 69 48.80 -16.17 13.50
C GLU D 69 47.95 -15.32 12.56
N ALA D 70 46.67 -15.65 12.41
CA ALA D 70 45.77 -14.80 11.62
C ALA D 70 45.52 -13.48 12.31
N SER D 71 45.31 -13.51 13.63
CA SER D 71 45.06 -12.28 14.37
C SER D 71 46.29 -11.39 14.42
N ARG D 72 47.48 -11.98 14.46
CA ARG D 72 48.70 -11.19 14.51
C ARG D 72 48.95 -10.47 13.19
N ALA D 73 48.75 -11.16 12.07
CA ALA D 73 48.98 -10.56 10.76
C ALA D 73 48.09 -9.35 10.54
N ILE D 74 46.88 -9.36 11.11
CA ILE D 74 46.00 -8.19 11.00
C ILE D 74 46.52 -7.07 11.89
N GLY D 75 47.04 -7.42 13.08
CA GLY D 75 47.54 -6.41 13.99
C GLY D 75 48.87 -5.81 13.59
N ILE D 76 49.61 -6.48 12.71
CA ILE D 76 50.89 -5.94 12.25
C ILE D 76 50.69 -4.60 11.56
N CYS D 77 49.60 -4.45 10.81
CA CYS D 77 49.34 -3.25 10.03
C CYS D 77 48.26 -2.38 10.65
N ASN D 78 48.29 -2.22 11.98
CA ASN D 78 47.51 -1.15 12.60
C ASN D 78 48.07 0.21 12.25
N ARG D 79 49.34 0.28 11.84
CA ARG D 79 49.90 1.55 11.36
C ARG D 79 49.25 1.96 10.04
N ALA D 80 49.03 1.00 9.14
CA ALA D 80 48.31 1.30 7.91
C ALA D 80 46.85 1.61 8.18
N LYS D 81 46.29 1.08 9.28
CA LYS D 81 44.92 1.40 9.64
C LYS D 81 44.76 2.89 9.93
N ASN D 82 45.69 3.45 10.72
CA ASN D 82 45.59 4.86 11.09
C ASN D 82 45.89 5.78 9.92
N THR D 83 46.74 5.34 8.99
CA THR D 83 47.05 6.18 7.83
C THR D 83 45.81 6.41 6.97
N VAL D 84 44.99 5.36 6.78
CA VAL D 84 43.75 5.52 6.04
C VAL D 84 42.71 6.24 6.89
N LYS D 85 42.57 5.83 8.16
CA LYS D 85 41.61 6.46 9.06
C LYS D 85 41.80 7.97 9.11
N GLY D 86 43.06 8.41 9.23
CA GLY D 86 43.32 9.83 9.24
C GLY D 86 42.87 10.52 7.96
N LEU D 87 43.15 9.89 6.81
CA LEU D 87 42.75 10.49 5.54
C LEU D 87 41.24 10.51 5.36
N ILE D 88 40.55 9.45 5.82
CA ILE D 88 39.09 9.42 5.72
C ILE D 88 38.48 10.55 6.53
N ASN D 89 39.00 10.79 7.74
CA ASN D 89 38.45 11.85 8.58
C ASN D 89 38.73 13.23 8.00
N ILE D 90 39.82 13.38 7.25
CA ILE D 90 40.08 14.67 6.59
C ILE D 90 39.17 14.84 5.39
N LEU D 91 38.91 13.75 4.65
CA LEU D 91 38.16 13.87 3.41
C LEU D 91 36.68 14.12 3.67
N GLU D 92 36.05 13.29 4.50
CA GLU D 92 34.62 13.41 4.74
C GLU D 92 34.26 14.52 5.70
N ASN D 93 35.22 15.36 6.10
CA ASN D 93 34.97 16.49 6.99
C ASN D 93 35.53 17.75 6.35
N PRO D 94 34.69 18.60 5.75
CA PRO D 94 35.21 19.83 5.14
C PRO D 94 35.84 20.79 6.13
N GLN D 95 35.34 20.82 7.36
CA GLN D 95 35.91 21.72 8.37
C GLN D 95 37.35 21.32 8.69
N LYS D 96 37.58 20.03 8.93
CA LYS D 96 38.94 19.56 9.19
C LYS D 96 39.79 19.62 7.92
N PHE D 97 39.17 19.54 6.75
CA PHE D 97 39.91 19.64 5.51
C PHE D 97 40.36 21.08 5.24
N LYS D 98 39.52 22.05 5.60
CA LYS D 98 39.86 23.45 5.34
C LYS D 98 41.03 23.93 6.19
N THR D 99 41.38 23.20 7.25
CA THR D 99 42.51 23.61 8.07
C THR D 99 43.85 23.25 7.44
N GLN D 100 43.91 22.13 6.71
CA GLN D 100 45.16 21.73 6.06
C GLN D 100 45.30 22.43 4.72
N ARG D 101 46.47 22.24 4.09
CA ARG D 101 46.85 23.03 2.93
C ARG D 101 46.79 22.29 1.61
N GLU D 102 46.91 20.96 1.61
CA GLU D 102 46.94 20.22 0.36
C GLU D 102 45.58 20.27 -0.34
N SER D 103 45.58 19.95 -1.62
CA SER D 103 44.37 19.96 -2.42
C SER D 103 43.49 18.76 -2.07
N TYR D 104 42.27 18.77 -2.61
CA TYR D 104 41.38 17.62 -2.40
C TYR D 104 41.76 16.47 -3.31
N ASP D 105 42.09 16.75 -4.57
CA ASP D 105 42.56 15.70 -5.46
C ASP D 105 43.86 15.08 -4.97
N VAL D 106 44.72 15.88 -4.33
CA VAL D 106 45.93 15.35 -3.74
C VAL D 106 45.59 14.47 -2.54
N LYS D 107 44.72 14.97 -1.65
CA LYS D 107 44.28 14.17 -0.52
C LYS D 107 43.50 12.94 -0.97
N LEU D 108 42.74 13.05 -2.07
CA LEU D 108 42.12 11.86 -2.65
C LEU D 108 43.18 10.90 -3.20
N ARG D 109 44.23 11.45 -3.83
CA ARG D 109 45.31 10.60 -4.31
C ARG D 109 46.04 9.95 -3.15
N GLN D 110 46.23 10.68 -2.04
CA GLN D 110 46.82 10.09 -0.85
C GLN D 110 45.93 8.99 -0.28
N TYR D 111 44.61 9.18 -0.36
CA TYR D 111 43.68 8.18 0.17
C TYR D 111 43.73 6.90 -0.65
N GLU D 112 43.80 7.01 -1.97
CA GLU D 112 43.80 5.83 -2.83
C GLU D 112 45.09 5.04 -2.68
N GLU D 113 46.23 5.73 -2.55
CA GLU D 113 47.49 5.04 -2.33
C GLU D 113 47.50 4.33 -0.98
N LYS D 114 47.04 5.02 0.07
CA LYS D 114 47.12 4.45 1.41
C LYS D 114 46.08 3.35 1.64
N LYS D 115 44.89 3.48 1.02
CA LYS D 115 43.85 2.49 1.22
C LYS D 115 44.27 1.14 0.66
N GLU D 116 44.69 1.10 -0.61
CA GLU D 116 45.10 -0.16 -1.21
C GLU D 116 46.34 -0.73 -0.55
N ALA D 117 47.21 0.14 -0.01
CA ALA D 117 48.34 -0.35 0.76
C ALA D 117 47.90 -1.01 2.06
N PHE D 118 46.76 -0.58 2.61
CA PHE D 118 46.23 -1.21 3.82
C PHE D 118 45.63 -2.58 3.48
N ARG D 119 44.82 -2.65 2.43
CA ARG D 119 44.27 -3.93 2.01
C ARG D 119 45.35 -4.87 1.51
N GLY D 120 46.41 -4.32 0.90
CA GLY D 120 47.48 -5.18 0.40
C GLY D 120 48.22 -5.91 1.51
N CYS D 121 48.31 -5.30 2.70
CA CYS D 121 48.98 -5.97 3.81
C CYS D 121 48.14 -7.12 4.35
N LEU D 122 46.83 -6.90 4.51
CA LEU D 122 45.96 -7.93 5.05
C LEU D 122 46.06 -9.24 4.28
N LEU D 123 46.39 -9.15 2.98
CA LEU D 123 46.66 -10.33 2.18
C LEU D 123 48.12 -10.76 2.26
N ASN D 124 49.04 -9.80 2.12
CA ASN D 124 50.46 -10.12 2.14
C ASN D 124 50.87 -10.76 3.47
N LYS D 125 50.42 -10.18 4.58
CA LYS D 125 50.78 -10.72 5.89
C LYS D 125 50.12 -12.06 6.19
N ASN D 126 49.09 -12.43 5.42
CA ASN D 126 48.39 -13.69 5.60
C ASN D 126 48.65 -14.67 4.47
N ARG D 127 49.59 -14.38 3.58
CA ARG D 127 49.91 -15.32 2.51
C ARG D 127 50.50 -16.62 3.08
N LYS D 128 51.31 -16.51 4.13
CA LYS D 128 51.81 -17.70 4.81
C LYS D 128 50.71 -18.43 5.55
N ASN D 129 49.60 -17.76 5.87
CA ASN D 129 48.49 -18.39 6.57
C ASN D 129 47.52 -19.08 5.64
N LEU D 130 47.47 -18.68 4.37
CA LEU D 130 46.59 -19.36 3.41
C LEU D 130 47.13 -20.75 3.07
N ASP D 131 48.45 -20.89 3.01
CA ASP D 131 49.03 -22.20 2.74
C ASP D 131 48.78 -23.17 3.88
N GLN D 132 48.71 -22.67 5.11
CA GLN D 132 48.38 -23.52 6.25
C GLN D 132 46.94 -24.01 6.19
N ILE D 133 46.03 -23.17 5.68
CA ILE D 133 44.63 -23.57 5.56
C ILE D 133 44.48 -24.76 4.63
N LYS D 134 45.18 -24.74 3.49
CA LYS D 134 45.13 -25.87 2.57
C LYS D 134 45.71 -27.12 3.20
N LYS D 135 46.71 -26.97 4.07
CA LYS D 135 47.29 -28.13 4.76
C LYS D 135 46.31 -28.69 5.78
N ILE D 136 45.68 -27.82 6.58
CA ILE D 136 44.71 -28.28 7.55
C ILE D 136 43.45 -28.80 6.87
N ASN D 137 43.09 -28.22 5.71
CA ASN D 137 41.95 -28.73 4.96
C ASN D 137 42.20 -30.14 4.47
N ASN D 138 43.33 -30.37 3.79
CA ASN D 138 43.64 -31.71 3.31
C ASN D 138 43.90 -32.69 4.45
N GLU D 139 44.44 -32.20 5.57
CA GLU D 139 44.67 -33.08 6.71
C GLU D 139 43.35 -33.61 7.26
N ILE D 140 42.33 -32.75 7.35
CA ILE D 140 41.02 -33.19 7.80
C ILE D 140 40.50 -34.32 6.94
N ARG D 141 40.73 -34.24 5.62
CA ARG D 141 40.35 -35.34 4.74
C ARG D 141 41.15 -36.60 5.02
N ASP D 142 42.40 -36.44 5.47
CA ASP D 142 43.21 -37.61 5.83
C ASP D 142 42.66 -38.29 7.08
N LEU D 143 42.23 -37.50 8.07
CA LEU D 143 41.61 -38.09 9.25
C LEU D 143 40.30 -38.77 8.90
N LEU D 144 39.52 -38.20 7.96
CA LEU D 144 38.27 -38.81 7.56
C LEU D 144 38.49 -40.12 6.82
N GLU D 145 39.62 -40.25 6.11
CA GLU D 145 39.93 -41.50 5.44
C GLU D 145 40.15 -42.63 6.43
N LYS D 146 40.46 -42.30 7.69
CA LYS D 146 40.75 -43.30 8.71
C LYS D 146 39.50 -44.02 9.21
N LEU D 147 38.31 -43.61 8.76
CA LEU D 147 37.08 -44.24 9.24
C LEU D 147 37.02 -45.71 8.84
N LYS D 148 36.45 -46.54 9.72
CA LYS D 148 36.39 -47.98 9.48
C LYS D 148 35.24 -48.33 8.54
N CYS D 149 35.08 -47.56 7.46
CA CYS D 149 34.06 -47.83 6.47
C CYS D 149 34.63 -47.53 5.09
N SER D 150 34.03 -48.14 4.08
CA SER D 150 34.45 -47.95 2.70
C SER D 150 33.27 -47.60 1.81
N GLN D 151 32.42 -48.57 1.51
CA GLN D 151 31.21 -48.35 0.73
C GLN D 151 29.95 -48.43 1.57
N ASP D 152 30.08 -48.55 2.88
CA ASP D 152 28.94 -48.71 3.78
C ASP D 152 29.02 -47.71 4.93
N CYS D 153 29.45 -46.49 4.63
CA CYS D 153 29.55 -45.46 5.66
C CYS D 153 28.17 -44.95 6.03
N GLN D 154 27.92 -44.83 7.33
CA GLN D 154 26.62 -44.41 7.83
C GLN D 154 26.47 -42.90 7.70
N THR D 155 25.38 -42.48 7.04
CA THR D 155 25.08 -41.05 6.91
C THR D 155 24.11 -40.60 8.00
N ASN D 156 24.54 -40.80 9.25
CA ASN D 156 23.75 -40.39 10.40
C ASN D 156 24.27 -39.10 11.05
N VAL D 157 25.60 -38.96 11.19
CA VAL D 157 26.14 -37.71 11.70
C VAL D 157 25.94 -36.59 10.70
N TYR D 158 25.99 -36.90 9.40
CA TYR D 158 25.76 -35.91 8.38
C TYR D 158 24.36 -35.32 8.48
N PHE D 159 23.36 -36.17 8.71
CA PHE D 159 21.98 -35.69 8.85
C PHE D 159 21.67 -35.20 10.26
N ASP D 160 22.42 -35.66 11.27
CA ASP D 160 22.26 -35.09 12.60
C ASP D 160 22.80 -33.67 12.67
N MET D 161 23.85 -33.37 11.91
CA MET D 161 24.40 -32.02 11.91
C MET D 161 23.57 -31.05 11.09
N ILE D 162 22.90 -31.55 10.05
CA ILE D 162 22.04 -30.67 9.25
C ILE D 162 20.85 -30.20 10.08
N LYS D 163 20.30 -31.08 10.92
CA LYS D 163 19.19 -30.69 11.77
C LYS D 163 19.60 -29.61 12.77
N ILE D 164 20.83 -29.70 13.28
CA ILE D 164 21.31 -28.69 14.22
C ILE D 164 21.55 -27.36 13.52
N TYR D 165 21.96 -27.41 12.25
CA TYR D 165 22.25 -26.17 11.53
C TYR D 165 20.99 -25.36 11.25
N LEU D 166 19.86 -26.03 11.06
CA LEU D 166 18.64 -25.32 10.66
C LEU D 166 18.15 -24.38 11.76
N VAL D 167 18.12 -24.86 13.00
CA VAL D 167 17.70 -24.00 14.10
C VAL D 167 18.73 -22.91 14.35
N ASP D 168 20.02 -23.19 14.09
CA ASP D 168 21.03 -22.15 14.17
C ASP D 168 20.85 -21.13 13.04
N PHE D 169 20.53 -21.61 11.84
CA PHE D 169 20.22 -20.70 10.74
C PHE D 169 18.95 -19.91 11.02
N LYS D 170 17.93 -20.58 11.58
CA LYS D 170 16.69 -19.91 11.92
C LYS D 170 16.88 -18.87 13.03
N LYS D 171 17.95 -18.98 13.82
CA LYS D 171 18.21 -18.01 14.87
C LYS D 171 18.58 -16.64 14.31
N MET D 172 18.96 -16.55 13.03
CA MET D 172 19.26 -15.28 12.41
C MET D 172 18.10 -14.85 11.54
N PRO D 173 17.35 -13.80 11.90
CA PRO D 173 16.27 -13.34 11.05
C PRO D 173 16.79 -12.75 9.74
N TYR D 174 16.76 -13.55 8.68
CA TYR D 174 17.30 -13.11 7.39
C TYR D 174 16.47 -11.98 6.78
N GLU D 175 15.18 -11.93 7.07
CA GLU D 175 14.33 -10.90 6.48
C GLU D 175 14.72 -9.50 6.95
N ASN D 176 15.21 -9.38 8.19
CA ASN D 176 15.61 -8.06 8.69
C ASN D 176 16.85 -7.55 7.95
N TYR D 177 17.84 -8.42 7.72
CA TYR D 177 19.00 -8.03 6.93
C TYR D 177 18.59 -7.67 5.51
N ASP D 178 17.65 -8.41 4.94
CA ASP D 178 17.21 -8.14 3.57
C ASP D 178 16.44 -6.83 3.48
N THR D 179 15.50 -6.62 4.40
CA THR D 179 14.74 -5.37 4.42
C THR D 179 15.63 -4.17 4.68
N PHE D 180 16.67 -4.34 5.51
CA PHE D 180 17.58 -3.24 5.80
C PHE D 180 18.36 -2.83 4.54
N ILE D 181 18.99 -3.80 3.88
CA ILE D 181 19.86 -3.46 2.75
C ILE D 181 19.04 -2.92 1.58
N LYS D 182 17.80 -3.37 1.42
CA LYS D 182 16.97 -2.87 0.34
C LYS D 182 16.56 -1.42 0.57
N GLN D 183 16.31 -1.05 1.84
CA GLN D 183 15.88 0.31 2.13
C GLN D 183 17.04 1.29 2.02
N TYR D 184 18.21 0.94 2.58
CA TYR D 184 19.33 1.86 2.58
C TYR D 184 19.97 1.97 1.20
N LYS D 185 19.97 0.89 0.42
CA LYS D 185 20.55 0.94 -0.92
C LYS D 185 19.72 1.82 -1.84
N ASN D 186 18.40 1.74 -1.75
CA ASN D 186 17.54 2.64 -2.51
C ASN D 186 17.72 4.08 -2.05
N SER D 187 17.89 4.28 -0.73
CA SER D 187 18.18 5.62 -0.22
C SER D 187 19.57 6.08 -0.61
N TYR D 188 20.52 5.15 -0.73
CA TYR D 188 21.87 5.50 -1.15
C TYR D 188 21.91 5.91 -2.63
N LEU D 189 21.22 5.15 -3.47
CA LEU D 189 21.26 5.42 -4.91
C LEU D 189 20.48 6.67 -5.28
N SER D 190 19.50 7.08 -4.47
CA SER D 190 18.78 8.32 -4.74
C SER D 190 19.65 9.53 -4.42
N GLY D 191 20.42 9.46 -3.34
CA GLY D 191 21.30 10.57 -3.00
C GLY D 191 22.42 10.76 -4.01
N VAL D 192 22.99 9.65 -4.50
CA VAL D 192 24.03 9.75 -5.52
C VAL D 192 23.47 10.37 -6.79
N ASP D 193 22.22 10.03 -7.13
CA ASP D 193 21.59 10.60 -8.32
C ASP D 193 21.11 12.03 -8.10
N MET D 194 20.69 12.36 -6.88
CA MET D 194 20.22 13.72 -6.61
C MET D 194 21.38 14.73 -6.55
N ILE D 195 22.60 14.26 -6.28
CA ILE D 195 23.75 15.16 -6.30
C ILE D 195 24.08 15.56 -7.74
N ARG D 196 23.89 14.64 -8.69
CA ARG D 196 24.19 14.95 -10.09
C ARG D 196 23.33 16.09 -10.62
N LYS D 197 22.08 16.19 -10.15
CA LYS D 197 21.20 17.25 -10.64
C LYS D 197 21.43 18.57 -9.92
N ILE D 198 21.89 18.54 -8.67
CA ILE D 198 22.10 19.75 -7.89
C ILE D 198 23.59 20.07 -7.74
N GLU D 199 24.45 19.43 -8.52
CA GLU D 199 25.88 19.69 -8.42
C GLU D 199 26.22 21.11 -8.87
N LYS D 200 25.75 21.49 -10.06
CA LYS D 200 26.04 22.82 -10.58
C LYS D 200 25.11 23.89 -10.03
N GLN D 201 23.96 23.51 -9.49
CA GLN D 201 23.02 24.50 -8.97
C GLN D 201 23.54 25.11 -7.67
N ILE D 202 24.19 24.31 -6.82
CA ILE D 202 24.75 24.77 -5.57
C ILE D 202 26.27 24.87 -5.72
N ASP D 203 26.82 26.04 -5.44
CA ASP D 203 28.26 26.26 -5.53
C ASP D 203 28.88 25.97 -4.17
N ASN D 204 29.00 24.69 -3.85
CA ASN D 204 29.61 24.23 -2.61
C ASN D 204 30.44 22.99 -2.93
N PRO D 205 31.55 23.15 -3.66
CA PRO D 205 32.26 21.97 -4.16
C PRO D 205 33.00 21.20 -3.09
N VAL D 206 33.60 21.88 -2.12
CA VAL D 206 34.35 21.18 -1.07
C VAL D 206 33.41 20.30 -0.26
N THR D 207 32.19 20.77 0.01
CA THR D 207 31.20 19.93 0.66
C THR D 207 30.74 18.81 -0.26
N ILE D 208 30.45 19.14 -1.53
CA ILE D 208 30.04 18.13 -2.49
C ILE D 208 31.14 17.09 -2.68
N ASN D 209 32.40 17.53 -2.66
CA ASN D 209 33.50 16.57 -2.72
C ASN D 209 33.48 15.64 -1.52
N ALA D 210 33.18 16.18 -0.32
CA ALA D 210 33.06 15.34 0.86
C ALA D 210 31.81 14.45 0.79
N ILE D 211 30.78 14.90 0.07
CA ILE D 211 29.58 14.08 -0.08
C ILE D 211 29.82 12.93 -1.06
N LYS D 212 30.50 13.22 -2.18
CA LYS D 212 30.79 12.17 -3.16
C LYS D 212 31.67 11.09 -2.55
N PHE D 213 32.72 11.49 -1.85
CA PHE D 213 33.62 10.52 -1.22
C PHE D 213 32.88 9.64 -0.23
N THR D 214 32.00 10.24 0.57
CA THR D 214 31.25 9.46 1.56
C THR D 214 30.23 8.55 0.87
N GLN D 215 29.67 8.98 -0.26
CA GLN D 215 28.81 8.10 -1.04
C GLN D 215 29.61 7.00 -1.75
N LYS D 216 30.91 7.22 -1.97
CA LYS D 216 31.73 6.17 -2.55
C LYS D 216 32.00 5.06 -1.55
N GLU D 217 32.16 5.42 -0.28
CA GLU D 217 32.33 4.40 0.77
C GLU D 217 31.06 3.58 0.94
N MET D 218 29.90 4.24 0.98
CA MET D 218 28.64 3.54 1.15
C MET D 218 28.42 2.50 0.05
N GLY D 219 28.71 2.86 -1.19
CA GLY D 219 28.55 1.92 -2.29
C GLY D 219 29.42 0.69 -2.15
N TYR D 220 30.53 0.81 -1.42
CA TYR D 220 31.40 -0.34 -1.19
C TYR D 220 30.86 -1.22 -0.07
N ILE D 221 30.43 -0.63 1.04
CA ILE D 221 29.86 -1.41 2.13
C ILE D 221 28.60 -2.13 1.67
N ILE D 222 27.77 -1.45 0.87
CA ILE D 222 26.60 -2.11 0.28
C ILE D 222 27.03 -3.28 -0.59
N ASP D 223 28.09 -3.08 -1.38
CA ASP D 223 28.60 -4.16 -2.22
C ASP D 223 29.10 -5.33 -1.37
N ARG D 224 29.77 -5.03 -0.25
CA ARG D 224 30.24 -6.08 0.63
C ARG D 224 29.11 -6.68 1.45
N PHE D 225 28.10 -5.88 1.81
CA PHE D 225 26.95 -6.43 2.51
C PHE D 225 26.19 -7.41 1.62
N GLU D 226 25.99 -7.06 0.34
CA GLU D 226 25.23 -7.90 -0.56
C GLU D 226 25.97 -9.17 -0.94
N TYR D 227 27.29 -9.22 -0.77
CA TYR D 227 28.02 -10.46 -1.03
C TYR D 227 27.76 -11.48 0.06
N HIS D 228 27.99 -11.11 1.32
CA HIS D 228 27.74 -12.04 2.42
C HIS D 228 26.26 -12.37 2.54
N LEU D 229 25.39 -11.39 2.30
CA LEU D 229 23.95 -11.64 2.34
C LEU D 229 23.54 -12.69 1.31
N GLN D 230 24.10 -12.62 0.10
CA GLN D 230 23.81 -13.61 -0.92
C GLN D 230 24.30 -14.99 -0.51
N LYS D 231 25.50 -15.07 0.08
CA LYS D 231 26.06 -16.36 0.44
C LYS D 231 25.38 -16.94 1.67
N VAL D 232 24.99 -16.10 2.63
CA VAL D 232 24.26 -16.58 3.79
C VAL D 232 22.90 -17.12 3.37
N LYS D 233 22.22 -16.42 2.45
CA LYS D 233 20.98 -16.95 1.90
C LYS D 233 21.24 -18.22 1.10
N HIS D 234 22.37 -18.30 0.41
CA HIS D 234 22.73 -19.51 -0.30
C HIS D 234 23.02 -20.65 0.68
N SER D 235 23.68 -20.34 1.79
CA SER D 235 24.04 -21.39 2.75
C SER D 235 22.80 -21.97 3.43
N ILE D 236 21.83 -21.13 3.78
CA ILE D 236 20.64 -21.62 4.45
C ILE D 236 19.77 -22.44 3.50
N ASP D 237 19.62 -21.98 2.26
CA ASP D 237 18.77 -22.69 1.31
C ASP D 237 19.37 -24.04 0.92
N GLN D 238 20.67 -24.10 0.69
CA GLN D 238 21.29 -25.34 0.25
C GLN D 238 21.28 -26.39 1.35
N VAL D 239 21.50 -25.98 2.60
CA VAL D 239 21.40 -26.92 3.72
C VAL D 239 19.94 -27.37 3.90
N THR D 240 19.00 -26.44 3.71
CA THR D 240 17.59 -26.79 3.80
C THR D 240 17.19 -27.76 2.70
N ALA D 241 17.80 -27.64 1.52
CA ALA D 241 17.50 -28.56 0.43
C ALA D 241 17.97 -29.98 0.75
N LEU D 242 19.13 -30.09 1.42
CA LEU D 242 19.64 -31.41 1.78
C LEU D 242 18.75 -32.09 2.81
N SER D 243 18.14 -31.32 3.71
CA SER D 243 17.28 -31.91 4.72
C SER D 243 15.92 -32.31 4.13
N ASP D 244 15.51 -31.67 3.05
CA ASP D 244 14.25 -31.98 2.38
C ASP D 244 14.43 -32.82 1.13
N GLY D 245 15.62 -33.39 0.93
CA GLY D 245 15.90 -34.26 -0.18
C GLY D 245 15.96 -35.73 0.22
N VAL D 246 16.39 -36.55 -0.74
CA VAL D 246 16.52 -37.99 -0.50
C VAL D 246 17.64 -38.23 0.50
N LYS D 247 17.46 -39.22 1.36
CA LYS D 247 18.41 -39.51 2.43
C LYS D 247 18.89 -40.96 2.32
N PRO D 248 20.14 -41.20 1.92
CA PRO D 248 20.64 -42.58 1.87
C PRO D 248 21.19 -43.05 3.20
N LYS D 249 20.82 -44.26 3.61
CA LYS D 249 21.29 -44.77 4.90
C LYS D 249 22.79 -45.03 4.87
N GLN D 250 23.30 -45.58 3.76
CA GLN D 250 24.70 -45.93 3.64
C GLN D 250 25.26 -45.32 2.37
N VAL D 251 26.45 -44.71 2.46
CA VAL D 251 27.11 -44.08 1.34
C VAL D 251 28.59 -44.45 1.37
N THR D 252 29.31 -44.04 0.32
CA THR D 252 30.73 -44.31 0.21
C THR D 252 31.53 -43.28 1.00
N LYS D 253 32.71 -43.70 1.47
CA LYS D 253 33.56 -42.79 2.23
C LYS D 253 33.95 -41.57 1.41
N ASN D 254 34.18 -41.76 0.11
CA ASN D 254 34.47 -40.62 -0.76
C ASN D 254 33.27 -39.67 -0.82
N ARG D 255 32.06 -40.21 -0.78
CA ARG D 255 30.87 -39.37 -0.78
C ARG D 255 30.65 -38.70 0.58
N LEU D 256 30.78 -39.48 1.66
CA LEU D 256 30.60 -38.92 3.00
C LEU D 256 31.68 -37.90 3.32
N LYS D 257 32.89 -38.07 2.77
CA LYS D 257 33.92 -37.06 2.94
C LYS D 257 33.51 -35.75 2.28
N GLU D 258 32.86 -35.84 1.11
CA GLU D 258 32.32 -34.64 0.48
C GLU D 258 31.08 -34.14 1.21
N TYR D 259 30.35 -35.04 1.87
CA TYR D 259 29.18 -34.63 2.64
C TYR D 259 29.58 -33.74 3.81
N TYR D 260 30.55 -34.18 4.62
CA TYR D 260 30.98 -33.39 5.76
C TYR D 260 31.60 -32.06 5.31
N PHE D 261 32.33 -32.07 4.21
CA PHE D 261 32.91 -30.83 3.70
C PHE D 261 31.86 -29.91 3.10
N ASN D 262 30.75 -30.48 2.62
CA ASN D 262 29.71 -29.66 2.00
C ASN D 262 28.97 -28.84 3.05
N ILE D 263 28.30 -29.52 3.99
CA ILE D 263 27.58 -28.80 5.03
C ILE D 263 28.54 -28.06 5.95
N GLY D 264 29.76 -28.60 6.14
CA GLY D 264 30.75 -27.87 6.91
C GLY D 264 31.17 -26.58 6.27
N ASN D 265 31.16 -26.52 4.93
CA ASN D 265 31.44 -25.28 4.23
C ASN D 265 30.27 -24.31 4.35
N TYR D 266 29.06 -24.79 4.11
CA TYR D 266 27.88 -23.93 4.19
C TYR D 266 27.73 -23.31 5.58
N TYR D 267 27.93 -24.12 6.63
CA TYR D 267 27.80 -23.59 7.99
C TYR D 267 28.89 -22.58 8.31
N SER D 268 30.07 -22.73 7.70
CA SER D 268 31.12 -21.74 7.90
C SER D 268 30.79 -20.43 7.21
N ILE D 269 30.16 -20.49 6.04
CA ILE D 269 29.77 -19.28 5.34
C ILE D 269 28.68 -18.54 6.10
N PHE D 270 27.80 -19.28 6.79
CA PHE D 270 26.74 -18.63 7.56
C PHE D 270 27.33 -17.81 8.70
N LYS D 271 28.17 -18.44 9.54
CA LYS D 271 28.75 -17.72 10.67
C LYS D 271 29.68 -16.60 10.20
N PHE D 272 30.48 -16.86 9.17
CA PHE D 272 31.36 -15.82 8.64
C PHE D 272 30.57 -14.66 8.05
N GLY D 273 29.53 -14.98 7.27
CA GLY D 273 28.69 -13.92 6.72
C GLY D 273 27.88 -13.21 7.79
N LYS D 274 27.41 -13.95 8.80
CA LYS D 274 26.66 -13.33 9.89
C LYS D 274 27.53 -12.33 10.65
N ASP D 275 28.81 -12.67 10.85
CA ASP D 275 29.72 -11.74 11.51
C ASP D 275 30.01 -10.53 10.66
N SER D 276 30.06 -10.70 9.33
CA SER D 276 30.32 -9.57 8.45
C SER D 276 29.08 -8.68 8.32
N LEU D 277 27.91 -9.29 8.15
CA LEU D 277 26.68 -8.51 8.01
C LEU D 277 26.43 -7.66 9.25
N ASN D 278 26.65 -8.23 10.44
CA ASN D 278 26.48 -7.46 11.67
C ASN D 278 27.43 -6.28 11.73
N MET D 279 28.64 -6.44 11.20
CA MET D 279 29.59 -5.33 11.15
C MET D 279 29.27 -4.38 10.00
N LEU D 280 28.94 -4.92 8.83
CA LEU D 280 28.62 -4.08 7.68
C LEU D 280 27.30 -3.34 7.85
N ASN D 281 26.44 -3.80 8.76
CA ASN D 281 25.21 -3.06 9.05
C ASN D 281 25.52 -1.74 9.74
N LYS D 282 26.39 -1.78 10.76
CA LYS D 282 26.76 -0.56 11.46
C LYS D 282 27.62 0.34 10.60
N ALA D 283 28.45 -0.23 9.73
CA ALA D 283 29.31 0.57 8.85
C ALA D 283 28.46 1.38 7.87
N LEU D 284 27.42 0.77 7.31
CA LEU D 284 26.54 1.47 6.39
C LEU D 284 25.76 2.57 7.11
N ILE D 285 25.21 2.24 8.28
CA ILE D 285 24.42 3.21 9.03
C ILE D 285 25.26 4.41 9.44
N HIS D 286 26.47 4.15 9.95
CA HIS D 286 27.32 5.23 10.42
C HIS D 286 27.70 6.18 9.28
N LYS D 287 27.86 5.65 8.07
CA LYS D 287 28.20 6.51 6.94
C LYS D 287 27.01 7.28 6.42
N GLU D 288 25.79 6.77 6.62
CA GLU D 288 24.60 7.52 6.23
C GLU D 288 24.41 8.76 7.10
N LYS D 289 24.65 8.62 8.41
CA LYS D 289 24.54 9.76 9.30
C LYS D 289 25.54 10.86 8.95
N ILE D 290 26.68 10.48 8.38
CA ILE D 290 27.67 11.47 7.96
C ILE D 290 27.23 12.14 6.67
N VAL D 291 26.59 11.39 5.76
CA VAL D 291 26.13 11.98 4.50
C VAL D 291 25.04 13.01 4.76
N HIS D 292 24.05 12.65 5.58
CA HIS D 292 22.98 13.58 5.91
C HIS D 292 23.44 14.67 6.87
N ASN D 293 24.58 14.51 7.52
CA ASN D 293 25.24 15.63 8.17
C ASN D 293 25.93 16.53 7.15
N LEU D 294 26.46 15.94 6.07
CA LEU D 294 27.07 16.73 5.00
C LEU D 294 26.00 17.41 4.15
N LEU D 295 24.88 16.73 3.90
CA LEU D 295 23.79 17.34 3.16
C LEU D 295 23.19 18.53 3.92
N GLY D 296 23.17 18.45 5.25
CA GLY D 296 22.73 19.60 6.03
C GLY D 296 23.70 20.76 5.91
N GLU D 297 25.00 20.49 5.91
CA GLU D 297 25.99 21.52 5.64
C GLU D 297 25.79 22.11 4.25
N LEU D 298 25.42 21.26 3.28
CA LEU D 298 25.20 21.72 1.92
C LEU D 298 23.96 22.61 1.84
N PHE D 299 22.80 22.08 2.22
CA PHE D 299 21.55 22.83 2.15
C PHE D 299 21.43 23.88 3.25
N GLY D 300 22.37 23.93 4.19
CA GLY D 300 22.30 24.96 5.23
C GLY D 300 22.62 26.34 4.70
N HIS D 301 23.39 26.43 3.63
CA HIS D 301 23.75 27.72 3.04
C HIS D 301 23.10 27.89 1.67
N GLU E 6 44.26 2.56 -22.05
CA GLU E 6 42.88 2.71 -22.49
C GLU E 6 42.03 1.53 -22.06
N VAL E 7 40.80 1.81 -21.63
CA VAL E 7 39.88 0.78 -21.19
C VAL E 7 39.26 0.11 -22.41
N GLN E 8 39.24 -1.22 -22.40
CA GLN E 8 38.68 -1.99 -23.50
C GLN E 8 37.86 -3.16 -22.95
N LEU E 9 36.91 -3.63 -23.76
CA LEU E 9 36.06 -4.76 -23.39
C LEU E 9 35.93 -5.65 -24.62
N LEU E 10 36.57 -6.83 -24.56
CA LEU E 10 36.54 -7.78 -25.67
C LEU E 10 35.56 -8.91 -25.34
N GLU E 11 34.70 -9.22 -26.30
CA GLU E 11 33.68 -10.24 -26.13
C GLU E 11 34.03 -11.49 -26.93
N SER E 12 33.39 -12.60 -26.57
CA SER E 12 33.61 -13.88 -27.23
C SER E 12 32.46 -14.81 -26.88
N GLY E 13 32.35 -15.90 -27.65
CA GLY E 13 31.35 -16.92 -27.40
C GLY E 13 30.11 -16.83 -28.26
N GLY E 14 30.03 -15.86 -29.17
CA GLY E 14 28.86 -15.70 -30.01
C GLY E 14 28.95 -16.53 -31.27
N GLY E 15 27.91 -17.30 -31.54
CA GLY E 15 27.91 -18.15 -32.71
C GLY E 15 26.53 -18.70 -33.01
N LEU E 16 26.50 -19.77 -33.81
CA LEU E 16 25.27 -20.39 -34.23
C LEU E 16 24.84 -21.46 -33.21
N VAL E 17 23.56 -21.45 -32.86
CA VAL E 17 23.01 -22.39 -31.90
C VAL E 17 21.57 -22.71 -32.32
N ARG E 18 21.21 -24.00 -32.23
CA ARG E 18 19.87 -24.43 -32.63
C ARG E 18 18.81 -23.81 -31.73
N PRO E 19 17.57 -23.70 -32.21
CA PRO E 19 16.49 -23.20 -31.35
C PRO E 19 16.33 -24.06 -30.11
N GLY E 20 16.19 -23.39 -28.97
CA GLY E 20 16.13 -24.08 -27.70
C GLY E 20 17.48 -24.48 -27.13
N GLY E 21 18.56 -24.24 -27.85
CA GLY E 21 19.89 -24.57 -27.39
C GLY E 21 20.36 -23.58 -26.33
N SER E 22 21.69 -23.60 -26.13
CA SER E 22 22.32 -22.77 -25.12
C SER E 22 23.60 -22.19 -25.70
N GLN E 23 24.04 -21.09 -25.10
CA GLN E 23 25.25 -20.40 -25.54
C GLN E 23 25.74 -19.52 -24.40
N ARG E 24 27.05 -19.36 -24.32
CA ARG E 24 27.69 -18.57 -23.27
C ARG E 24 28.47 -17.43 -23.90
N LEU E 25 28.27 -16.23 -23.36
CA LEU E 25 28.94 -15.02 -23.83
C LEU E 25 29.95 -14.57 -22.79
N SER E 26 31.20 -14.41 -23.21
CA SER E 26 32.27 -13.94 -22.35
C SER E 26 32.60 -12.49 -22.67
N CYS E 27 33.06 -11.76 -21.66
CA CYS E 27 33.43 -10.35 -21.80
C CYS E 27 34.67 -10.10 -20.96
N ALA E 28 35.80 -9.86 -21.61
CA ALA E 28 37.08 -9.68 -20.94
C ALA E 28 37.37 -8.19 -20.80
N ALA E 29 37.47 -7.71 -19.57
CA ALA E 29 37.78 -6.32 -19.29
C ALA E 29 39.28 -6.12 -19.16
N SER E 30 39.71 -4.88 -19.41
CA SER E 30 41.12 -4.54 -19.35
C SER E 30 41.27 -3.03 -19.24
N GLY E 31 42.29 -2.60 -18.50
CA GLY E 31 42.58 -1.18 -18.36
C GLY E 31 41.97 -0.50 -17.16
N PHE E 32 41.33 -1.25 -16.26
CA PHE E 32 40.73 -0.66 -15.07
C PHE E 32 40.50 -1.76 -14.04
N THR E 33 40.26 -1.33 -12.80
CA THR E 33 39.95 -2.27 -11.73
C THR E 33 38.53 -2.80 -11.92
N PHE E 34 38.43 -4.09 -12.25
CA PHE E 34 37.16 -4.67 -12.66
C PHE E 34 36.19 -4.88 -11.50
N THR E 35 36.71 -5.09 -10.29
CA THR E 35 35.86 -5.47 -9.17
C THR E 35 34.84 -4.40 -8.78
N PRO E 36 35.21 -3.13 -8.56
CA PRO E 36 34.21 -2.18 -8.04
C PRO E 36 33.12 -1.84 -9.03
N TYR E 37 33.40 -1.87 -10.32
CA TYR E 37 32.44 -1.42 -11.32
C TYR E 37 31.36 -2.47 -11.57
N ALA E 38 30.13 -2.01 -11.75
CA ALA E 38 29.03 -2.88 -12.13
C ALA E 38 29.05 -3.13 -13.63
N MET E 39 28.79 -4.37 -14.02
CA MET E 39 28.82 -4.77 -15.42
C MET E 39 27.40 -5.03 -15.92
N THR E 40 27.20 -4.81 -17.22
CA THR E 40 25.88 -4.85 -17.81
C THR E 40 25.93 -5.54 -19.16
N TRP E 41 24.85 -6.27 -19.48
CA TRP E 41 24.65 -6.84 -20.80
C TRP E 41 23.51 -6.09 -21.49
N VAL E 42 23.72 -5.79 -22.77
CA VAL E 42 22.73 -5.09 -23.58
C VAL E 42 22.90 -5.52 -25.03
N ARG E 43 21.82 -5.99 -25.64
CA ARG E 43 21.85 -6.52 -26.99
C ARG E 43 21.19 -5.55 -27.97
N GLN E 44 21.26 -5.90 -29.25
CA GLN E 44 20.69 -5.07 -30.31
C GLN E 44 20.42 -5.94 -31.52
N ALA E 45 19.15 -6.10 -31.87
CA ALA E 45 18.81 -6.78 -33.09
C ALA E 45 19.24 -5.95 -34.29
N PRO E 46 19.57 -6.58 -35.41
CA PRO E 46 20.00 -5.84 -36.60
C PRO E 46 18.88 -4.96 -37.13
N GLY E 47 19.15 -3.66 -37.22
CA GLY E 47 18.13 -2.72 -37.62
C GLY E 47 17.23 -2.23 -36.50
N LYS E 48 17.36 -2.77 -35.30
CA LYS E 48 16.56 -2.40 -34.14
C LYS E 48 17.42 -1.66 -33.12
N GLY E 49 16.77 -1.18 -32.06
CA GLY E 49 17.44 -0.38 -31.05
C GLY E 49 18.03 -1.21 -29.93
N LEU E 50 18.68 -0.50 -29.00
CA LEU E 50 19.32 -1.15 -27.87
C LEU E 50 18.28 -1.66 -26.88
N GLU E 51 18.59 -2.81 -26.27
CA GLU E 51 17.71 -3.43 -25.29
C GLU E 51 18.54 -3.86 -24.09
N TRP E 52 18.28 -3.27 -22.93
CA TRP E 52 19.00 -3.66 -21.72
C TRP E 52 18.59 -5.07 -21.31
N LEU E 53 19.58 -5.89 -20.96
CA LEU E 53 19.37 -7.30 -20.66
C LEU E 53 19.56 -7.60 -19.18
N SER E 54 20.78 -7.47 -18.67
CA SER E 54 21.07 -7.86 -17.30
C SER E 54 22.32 -7.13 -16.82
N THR E 55 22.26 -6.62 -15.60
CA THR E 55 23.40 -5.98 -14.96
C THR E 55 23.67 -6.65 -13.63
N ILE E 56 24.95 -6.68 -13.24
CA ILE E 56 25.38 -7.33 -12.02
C ILE E 56 26.19 -6.34 -11.20
N SER E 57 26.10 -6.46 -9.87
CA SER E 57 26.82 -5.57 -8.99
C SER E 57 28.32 -5.88 -9.05
N GLY E 58 29.10 -5.07 -8.33
CA GLY E 58 30.55 -5.22 -8.37
C GLY E 58 31.01 -6.55 -7.79
N SER E 59 30.40 -6.97 -6.69
CA SER E 59 30.77 -8.22 -6.03
C SER E 59 29.86 -9.38 -6.40
N GLY E 60 28.91 -9.18 -7.30
CA GLY E 60 27.98 -10.23 -7.65
C GLY E 60 26.83 -10.42 -6.68
N GLY E 61 26.66 -9.51 -5.72
CA GLY E 61 25.57 -9.65 -4.77
C GLY E 61 24.21 -9.29 -5.35
N SER E 62 24.20 -8.40 -6.35
CA SER E 62 22.97 -7.97 -7.01
C SER E 62 22.96 -8.48 -8.44
N THR E 63 21.83 -9.06 -8.86
CA THR E 63 21.67 -9.55 -10.22
C THR E 63 20.32 -9.06 -10.73
N TYR E 64 20.35 -8.17 -11.72
CA TYR E 64 19.15 -7.64 -12.35
C TYR E 64 18.93 -8.31 -13.70
N TYR E 65 17.66 -8.44 -14.09
CA TYR E 65 17.33 -9.11 -15.34
C TYR E 65 16.10 -8.45 -15.95
N ALA E 66 16.07 -8.44 -17.29
CA ALA E 66 14.90 -7.96 -18.01
C ALA E 66 13.83 -9.04 -18.04
N ASP E 67 12.58 -8.61 -18.28
CA ASP E 67 11.46 -9.54 -18.27
C ASP E 67 11.56 -10.57 -19.39
N SER E 68 12.20 -10.21 -20.50
CA SER E 68 12.32 -11.14 -21.62
C SER E 68 13.36 -12.22 -21.37
N VAL E 69 14.43 -11.89 -20.64
CA VAL E 69 15.51 -12.83 -20.40
C VAL E 69 15.43 -13.51 -19.04
N LYS E 70 14.43 -13.17 -18.23
CA LYS E 70 14.29 -13.78 -16.91
C LYS E 70 14.01 -15.27 -17.03
N GLY E 71 14.55 -16.02 -16.07
CA GLY E 71 14.39 -17.47 -16.06
C GLY E 71 15.25 -18.22 -17.05
N ARG E 72 15.95 -17.52 -17.95
CA ARG E 72 16.80 -18.16 -18.94
C ARG E 72 18.25 -17.69 -18.85
N PHE E 73 18.48 -16.38 -18.89
CA PHE E 73 19.83 -15.85 -18.85
C PHE E 73 20.27 -15.69 -17.40
N THR E 74 21.53 -16.04 -17.13
CA THR E 74 22.11 -15.92 -15.79
C THR E 74 23.43 -15.19 -15.91
N ILE E 75 23.53 -14.05 -15.25
CA ILE E 75 24.75 -13.23 -15.30
C ILE E 75 25.67 -13.64 -14.15
N SER E 76 26.97 -13.61 -14.41
CA SER E 76 27.97 -13.91 -13.40
C SER E 76 29.29 -13.30 -13.84
N ARG E 77 30.17 -13.08 -12.87
CA ARG E 77 31.47 -12.47 -13.13
C ARG E 77 32.56 -13.24 -12.41
N ASP E 78 33.77 -13.17 -12.96
CA ASP E 78 34.96 -13.78 -12.37
C ASP E 78 35.93 -12.64 -12.05
N ASN E 79 35.82 -12.10 -10.83
CA ASN E 79 36.70 -11.00 -10.43
C ASN E 79 38.15 -11.44 -10.31
N SER E 80 38.40 -12.74 -10.18
CA SER E 80 39.78 -13.22 -10.13
C SER E 80 40.45 -13.23 -11.50
N LYS E 81 39.67 -13.27 -12.58
CA LYS E 81 40.20 -13.25 -13.94
C LYS E 81 39.70 -12.07 -14.76
N ASN E 82 39.03 -11.11 -14.12
CA ASN E 82 38.49 -9.93 -14.80
C ASN E 82 37.55 -10.32 -15.94
N MET E 83 36.80 -11.40 -15.74
CA MET E 83 35.90 -11.93 -16.76
C MET E 83 34.46 -11.63 -16.40
N LEU E 84 33.63 -11.49 -17.43
CA LEU E 84 32.22 -11.17 -17.29
C LEU E 84 31.43 -12.06 -18.23
N TYR E 85 30.60 -12.94 -17.67
CA TYR E 85 29.95 -14.00 -18.42
C TYR E 85 28.45 -13.76 -18.52
N LEU E 86 27.82 -14.51 -19.43
CA LEU E 86 26.37 -14.50 -19.60
C LEU E 86 25.96 -15.87 -20.10
N GLN E 87 25.27 -16.63 -19.26
CA GLN E 87 24.80 -17.97 -19.63
C GLN E 87 23.39 -17.87 -20.19
N MET E 88 23.23 -18.25 -21.46
CA MET E 88 21.96 -18.17 -22.16
C MET E 88 21.40 -19.56 -22.36
N ASN E 89 20.10 -19.73 -22.11
CA ASN E 89 19.43 -21.00 -22.23
C ASN E 89 18.07 -20.80 -22.88
N SER E 90 17.57 -21.87 -23.51
CA SER E 90 16.26 -21.87 -24.17
C SER E 90 16.14 -20.68 -25.14
N LEU E 91 17.15 -20.51 -25.98
CA LEU E 91 17.17 -19.40 -26.91
C LEU E 91 16.13 -19.57 -28.00
N THR E 92 15.51 -18.47 -28.40
CA THR E 92 14.61 -18.42 -29.54
C THR E 92 15.16 -17.43 -30.57
N ALA E 93 14.50 -17.38 -31.73
CA ALA E 93 14.95 -16.50 -32.80
C ALA E 93 14.93 -15.04 -32.39
N GLU E 94 14.04 -14.66 -31.46
CA GLU E 94 14.03 -13.28 -30.94
C GLU E 94 15.27 -12.95 -30.12
N ASP E 95 16.16 -13.92 -29.89
CA ASP E 95 17.43 -13.65 -29.24
C ASP E 95 18.58 -13.45 -30.22
N THR E 96 18.35 -13.70 -31.51
CA THR E 96 19.35 -13.43 -32.54
C THR E 96 19.65 -11.93 -32.58
N ALA E 97 20.71 -11.51 -31.91
CA ALA E 97 21.07 -10.10 -31.86
C ALA E 97 22.55 -9.97 -31.55
N LEU E 98 23.05 -8.74 -31.66
CA LEU E 98 24.42 -8.43 -31.29
C LEU E 98 24.45 -8.01 -29.83
N TYR E 99 25.34 -8.62 -29.05
CA TYR E 99 25.36 -8.46 -27.60
C TYR E 99 26.58 -7.66 -27.18
N TYR E 100 26.35 -6.53 -26.52
CA TYR E 100 27.40 -5.71 -25.93
C TYR E 100 27.53 -6.01 -24.44
N CYS E 101 28.73 -5.78 -23.91
CA CYS E 101 28.96 -5.74 -22.48
C CYS E 101 29.55 -4.39 -22.11
N THR E 102 29.02 -3.79 -21.05
CA THR E 102 29.41 -2.45 -20.65
C THR E 102 29.69 -2.39 -19.16
N LYS E 103 30.22 -1.25 -18.73
CA LYS E 103 30.45 -0.97 -17.32
C LYS E 103 29.90 0.41 -17.00
N ASP E 104 29.62 0.63 -15.71
CA ASP E 104 29.21 1.96 -15.27
C ASP E 104 30.37 2.93 -15.40
N LYS E 105 30.04 4.20 -15.63
CA LYS E 105 31.08 5.22 -15.71
C LYS E 105 31.78 5.40 -14.36
N ASP E 106 31.04 5.27 -13.27
CA ASP E 106 31.58 5.34 -11.92
C ASP E 106 31.39 4.01 -11.22
N GLU E 107 32.16 3.78 -10.17
CA GLU E 107 32.09 2.52 -9.44
C GLU E 107 31.03 2.60 -8.34
N TYR E 108 30.54 1.42 -7.95
CA TYR E 108 29.55 1.26 -6.87
C TYR E 108 28.28 2.05 -7.18
N THR E 109 27.67 1.72 -8.32
CA THR E 109 26.44 2.36 -8.76
C THR E 109 25.35 1.36 -9.15
N PHE E 110 25.69 0.11 -9.43
CA PHE E 110 24.72 -0.96 -9.69
C PHE E 110 23.88 -0.68 -10.94
N GLY E 111 24.49 -0.06 -11.94
CA GLY E 111 23.82 0.19 -13.21
C GLY E 111 23.04 1.48 -13.28
N HIS E 112 22.92 2.22 -12.18
CA HIS E 112 22.21 3.49 -12.15
C HIS E 112 23.14 4.64 -12.56
N ASN E 113 23.77 4.49 -13.71
CA ASN E 113 24.77 5.45 -14.15
C ASN E 113 24.86 5.38 -15.67
N ALA E 114 25.65 6.30 -16.23
CA ALA E 114 25.93 6.28 -17.66
C ALA E 114 26.89 5.14 -17.99
N PHE E 115 26.79 4.66 -19.23
CA PHE E 115 27.64 3.57 -19.72
C PHE E 115 28.68 4.18 -20.64
N ASP E 116 29.86 4.45 -20.09
CA ASP E 116 30.88 5.21 -20.81
C ASP E 116 31.74 4.35 -21.73
N VAL E 117 31.86 3.05 -21.46
CA VAL E 117 32.68 2.16 -22.26
C VAL E 117 31.80 1.02 -22.77
N TRP E 118 31.98 0.66 -24.03
CA TRP E 118 31.18 -0.38 -24.69
C TRP E 118 32.10 -1.34 -25.42
N GLY E 119 31.86 -2.63 -25.26
CA GLY E 119 32.53 -3.61 -26.10
C GLY E 119 32.06 -3.53 -27.53
N GLN E 120 32.88 -4.08 -28.43
CA GLN E 120 32.54 -4.06 -29.85
C GLN E 120 31.34 -4.94 -30.17
N GLY E 121 30.97 -5.84 -29.28
CA GLY E 121 29.79 -6.65 -29.45
C GLY E 121 30.03 -7.97 -30.17
N THR E 122 29.38 -9.02 -29.71
CA THR E 122 29.47 -10.35 -30.32
C THR E 122 28.09 -10.78 -30.78
N MET E 123 28.03 -11.43 -31.94
CA MET E 123 26.77 -11.80 -32.57
C MET E 123 26.35 -13.20 -32.18
N VAL E 124 25.06 -13.36 -31.89
CA VAL E 124 24.46 -14.66 -31.57
C VAL E 124 23.41 -14.96 -32.63
N THR E 125 23.54 -16.12 -33.28
CA THR E 125 22.63 -16.56 -34.33
C THR E 125 21.93 -17.84 -33.87
N VAL E 126 20.61 -17.80 -33.78
CA VAL E 126 19.81 -18.96 -33.36
C VAL E 126 18.97 -19.37 -34.57
N SER E 127 19.35 -20.47 -35.20
CA SER E 127 18.65 -20.96 -36.39
C SER E 127 18.72 -22.48 -36.42
N SER E 128 17.73 -23.09 -37.06
CA SER E 128 17.70 -24.53 -37.24
C SER E 128 18.65 -25.02 -38.32
N ALA E 129 19.23 -24.11 -39.09
CA ALA E 129 20.12 -24.48 -40.18
C ALA E 129 21.49 -24.90 -39.64
N SER E 130 22.26 -25.58 -40.48
CA SER E 130 23.57 -26.09 -40.14
C SER E 130 24.65 -25.24 -40.80
N THR E 131 25.87 -25.35 -40.28
CA THR E 131 26.98 -24.59 -40.80
C THR E 131 27.41 -25.11 -42.17
N LYS E 132 28.13 -24.26 -42.90
CA LYS E 132 28.56 -24.59 -44.25
C LYS E 132 29.85 -23.86 -44.56
N GLY E 133 30.79 -24.57 -45.18
CA GLY E 133 32.06 -24.00 -45.55
C GLY E 133 32.03 -23.28 -46.88
N PRO E 134 32.49 -22.03 -46.88
CA PRO E 134 32.44 -21.24 -48.12
C PRO E 134 33.42 -21.72 -49.16
N SER E 135 33.06 -21.51 -50.42
CA SER E 135 33.94 -21.74 -51.55
C SER E 135 34.51 -20.41 -52.03
N VAL E 136 35.81 -20.38 -52.28
CA VAL E 136 36.51 -19.18 -52.72
C VAL E 136 36.76 -19.27 -54.21
N PHE E 137 36.42 -18.21 -54.94
CA PHE E 137 36.58 -18.15 -56.38
C PHE E 137 37.31 -16.85 -56.75
N PRO E 138 38.38 -16.93 -57.53
CA PRO E 138 39.07 -15.70 -57.94
C PRO E 138 38.34 -15.01 -59.09
N LEU E 139 38.35 -13.67 -59.05
CA LEU E 139 37.70 -12.85 -60.05
C LEU E 139 38.75 -11.94 -60.70
N ALA E 140 38.94 -12.10 -62.00
CA ALA E 140 39.91 -11.30 -62.74
C ALA E 140 39.52 -11.19 -64.20
N LEU E 153 40.48 -6.84 -59.73
CA LEU E 153 40.94 -7.99 -58.94
C LEU E 153 40.09 -8.15 -57.69
N GLY E 154 39.62 -9.37 -57.45
CA GLY E 154 38.78 -9.63 -56.29
C GLY E 154 38.60 -11.10 -56.06
N CYS E 155 38.11 -11.42 -54.86
CA CYS E 155 37.82 -12.78 -54.46
C CYS E 155 36.32 -12.93 -54.18
N LEU E 156 35.81 -14.12 -54.46
CA LEU E 156 34.37 -14.41 -54.32
C LEU E 156 34.19 -15.46 -53.24
N VAL E 157 33.44 -15.10 -52.19
CA VAL E 157 33.10 -16.01 -51.11
C VAL E 157 31.64 -16.37 -51.27
N LYS E 158 31.36 -17.61 -51.67
CA LYS E 158 30.02 -18.04 -52.02
C LYS E 158 29.57 -19.20 -51.17
N ASP E 159 28.26 -19.25 -50.91
CA ASP E 159 27.60 -20.35 -50.22
C ASP E 159 28.23 -20.67 -48.86
N TYR E 160 27.86 -19.90 -47.84
CA TYR E 160 28.30 -20.21 -46.49
C TYR E 160 27.24 -19.76 -45.50
N PHE E 161 27.30 -20.35 -44.30
CA PHE E 161 26.38 -20.04 -43.22
C PHE E 161 27.00 -20.51 -41.92
N PRO E 162 26.96 -19.71 -40.86
CA PRO E 162 26.41 -18.36 -40.86
C PRO E 162 27.48 -17.28 -40.97
N GLU E 163 27.10 -16.04 -40.68
CA GLU E 163 28.05 -14.94 -40.61
C GLU E 163 29.01 -15.19 -39.44
N PRO E 164 30.25 -14.68 -39.53
CA PRO E 164 30.87 -13.98 -40.66
C PRO E 164 32.08 -14.69 -41.26
N VAL E 165 32.66 -14.08 -42.29
CA VAL E 165 33.97 -14.46 -42.81
C VAL E 165 34.84 -13.20 -42.85
N THR E 166 36.14 -13.39 -42.70
CA THR E 166 37.11 -12.30 -42.72
C THR E 166 38.02 -12.46 -43.93
N VAL E 167 38.15 -11.39 -44.70
CA VAL E 167 38.92 -11.41 -45.94
C VAL E 167 40.15 -10.54 -45.76
N SER E 168 41.32 -11.07 -46.13
CA SER E 168 42.58 -10.35 -46.10
C SER E 168 43.37 -10.67 -47.36
N TRP E 169 44.18 -9.70 -47.79
CA TRP E 169 44.95 -9.82 -49.01
C TRP E 169 46.44 -9.82 -48.70
N ASN E 170 47.16 -10.79 -49.28
CA ASN E 170 48.61 -10.89 -49.15
C ASN E 170 49.04 -10.97 -47.68
N SER E 171 48.32 -11.79 -46.92
CA SER E 171 48.60 -12.00 -45.49
C SER E 171 48.55 -10.68 -44.72
N GLY E 172 47.58 -9.83 -45.07
CA GLY E 172 47.42 -8.55 -44.41
C GLY E 172 48.39 -7.48 -44.83
N ALA E 173 49.31 -7.77 -45.76
CA ALA E 173 50.26 -6.78 -46.22
C ALA E 173 49.72 -5.89 -47.33
N LEU E 174 48.51 -6.17 -47.81
CA LEU E 174 47.87 -5.39 -48.87
C LEU E 174 46.49 -4.95 -48.36
N THR E 175 46.28 -3.62 -48.27
CA THR E 175 45.02 -3.10 -47.78
C THR E 175 44.75 -1.67 -48.24
N SER E 176 45.39 -1.21 -49.31
CA SER E 176 45.20 0.16 -49.76
C SER E 176 43.85 0.34 -50.46
N GLY E 177 43.55 -0.52 -51.43
CA GLY E 177 42.31 -0.38 -52.19
C GLY E 177 41.35 -1.53 -51.99
N VAL E 178 41.52 -2.29 -50.91
CA VAL E 178 40.64 -3.43 -50.65
C VAL E 178 39.29 -2.94 -50.18
N HIS E 179 38.23 -3.57 -50.70
CA HIS E 179 36.86 -3.22 -50.34
C HIS E 179 36.06 -4.51 -50.15
N THR E 180 35.62 -4.75 -48.92
CA THR E 180 34.82 -5.92 -48.60
C THR E 180 33.34 -5.53 -48.57
N PHE E 181 32.54 -6.18 -49.43
CA PHE E 181 31.12 -5.89 -49.53
C PHE E 181 30.33 -6.74 -48.52
N PRO E 182 29.24 -6.19 -47.99
CA PRO E 182 28.37 -6.98 -47.12
C PRO E 182 27.78 -8.17 -47.86
N ALA E 183 27.60 -9.26 -47.14
CA ALA E 183 27.13 -10.50 -47.76
C ALA E 183 25.66 -10.41 -48.15
N VAL E 184 25.28 -11.24 -49.11
CA VAL E 184 23.88 -11.36 -49.54
C VAL E 184 23.32 -12.64 -48.96
N LEU E 185 22.08 -12.57 -48.47
CA LEU E 185 21.39 -13.73 -47.90
C LEU E 185 20.47 -14.30 -48.98
N GLN E 186 20.92 -15.37 -49.63
CA GLN E 186 20.13 -16.00 -50.67
C GLN E 186 18.89 -16.68 -50.06
N SER E 187 17.95 -17.04 -50.94
CA SER E 187 16.74 -17.71 -50.50
C SER E 187 17.03 -19.08 -49.89
N SER E 188 18.20 -19.65 -50.17
CA SER E 188 18.60 -20.91 -49.55
C SER E 188 19.13 -20.73 -48.14
N GLY E 189 19.27 -19.50 -47.66
CA GLY E 189 19.81 -19.24 -46.34
C GLY E 189 21.33 -19.20 -46.28
N LEU E 190 22.01 -19.37 -47.41
CA LEU E 190 23.47 -19.36 -47.45
C LEU E 190 23.96 -17.97 -47.85
N TYR E 191 24.91 -17.44 -47.08
CA TYR E 191 25.46 -16.13 -47.37
C TYR E 191 26.43 -16.20 -48.55
N SER E 192 26.70 -15.02 -49.13
CA SER E 192 27.66 -14.92 -50.22
C SER E 192 28.13 -13.47 -50.30
N LEU E 193 29.45 -13.27 -50.43
CA LEU E 193 29.99 -11.93 -50.56
C LEU E 193 31.19 -11.97 -51.48
N SER E 194 31.58 -10.78 -51.96
CA SER E 194 32.74 -10.62 -52.81
C SER E 194 33.52 -9.39 -52.35
N SER E 195 34.84 -9.52 -52.32
CA SER E 195 35.73 -8.43 -51.95
C SER E 195 36.67 -8.15 -53.11
N VAL E 196 36.69 -6.89 -53.57
CA VAL E 196 37.54 -6.48 -54.68
C VAL E 196 38.54 -5.44 -54.20
N VAL E 197 39.64 -5.34 -54.92
CA VAL E 197 40.73 -4.43 -54.58
C VAL E 197 41.06 -3.58 -55.80
N THR E 198 41.24 -2.28 -55.58
CA THR E 198 41.66 -1.36 -56.62
C THR E 198 43.18 -1.32 -56.68
N VAL E 199 43.73 -1.76 -57.82
CA VAL E 199 45.18 -1.87 -57.97
C VAL E 199 45.60 -1.20 -59.29
N PRO E 200 46.70 -0.45 -59.30
CA PRO E 200 47.16 0.15 -60.56
C PRO E 200 47.45 -0.91 -61.62
N SER E 201 47.02 -0.63 -62.85
CA SER E 201 47.22 -1.55 -63.96
C SER E 201 48.69 -1.64 -64.35
N ILE E 210 46.85 -12.65 -53.95
CA ILE E 210 46.15 -13.74 -53.30
C ILE E 210 45.40 -13.24 -52.08
N CYS E 211 44.22 -13.79 -51.84
CA CYS E 211 43.38 -13.43 -50.71
C CYS E 211 43.30 -14.57 -49.72
N ASN E 212 43.09 -14.23 -48.45
CA ASN E 212 42.99 -15.20 -47.36
C ASN E 212 41.60 -15.10 -46.76
N VAL E 213 40.80 -16.15 -46.94
CA VAL E 213 39.43 -16.21 -46.44
C VAL E 213 39.41 -17.08 -45.19
N ASN E 214 38.71 -16.60 -44.16
CA ASN E 214 38.63 -17.29 -42.88
C ASN E 214 37.17 -17.40 -42.46
N HIS E 215 36.66 -18.63 -42.40
CA HIS E 215 35.32 -18.91 -41.87
C HIS E 215 35.50 -19.84 -40.66
N LYS E 216 35.59 -19.24 -39.49
CA LYS E 216 35.75 -20.02 -38.26
C LYS E 216 34.57 -20.94 -37.95
N PRO E 217 33.30 -20.55 -38.18
CA PRO E 217 32.20 -21.48 -37.87
C PRO E 217 32.32 -22.84 -38.53
N SER E 218 32.76 -22.90 -39.78
CA SER E 218 32.91 -24.17 -40.49
C SER E 218 34.36 -24.66 -40.54
N ASN E 219 35.30 -23.91 -39.96
CA ASN E 219 36.71 -24.29 -39.90
C ASN E 219 37.28 -24.52 -41.31
N THR E 220 37.18 -23.48 -42.15
CA THR E 220 37.70 -23.52 -43.50
C THR E 220 38.58 -22.29 -43.72
N LYS E 221 39.83 -22.51 -44.08
CA LYS E 221 40.77 -21.44 -44.41
C LYS E 221 41.33 -21.71 -45.79
N VAL E 222 41.13 -20.77 -46.71
CA VAL E 222 41.51 -20.94 -48.12
C VAL E 222 42.33 -19.74 -48.55
N ASP E 223 43.34 -19.99 -49.39
CA ASP E 223 44.13 -18.94 -50.02
C ASP E 223 44.07 -19.14 -51.53
N LYS E 224 43.42 -18.23 -52.23
CA LYS E 224 43.28 -18.29 -53.68
C LYS E 224 43.94 -17.07 -54.32
N LYS E 225 44.60 -17.29 -55.44
CA LYS E 225 45.31 -16.24 -56.17
C LYS E 225 44.55 -15.88 -57.43
N VAL E 226 44.55 -14.59 -57.77
CA VAL E 226 43.88 -14.11 -58.97
C VAL E 226 44.88 -13.44 -59.91
N TYR F 7 9.29 2.68 -16.90
CA TYR F 7 9.30 4.02 -17.48
C TYR F 7 9.42 3.94 -18.99
N GLU F 8 8.64 4.77 -19.69
CA GLU F 8 8.57 4.75 -21.15
C GLU F 8 9.27 5.99 -21.70
N LEU F 9 10.44 5.79 -22.30
CA LEU F 9 11.14 6.85 -23.01
C LEU F 9 10.73 6.81 -24.48
N THR F 10 10.11 7.89 -24.95
CA THR F 10 9.62 7.97 -26.32
C THR F 10 10.52 8.89 -27.14
N GLN F 11 11.07 8.35 -28.22
CA GLN F 11 11.89 9.11 -29.15
C GLN F 11 11.30 9.02 -30.55
N ALA F 12 11.50 10.10 -31.32
CA ALA F 12 11.04 10.11 -32.70
C ALA F 12 11.85 9.11 -33.53
N PRO F 13 11.28 8.63 -34.64
CA PRO F 13 12.05 7.71 -35.48
C PRO F 13 13.26 8.36 -36.15
N SER F 14 13.12 9.57 -36.67
CA SER F 14 14.21 10.21 -37.40
C SER F 14 14.11 11.72 -37.29
N VAL F 15 15.27 12.37 -37.38
CA VAL F 15 15.36 13.82 -37.45
C VAL F 15 16.17 14.20 -38.69
N SER F 16 15.70 15.21 -39.41
CA SER F 16 16.41 15.75 -40.57
C SER F 16 16.86 17.17 -40.26
N VAL F 17 18.14 17.43 -40.45
CA VAL F 17 18.74 18.73 -40.17
C VAL F 17 19.57 19.16 -41.37
N ALA F 18 19.76 20.47 -41.52
CA ALA F 18 20.58 20.95 -42.61
C ALA F 18 22.02 21.19 -42.15
N PRO F 19 22.98 21.00 -43.04
CA PRO F 19 24.39 21.24 -42.68
C PRO F 19 24.59 22.63 -42.09
N GLY F 20 25.34 22.68 -40.98
CA GLY F 20 25.59 23.91 -40.27
C GLY F 20 24.49 24.34 -39.31
N GLN F 21 23.29 23.80 -39.45
CA GLN F 21 22.18 24.16 -38.58
C GLN F 21 22.15 23.25 -37.35
N THR F 22 21.52 23.74 -36.29
CA THR F 22 21.46 23.01 -35.03
C THR F 22 20.42 21.89 -35.12
N ALA F 23 20.81 20.69 -34.69
CA ALA F 23 19.93 19.54 -34.66
C ALA F 23 19.48 19.29 -33.21
N ARG F 24 18.19 19.06 -33.03
CA ARG F 24 17.60 18.88 -31.70
C ARG F 24 16.90 17.52 -31.65
N ILE F 25 17.56 16.55 -31.03
CA ILE F 25 16.98 15.23 -30.81
C ILE F 25 16.34 15.20 -29.43
N THR F 26 15.10 14.70 -29.35
CA THR F 26 14.29 14.80 -28.16
C THR F 26 14.10 13.44 -27.50
N CYS F 27 13.95 13.47 -26.17
CA CYS F 27 13.66 12.29 -25.36
C CYS F 27 12.45 12.63 -24.50
N GLY F 28 11.42 11.78 -24.56
CA GLY F 28 10.15 12.05 -23.91
C GLY F 28 9.90 11.12 -22.73
N GLY F 29 9.18 11.63 -21.75
CA GLY F 29 8.88 10.87 -20.54
C GLY F 29 7.92 11.65 -19.66
N ASP F 30 7.40 10.95 -18.66
CA ASP F 30 6.37 11.54 -17.80
C ASP F 30 6.93 12.67 -16.95
N ASN F 31 8.11 12.48 -16.36
CA ASN F 31 8.73 13.50 -15.53
C ASN F 31 10.25 13.26 -15.58
N ILE F 32 10.86 13.61 -16.72
CA ILE F 32 12.28 13.34 -16.91
C ILE F 32 13.15 14.26 -16.09
N GLY F 33 12.65 15.44 -15.71
CA GLY F 33 13.45 16.38 -14.94
C GLY F 33 13.84 15.87 -13.56
N ARG F 34 13.14 14.84 -13.07
CA ARG F 34 13.46 14.24 -11.78
C ARG F 34 14.54 13.17 -11.87
N LYS F 35 15.08 12.91 -13.06
CA LYS F 35 16.05 11.86 -13.26
C LYS F 35 17.10 12.30 -14.28
N THR F 36 18.27 11.69 -14.19
CA THR F 36 19.40 12.04 -15.04
C THR F 36 19.35 11.27 -16.35
N VAL F 37 19.64 11.96 -17.45
CA VAL F 37 19.54 11.40 -18.80
C VAL F 37 20.95 11.25 -19.37
N ASN F 38 21.20 10.10 -19.99
CA ASN F 38 22.48 9.82 -20.65
C ASN F 38 22.22 9.61 -22.13
N TRP F 39 23.01 10.27 -22.97
CA TRP F 39 22.85 10.22 -24.42
C TRP F 39 24.00 9.44 -25.04
N TYR F 40 23.67 8.54 -25.96
CA TYR F 40 24.65 7.72 -26.66
C TYR F 40 24.53 7.92 -28.16
N GLN F 41 25.62 7.64 -28.86
CA GLN F 41 25.68 7.76 -30.32
C GLN F 41 26.15 6.43 -30.91
N GLN F 42 25.44 5.96 -31.92
CA GLN F 42 25.77 4.70 -32.59
C GLN F 42 25.88 4.96 -34.09
N LYS F 43 27.10 5.18 -34.56
CA LYS F 43 27.35 5.28 -35.99
C LYS F 43 27.18 3.92 -36.65
N PRO F 44 26.88 3.89 -37.95
CA PRO F 44 26.62 2.60 -38.61
C PRO F 44 27.76 1.62 -38.46
N GLY F 45 27.43 0.42 -38.01
CA GLY F 45 28.44 -0.61 -37.81
C GLY F 45 29.38 -0.37 -36.66
N GLN F 46 29.03 0.53 -35.75
CA GLN F 46 29.90 0.92 -34.65
C GLN F 46 29.20 0.68 -33.32
N ALA F 47 30.00 0.65 -32.25
CA ALA F 47 29.48 0.48 -30.91
C ALA F 47 29.02 1.83 -30.35
N PRO F 48 28.05 1.83 -29.44
CA PRO F 48 27.61 3.10 -28.85
C PRO F 48 28.73 3.82 -28.12
N VAL F 49 28.66 5.15 -28.13
CA VAL F 49 29.66 6.01 -27.50
C VAL F 49 28.92 7.03 -26.65
N LEU F 50 29.31 7.14 -25.38
CA LEU F 50 28.70 8.12 -24.48
C LEU F 50 29.04 9.53 -24.93
N VAL F 51 28.02 10.31 -25.27
CA VAL F 51 28.20 11.66 -25.76
C VAL F 51 27.78 12.71 -24.72
N ILE F 52 26.68 12.47 -24.02
CA ILE F 52 26.19 13.38 -22.98
C ILE F 52 25.67 12.54 -21.82
N TYR F 53 26.18 12.82 -20.62
CA TYR F 53 25.74 12.14 -19.41
C TYR F 53 25.24 13.16 -18.40
N TYR F 54 24.30 12.74 -17.57
CA TYR F 54 23.68 13.58 -16.54
C TYR F 54 23.16 14.89 -17.15
N ASP F 55 22.28 14.73 -18.14
CA ASP F 55 21.58 15.84 -18.77
C ASP F 55 22.50 16.79 -19.53
N ASN F 56 23.46 17.39 -18.85
CA ASN F 56 24.24 18.47 -19.44
C ASN F 56 25.75 18.31 -19.37
N ASP F 57 26.26 17.23 -18.78
CA ASP F 57 27.69 17.01 -18.69
C ASP F 57 28.23 16.37 -19.96
N ARG F 58 29.46 16.74 -20.31
CA ARG F 58 30.09 16.29 -21.55
C ARG F 58 31.40 15.57 -21.22
N PRO F 59 31.57 14.32 -21.64
CA PRO F 59 32.86 13.64 -21.43
C PRO F 59 33.95 14.26 -22.27
N SER F 60 35.19 14.01 -21.84
CA SER F 60 36.35 14.49 -22.59
C SER F 60 36.46 13.74 -23.92
N GLY F 61 36.96 14.45 -24.93
CA GLY F 61 37.03 13.90 -26.27
C GLY F 61 35.77 14.06 -27.09
N ILE F 62 34.66 14.46 -26.47
CA ILE F 62 33.41 14.70 -27.18
C ILE F 62 33.40 16.16 -27.63
N PRO F 63 33.06 16.46 -28.88
CA PRO F 63 33.04 17.86 -29.33
C PRO F 63 32.08 18.70 -28.49
N GLU F 64 32.47 19.94 -28.25
CA GLU F 64 31.67 20.85 -27.43
C GLU F 64 30.34 21.21 -28.07
N ARG F 65 30.15 20.89 -29.35
CA ARG F 65 28.88 21.16 -30.00
C ARG F 65 27.74 20.31 -29.43
N PHE F 66 28.07 19.22 -28.75
CA PHE F 66 27.06 18.35 -28.15
C PHE F 66 26.70 18.89 -26.77
N SER F 67 25.44 19.27 -26.59
CA SER F 67 24.94 19.77 -25.33
C SER F 67 23.59 19.11 -25.03
N GLY F 68 23.13 19.28 -23.80
CA GLY F 68 21.87 18.70 -23.40
C GLY F 68 21.20 19.50 -22.31
N SER F 69 19.87 19.35 -22.25
CA SER F 69 19.07 20.02 -21.23
C SER F 69 17.89 19.11 -20.88
N ASN F 70 17.49 19.15 -19.61
CA ASN F 70 16.42 18.29 -19.11
C ASN F 70 15.40 19.16 -18.37
N SER F 71 14.22 19.31 -18.97
CA SER F 71 13.13 20.06 -18.37
C SER F 71 12.10 19.08 -17.77
N GLY F 72 10.86 19.53 -17.61
CA GLY F 72 9.83 18.73 -16.98
C GLY F 72 9.54 17.42 -17.67
N ASN F 73 9.01 17.48 -18.89
CA ASN F 73 8.61 16.29 -19.64
C ASN F 73 9.46 16.05 -20.88
N MET F 74 10.54 16.81 -21.07
CA MET F 74 11.31 16.70 -22.30
C MET F 74 12.78 16.93 -22.01
N ALA F 75 13.62 15.98 -22.43
CA ALA F 75 15.07 16.11 -22.40
C ALA F 75 15.56 16.10 -23.85
N THR F 76 16.24 17.17 -24.25
CA THR F 76 16.62 17.36 -25.65
C THR F 76 18.13 17.41 -25.78
N LEU F 77 18.64 16.73 -26.81
CA LEU F 77 20.06 16.73 -27.14
C LEU F 77 20.28 17.68 -28.32
N SER F 78 21.15 18.67 -28.13
CA SER F 78 21.40 19.71 -29.12
C SER F 78 22.77 19.48 -29.75
N ILE F 79 22.81 19.52 -31.08
CA ILE F 79 24.06 19.38 -31.84
C ILE F 79 24.16 20.60 -32.73
N SER F 80 24.88 21.63 -32.26
CA SER F 80 25.09 22.83 -33.05
C SER F 80 26.21 22.63 -34.05
N ARG F 81 26.15 23.38 -35.15
CA ARG F 81 27.14 23.30 -36.23
C ARG F 81 27.34 21.86 -36.68
N VAL F 82 26.22 21.20 -36.98
CA VAL F 82 26.25 19.78 -37.30
C VAL F 82 27.04 19.55 -38.60
N GLU F 83 27.67 18.39 -38.69
CA GLU F 83 28.48 18.00 -39.83
C GLU F 83 27.86 16.77 -40.50
N VAL F 84 28.53 16.28 -41.54
CA VAL F 84 28.10 15.05 -42.18
C VAL F 84 28.49 13.84 -41.33
N GLY F 85 29.59 13.92 -40.60
CA GLY F 85 30.02 12.82 -39.75
C GLY F 85 29.14 12.58 -38.54
N ASP F 86 28.26 13.52 -38.22
CA ASP F 86 27.35 13.34 -37.09
C ASP F 86 26.20 12.40 -37.38
N GLU F 87 26.06 11.95 -38.62
CA GLU F 87 25.01 11.01 -38.98
C GLU F 87 25.18 9.71 -38.21
N ALA F 88 24.23 9.40 -37.34
CA ALA F 88 24.27 8.19 -36.52
C ALA F 88 22.89 8.01 -35.90
N ASP F 89 22.76 7.03 -35.02
CA ASP F 89 21.54 6.79 -34.25
C ASP F 89 21.80 7.16 -32.80
N TYR F 90 20.95 8.03 -32.25
CA TYR F 90 21.12 8.58 -30.92
C TYR F 90 20.09 7.98 -29.97
N TYR F 91 20.52 7.69 -28.75
CA TYR F 91 19.67 7.06 -27.74
C TYR F 91 19.78 7.83 -26.44
N CYS F 92 18.66 7.89 -25.71
CA CYS F 92 18.65 8.38 -24.34
C CYS F 92 18.36 7.23 -23.39
N GLN F 93 19.06 7.20 -22.26
CA GLN F 93 18.96 6.11 -21.31
C GLN F 93 18.81 6.67 -19.90
N VAL F 94 17.80 6.20 -19.18
CA VAL F 94 17.53 6.61 -17.80
C VAL F 94 17.34 5.35 -16.97
N TRP F 95 17.24 5.54 -15.66
CA TRP F 95 17.11 4.46 -14.69
C TRP F 95 15.66 4.35 -14.24
N ASP F 96 15.03 3.21 -14.55
CA ASP F 96 13.65 2.98 -14.17
C ASP F 96 13.56 2.87 -12.65
N SER F 97 12.86 3.81 -12.02
CA SER F 97 12.82 3.87 -10.57
C SER F 97 11.94 2.76 -9.99
N ASN F 98 10.83 2.45 -10.66
CA ASN F 98 9.86 1.52 -10.09
C ASN F 98 10.28 0.06 -10.24
N ASN F 99 11.05 -0.26 -11.28
CA ASN F 99 11.51 -1.62 -11.50
C ASN F 99 12.99 -1.81 -11.27
N ASP F 100 13.74 -0.73 -11.01
CA ASP F 100 15.15 -0.79 -10.64
C ASP F 100 16.01 -1.46 -11.72
N HIS F 101 16.04 -0.82 -12.89
CA HIS F 101 16.89 -1.27 -13.98
C HIS F 101 16.99 -0.19 -15.06
N PRO F 102 18.10 -0.15 -15.80
CA PRO F 102 18.22 0.86 -16.87
C PRO F 102 17.24 0.58 -18.00
N VAL F 103 16.87 1.64 -18.71
CA VAL F 103 15.97 1.55 -19.85
C VAL F 103 16.45 2.52 -20.93
N PHE F 104 16.43 2.05 -22.17
CA PHE F 104 16.87 2.83 -23.31
C PHE F 104 15.68 3.32 -24.12
N GLY F 105 15.91 4.39 -24.88
CA GLY F 105 14.88 4.90 -25.77
C GLY F 105 14.82 4.11 -27.07
N GLY F 106 13.79 4.42 -27.86
CA GLY F 106 13.61 3.75 -29.14
C GLY F 106 14.67 4.08 -30.17
N GLY F 107 15.40 5.17 -29.96
CA GLY F 107 16.44 5.55 -30.92
C GLY F 107 15.92 6.51 -31.97
N THR F 108 16.82 7.38 -32.43
CA THR F 108 16.48 8.38 -33.43
C THR F 108 17.60 8.47 -34.44
N LYS F 109 17.25 8.36 -35.73
CA LYS F 109 18.22 8.43 -36.80
C LYS F 109 18.36 9.87 -37.29
N LEU F 110 19.57 10.40 -37.24
CA LEU F 110 19.85 11.77 -37.66
C LEU F 110 20.46 11.75 -39.06
N THR F 111 19.77 12.35 -40.02
CA THR F 111 20.25 12.48 -41.39
C THR F 111 20.34 13.95 -41.75
N VAL F 112 21.51 14.38 -42.22
CA VAL F 112 21.68 15.73 -42.72
C VAL F 112 21.32 15.76 -44.20
N VAL F 113 20.50 16.73 -44.59
CA VAL F 113 19.97 16.83 -45.95
C VAL F 113 20.62 18.01 -46.64
N GLY F 114 21.23 17.74 -47.80
CA GLY F 114 21.91 18.78 -48.56
C GLY F 114 23.16 18.29 -49.24
N GLN F 115 23.39 16.98 -49.20
CA GLN F 115 24.55 16.40 -49.85
C GLN F 115 24.28 16.15 -51.32
N PRO F 116 25.30 16.22 -52.17
CA PRO F 116 25.09 16.06 -53.61
C PRO F 116 24.65 14.65 -53.97
N LYS F 117 23.97 14.56 -55.11
CA LYS F 117 23.48 13.29 -55.64
C LYS F 117 24.60 12.64 -56.44
N ALA F 118 25.46 11.91 -55.75
CA ALA F 118 26.61 11.30 -56.39
C ALA F 118 26.22 10.04 -57.17
N ALA F 119 26.84 9.87 -58.33
CA ALA F 119 26.63 8.69 -59.16
C ALA F 119 27.35 7.49 -58.58
N PRO F 120 26.87 6.28 -58.86
CA PRO F 120 27.51 5.08 -58.32
C PRO F 120 28.59 4.50 -59.22
N SER F 121 29.62 3.96 -58.56
CA SER F 121 30.61 3.15 -59.27
C SER F 121 30.05 1.75 -59.51
N VAL F 122 30.64 1.06 -60.49
CA VAL F 122 30.16 -0.27 -60.84
C VAL F 122 31.24 -1.05 -61.59
N THR F 123 31.53 -2.26 -61.11
CA THR F 123 32.42 -3.18 -61.79
C THR F 123 31.74 -4.54 -61.89
N LEU F 124 31.89 -5.19 -63.04
CA LEU F 124 31.30 -6.49 -63.30
C LEU F 124 32.38 -7.56 -63.40
N PHE F 125 32.00 -8.79 -63.08
CA PHE F 125 32.93 -9.91 -63.15
C PHE F 125 32.24 -11.13 -63.77
N PRO F 126 32.80 -11.70 -64.83
CA PRO F 126 32.21 -12.90 -65.42
C PRO F 126 32.42 -14.11 -64.52
N PRO F 127 31.67 -15.18 -64.72
CA PRO F 127 31.91 -16.41 -63.95
C PRO F 127 33.33 -16.90 -64.14
N SER F 128 34.00 -17.18 -63.03
CA SER F 128 35.39 -17.60 -63.08
C SER F 128 35.53 -18.96 -63.77
N SER F 129 36.70 -19.17 -64.38
CA SER F 129 36.96 -20.44 -65.05
C SER F 129 37.01 -21.59 -64.06
N GLU F 130 37.37 -21.32 -62.80
CA GLU F 130 37.40 -22.37 -61.79
C GLU F 130 35.99 -22.77 -61.36
N GLU F 131 35.12 -21.78 -61.15
CA GLU F 131 33.73 -22.07 -60.83
C GLU F 131 33.02 -22.68 -62.02
N LEU F 132 33.30 -22.18 -63.24
CA LEU F 132 32.71 -22.76 -64.44
C LEU F 132 33.19 -24.19 -64.66
N GLN F 133 34.42 -24.50 -64.25
CA GLN F 133 34.90 -25.87 -64.35
C GLN F 133 34.18 -26.80 -63.39
N ALA F 134 33.54 -26.26 -62.36
CA ALA F 134 32.73 -27.04 -61.43
C ALA F 134 31.25 -27.01 -61.76
N ASN F 135 30.91 -26.67 -63.00
CA ASN F 135 29.52 -26.62 -63.48
C ASN F 135 28.68 -25.64 -62.64
N LYS F 136 29.20 -24.43 -62.49
CA LYS F 136 28.50 -23.38 -61.76
C LYS F 136 28.86 -22.03 -62.35
N ALA F 137 27.88 -21.13 -62.36
CA ALA F 137 28.06 -19.79 -62.93
C ALA F 137 27.46 -18.76 -61.98
N THR F 138 28.22 -17.70 -61.70
CA THR F 138 27.79 -16.64 -60.82
C THR F 138 28.31 -15.31 -61.34
N LEU F 139 27.40 -14.38 -61.63
CA LEU F 139 27.77 -13.04 -62.08
C LEU F 139 27.68 -12.08 -60.90
N VAL F 140 28.71 -11.25 -60.73
CA VAL F 140 28.83 -10.36 -59.59
C VAL F 140 28.69 -8.92 -60.10
N CYS F 141 27.70 -8.21 -59.58
CA CYS F 141 27.46 -6.81 -59.90
C CYS F 141 27.60 -5.99 -58.63
N LEU F 142 28.60 -5.13 -58.57
CA LEU F 142 28.94 -4.38 -57.37
C LEU F 142 28.79 -2.88 -57.62
N ILE F 143 28.01 -2.23 -56.78
CA ILE F 143 27.82 -0.79 -56.83
C ILE F 143 28.32 -0.17 -55.54
N SER F 144 28.90 1.02 -55.63
CA SER F 144 29.46 1.67 -54.46
C SER F 144 29.59 3.17 -54.72
N ASP F 145 29.80 3.91 -53.63
CA ASP F 145 30.09 5.35 -53.68
C ASP F 145 28.94 6.14 -54.33
N PHE F 146 27.73 5.92 -53.83
CA PHE F 146 26.56 6.66 -54.29
C PHE F 146 25.79 7.20 -53.10
N TYR F 147 24.94 8.18 -53.37
CA TYR F 147 24.16 8.85 -52.33
C TYR F 147 23.02 9.62 -52.99
N PRO F 148 21.79 9.54 -52.45
CA PRO F 148 21.38 8.70 -51.33
C PRO F 148 21.33 7.21 -51.68
N GLY F 149 21.17 6.36 -50.66
CA GLY F 149 21.20 4.93 -50.88
C GLY F 149 19.88 4.33 -51.31
N ALA F 150 19.57 4.45 -52.60
CA ALA F 150 18.33 3.88 -53.13
C ALA F 150 18.52 3.67 -54.63
N VAL F 151 18.91 2.46 -55.02
CA VAL F 151 19.14 2.11 -56.41
C VAL F 151 18.26 0.92 -56.77
N THR F 152 18.21 0.62 -58.08
CA THR F 152 17.44 -0.50 -58.60
C THR F 152 18.33 -1.29 -59.56
N VAL F 153 18.60 -2.54 -59.21
CA VAL F 153 19.46 -3.40 -60.01
C VAL F 153 18.62 -4.23 -60.96
N ALA F 154 19.27 -4.74 -62.00
CA ALA F 154 18.58 -5.58 -62.99
C ALA F 154 19.52 -6.67 -63.52
N GLY F 165 16.59 -15.73 -60.84
CA GLY F 165 17.75 -16.18 -60.08
C GLY F 165 18.75 -15.07 -59.79
N VAL F 166 18.23 -13.95 -59.32
CA VAL F 166 19.06 -12.78 -59.00
C VAL F 166 18.87 -12.45 -57.53
N GLU F 167 19.98 -12.32 -56.80
CA GLU F 167 19.97 -11.95 -55.40
C GLU F 167 20.66 -10.61 -55.24
N THR F 168 20.02 -9.68 -54.53
CA THR F 168 20.51 -8.32 -54.37
C THR F 168 20.48 -7.94 -52.89
N THR F 169 21.49 -7.19 -52.47
CA THR F 169 21.61 -6.75 -51.09
C THR F 169 20.99 -5.37 -50.90
N THR F 170 20.86 -4.98 -49.64
CA THR F 170 20.41 -3.66 -49.23
C THR F 170 21.60 -2.71 -49.11
N PRO F 171 21.44 -1.44 -49.44
CA PRO F 171 22.59 -0.51 -49.43
C PRO F 171 23.11 -0.30 -48.02
N SER F 172 24.43 -0.39 -47.86
CA SER F 172 25.10 -0.21 -46.59
C SER F 172 26.03 0.99 -46.67
N LYS F 173 25.93 1.87 -45.68
CA LYS F 173 26.75 3.09 -45.68
C LYS F 173 28.22 2.74 -45.47
N GLN F 174 29.07 3.33 -46.31
CA GLN F 174 30.50 3.08 -46.24
C GLN F 174 31.18 4.13 -45.36
N SER F 175 32.51 4.03 -45.24
CA SER F 175 33.27 4.98 -44.44
C SER F 175 33.37 6.34 -45.10
N ASN F 176 33.13 6.43 -46.41
CA ASN F 176 33.13 7.70 -47.13
C ASN F 176 31.77 8.38 -47.12
N ASN F 177 30.93 8.05 -46.14
CA ASN F 177 29.56 8.57 -46.00
C ASN F 177 28.69 8.25 -47.22
N LYS F 178 29.13 7.35 -48.08
CA LYS F 178 28.35 6.90 -49.23
C LYS F 178 27.90 5.46 -49.02
N TYR F 179 27.04 5.00 -49.92
CA TYR F 179 26.45 3.67 -49.82
C TYR F 179 26.99 2.76 -50.90
N ALA F 180 26.99 1.46 -50.61
CA ALA F 180 27.44 0.44 -51.54
C ALA F 180 26.42 -0.69 -51.59
N ALA F 181 26.31 -1.31 -52.76
CA ALA F 181 25.35 -2.39 -52.99
C ALA F 181 26.04 -3.54 -53.70
N SER F 182 25.34 -4.67 -53.74
CA SER F 182 25.87 -5.87 -54.39
C SER F 182 24.71 -6.67 -54.95
N SER F 183 24.97 -7.35 -56.08
CA SER F 183 23.97 -8.18 -56.74
C SER F 183 24.65 -9.40 -57.32
N TYR F 184 23.96 -10.53 -57.27
CA TYR F 184 24.47 -11.80 -57.77
C TYR F 184 23.41 -12.49 -58.63
N LEU F 185 23.86 -13.10 -59.72
CA LEU F 185 22.98 -13.82 -60.64
C LEU F 185 23.55 -15.22 -60.85
N SER F 186 22.83 -16.24 -60.34
CA SER F 186 23.24 -17.62 -60.48
C SER F 186 22.54 -18.26 -61.67
N LEU F 187 23.32 -18.85 -62.58
CA LEU F 187 22.79 -19.50 -63.75
C LEU F 187 23.59 -20.77 -64.01
N THR F 188 23.24 -21.47 -65.08
CA THR F 188 23.92 -22.70 -65.45
C THR F 188 25.10 -22.42 -66.38
N TYR F 198 25.75 -10.68 -70.95
CA TYR F 198 24.82 -10.23 -69.91
C TYR F 198 25.14 -8.80 -69.47
N SER F 199 24.11 -8.08 -69.03
CA SER F 199 24.26 -6.68 -68.64
C SER F 199 23.56 -6.47 -67.30
N CYS F 200 24.25 -5.81 -66.38
CA CYS F 200 23.68 -5.42 -65.09
C CYS F 200 23.35 -3.94 -65.13
N GLN F 201 22.07 -3.61 -64.91
CA GLN F 201 21.58 -2.25 -64.98
C GLN F 201 21.34 -1.72 -63.57
N VAL F 202 22.21 -0.80 -63.13
CA VAL F 202 22.09 -0.15 -61.84
C VAL F 202 21.66 1.29 -62.08
N THR F 203 20.48 1.66 -61.57
CA THR F 203 19.88 2.95 -61.84
C THR F 203 19.80 3.75 -60.55
N HIS F 204 20.37 4.95 -60.56
CA HIS F 204 20.17 5.90 -59.48
C HIS F 204 18.99 6.79 -59.83
N GLU F 205 18.82 7.90 -59.11
CA GLU F 205 17.68 8.78 -59.38
C GLU F 205 17.83 9.47 -60.73
N GLY F 206 19.05 9.90 -61.07
CA GLY F 206 19.28 10.59 -62.32
C GLY F 206 19.17 9.70 -63.54
N SER F 207 20.20 8.88 -63.77
CA SER F 207 20.22 7.98 -64.92
C SER F 207 20.56 6.58 -64.42
N THR F 208 21.07 5.74 -65.32
CA THR F 208 21.37 4.34 -65.02
C THR F 208 22.76 4.01 -65.56
N VAL F 209 23.62 3.50 -64.68
CA VAL F 209 24.92 2.98 -65.06
C VAL F 209 24.75 1.52 -65.44
N GLU F 210 25.50 1.08 -66.45
CA GLU F 210 25.36 -0.29 -66.94
C GLU F 210 26.71 -0.80 -67.43
N LYS F 211 27.07 -2.00 -67.01
CA LYS F 211 28.27 -2.69 -67.47
C LYS F 211 27.88 -4.05 -68.02
N THR F 212 28.53 -4.43 -69.13
CA THR F 212 28.20 -5.66 -69.83
C THR F 212 29.43 -6.55 -69.90
N VAL F 213 29.27 -7.82 -69.55
CA VAL F 213 30.36 -8.77 -69.60
C VAL F 213 29.94 -10.01 -70.39
N ASN G 7 -25.36 -36.93 -61.73
CA ASN G 7 -24.86 -37.00 -60.36
C ASN G 7 -24.12 -38.32 -60.11
N THR G 8 -23.68 -38.95 -61.20
CA THR G 8 -22.97 -40.21 -61.10
C THR G 8 -21.51 -40.00 -60.72
N THR G 9 -20.87 -41.08 -60.29
CA THR G 9 -19.48 -41.06 -59.88
C THR G 9 -18.62 -41.70 -60.96
N ASP G 10 -17.52 -41.04 -61.32
CA ASP G 10 -16.64 -41.55 -62.36
C ASP G 10 -15.99 -42.87 -61.93
N ASN G 11 -15.20 -42.83 -60.87
CA ASN G 11 -14.50 -44.00 -60.37
C ASN G 11 -14.28 -43.85 -58.88
N ILE G 12 -13.54 -44.79 -58.29
CA ILE G 12 -13.18 -44.72 -56.88
C ILE G 12 -11.67 -44.90 -56.74
N ASP G 13 -10.92 -44.26 -57.64
CA ASP G 13 -9.46 -44.35 -57.62
C ASP G 13 -8.84 -43.67 -56.41
N TYR G 14 -9.59 -42.85 -55.68
CA TYR G 14 -9.03 -42.10 -54.56
C TYR G 14 -8.76 -42.98 -53.33
N PHE G 15 -9.21 -44.23 -53.34
CA PHE G 15 -8.98 -45.11 -52.20
C PHE G 15 -7.56 -45.67 -52.23
N ASP G 16 -6.92 -45.67 -51.06
CA ASP G 16 -5.62 -46.30 -50.89
C ASP G 16 -5.56 -46.94 -49.51
N ILE G 17 -4.54 -47.76 -49.30
CA ILE G 17 -4.38 -48.47 -48.03
C ILE G 17 -2.91 -48.76 -47.81
N SER G 18 -2.51 -48.81 -46.54
CA SER G 18 -1.16 -49.18 -46.14
C SER G 18 -1.23 -50.39 -45.21
N ASP G 19 -0.15 -51.16 -45.18
CA ASP G 19 -0.12 -52.36 -44.36
C ASP G 19 -0.14 -51.99 -42.87
N GLU G 20 -0.36 -53.00 -42.03
CA GLU G 20 -0.46 -52.78 -40.59
C GLU G 20 0.84 -52.26 -40.00
N SER G 21 1.97 -52.45 -40.69
CA SER G 21 3.24 -51.88 -40.27
C SER G 21 3.44 -50.46 -40.78
N ASN G 22 2.57 -49.99 -41.68
CA ASN G 22 2.64 -48.64 -42.24
C ASN G 22 3.99 -48.38 -42.91
N TYR G 23 4.52 -49.40 -43.57
CA TYR G 23 5.75 -49.27 -44.36
C TYR G 23 5.48 -49.06 -45.84
N TYR G 24 4.54 -49.81 -46.41
CA TYR G 24 4.20 -49.74 -47.83
C TYR G 24 2.79 -49.16 -47.98
N LEU G 25 2.66 -48.20 -48.88
CA LEU G 25 1.38 -47.57 -49.19
C LEU G 25 0.97 -47.99 -50.60
N ILE G 26 -0.17 -48.66 -50.72
CA ILE G 26 -0.62 -49.22 -51.98
C ILE G 26 -1.67 -48.30 -52.58
N SER G 27 -1.41 -47.82 -53.79
CA SER G 27 -2.34 -47.01 -54.55
C SER G 27 -2.84 -47.78 -55.77
N GLN G 28 -4.00 -47.36 -56.28
CA GLN G 28 -4.58 -48.03 -57.45
C GLN G 28 -3.98 -47.56 -58.76
N LEU G 29 -3.12 -46.55 -58.74
CA LEU G 29 -2.47 -46.04 -59.95
C LEU G 29 -1.09 -46.66 -60.09
N ARG G 30 -0.73 -47.02 -61.31
CA ARG G 30 0.59 -47.59 -61.57
C ARG G 30 1.67 -46.61 -61.14
N PRO G 31 2.79 -47.08 -60.57
CA PRO G 31 3.12 -48.49 -60.34
C PRO G 31 2.58 -49.06 -59.04
N HIS G 32 1.60 -48.39 -58.43
CA HIS G 32 0.93 -48.85 -57.22
C HIS G 32 1.83 -48.79 -55.98
N PHE G 33 3.14 -48.90 -56.17
CA PHE G 33 4.10 -48.86 -55.08
C PHE G 33 5.12 -47.76 -55.33
N SER G 34 5.47 -47.03 -54.27
CA SER G 34 6.50 -46.01 -54.38
C SER G 34 7.87 -46.61 -54.63
N ASN G 35 8.07 -47.86 -54.22
CA ASN G 35 9.39 -48.48 -54.33
C ASN G 35 9.72 -48.84 -55.77
N ILE G 36 8.71 -49.10 -56.60
CA ILE G 36 8.97 -49.46 -57.99
C ILE G 36 9.61 -48.30 -58.73
N TYR G 37 9.22 -47.06 -58.40
CA TYR G 37 9.88 -45.90 -58.97
C TYR G 37 11.35 -45.83 -58.57
N PHE G 38 11.65 -46.23 -57.33
CA PHE G 38 13.05 -46.31 -56.91
C PHE G 38 13.78 -47.44 -57.62
N PHE G 39 13.07 -48.54 -57.91
CA PHE G 39 13.67 -49.62 -58.69
C PHE G 39 14.07 -49.13 -60.08
N ASP G 40 13.21 -48.34 -60.72
CA ASP G 40 13.54 -47.79 -62.02
C ASP G 40 14.67 -46.77 -61.94
N GLU G 41 14.73 -46.01 -60.85
CA GLU G 41 15.80 -45.04 -60.68
C GLU G 41 17.16 -45.70 -60.46
N PHE G 42 17.18 -46.98 -60.09
CA PHE G 42 18.45 -47.69 -59.96
C PHE G 42 19.02 -48.10 -61.30
N LYS G 43 18.17 -48.27 -62.32
CA LYS G 43 18.68 -48.42 -63.68
C LYS G 43 19.51 -47.21 -64.09
N ARG G 44 19.19 -46.03 -63.53
CA ARG G 44 20.02 -44.86 -63.77
C ARG G 44 21.36 -44.99 -63.06
N TYR G 45 21.34 -45.28 -61.76
CA TYR G 45 22.58 -45.35 -60.99
C TYR G 45 23.51 -46.44 -61.54
N ALA G 46 22.95 -47.60 -61.88
CA ALA G 46 23.78 -48.74 -62.27
C ALA G 46 24.56 -48.46 -63.56
N SER G 47 24.06 -47.55 -64.40
CA SER G 47 24.74 -47.27 -65.66
C SER G 47 26.06 -46.54 -65.43
N TYR G 48 26.17 -45.79 -64.34
CA TYR G 48 27.39 -45.03 -64.07
C TYR G 48 28.45 -45.86 -63.36
N HIS G 49 28.14 -47.07 -62.93
CA HIS G 49 29.10 -47.94 -62.24
C HIS G 49 29.37 -49.15 -63.11
N THR G 50 30.63 -49.31 -63.51
CA THR G 50 31.00 -50.44 -64.36
C THR G 50 30.78 -51.77 -63.66
N GLU G 51 30.86 -51.79 -62.33
CA GLU G 51 30.68 -53.02 -61.57
C GLU G 51 29.26 -53.54 -61.63
N ILE G 52 28.32 -52.77 -62.17
CA ILE G 52 26.92 -53.18 -62.22
C ILE G 52 26.51 -53.44 -63.66
N LYS G 53 27.16 -54.42 -64.29
CA LYS G 53 26.73 -54.90 -65.61
C LYS G 53 25.53 -55.83 -65.52
N ARG G 54 25.04 -56.10 -64.31
CA ARG G 54 24.02 -57.12 -64.08
C ARG G 54 22.61 -56.55 -63.99
N TYR G 55 22.46 -55.30 -63.55
CA TYR G 55 21.13 -54.79 -63.25
C TYR G 55 20.30 -54.52 -64.51
N GLU G 56 20.94 -54.34 -65.66
CA GLU G 56 20.19 -54.10 -66.88
C GLU G 56 19.30 -55.28 -67.23
N ASP G 57 19.84 -56.50 -67.12
CA ASP G 57 19.05 -57.68 -67.45
C ASP G 57 18.21 -58.16 -66.27
N ILE G 58 18.76 -58.10 -65.06
CA ILE G 58 18.05 -58.58 -63.87
C ILE G 58 16.90 -57.68 -63.47
N HIS G 59 16.80 -56.48 -64.04
CA HIS G 59 15.71 -55.58 -63.71
C HIS G 59 14.38 -56.14 -64.22
N LYS G 60 14.30 -56.43 -65.52
CA LYS G 60 13.07 -56.96 -66.08
C LYS G 60 12.72 -58.32 -65.49
N THR G 61 13.73 -59.08 -65.04
CA THR G 61 13.48 -60.39 -64.45
C THR G 61 12.92 -60.31 -63.04
N LYS G 62 12.88 -59.12 -62.43
CA LYS G 62 12.39 -58.99 -61.06
C LYS G 62 11.51 -57.75 -60.90
N VAL G 63 12.00 -56.60 -61.36
CA VAL G 63 11.26 -55.36 -61.18
C VAL G 63 10.02 -55.35 -62.08
N ASN G 64 10.20 -55.56 -63.38
CA ASN G 64 9.08 -55.59 -64.31
C ASN G 64 8.08 -56.70 -63.99
N SER G 65 8.52 -57.77 -63.32
CA SER G 65 7.58 -58.80 -62.90
C SER G 65 6.78 -58.35 -61.69
N LEU G 66 7.36 -57.53 -60.82
CA LEU G 66 6.63 -57.05 -59.64
C LEU G 66 5.51 -56.09 -60.05
N LEU G 67 5.75 -55.25 -61.07
CA LEU G 67 4.73 -54.33 -61.51
C LEU G 67 3.53 -55.06 -62.10
N ASN G 68 3.78 -56.10 -62.89
CA ASN G 68 2.68 -56.89 -63.45
C ASN G 68 1.97 -57.68 -62.36
N GLU G 69 2.71 -58.16 -61.36
CA GLU G 69 2.07 -58.83 -60.23
C GLU G 69 1.19 -57.86 -59.44
N ALA G 70 1.61 -56.59 -59.36
CA ALA G 70 0.77 -55.59 -58.69
C ALA G 70 -0.51 -55.33 -59.48
N SER G 71 -0.39 -55.14 -60.79
CA SER G 71 -1.56 -54.89 -61.62
C SER G 71 -2.53 -56.06 -61.59
N ARG G 72 -2.02 -57.29 -61.44
CA ARG G 72 -2.90 -58.44 -61.33
C ARG G 72 -3.67 -58.43 -60.02
N ALA G 73 -2.97 -58.16 -58.90
CA ALA G 73 -3.63 -58.18 -57.60
C ALA G 73 -4.65 -57.04 -57.48
N ILE G 74 -4.34 -55.87 -58.03
CA ILE G 74 -5.30 -54.77 -58.03
C ILE G 74 -6.53 -55.14 -58.83
N GLY G 75 -6.34 -55.79 -59.98
CA GLY G 75 -7.46 -56.25 -60.78
C GLY G 75 -8.26 -57.36 -60.12
N ILE G 76 -7.65 -58.09 -59.19
CA ILE G 76 -8.36 -59.14 -58.48
C ILE G 76 -9.48 -58.57 -57.61
N CYS G 77 -9.41 -57.29 -57.28
CA CYS G 77 -10.46 -56.60 -56.53
C CYS G 77 -11.28 -55.69 -57.43
N ASN G 78 -11.58 -56.14 -58.64
CA ASN G 78 -12.41 -55.37 -59.56
C ASN G 78 -13.90 -55.59 -59.34
N ARG G 79 -14.29 -56.67 -58.66
CA ARG G 79 -15.68 -56.91 -58.32
C ARG G 79 -16.08 -56.18 -57.04
N ALA G 80 -15.22 -56.22 -56.01
CA ALA G 80 -15.46 -55.41 -54.82
C ALA G 80 -15.36 -53.92 -55.13
N LYS G 81 -14.83 -53.57 -56.29
CA LYS G 81 -14.77 -52.17 -56.73
C LYS G 81 -16.13 -51.69 -57.20
N ASN G 82 -16.78 -52.46 -58.08
CA ASN G 82 -18.10 -52.09 -58.59
C ASN G 82 -19.17 -52.11 -57.50
N THR G 83 -18.96 -52.89 -56.44
CA THR G 83 -19.93 -52.90 -55.35
C THR G 83 -19.91 -51.59 -54.58
N VAL G 84 -18.72 -51.04 -54.32
CA VAL G 84 -18.62 -49.73 -53.69
C VAL G 84 -19.14 -48.64 -54.62
N LYS G 85 -18.79 -48.73 -55.91
CA LYS G 85 -19.29 -47.78 -56.89
C LYS G 85 -20.81 -47.78 -56.93
N GLY G 86 -21.42 -48.96 -56.90
CA GLY G 86 -22.87 -49.05 -56.90
C GLY G 86 -23.50 -48.47 -55.64
N LEU G 87 -22.80 -48.56 -54.52
CA LEU G 87 -23.33 -48.01 -53.27
C LEU G 87 -23.17 -46.50 -53.22
N ILE G 88 -22.05 -45.97 -53.74
CA ILE G 88 -21.84 -44.53 -53.73
C ILE G 88 -22.89 -43.83 -54.58
N ASN G 89 -23.14 -44.36 -55.78
CA ASN G 89 -24.10 -43.73 -56.68
C ASN G 89 -25.51 -43.73 -56.09
N ILE G 90 -25.86 -44.74 -55.30
CA ILE G 90 -27.18 -44.76 -54.68
C ILE G 90 -27.25 -43.75 -53.54
N LEU G 91 -26.19 -43.67 -52.73
CA LEU G 91 -26.23 -42.82 -51.54
C LEU G 91 -26.14 -41.34 -51.91
N GLU G 92 -25.31 -40.99 -52.89
CA GLU G 92 -25.11 -39.60 -53.24
C GLU G 92 -26.07 -39.09 -54.30
N ASN G 93 -26.97 -39.94 -54.80
CA ASN G 93 -28.01 -39.52 -55.73
C ASN G 93 -29.36 -39.80 -55.10
N PRO G 94 -30.11 -38.77 -54.68
CA PRO G 94 -31.36 -39.03 -53.95
C PRO G 94 -32.42 -39.71 -54.80
N GLN G 95 -32.56 -39.32 -56.06
CA GLN G 95 -33.58 -39.95 -56.91
C GLN G 95 -33.27 -41.43 -57.14
N LYS G 96 -32.01 -41.77 -57.41
CA LYS G 96 -31.64 -43.16 -57.55
C LYS G 96 -31.81 -43.92 -56.24
N PHE G 97 -31.74 -43.22 -55.11
CA PHE G 97 -31.94 -43.86 -53.81
C PHE G 97 -33.41 -44.16 -53.56
N LYS G 98 -34.33 -43.36 -54.12
CA LYS G 98 -35.75 -43.56 -53.86
C LYS G 98 -36.22 -44.91 -54.39
N THR G 99 -35.67 -45.35 -55.53
CA THR G 99 -36.09 -46.63 -56.10
C THR G 99 -35.57 -47.82 -55.31
N GLN G 100 -34.53 -47.64 -54.50
CA GLN G 100 -33.96 -48.77 -53.76
C GLN G 100 -34.87 -49.22 -52.64
N ARG G 101 -35.60 -48.30 -52.01
CA ARG G 101 -36.52 -48.61 -50.91
C ARG G 101 -35.79 -49.27 -49.73
N GLU G 102 -34.52 -48.94 -49.56
CA GLU G 102 -33.72 -49.42 -48.43
C GLU G 102 -33.43 -48.27 -47.49
N SER G 103 -33.41 -48.56 -46.19
CA SER G 103 -33.16 -47.52 -45.19
C SER G 103 -31.76 -46.93 -45.39
N TYR G 104 -31.66 -45.61 -45.23
CA TYR G 104 -30.39 -44.95 -45.43
C TYR G 104 -29.36 -45.37 -44.38
N ASP G 105 -29.81 -45.65 -43.16
CA ASP G 105 -28.89 -46.14 -42.13
C ASP G 105 -28.35 -47.52 -42.49
N VAL G 106 -29.24 -48.43 -42.91
CA VAL G 106 -28.79 -49.75 -43.33
C VAL G 106 -27.93 -49.65 -44.58
N LYS G 107 -28.27 -48.74 -45.49
CA LYS G 107 -27.48 -48.57 -46.70
C LYS G 107 -26.15 -47.92 -46.41
N LEU G 108 -26.09 -47.01 -45.44
CA LEU G 108 -24.81 -46.38 -45.10
C LEU G 108 -23.88 -47.36 -44.41
N ARG G 109 -24.41 -48.22 -43.53
CA ARG G 109 -23.59 -49.22 -42.88
C ARG G 109 -23.03 -50.22 -43.87
N GLN G 110 -23.77 -50.48 -44.96
CA GLN G 110 -23.25 -51.36 -46.01
C GLN G 110 -22.10 -50.72 -46.75
N TYR G 111 -22.06 -49.38 -46.83
CA TYR G 111 -20.99 -48.70 -47.54
C TYR G 111 -19.66 -48.84 -46.81
N GLU G 112 -19.66 -48.58 -45.49
CA GLU G 112 -18.42 -48.68 -44.73
C GLU G 112 -17.88 -50.09 -44.72
N GLU G 113 -18.76 -51.09 -44.58
CA GLU G 113 -18.32 -52.48 -44.60
C GLU G 113 -17.78 -52.87 -45.97
N LYS G 114 -18.43 -52.41 -47.04
CA LYS G 114 -17.96 -52.72 -48.39
C LYS G 114 -16.76 -51.86 -48.79
N LYS G 115 -16.64 -50.66 -48.20
CA LYS G 115 -15.47 -49.83 -48.47
C LYS G 115 -14.21 -50.48 -47.92
N GLU G 116 -14.27 -50.96 -46.68
CA GLU G 116 -13.12 -51.65 -46.10
C GLU G 116 -12.93 -53.04 -46.67
N ALA G 117 -13.98 -53.63 -47.27
CA ALA G 117 -13.81 -54.90 -47.97
C ALA G 117 -13.07 -54.70 -49.29
N PHE G 118 -13.33 -53.58 -49.97
CA PHE G 118 -12.60 -53.26 -51.19
C PHE G 118 -11.20 -52.74 -50.88
N ARG G 119 -11.06 -51.92 -49.83
CA ARG G 119 -9.75 -51.44 -49.43
C ARG G 119 -8.92 -52.56 -48.82
N GLY G 120 -9.55 -53.43 -48.03
CA GLY G 120 -8.83 -54.55 -47.45
C GLY G 120 -8.34 -55.54 -48.49
N CYS G 121 -9.03 -55.62 -49.63
CA CYS G 121 -8.60 -56.51 -50.70
C CYS G 121 -7.30 -56.01 -51.32
N LEU G 122 -7.14 -54.69 -51.44
CA LEU G 122 -5.93 -54.13 -52.04
C LEU G 122 -4.70 -54.51 -51.23
N LEU G 123 -4.82 -54.49 -49.90
CA LEU G 123 -3.69 -54.89 -49.06
C LEU G 123 -3.47 -56.39 -49.10
N ASN G 124 -4.54 -57.16 -48.99
CA ASN G 124 -4.41 -58.62 -48.92
C ASN G 124 -3.76 -59.19 -50.17
N LYS G 125 -4.24 -58.77 -51.35
CA LYS G 125 -3.78 -59.39 -52.59
C LYS G 125 -2.34 -59.02 -52.91
N ASN G 126 -1.87 -57.87 -52.43
CA ASN G 126 -0.49 -57.44 -52.66
C ASN G 126 0.45 -57.87 -51.54
N ARG G 127 -0.02 -58.66 -50.58
CA ARG G 127 0.84 -59.09 -49.47
C ARG G 127 2.03 -59.90 -49.99
N LYS G 128 1.79 -60.81 -50.93
CA LYS G 128 2.90 -61.56 -51.51
C LYS G 128 3.84 -60.66 -52.29
N ASN G 129 3.34 -59.51 -52.77
CA ASN G 129 4.18 -58.58 -53.52
C ASN G 129 5.01 -57.71 -52.58
N LEU G 130 4.54 -57.48 -51.35
CA LEU G 130 5.29 -56.63 -50.42
C LEU G 130 6.59 -57.29 -50.00
N ASP G 131 6.59 -58.62 -49.83
CA ASP G 131 7.81 -59.33 -49.52
C ASP G 131 8.82 -59.27 -50.66
N GLN G 132 8.36 -59.05 -51.89
CA GLN G 132 9.27 -58.90 -53.01
C GLN G 132 9.91 -57.52 -53.05
N ILE G 133 9.19 -56.49 -52.57
CA ILE G 133 9.77 -55.15 -52.51
C ILE G 133 10.92 -55.11 -51.51
N LYS G 134 10.77 -55.80 -50.39
CA LYS G 134 11.86 -55.91 -49.43
C LYS G 134 13.00 -56.77 -49.95
N LYS G 135 12.73 -57.66 -50.92
CA LYS G 135 13.78 -58.51 -51.48
C LYS G 135 14.57 -57.76 -52.53
N ILE G 136 13.90 -57.03 -53.42
CA ILE G 136 14.60 -56.27 -54.45
C ILE G 136 15.41 -55.14 -53.82
N ASN G 137 14.86 -54.50 -52.79
CA ASN G 137 15.61 -53.49 -52.04
C ASN G 137 16.87 -54.10 -51.43
N ASN G 138 16.76 -55.31 -50.88
CA ASN G 138 17.94 -55.98 -50.35
C ASN G 138 18.91 -56.37 -51.45
N GLU G 139 18.40 -56.78 -52.60
CA GLU G 139 19.27 -57.16 -53.72
C GLU G 139 20.05 -55.96 -54.23
N ILE G 140 19.36 -54.84 -54.43
CA ILE G 140 20.02 -53.61 -54.89
C ILE G 140 21.15 -53.23 -53.94
N ARG G 141 20.95 -53.43 -52.64
CA ARG G 141 22.01 -53.18 -51.68
C ARG G 141 23.21 -54.11 -51.92
N ASP G 142 22.94 -55.37 -52.29
CA ASP G 142 24.02 -56.27 -52.63
C ASP G 142 24.64 -55.94 -53.99
N LEU G 143 23.84 -55.40 -54.91
CA LEU G 143 24.41 -54.90 -56.16
C LEU G 143 25.32 -53.70 -55.90
N LEU G 144 24.86 -52.76 -55.08
CA LEU G 144 25.71 -51.63 -54.71
C LEU G 144 26.94 -52.06 -53.92
N GLU G 145 26.92 -53.26 -53.33
CA GLU G 145 28.10 -53.77 -52.64
C GLU G 145 29.19 -54.19 -53.62
N LYS G 146 28.85 -54.37 -54.90
CA LYS G 146 29.82 -54.76 -55.91
C LYS G 146 30.71 -53.60 -56.36
N LEU G 147 30.42 -52.38 -55.93
CA LEU G 147 31.25 -51.23 -56.31
C LEU G 147 32.69 -51.43 -55.85
N LYS G 148 33.62 -50.98 -56.68
CA LYS G 148 35.04 -51.16 -56.40
C LYS G 148 35.57 -50.04 -55.50
N CYS G 149 34.98 -49.95 -54.30
CA CYS G 149 35.36 -48.93 -53.34
C CYS G 149 35.10 -49.46 -51.94
N SER G 150 35.76 -48.83 -50.97
CA SER G 150 35.61 -49.22 -49.56
C SER G 150 35.51 -47.99 -48.67
N GLN G 151 36.65 -47.36 -48.38
CA GLN G 151 36.70 -46.14 -47.58
C GLN G 151 36.87 -44.88 -48.43
N ASP G 152 37.09 -45.03 -49.73
CA ASP G 152 37.24 -43.90 -50.66
C ASP G 152 36.33 -44.17 -51.85
N CYS G 153 35.09 -43.68 -51.77
CA CYS G 153 34.09 -43.88 -52.81
C CYS G 153 33.62 -42.53 -53.31
N GLN G 154 33.60 -42.37 -54.62
CA GLN G 154 33.21 -41.10 -55.22
C GLN G 154 31.71 -40.86 -55.06
N THR G 155 31.34 -39.59 -54.91
CA THR G 155 29.95 -39.16 -54.85
C THR G 155 29.56 -38.42 -56.12
N ASN G 156 30.05 -38.89 -57.27
CA ASN G 156 29.73 -38.27 -58.55
C ASN G 156 28.25 -38.44 -58.88
N VAL G 157 27.77 -39.69 -58.85
CA VAL G 157 26.37 -39.96 -59.19
C VAL G 157 25.44 -39.35 -58.15
N TYR G 158 25.87 -39.28 -56.89
CA TYR G 158 25.00 -38.79 -55.83
C TYR G 158 24.60 -37.34 -56.08
N PHE G 159 25.57 -36.48 -56.37
CA PHE G 159 25.29 -35.06 -56.58
C PHE G 159 24.89 -34.75 -58.02
N ASP G 160 25.19 -35.63 -58.97
CA ASP G 160 24.66 -35.47 -60.32
C ASP G 160 23.15 -35.67 -60.33
N MET G 161 22.67 -36.70 -59.63
CA MET G 161 21.23 -36.96 -59.57
C MET G 161 20.51 -35.91 -58.73
N ILE G 162 21.17 -35.40 -57.68
CA ILE G 162 20.56 -34.35 -56.86
C ILE G 162 20.22 -33.13 -57.71
N LYS G 163 21.17 -32.72 -58.55
CA LYS G 163 20.91 -31.59 -59.44
C LYS G 163 19.83 -31.91 -60.45
N ILE G 164 19.79 -33.15 -60.93
CA ILE G 164 18.76 -33.56 -61.89
C ILE G 164 17.39 -33.59 -61.22
N TYR G 165 17.34 -34.04 -59.96
CA TYR G 165 16.07 -34.08 -59.25
C TYR G 165 15.52 -32.67 -59.02
N LEU G 166 16.40 -31.70 -58.78
CA LEU G 166 15.96 -30.32 -58.56
C LEU G 166 15.24 -29.77 -59.79
N VAL G 167 15.75 -30.07 -60.99
CA VAL G 167 15.08 -29.63 -62.21
C VAL G 167 13.72 -30.29 -62.35
N ASP G 168 13.64 -31.58 -62.06
CA ASP G 168 12.37 -32.29 -62.14
C ASP G 168 11.40 -31.78 -61.06
N PHE G 169 11.90 -31.48 -59.88
CA PHE G 169 11.05 -30.93 -58.83
C PHE G 169 10.52 -29.56 -59.21
N LYS G 170 11.38 -28.71 -59.79
CA LYS G 170 10.96 -27.37 -60.18
C LYS G 170 9.96 -27.36 -61.31
N LYS G 171 9.91 -28.44 -62.10
CA LYS G 171 8.93 -28.52 -63.19
C LYS G 171 7.50 -28.56 -62.65
N MET G 172 7.30 -29.15 -61.49
CA MET G 172 5.97 -29.24 -60.90
C MET G 172 5.70 -28.01 -60.04
N PRO G 173 4.72 -27.18 -60.38
CA PRO G 173 4.40 -26.03 -59.53
C PRO G 173 3.72 -26.44 -58.23
N TYR G 174 4.50 -26.48 -57.14
CA TYR G 174 3.97 -26.93 -55.86
C TYR G 174 2.97 -25.92 -55.29
N GLU G 175 3.12 -24.64 -55.62
CA GLU G 175 2.25 -23.62 -55.03
C GLU G 175 0.80 -23.77 -55.49
N ASN G 176 0.59 -24.25 -56.72
CA ASN G 176 -0.77 -24.40 -57.23
C ASN G 176 -1.53 -25.47 -56.45
N TYR G 177 -0.89 -26.63 -56.23
CA TYR G 177 -1.53 -27.68 -55.45
C TYR G 177 -1.83 -27.21 -54.03
N ASP G 178 -0.92 -26.42 -53.45
CA ASP G 178 -1.15 -25.90 -52.11
C ASP G 178 -2.33 -24.93 -52.08
N THR G 179 -2.41 -24.05 -53.08
CA THR G 179 -3.52 -23.10 -53.14
C THR G 179 -4.84 -23.82 -53.40
N PHE G 180 -4.81 -24.88 -54.22
CA PHE G 180 -6.03 -25.62 -54.53
C PHE G 180 -6.59 -26.29 -53.28
N ILE G 181 -5.75 -27.02 -52.55
CA ILE G 181 -6.25 -27.77 -51.39
C ILE G 181 -6.62 -26.82 -50.26
N LYS G 182 -5.98 -25.65 -50.18
CA LYS G 182 -6.30 -24.71 -49.11
C LYS G 182 -7.68 -24.09 -49.33
N GLN G 183 -8.04 -23.81 -50.59
CA GLN G 183 -9.31 -23.18 -50.88
C GLN G 183 -10.46 -24.18 -50.81
N TYR G 184 -10.29 -25.35 -51.44
CA TYR G 184 -11.36 -26.34 -51.46
C TYR G 184 -11.63 -26.91 -50.07
N LYS G 185 -10.61 -26.95 -49.21
CA LYS G 185 -10.83 -27.42 -47.84
C LYS G 185 -11.63 -26.42 -47.04
N ASN G 186 -11.33 -25.13 -47.19
CA ASN G 186 -12.11 -24.09 -46.50
C ASN G 186 -13.55 -24.09 -46.97
N SER G 187 -13.77 -24.26 -48.28
CA SER G 187 -15.13 -24.36 -48.80
C SER G 187 -15.81 -25.63 -48.32
N TYR G 188 -15.06 -26.74 -48.25
CA TYR G 188 -15.61 -27.98 -47.73
C TYR G 188 -15.91 -27.87 -46.24
N LEU G 189 -14.99 -27.30 -45.48
CA LEU G 189 -15.20 -27.17 -44.03
C LEU G 189 -16.36 -26.23 -43.72
N SER G 190 -16.44 -25.11 -44.44
CA SER G 190 -17.60 -24.24 -44.30
C SER G 190 -18.87 -24.96 -44.75
N GLY G 191 -18.77 -25.79 -45.79
CA GLY G 191 -19.92 -26.56 -46.23
C GLY G 191 -20.39 -27.55 -45.19
N VAL G 192 -19.46 -28.15 -44.45
CA VAL G 192 -19.84 -29.05 -43.36
C VAL G 192 -20.49 -28.28 -42.23
N ASP G 193 -19.92 -27.12 -41.88
CA ASP G 193 -20.46 -26.32 -40.79
C ASP G 193 -21.77 -25.65 -41.17
N MET G 194 -21.95 -25.33 -42.46
CA MET G 194 -23.18 -24.66 -42.89
C MET G 194 -24.36 -25.63 -42.86
N ILE G 195 -24.13 -26.93 -43.03
CA ILE G 195 -25.21 -27.89 -42.91
C ILE G 195 -25.65 -28.00 -41.46
N ARG G 196 -24.69 -27.97 -40.52
CA ARG G 196 -25.02 -28.06 -39.11
C ARG G 196 -26.00 -26.97 -38.68
N LYS G 197 -25.97 -25.82 -39.35
CA LYS G 197 -26.85 -24.72 -39.01
C LYS G 197 -28.22 -24.82 -39.69
N ILE G 198 -28.24 -25.17 -40.98
CA ILE G 198 -29.48 -25.16 -41.74
C ILE G 198 -30.19 -26.52 -41.76
N GLU G 199 -29.54 -27.59 -41.31
CA GLU G 199 -30.14 -28.91 -41.38
C GLU G 199 -31.45 -28.97 -40.60
N LYS G 200 -31.51 -28.29 -39.45
CA LYS G 200 -32.70 -28.36 -38.60
C LYS G 200 -33.86 -27.54 -39.15
N GLN G 201 -33.58 -26.59 -40.04
CA GLN G 201 -34.59 -25.64 -40.50
C GLN G 201 -35.25 -26.04 -41.81
N ILE G 202 -34.46 -26.40 -42.83
CA ILE G 202 -35.02 -26.66 -44.15
C ILE G 202 -35.81 -27.97 -44.18
N ASP G 203 -35.39 -28.96 -43.40
CA ASP G 203 -36.06 -30.26 -43.32
C ASP G 203 -36.19 -30.92 -44.69
N ASN G 204 -35.11 -31.51 -45.18
CA ASN G 204 -35.12 -32.26 -46.44
C ASN G 204 -34.13 -33.41 -46.32
N PRO G 205 -34.49 -34.44 -45.55
CA PRO G 205 -33.49 -35.47 -45.20
C PRO G 205 -33.02 -36.29 -46.40
N VAL G 206 -33.89 -36.54 -47.38
CA VAL G 206 -33.47 -37.31 -48.55
C VAL G 206 -32.33 -36.61 -49.28
N THR G 207 -32.45 -35.30 -49.46
CA THR G 207 -31.38 -34.54 -50.09
C THR G 207 -30.23 -34.30 -49.11
N ILE G 208 -30.53 -34.02 -47.85
CA ILE G 208 -29.50 -33.68 -46.88
C ILE G 208 -28.58 -34.85 -46.62
N ASN G 209 -29.13 -36.06 -46.47
CA ASN G 209 -28.29 -37.23 -46.23
C ASN G 209 -27.35 -37.49 -47.40
N ALA G 210 -27.75 -37.13 -48.61
CA ALA G 210 -26.85 -37.27 -49.76
C ALA G 210 -25.74 -36.23 -49.74
N ILE G 211 -26.01 -35.05 -49.17
CA ILE G 211 -25.00 -34.01 -49.11
C ILE G 211 -23.92 -34.39 -48.09
N LYS G 212 -24.34 -34.86 -46.92
CA LYS G 212 -23.37 -35.21 -45.88
C LYS G 212 -22.55 -36.43 -46.26
N PHE G 213 -23.12 -37.34 -47.06
CA PHE G 213 -22.33 -38.47 -47.54
C PHE G 213 -21.27 -38.03 -48.53
N THR G 214 -21.62 -37.13 -49.45
CA THR G 214 -20.65 -36.64 -50.41
C THR G 214 -19.63 -35.72 -49.75
N GLN G 215 -20.01 -35.05 -48.67
CA GLN G 215 -19.04 -34.26 -47.91
C GLN G 215 -18.04 -35.15 -47.22
N LYS G 216 -18.50 -36.25 -46.61
CA LYS G 216 -17.58 -37.20 -45.99
C LYS G 216 -16.63 -37.81 -47.02
N GLU G 217 -17.04 -37.85 -48.29
CA GLU G 217 -16.14 -38.30 -49.34
C GLU G 217 -15.03 -37.28 -49.58
N MET G 218 -15.37 -35.99 -49.60
CA MET G 218 -14.37 -34.96 -49.83
C MET G 218 -13.35 -34.92 -48.70
N GLY G 219 -13.82 -35.04 -47.46
CA GLY G 219 -12.90 -35.02 -46.32
C GLY G 219 -11.86 -36.12 -46.38
N TYR G 220 -12.23 -37.29 -46.89
CA TYR G 220 -11.25 -38.36 -47.08
C TYR G 220 -10.27 -38.00 -48.19
N ILE G 221 -10.78 -37.45 -49.30
CA ILE G 221 -9.90 -37.07 -50.41
C ILE G 221 -8.97 -35.94 -49.99
N ILE G 222 -9.48 -34.97 -49.23
CA ILE G 222 -8.63 -33.90 -48.73
C ILE G 222 -7.57 -34.45 -47.79
N ASP G 223 -7.96 -35.40 -46.94
CA ASP G 223 -6.99 -36.00 -46.02
C ASP G 223 -5.88 -36.73 -46.78
N ARG G 224 -6.23 -37.37 -47.89
CA ARG G 224 -5.22 -38.03 -48.71
C ARG G 224 -4.45 -37.05 -49.58
N PHE G 225 -5.10 -35.96 -50.01
CA PHE G 225 -4.40 -34.93 -50.76
C PHE G 225 -3.35 -34.25 -49.89
N GLU G 226 -3.71 -33.92 -48.64
CA GLU G 226 -2.76 -33.28 -47.74
C GLU G 226 -1.60 -34.21 -47.40
N TYR G 227 -1.84 -35.53 -47.38
CA TYR G 227 -0.78 -36.48 -47.05
C TYR G 227 0.34 -36.45 -48.09
N HIS G 228 -0.02 -36.65 -49.36
CA HIS G 228 0.98 -36.63 -50.42
C HIS G 228 1.58 -35.25 -50.61
N LEU G 229 0.80 -34.19 -50.34
CA LEU G 229 1.31 -32.84 -50.50
C LEU G 229 2.47 -32.58 -49.53
N GLN G 230 2.32 -33.02 -48.28
CA GLN G 230 3.40 -32.86 -47.30
C GLN G 230 4.61 -33.70 -47.68
N LYS G 231 4.39 -34.93 -48.18
CA LYS G 231 5.50 -35.79 -48.55
C LYS G 231 6.23 -35.26 -49.78
N VAL G 232 5.49 -34.75 -50.77
CA VAL G 232 6.13 -34.14 -51.93
C VAL G 232 6.87 -32.88 -51.52
N LYS G 233 6.28 -32.08 -50.63
CA LYS G 233 6.98 -30.89 -50.12
C LYS G 233 8.19 -31.28 -49.30
N HIS G 234 8.09 -32.37 -48.53
CA HIS G 234 9.23 -32.83 -47.73
C HIS G 234 10.35 -33.35 -48.62
N SER G 235 10.00 -34.01 -49.73
CA SER G 235 11.03 -34.51 -50.64
C SER G 235 11.77 -33.37 -51.33
N ILE G 236 11.04 -32.31 -51.69
CA ILE G 236 11.68 -31.17 -52.35
C ILE G 236 12.62 -30.45 -51.40
N ASP G 237 12.20 -30.25 -50.15
CA ASP G 237 13.02 -29.52 -49.19
C ASP G 237 14.25 -30.31 -48.78
N GLN G 238 14.12 -31.63 -48.63
CA GLN G 238 15.25 -32.43 -48.16
C GLN G 238 16.34 -32.54 -49.21
N VAL G 239 15.95 -32.70 -50.48
CA VAL G 239 16.96 -32.78 -51.54
C VAL G 239 17.66 -31.44 -51.72
N THR G 240 16.92 -30.33 -51.63
CA THR G 240 17.55 -29.02 -51.73
C THR G 240 18.51 -28.77 -50.57
N ALA G 241 18.21 -29.33 -49.40
CA ALA G 241 19.12 -29.21 -48.27
C ALA G 241 20.43 -29.95 -48.55
N LEU G 242 20.35 -31.10 -49.20
CA LEU G 242 21.55 -31.82 -49.61
C LEU G 242 22.34 -31.03 -50.66
N SER G 243 21.62 -30.38 -51.59
CA SER G 243 22.29 -29.60 -52.61
C SER G 243 22.87 -28.30 -52.07
N ASP G 244 22.41 -27.84 -50.91
CA ASP G 244 22.90 -26.62 -50.28
C ASP G 244 23.64 -26.89 -48.98
N GLY G 245 24.26 -28.06 -48.88
CA GLY G 245 25.04 -28.41 -47.71
C GLY G 245 26.46 -28.84 -48.05
N VAL G 246 27.21 -29.29 -47.05
CA VAL G 246 28.58 -29.73 -47.29
C VAL G 246 28.56 -31.00 -48.13
N LYS G 247 29.60 -31.16 -48.96
CA LYS G 247 29.68 -32.26 -49.91
C LYS G 247 31.05 -32.93 -49.82
N PRO G 248 31.15 -34.11 -49.19
CA PRO G 248 32.42 -34.83 -49.17
C PRO G 248 32.65 -35.54 -50.50
N LYS G 249 33.88 -35.41 -51.02
CA LYS G 249 34.19 -36.03 -52.31
C LYS G 249 34.37 -37.54 -52.19
N GLN G 250 34.82 -38.02 -51.03
CA GLN G 250 35.06 -39.44 -50.83
C GLN G 250 34.40 -39.87 -49.52
N VAL G 251 33.49 -40.85 -49.59
CA VAL G 251 32.83 -41.41 -48.43
C VAL G 251 32.99 -42.92 -48.50
N THR G 252 32.56 -43.60 -47.43
CA THR G 252 32.61 -45.05 -47.42
C THR G 252 31.51 -45.64 -48.29
N LYS G 253 31.68 -46.90 -48.66
CA LYS G 253 30.66 -47.58 -49.47
C LYS G 253 29.39 -47.82 -48.67
N ASN G 254 29.51 -48.05 -47.36
CA ASN G 254 28.34 -48.24 -46.53
C ASN G 254 27.47 -46.98 -46.47
N ARG G 255 28.09 -45.80 -46.57
CA ARG G 255 27.35 -44.56 -46.53
C ARG G 255 26.88 -44.11 -47.91
N LEU G 256 27.59 -44.49 -48.98
CA LEU G 256 27.08 -44.22 -50.32
C LEU G 256 25.81 -45.01 -50.61
N LYS G 257 25.71 -46.23 -50.07
CA LYS G 257 24.46 -46.98 -50.17
C LYS G 257 23.34 -46.23 -49.47
N GLU G 258 23.64 -45.60 -48.33
CA GLU G 258 22.68 -44.70 -47.70
C GLU G 258 22.38 -43.52 -48.62
N TYR G 259 23.40 -42.97 -49.27
CA TYR G 259 23.21 -41.81 -50.13
C TYR G 259 22.26 -42.11 -51.27
N TYR G 260 22.51 -43.22 -52.00
CA TYR G 260 21.64 -43.57 -53.11
C TYR G 260 20.23 -43.91 -52.64
N PHE G 261 20.12 -44.60 -51.50
CA PHE G 261 18.80 -44.92 -50.97
C PHE G 261 18.10 -43.71 -50.38
N ASN G 262 18.84 -42.66 -50.03
CA ASN G 262 18.21 -41.45 -49.48
C ASN G 262 17.56 -40.63 -50.57
N ILE G 263 18.33 -40.21 -51.58
CA ILE G 263 17.76 -39.43 -52.68
C ILE G 263 16.80 -40.27 -53.50
N GLY G 264 17.08 -41.57 -53.65
CA GLY G 264 16.15 -42.43 -54.37
C GLY G 264 14.81 -42.55 -53.69
N ASN G 265 14.80 -42.50 -52.35
CA ASN G 265 13.52 -42.51 -51.63
C ASN G 265 12.79 -41.19 -51.82
N TYR G 266 13.51 -40.07 -51.82
CA TYR G 266 12.87 -38.77 -52.00
C TYR G 266 12.26 -38.64 -53.39
N TYR G 267 13.02 -39.02 -54.43
CA TYR G 267 12.53 -38.89 -55.80
C TYR G 267 11.39 -39.86 -56.08
N SER G 268 11.38 -41.02 -55.42
CA SER G 268 10.29 -41.97 -55.61
C SER G 268 9.01 -41.47 -54.95
N ILE G 269 9.12 -40.85 -53.78
CA ILE G 269 7.94 -40.30 -53.11
C ILE G 269 7.41 -39.09 -53.87
N PHE G 270 8.30 -38.26 -54.40
CA PHE G 270 7.87 -37.13 -55.23
C PHE G 270 7.10 -37.61 -56.45
N LYS G 271 7.64 -38.61 -57.14
CA LYS G 271 6.97 -39.14 -58.33
C LYS G 271 5.68 -39.86 -57.96
N PHE G 272 5.70 -40.62 -56.85
CA PHE G 272 4.50 -41.32 -56.41
C PHE G 272 3.43 -40.33 -55.95
N GLY G 273 3.83 -39.28 -55.24
CA GLY G 273 2.87 -38.30 -54.77
C GLY G 273 2.27 -37.47 -55.88
N LYS G 274 3.04 -37.20 -56.93
CA LYS G 274 2.52 -36.42 -58.05
C LYS G 274 1.42 -37.18 -58.78
N ASP G 275 1.57 -38.50 -58.92
CA ASP G 275 0.51 -39.29 -59.53
C ASP G 275 -0.75 -39.29 -58.68
N SER G 276 -0.60 -39.27 -57.36
CA SER G 276 -1.76 -39.24 -56.47
C SER G 276 -2.39 -37.85 -56.40
N LEU G 277 -1.57 -36.81 -56.37
CA LEU G 277 -2.10 -35.45 -56.28
C LEU G 277 -2.95 -35.10 -57.51
N ASN G 278 -2.48 -35.49 -58.69
CA ASN G 278 -3.26 -35.23 -59.90
C ASN G 278 -4.59 -35.97 -59.88
N MET G 279 -4.59 -37.22 -59.40
CA MET G 279 -5.83 -37.99 -59.34
C MET G 279 -6.76 -37.45 -58.25
N LEU G 280 -6.20 -37.13 -57.07
CA LEU G 280 -7.03 -36.60 -55.99
C LEU G 280 -7.53 -35.20 -56.31
N ASN G 281 -6.76 -34.42 -57.08
CA ASN G 281 -7.24 -33.11 -57.51
C ASN G 281 -8.47 -33.24 -58.40
N LYS G 282 -8.46 -34.19 -59.33
CA LYS G 282 -9.62 -34.43 -60.16
C LYS G 282 -10.76 -35.08 -59.38
N ALA G 283 -10.42 -35.93 -58.40
CA ALA G 283 -11.45 -36.60 -57.61
C ALA G 283 -12.16 -35.62 -56.70
N LEU G 284 -11.42 -34.69 -56.08
CA LEU G 284 -12.03 -33.70 -55.22
C LEU G 284 -12.94 -32.76 -56.01
N ILE G 285 -12.49 -32.35 -57.20
CA ILE G 285 -13.29 -31.46 -58.03
C ILE G 285 -14.61 -32.12 -58.42
N HIS G 286 -14.56 -33.43 -58.70
CA HIS G 286 -15.79 -34.14 -59.09
C HIS G 286 -16.77 -34.20 -57.94
N LYS G 287 -16.29 -34.38 -56.70
CA LYS G 287 -17.18 -34.44 -55.56
C LYS G 287 -17.77 -33.06 -55.23
N GLU G 288 -17.02 -31.99 -55.51
CA GLU G 288 -17.54 -30.65 -55.22
C GLU G 288 -18.67 -30.28 -56.18
N LYS G 289 -18.61 -30.74 -57.43
CA LYS G 289 -19.70 -30.50 -58.36
C LYS G 289 -20.98 -31.19 -57.88
N ILE G 290 -20.85 -32.40 -57.33
CA ILE G 290 -22.03 -33.14 -56.88
C ILE G 290 -22.67 -32.46 -55.68
N VAL G 291 -21.86 -31.99 -54.73
CA VAL G 291 -22.39 -31.36 -53.53
C VAL G 291 -23.20 -30.11 -53.90
N HIS G 292 -22.62 -29.24 -54.73
CA HIS G 292 -23.31 -28.04 -55.15
C HIS G 292 -24.45 -28.34 -56.11
N ASN G 293 -24.45 -29.51 -56.74
CA ASN G 293 -25.64 -29.97 -57.44
C ASN G 293 -26.71 -30.42 -56.45
N LEU G 294 -26.29 -31.00 -55.32
CA LEU G 294 -27.22 -31.37 -54.26
C LEU G 294 -27.69 -30.16 -53.47
N LEU G 295 -26.81 -29.17 -53.28
CA LEU G 295 -27.22 -27.94 -52.61
C LEU G 295 -28.25 -27.19 -53.43
N GLY G 296 -28.03 -27.07 -54.74
CA GLY G 296 -29.04 -26.47 -55.60
C GLY G 296 -30.31 -27.30 -55.63
N GLU G 297 -30.18 -28.63 -55.59
CA GLU G 297 -31.34 -29.50 -55.48
C GLU G 297 -32.06 -29.31 -54.14
N LEU G 298 -31.37 -28.81 -53.13
CA LEU G 298 -32.00 -28.55 -51.84
C LEU G 298 -32.78 -27.24 -51.87
N PHE G 299 -32.13 -26.15 -52.26
CA PHE G 299 -32.79 -24.84 -52.32
C PHE G 299 -33.62 -24.64 -53.58
N GLY G 300 -33.59 -25.59 -54.52
CA GLY G 300 -34.40 -25.50 -55.71
C GLY G 300 -35.86 -25.83 -55.52
N HIS G 301 -36.24 -26.28 -54.32
CA HIS G 301 -37.62 -26.63 -54.01
C HIS G 301 -38.05 -25.87 -52.77
N LEU G 302 -39.29 -25.36 -52.81
CA LEU G 302 -39.82 -24.55 -51.72
C LEU G 302 -39.97 -25.38 -50.44
N GLU H 6 -15.17 -50.24 -24.50
CA GLU H 6 -15.77 -48.97 -24.89
C GLU H 6 -14.78 -48.08 -25.62
N VAL H 7 -15.24 -46.92 -26.06
CA VAL H 7 -14.37 -45.93 -26.70
C VAL H 7 -13.67 -45.13 -25.61
N GLN H 8 -12.34 -45.10 -25.66
CA GLN H 8 -11.56 -44.51 -24.58
C GLN H 8 -10.18 -44.12 -25.10
N LEU H 9 -9.70 -42.97 -24.64
CA LEU H 9 -8.34 -42.51 -24.90
C LEU H 9 -7.55 -42.52 -23.60
N LEU H 10 -6.35 -43.10 -23.64
CA LEU H 10 -5.52 -43.26 -22.45
C LEU H 10 -4.23 -42.48 -22.64
N GLU H 11 -4.02 -41.46 -21.80
CA GLU H 11 -2.83 -40.63 -21.87
C GLU H 11 -1.76 -41.16 -20.94
N SER H 12 -0.52 -40.72 -21.20
CA SER H 12 0.64 -41.09 -20.39
C SER H 12 1.79 -40.16 -20.79
N GLY H 13 2.91 -40.30 -20.10
CA GLY H 13 4.10 -39.54 -20.42
C GLY H 13 4.28 -38.25 -19.65
N GLY H 14 3.38 -37.93 -18.72
CA GLY H 14 3.50 -36.71 -17.95
C GLY H 14 4.36 -36.92 -16.73
N GLY H 15 5.33 -36.03 -16.55
CA GLY H 15 6.25 -36.13 -15.42
C GLY H 15 6.87 -34.81 -15.02
N LEU H 16 8.00 -34.87 -14.32
CA LEU H 16 8.69 -33.69 -13.83
C LEU H 16 9.89 -33.38 -14.72
N VAL H 17 9.95 -32.15 -15.24
CA VAL H 17 11.04 -31.71 -16.10
C VAL H 17 11.59 -30.40 -15.54
N ARG H 18 12.86 -30.15 -15.82
CA ARG H 18 13.46 -28.87 -15.50
C ARG H 18 13.12 -27.84 -16.57
N PRO H 19 13.12 -26.55 -16.23
CA PRO H 19 12.90 -25.51 -17.25
C PRO H 19 13.94 -25.61 -18.35
N GLY H 20 13.46 -25.64 -19.60
CA GLY H 20 14.31 -25.83 -20.75
C GLY H 20 14.43 -27.26 -21.22
N GLY H 21 13.88 -28.22 -20.47
CA GLY H 21 13.93 -29.60 -20.85
C GLY H 21 12.86 -29.96 -21.87
N SER H 22 12.66 -31.27 -22.03
CA SER H 22 11.69 -31.79 -22.98
C SER H 22 10.93 -32.95 -22.35
N GLN H 23 9.83 -33.33 -22.99
CA GLN H 23 8.98 -34.42 -22.54
C GLN H 23 8.05 -34.81 -23.67
N ARG H 24 7.76 -36.11 -23.76
CA ARG H 24 6.88 -36.66 -24.77
C ARG H 24 5.58 -37.13 -24.13
N LEU H 25 4.45 -36.73 -24.73
CA LEU H 25 3.13 -37.11 -24.26
C LEU H 25 2.49 -38.06 -25.27
N SER H 26 1.99 -39.18 -24.77
CA SER H 26 1.34 -40.19 -25.60
C SER H 26 -0.14 -40.29 -25.27
N CYS H 27 -0.94 -40.61 -26.29
CA CYS H 27 -2.38 -40.79 -26.14
C CYS H 27 -2.77 -42.07 -26.86
N ALA H 28 -3.11 -43.09 -26.08
CA ALA H 28 -3.49 -44.40 -26.63
C ALA H 28 -4.99 -44.41 -26.89
N ALA H 29 -5.38 -44.50 -28.15
CA ALA H 29 -6.78 -44.51 -28.55
C ALA H 29 -7.28 -45.93 -28.70
N SER H 30 -8.54 -46.15 -28.32
CA SER H 30 -9.14 -47.47 -28.40
C SER H 30 -10.66 -47.32 -28.50
N GLY H 31 -11.29 -48.33 -29.09
CA GLY H 31 -12.73 -48.37 -29.21
C GLY H 31 -13.30 -47.76 -30.48
N PHE H 32 -12.45 -47.42 -31.45
CA PHE H 32 -12.90 -46.83 -32.71
C PHE H 32 -11.75 -46.86 -33.69
N THR H 33 -12.06 -46.52 -34.94
CA THR H 33 -11.03 -46.45 -35.98
C THR H 33 -10.28 -45.13 -35.85
N PHE H 34 -8.96 -45.22 -35.68
CA PHE H 34 -8.16 -44.03 -35.35
C PHE H 34 -7.85 -43.18 -36.56
N THR H 35 -7.71 -43.79 -37.75
CA THR H 35 -7.23 -43.05 -38.91
C THR H 35 -8.19 -41.95 -39.38
N PRO H 36 -9.50 -42.20 -39.55
CA PRO H 36 -10.35 -41.14 -40.13
C PRO H 36 -10.57 -39.95 -39.23
N TYR H 37 -10.38 -40.08 -37.92
CA TYR H 37 -10.64 -38.99 -36.99
C TYR H 37 -9.42 -38.08 -36.85
N ALA H 38 -9.66 -36.89 -36.34
CA ALA H 38 -8.62 -35.91 -36.06
C ALA H 38 -8.49 -35.75 -34.55
N MET H 39 -7.25 -35.76 -34.06
CA MET H 39 -6.97 -35.68 -32.65
C MET H 39 -6.53 -34.26 -32.26
N THR H 40 -6.73 -33.92 -31.00
CA THR H 40 -6.50 -32.58 -30.51
C THR H 40 -5.92 -32.62 -29.10
N TRP H 41 -4.92 -31.78 -28.85
CA TRP H 41 -4.37 -31.59 -27.51
C TRP H 41 -4.93 -30.32 -26.90
N VAL H 42 -5.37 -30.43 -25.65
CA VAL H 42 -5.91 -29.28 -24.90
C VAL H 42 -5.56 -29.48 -23.43
N ARG H 43 -4.92 -28.48 -22.84
CA ARG H 43 -4.42 -28.57 -21.47
C ARG H 43 -5.28 -27.74 -20.54
N GLN H 44 -4.93 -27.79 -19.25
CA GLN H 44 -5.66 -27.05 -18.23
C GLN H 44 -4.79 -26.94 -16.99
N ALA H 45 -4.44 -25.71 -16.61
CA ALA H 45 -3.68 -25.48 -15.39
C ALA H 45 -4.58 -25.64 -14.17
N PRO H 46 -4.01 -26.03 -13.02
CA PRO H 46 -4.83 -26.21 -11.81
C PRO H 46 -5.54 -24.92 -11.40
N GLY H 47 -6.85 -24.90 -11.55
CA GLY H 47 -7.64 -23.72 -11.27
C GLY H 47 -7.90 -22.83 -12.47
N LYS H 48 -7.45 -23.21 -13.65
CA LYS H 48 -7.64 -22.44 -14.88
C LYS H 48 -8.56 -23.19 -15.83
N GLY H 49 -8.79 -22.58 -16.99
CA GLY H 49 -9.69 -23.14 -17.98
C GLY H 49 -8.99 -24.02 -19.00
N LEU H 50 -9.76 -24.45 -19.99
CA LEU H 50 -9.26 -25.30 -21.05
C LEU H 50 -8.69 -24.44 -22.18
N GLU H 51 -7.45 -24.73 -22.57
CA GLU H 51 -6.75 -23.98 -23.61
C GLU H 51 -6.39 -24.93 -24.73
N TRP H 52 -6.88 -24.64 -25.93
CA TRP H 52 -6.52 -25.43 -27.10
C TRP H 52 -5.04 -25.29 -27.40
N LEU H 53 -4.39 -26.42 -27.70
CA LEU H 53 -2.96 -26.46 -27.96
C LEU H 53 -2.64 -26.82 -29.41
N SER H 54 -3.00 -28.02 -29.84
CA SER H 54 -2.64 -28.46 -31.19
C SER H 54 -3.60 -29.56 -31.62
N THR H 55 -3.90 -29.60 -32.91
CA THR H 55 -4.69 -30.66 -33.50
C THR H 55 -4.04 -31.09 -34.81
N ILE H 56 -4.13 -32.38 -35.12
CA ILE H 56 -3.51 -32.96 -36.30
C ILE H 56 -4.60 -33.60 -37.15
N SER H 57 -4.35 -33.64 -38.47
CA SER H 57 -5.28 -34.27 -39.40
C SER H 57 -5.28 -35.78 -39.17
N GLY H 58 -6.16 -36.47 -39.92
CA GLY H 58 -6.27 -37.91 -39.77
C GLY H 58 -5.05 -38.67 -40.25
N SER H 59 -4.29 -38.09 -41.18
CA SER H 59 -3.12 -38.76 -41.74
C SER H 59 -1.83 -37.95 -41.54
N GLY H 60 -1.88 -36.86 -40.79
CA GLY H 60 -0.72 -36.02 -40.60
C GLY H 60 -0.50 -34.98 -41.68
N GLY H 61 -1.48 -34.75 -42.55
CA GLY H 61 -1.33 -33.73 -43.57
C GLY H 61 -1.46 -32.34 -43.01
N SER H 62 -2.36 -32.14 -42.05
CA SER H 62 -2.56 -30.86 -41.39
C SER H 62 -2.05 -30.93 -39.96
N THR H 63 -1.35 -29.88 -39.54
CA THR H 63 -0.85 -29.75 -38.18
C THR H 63 -1.11 -28.33 -37.71
N TYR H 64 -2.04 -28.16 -36.79
CA TYR H 64 -2.36 -26.85 -36.24
C TYR H 64 -1.70 -26.69 -34.88
N TYR H 65 -1.34 -25.45 -34.54
CA TYR H 65 -0.68 -25.16 -33.29
C TYR H 65 -1.13 -23.80 -32.76
N ALA H 66 -1.17 -23.68 -31.44
CA ALA H 66 -1.50 -22.42 -30.80
C ALA H 66 -0.26 -21.52 -30.74
N ASP H 67 -0.51 -20.22 -30.52
CA ASP H 67 0.58 -19.26 -30.51
C ASP H 67 1.52 -19.47 -29.32
N SER H 68 1.02 -20.01 -28.21
CA SER H 68 1.83 -20.17 -27.02
C SER H 68 2.77 -21.37 -27.12
N VAL H 69 2.38 -22.40 -27.88
CA VAL H 69 3.17 -23.61 -27.99
C VAL H 69 3.82 -23.74 -29.36
N LYS H 70 3.70 -22.72 -30.20
CA LYS H 70 4.28 -22.77 -31.54
C LYS H 70 5.79 -22.64 -31.47
N GLY H 71 6.49 -23.46 -32.26
CA GLY H 71 7.92 -23.45 -32.32
C GLY H 71 8.60 -24.50 -31.47
N ARG H 72 7.92 -25.02 -30.44
CA ARG H 72 8.49 -26.03 -29.56
C ARG H 72 7.69 -27.32 -29.53
N PHE H 73 6.41 -27.30 -29.89
CA PHE H 73 5.57 -28.49 -29.86
C PHE H 73 5.44 -29.09 -31.25
N THR H 74 5.50 -30.41 -31.32
CA THR H 74 5.36 -31.13 -32.59
C THR H 74 4.37 -32.27 -32.38
N ILE H 75 3.21 -32.17 -33.00
CA ILE H 75 2.18 -33.20 -32.90
C ILE H 75 2.35 -34.18 -34.06
N SER H 76 2.09 -35.45 -33.79
CA SER H 76 2.21 -36.50 -34.79
C SER H 76 1.29 -37.65 -34.39
N ARG H 77 1.21 -38.64 -35.27
CA ARG H 77 0.38 -39.81 -35.01
C ARG H 77 0.96 -41.02 -35.70
N ASP H 78 0.77 -42.18 -35.08
CA ASP H 78 1.18 -43.47 -35.64
C ASP H 78 -0.10 -44.24 -35.94
N ASN H 79 -0.57 -44.12 -37.18
CA ASN H 79 -1.81 -44.78 -37.58
C ASN H 79 -1.70 -46.30 -37.62
N SER H 80 -0.49 -46.84 -37.50
CA SER H 80 -0.29 -48.28 -37.43
C SER H 80 -0.35 -48.83 -36.02
N LYS H 81 -0.27 -47.97 -35.00
CA LYS H 81 -0.31 -48.41 -33.61
C LYS H 81 -1.42 -47.71 -32.82
N ASN H 82 -2.28 -46.93 -33.48
CA ASN H 82 -3.38 -46.23 -32.82
C ASN H 82 -2.87 -45.29 -31.72
N MET H 83 -1.66 -44.78 -31.88
CA MET H 83 -1.04 -43.90 -30.89
C MET H 83 -1.08 -42.46 -31.36
N LEU H 84 -1.02 -41.55 -30.38
CA LEU H 84 -1.11 -40.12 -30.63
C LEU H 84 -0.10 -39.43 -29.73
N TYR H 85 0.87 -38.74 -30.33
CA TYR H 85 2.02 -38.21 -29.62
C TYR H 85 2.02 -36.69 -29.61
N LEU H 86 2.83 -36.14 -28.71
CA LEU H 86 3.04 -34.70 -28.63
C LEU H 86 4.40 -34.46 -27.98
N GLN H 87 5.35 -33.97 -28.77
CA GLN H 87 6.69 -33.69 -28.28
C GLN H 87 6.76 -32.25 -27.78
N MET H 88 7.02 -32.10 -26.49
CA MET H 88 7.15 -30.79 -25.86
C MET H 88 8.62 -30.45 -25.68
N ASN H 89 8.97 -29.20 -26.00
CA ASN H 89 10.36 -28.74 -25.90
C ASN H 89 10.37 -27.35 -25.27
N SER H 90 11.53 -27.00 -24.71
CA SER H 90 11.76 -25.68 -24.10
C SER H 90 10.66 -25.35 -23.09
N LEU H 91 10.37 -26.31 -22.21
CA LEU H 91 9.27 -26.17 -21.27
C LEU H 91 9.61 -25.15 -20.18
N THR H 92 8.59 -24.45 -19.70
CA THR H 92 8.69 -23.48 -18.62
C THR H 92 7.62 -23.80 -17.59
N ALA H 93 7.65 -23.04 -16.48
CA ALA H 93 6.63 -23.21 -15.44
C ALA H 93 5.24 -22.88 -15.95
N GLU H 94 5.11 -22.05 -16.98
CA GLU H 94 3.82 -21.73 -17.56
C GLU H 94 3.21 -22.93 -18.28
N ASP H 95 4.02 -23.91 -18.68
CA ASP H 95 3.52 -25.11 -19.33
C ASP H 95 3.02 -26.16 -18.35
N THR H 96 3.02 -25.87 -17.05
CA THR H 96 2.54 -26.82 -16.06
C THR H 96 1.01 -26.88 -16.12
N ALA H 97 0.49 -28.01 -16.60
CA ALA H 97 -0.95 -28.17 -16.73
C ALA H 97 -1.26 -29.65 -16.89
N LEU H 98 -2.55 -29.96 -16.88
CA LEU H 98 -3.06 -31.31 -17.15
C LEU H 98 -3.45 -31.38 -18.62
N TYR H 99 -2.80 -32.26 -19.37
CA TYR H 99 -2.93 -32.31 -20.82
C TYR H 99 -3.88 -33.41 -21.25
N TYR H 100 -4.88 -33.06 -22.05
CA TYR H 100 -5.87 -33.99 -22.56
C TYR H 100 -5.64 -34.23 -24.05
N CYS H 101 -6.10 -35.39 -24.51
CA CYS H 101 -6.22 -35.66 -25.94
C CYS H 101 -7.69 -35.94 -26.23
N THR H 102 -8.23 -35.27 -27.26
CA THR H 102 -9.62 -35.41 -27.63
C THR H 102 -9.72 -35.85 -29.10
N LYS H 103 -10.92 -36.24 -29.49
CA LYS H 103 -11.21 -36.63 -30.86
C LYS H 103 -12.45 -35.89 -31.35
N ASP H 104 -12.53 -35.73 -32.66
CA ASP H 104 -13.70 -35.11 -33.26
C ASP H 104 -14.92 -36.02 -33.12
N LYS H 105 -16.10 -35.41 -33.17
CA LYS H 105 -17.34 -36.19 -33.11
C LYS H 105 -17.57 -36.95 -34.40
N ASP H 106 -17.03 -36.48 -35.52
CA ASP H 106 -17.20 -37.12 -36.82
C ASP H 106 -15.85 -37.16 -37.53
N GLU H 107 -15.80 -37.94 -38.60
CA GLU H 107 -14.56 -38.15 -39.32
C GLU H 107 -14.30 -37.03 -40.32
N TYR H 108 -13.02 -36.80 -40.61
CA TYR H 108 -12.58 -35.85 -41.64
C TYR H 108 -13.12 -34.45 -41.36
N THR H 109 -12.83 -33.94 -40.16
CA THR H 109 -13.29 -32.63 -39.74
C THR H 109 -12.18 -31.66 -39.38
N PHE H 110 -10.98 -32.16 -39.05
CA PHE H 110 -9.81 -31.32 -38.80
C PHE H 110 -10.04 -30.38 -37.61
N GLY H 111 -10.70 -30.89 -36.57
CA GLY H 111 -10.93 -30.13 -35.36
C GLY H 111 -12.07 -29.14 -35.43
N HIS H 112 -12.78 -29.04 -36.56
CA HIS H 112 -13.91 -28.12 -36.69
C HIS H 112 -15.20 -28.82 -36.27
N ASN H 113 -15.19 -29.33 -35.04
CA ASN H 113 -16.31 -30.09 -34.50
C ASN H 113 -16.21 -30.10 -32.99
N ALA H 114 -17.23 -30.65 -32.35
CA ALA H 114 -17.20 -30.85 -30.91
C ALA H 114 -16.35 -32.07 -30.57
N PHE H 115 -15.80 -32.08 -29.37
CA PHE H 115 -14.93 -33.15 -28.90
C PHE H 115 -15.73 -34.01 -27.92
N ASP H 116 -16.27 -35.12 -28.43
CA ASP H 116 -17.21 -35.91 -27.64
C ASP H 116 -16.48 -36.74 -26.58
N VAL H 117 -15.38 -37.39 -26.96
CA VAL H 117 -14.66 -38.30 -26.07
C VAL H 117 -13.37 -37.63 -25.62
N TRP H 118 -13.09 -37.72 -24.33
CA TRP H 118 -11.90 -37.14 -23.74
C TRP H 118 -11.09 -38.22 -23.01
N GLY H 119 -9.84 -37.90 -22.72
CA GLY H 119 -9.03 -38.69 -21.82
C GLY H 119 -9.05 -38.11 -20.42
N GLN H 120 -8.58 -38.91 -19.46
CA GLN H 120 -8.56 -38.46 -18.08
C GLN H 120 -7.47 -37.43 -17.81
N GLY H 121 -6.53 -37.26 -18.73
CA GLY H 121 -5.52 -36.23 -18.60
C GLY H 121 -4.21 -36.77 -18.04
N THR H 122 -3.14 -36.05 -18.34
CA THR H 122 -1.81 -36.35 -17.82
C THR H 122 -1.17 -35.05 -17.35
N MET H 123 -0.44 -35.12 -16.24
CA MET H 123 0.10 -33.95 -15.57
C MET H 123 1.56 -33.76 -15.95
N VAL H 124 1.88 -32.61 -16.52
CA VAL H 124 3.25 -32.22 -16.85
C VAL H 124 3.65 -31.11 -15.91
N THR H 125 4.56 -31.39 -14.98
CA THR H 125 5.03 -30.42 -14.00
C THR H 125 6.45 -30.01 -14.38
N VAL H 126 6.66 -28.71 -14.53
CA VAL H 126 7.96 -28.16 -14.88
C VAL H 126 8.47 -27.38 -13.68
N SER H 127 9.51 -27.89 -13.03
CA SER H 127 10.07 -27.24 -11.85
C SER H 127 11.54 -27.58 -11.75
N SER H 128 12.29 -26.71 -11.06
CA SER H 128 13.71 -26.93 -10.84
C SER H 128 13.99 -27.92 -9.72
N ALA H 129 12.97 -28.28 -8.94
CA ALA H 129 13.16 -29.20 -7.82
C ALA H 129 13.31 -30.63 -8.31
N SER H 130 13.82 -31.48 -7.42
CA SER H 130 14.04 -32.89 -7.71
C SER H 130 12.97 -33.76 -7.05
N THR H 131 12.84 -34.98 -7.55
CA THR H 131 11.85 -35.91 -7.03
C THR H 131 12.21 -36.38 -5.63
N LYS H 132 11.22 -36.93 -4.93
CA LYS H 132 11.42 -37.39 -3.56
C LYS H 132 10.45 -38.53 -3.29
N GLY H 133 10.96 -39.65 -2.79
CA GLY H 133 10.15 -40.79 -2.46
C GLY H 133 9.41 -40.61 -1.16
N PRO H 134 8.09 -40.81 -1.18
CA PRO H 134 7.29 -40.58 0.02
C PRO H 134 7.56 -41.62 1.09
N SER H 135 7.27 -41.22 2.33
CA SER H 135 7.34 -42.10 3.49
C SER H 135 5.93 -42.44 3.94
N VAL H 136 5.64 -43.72 4.05
CA VAL H 136 4.32 -44.20 4.41
C VAL H 136 4.29 -44.53 5.91
N PHE H 137 3.25 -44.08 6.59
CA PHE H 137 3.09 -44.31 8.02
C PHE H 137 1.68 -44.82 8.30
N PRO H 138 1.53 -45.71 9.28
CA PRO H 138 0.19 -46.24 9.59
C PRO H 138 -0.63 -45.35 10.50
N LEU H 139 -1.89 -45.13 10.15
CA LEU H 139 -2.77 -44.30 10.97
C LEU H 139 -3.92 -45.10 11.55
N ALA H 151 -13.86 -48.76 11.62
CA ALA H 151 -13.65 -47.42 12.16
C ALA H 151 -12.79 -46.58 11.22
N ALA H 152 -12.07 -45.61 11.78
CA ALA H 152 -11.24 -44.69 11.01
C ALA H 152 -9.80 -45.18 11.05
N LEU H 153 -9.36 -45.84 9.98
CA LEU H 153 -7.99 -46.29 9.83
C LEU H 153 -7.44 -45.76 8.51
N GLY H 154 -6.18 -45.34 8.52
CA GLY H 154 -5.61 -44.72 7.35
C GLY H 154 -4.11 -44.90 7.24
N CYS H 155 -3.54 -44.26 6.23
CA CYS H 155 -2.10 -44.26 5.98
C CYS H 155 -1.64 -42.84 5.70
N LEU H 156 -0.51 -42.46 6.30
CA LEU H 156 0.04 -41.12 6.14
C LEU H 156 1.16 -41.17 5.11
N VAL H 157 0.96 -40.49 3.98
CA VAL H 157 1.94 -40.41 2.90
C VAL H 157 2.46 -38.98 2.89
N LYS H 158 3.59 -38.74 3.57
CA LYS H 158 4.13 -37.41 3.73
C LYS H 158 5.47 -37.28 3.04
N ASP H 159 5.84 -36.02 2.76
CA ASP H 159 7.11 -35.66 2.16
C ASP H 159 7.34 -36.35 0.82
N TYR H 160 6.75 -35.81 -0.24
CA TYR H 160 7.00 -36.31 -1.59
C TYR H 160 6.84 -35.18 -2.59
N PHE H 161 7.52 -35.33 -3.74
CA PHE H 161 7.45 -34.37 -4.82
C PHE H 161 7.83 -35.07 -6.10
N PRO H 162 7.10 -34.85 -7.21
CA PRO H 162 5.88 -34.03 -7.23
C PRO H 162 4.61 -34.89 -7.15
N GLU H 163 3.46 -34.24 -7.27
CA GLU H 163 2.21 -34.97 -7.34
C GLU H 163 2.08 -35.65 -8.71
N PRO H 164 1.22 -36.68 -8.81
CA PRO H 164 0.36 -37.28 -7.79
C PRO H 164 0.83 -38.63 -7.28
N VAL H 165 0.15 -39.12 -6.24
CA VAL H 165 0.36 -40.47 -5.71
C VAL H 165 -0.98 -41.21 -5.80
N THR H 166 -0.91 -42.49 -6.12
CA THR H 166 -2.08 -43.35 -6.21
C THR H 166 -2.11 -44.28 -5.00
N VAL H 167 -3.16 -44.17 -4.20
CA VAL H 167 -3.26 -44.91 -2.94
C VAL H 167 -4.40 -45.90 -3.07
N SER H 168 -4.06 -47.18 -3.15
CA SER H 168 -5.01 -48.27 -3.00
C SER H 168 -4.87 -48.87 -1.61
N TRP H 169 -5.87 -49.68 -1.23
CA TRP H 169 -5.92 -50.21 0.13
C TRP H 169 -5.63 -51.69 0.08
N ASN H 170 -6.64 -52.57 0.16
CA ASN H 170 -6.41 -54.02 0.19
C ASN H 170 -6.28 -54.53 -1.24
N SER H 171 -5.20 -54.11 -1.90
CA SER H 171 -4.90 -54.49 -3.28
C SER H 171 -6.05 -54.17 -4.23
N GLY H 172 -6.82 -53.13 -3.90
CA GLY H 172 -7.96 -52.75 -4.69
C GLY H 172 -9.20 -53.58 -4.49
N ALA H 173 -9.27 -54.37 -3.40
CA ALA H 173 -10.44 -55.21 -3.16
C ALA H 173 -11.61 -54.39 -2.65
N LEU H 174 -11.37 -53.51 -1.69
CA LEU H 174 -12.41 -52.67 -1.12
C LEU H 174 -12.25 -51.24 -1.62
N THR H 175 -13.38 -50.58 -1.87
CA THR H 175 -13.35 -49.20 -2.35
C THR H 175 -14.51 -48.36 -1.84
N SER H 176 -15.32 -48.87 -0.90
CA SER H 176 -16.47 -48.12 -0.41
C SER H 176 -16.04 -47.08 0.63
N GLY H 177 -15.26 -47.51 1.63
CA GLY H 177 -14.86 -46.63 2.70
C GLY H 177 -13.66 -45.76 2.43
N VAL H 178 -13.06 -45.84 1.24
CA VAL H 178 -11.86 -45.06 0.95
C VAL H 178 -12.22 -43.58 0.81
N HIS H 179 -11.28 -42.72 1.20
CA HIS H 179 -11.46 -41.27 1.08
C HIS H 179 -10.07 -40.64 1.18
N THR H 180 -9.42 -40.48 0.03
CA THR H 180 -8.08 -39.89 -0.02
C THR H 180 -8.21 -38.37 -0.04
N PHE H 181 -7.74 -37.71 1.01
CA PHE H 181 -7.79 -36.26 1.07
C PHE H 181 -6.80 -35.66 0.08
N PRO H 182 -7.09 -34.45 -0.43
CA PRO H 182 -6.12 -33.77 -1.28
C PRO H 182 -4.84 -33.47 -0.53
N ALA H 183 -3.72 -33.52 -1.25
CA ALA H 183 -2.42 -33.34 -0.62
C ALA H 183 -2.22 -31.89 -0.20
N VAL H 184 -1.32 -31.70 0.77
CA VAL H 184 -0.92 -30.38 1.24
C VAL H 184 0.45 -30.05 0.67
N LEU H 185 0.64 -28.79 0.29
CA LEU H 185 1.93 -28.32 -0.24
C LEU H 185 2.65 -27.60 0.88
N GLN H 186 3.58 -28.31 1.52
CA GLN H 186 4.35 -27.72 2.61
C GLN H 186 5.21 -26.57 2.11
N SER H 187 5.66 -25.74 3.06
CA SER H 187 6.54 -24.63 2.70
C SER H 187 7.87 -25.10 2.14
N SER H 188 8.26 -26.34 2.42
CA SER H 188 9.49 -26.90 1.88
C SER H 188 9.36 -27.34 0.42
N GLY H 189 8.14 -27.35 -0.12
CA GLY H 189 7.90 -27.82 -1.47
C GLY H 189 7.51 -29.27 -1.59
N LEU H 190 7.56 -30.02 -0.48
CA LEU H 190 7.18 -31.43 -0.49
C LEU H 190 5.71 -31.59 -0.15
N TYR H 191 5.05 -32.52 -0.82
CA TYR H 191 3.65 -32.81 -0.58
C TYR H 191 3.50 -33.83 0.54
N SER H 192 2.39 -33.72 1.27
CA SER H 192 1.99 -34.69 2.28
C SER H 192 0.52 -35.02 2.08
N LEU H 193 0.17 -36.28 2.31
CA LEU H 193 -1.18 -36.75 2.02
C LEU H 193 -1.57 -37.84 3.00
N SER H 194 -2.86 -37.94 3.28
CA SER H 194 -3.40 -38.96 4.17
C SER H 194 -4.66 -39.56 3.55
N SER H 195 -4.71 -40.88 3.47
CA SER H 195 -5.86 -41.61 2.94
C SER H 195 -6.37 -42.56 4.01
N VAL H 196 -7.62 -42.39 4.42
CA VAL H 196 -8.22 -43.19 5.47
C VAL H 196 -9.41 -43.96 4.90
N VAL H 197 -9.76 -45.05 5.58
CA VAL H 197 -10.88 -45.91 5.22
C VAL H 197 -11.81 -46.00 6.41
N THR H 198 -13.12 -45.96 6.14
CA THR H 198 -14.12 -46.03 7.19
C THR H 198 -14.53 -47.47 7.46
N ILE H 210 -3.20 -52.91 5.22
CA ILE H 210 -2.13 -52.65 4.26
C ILE H 210 -2.57 -51.61 3.25
N CYS H 211 -1.66 -50.71 2.90
CA CYS H 211 -1.92 -49.64 1.94
C CYS H 211 -1.01 -49.79 0.74
N ASN H 212 -1.53 -49.51 -0.45
CA ASN H 212 -0.76 -49.55 -1.68
C ASN H 212 -0.44 -48.11 -2.09
N VAL H 213 0.74 -47.64 -1.72
CA VAL H 213 1.20 -46.30 -2.04
C VAL H 213 2.19 -46.39 -3.18
N ASN H 214 1.87 -45.75 -4.30
CA ASN H 214 2.71 -45.79 -5.50
C ASN H 214 3.01 -44.36 -5.94
N HIS H 215 4.29 -44.01 -6.00
CA HIS H 215 4.73 -42.73 -6.51
C HIS H 215 5.48 -42.96 -7.82
N LYS H 216 4.91 -42.48 -8.93
CA LYS H 216 5.52 -42.73 -10.24
C LYS H 216 6.80 -41.95 -10.45
N PRO H 217 6.88 -40.64 -10.14
CA PRO H 217 8.16 -39.93 -10.39
C PRO H 217 9.34 -40.53 -9.64
N SER H 218 9.19 -40.81 -8.35
CA SER H 218 10.26 -41.43 -7.59
C SER H 218 10.42 -42.92 -7.89
N ASN H 219 9.46 -43.52 -8.60
CA ASN H 219 9.46 -44.96 -8.89
C ASN H 219 9.58 -45.77 -7.61
N THR H 220 8.98 -45.27 -6.53
CA THR H 220 9.02 -45.91 -5.22
C THR H 220 7.61 -46.31 -4.81
N LYS H 221 7.38 -47.62 -4.68
CA LYS H 221 6.07 -48.17 -4.35
C LYS H 221 6.19 -48.98 -3.06
N VAL H 222 5.61 -48.48 -1.98
CA VAL H 222 5.72 -49.09 -0.66
C VAL H 222 4.35 -49.64 -0.27
N ASP H 223 4.33 -50.87 0.22
CA ASP H 223 3.14 -51.50 0.77
C ASP H 223 3.29 -51.64 2.27
N LYS H 224 2.36 -51.05 3.02
CA LYS H 224 2.38 -51.14 4.47
C LYS H 224 0.97 -50.97 5.04
N TYR I 7 -10.57 -15.02 -32.40
CA TYR I 7 -11.96 -14.88 -32.00
C TYR I 7 -12.10 -15.11 -30.49
N GLU I 8 -12.79 -14.19 -29.81
CA GLU I 8 -12.94 -14.23 -28.37
C GLU I 8 -14.33 -14.70 -27.99
N LEU I 9 -14.40 -15.55 -26.96
CA LEU I 9 -15.67 -16.03 -26.42
C LEU I 9 -15.79 -15.52 -24.99
N THR I 10 -16.88 -14.79 -24.72
CA THR I 10 -17.09 -14.14 -23.43
C THR I 10 -17.97 -15.02 -22.56
N GLN I 11 -17.39 -15.58 -21.50
CA GLN I 11 -18.12 -16.37 -20.51
C GLN I 11 -18.07 -15.67 -19.16
N ALA I 12 -19.19 -15.73 -18.44
CA ALA I 12 -19.24 -15.15 -17.11
C ALA I 12 -18.58 -16.11 -16.11
N PRO I 13 -17.76 -15.59 -15.19
CA PRO I 13 -17.06 -16.50 -14.27
C PRO I 13 -17.99 -17.21 -13.29
N SER I 14 -18.95 -16.51 -12.69
CA SER I 14 -19.75 -17.07 -11.61
C SER I 14 -21.24 -16.95 -11.93
N VAL I 15 -21.98 -18.01 -11.63
CA VAL I 15 -23.43 -18.04 -11.76
C VAL I 15 -24.01 -18.78 -10.56
N SER I 16 -24.99 -18.19 -9.90
CA SER I 16 -25.68 -18.80 -8.78
C SER I 16 -27.14 -19.05 -9.14
N VAL I 17 -27.66 -20.21 -8.72
CA VAL I 17 -29.03 -20.60 -9.05
C VAL I 17 -29.59 -21.41 -7.89
N ALA I 18 -30.90 -21.25 -7.65
CA ALA I 18 -31.58 -21.99 -6.61
C ALA I 18 -31.96 -23.38 -7.10
N PRO I 19 -31.94 -24.37 -6.21
CA PRO I 19 -32.32 -25.74 -6.63
C PRO I 19 -33.76 -25.78 -7.13
N GLY I 20 -33.94 -26.34 -8.32
CA GLY I 20 -35.22 -26.40 -8.99
C GLY I 20 -35.42 -25.33 -10.04
N GLN I 21 -34.79 -24.17 -9.86
CA GLN I 21 -34.86 -23.11 -10.84
C GLN I 21 -34.02 -23.46 -12.07
N THR I 22 -34.11 -22.61 -13.09
CA THR I 22 -33.38 -22.80 -14.33
C THR I 22 -32.18 -21.86 -14.38
N ALA I 23 -31.00 -22.45 -14.61
CA ALA I 23 -29.77 -21.68 -14.71
C ALA I 23 -29.40 -21.49 -16.17
N ARG I 24 -28.83 -20.31 -16.48
CA ARG I 24 -28.44 -19.96 -17.83
C ARG I 24 -26.97 -19.56 -17.83
N ILE I 25 -26.17 -20.24 -18.64
CA ILE I 25 -24.74 -19.96 -18.77
C ILE I 25 -24.51 -19.39 -20.16
N THR I 26 -24.03 -18.15 -20.22
CA THR I 26 -23.94 -17.40 -21.46
C THR I 26 -22.54 -17.45 -22.05
N CYS I 27 -22.48 -17.39 -23.38
CA CYS I 27 -21.23 -17.37 -24.13
C CYS I 27 -21.33 -16.26 -25.17
N GLY I 28 -20.46 -15.26 -25.06
CA GLY I 28 -20.56 -14.04 -25.84
C GLY I 28 -19.43 -13.89 -26.85
N GLY I 29 -19.76 -13.35 -28.01
CA GLY I 29 -18.80 -13.13 -29.06
C GLY I 29 -19.36 -12.14 -30.08
N ASP I 30 -18.68 -12.05 -31.21
CA ASP I 30 -19.08 -11.10 -32.25
C ASP I 30 -20.36 -11.56 -32.94
N ASN I 31 -20.30 -12.68 -33.67
CA ASN I 31 -21.46 -13.25 -34.36
C ASN I 31 -21.46 -14.76 -34.10
N ILE I 32 -21.87 -15.14 -32.89
CA ILE I 32 -21.88 -16.56 -32.52
C ILE I 32 -23.00 -17.30 -33.24
N GLY I 33 -24.06 -16.60 -33.65
CA GLY I 33 -25.09 -17.24 -34.45
C GLY I 33 -24.60 -17.73 -35.79
N ARG I 34 -23.45 -17.23 -36.24
CA ARG I 34 -22.86 -17.70 -37.49
C ARG I 34 -22.15 -19.04 -37.30
N LYS I 35 -21.66 -19.33 -36.10
CA LYS I 35 -20.87 -20.51 -35.82
C LYS I 35 -21.63 -21.46 -34.91
N THR I 36 -21.17 -22.71 -34.89
CA THR I 36 -21.75 -23.74 -34.03
C THR I 36 -21.07 -23.70 -32.66
N VAL I 37 -21.88 -23.73 -31.60
CA VAL I 37 -21.38 -23.65 -30.23
C VAL I 37 -21.46 -25.03 -29.59
N ASN I 38 -20.40 -25.40 -28.87
CA ASN I 38 -20.31 -26.70 -28.21
C ASN I 38 -20.03 -26.49 -26.73
N TRP I 39 -20.82 -27.11 -25.87
CA TRP I 39 -20.74 -26.93 -24.43
C TRP I 39 -20.18 -28.19 -23.78
N TYR I 40 -19.24 -28.00 -22.85
CA TYR I 40 -18.61 -29.10 -22.13
C TYR I 40 -18.78 -28.89 -20.63
N GLN I 41 -19.05 -29.98 -19.92
CA GLN I 41 -19.21 -29.96 -18.47
C GLN I 41 -18.00 -30.61 -17.83
N GLN I 42 -17.43 -29.95 -16.82
CA GLN I 42 -16.22 -30.42 -16.15
C GLN I 42 -16.46 -30.44 -14.64
N LYS I 43 -16.91 -31.58 -14.13
CA LYS I 43 -17.08 -31.73 -12.70
C LYS I 43 -15.72 -31.82 -12.02
N PRO I 44 -15.63 -31.41 -10.75
CA PRO I 44 -14.33 -31.38 -10.07
C PRO I 44 -13.66 -32.75 -10.06
N GLY I 45 -12.42 -32.79 -10.54
CA GLY I 45 -11.68 -34.02 -10.59
C GLY I 45 -12.07 -34.95 -11.71
N GLN I 46 -12.60 -34.43 -12.81
CA GLN I 46 -13.05 -35.25 -13.92
C GLN I 46 -12.75 -34.55 -15.24
N ALA I 47 -12.88 -35.30 -16.32
CA ALA I 47 -12.64 -34.81 -17.67
C ALA I 47 -13.91 -34.18 -18.24
N PRO I 48 -13.76 -33.27 -19.20
CA PRO I 48 -14.94 -32.63 -19.81
C PRO I 48 -15.84 -33.65 -20.50
N VAL I 49 -17.14 -33.34 -20.50
CA VAL I 49 -18.16 -34.17 -21.13
C VAL I 49 -18.97 -33.29 -22.07
N LEU I 50 -19.17 -33.76 -23.31
CA LEU I 50 -19.92 -33.00 -24.30
C LEU I 50 -21.38 -32.96 -23.90
N VAL I 51 -21.86 -31.78 -23.49
CA VAL I 51 -23.24 -31.62 -23.04
C VAL I 51 -24.15 -31.22 -24.18
N ILE I 52 -23.77 -30.19 -24.93
CA ILE I 52 -24.56 -29.70 -26.06
C ILE I 52 -23.60 -29.36 -27.20
N TYR I 53 -23.91 -29.88 -28.39
CA TYR I 53 -23.11 -29.62 -29.58
C TYR I 53 -24.00 -29.03 -30.67
N TYR I 54 -23.38 -28.28 -31.57
CA TYR I 54 -24.08 -27.61 -32.67
C TYR I 54 -25.26 -26.79 -32.15
N ASP I 55 -24.93 -25.83 -31.28
CA ASP I 55 -25.90 -24.89 -30.72
C ASP I 55 -26.94 -25.56 -29.83
N ASN I 56 -27.71 -26.50 -30.36
CA ASN I 56 -28.85 -27.06 -29.65
C ASN I 56 -28.92 -28.58 -29.60
N ASP I 57 -28.10 -29.29 -30.37
CA ASP I 57 -28.19 -30.74 -30.40
C ASP I 57 -27.65 -31.34 -29.10
N ARG I 58 -28.22 -32.49 -28.72
CA ARG I 58 -27.91 -33.13 -27.45
C ARG I 58 -27.55 -34.58 -27.69
N PRO I 59 -26.41 -35.05 -27.18
CA PRO I 59 -26.01 -36.44 -27.38
C PRO I 59 -26.81 -37.39 -26.49
N SER I 60 -26.66 -38.68 -26.78
CA SER I 60 -27.32 -39.70 -25.97
C SER I 60 -26.65 -39.83 -24.61
N GLY I 61 -27.46 -40.06 -23.59
CA GLY I 61 -26.99 -40.10 -22.23
C GLY I 61 -27.07 -38.78 -21.48
N ILE I 62 -27.15 -37.67 -22.21
CA ILE I 62 -27.30 -36.36 -21.57
C ILE I 62 -28.78 -36.14 -21.23
N PRO I 63 -29.11 -35.77 -19.99
CA PRO I 63 -30.51 -35.52 -19.65
C PRO I 63 -31.10 -34.39 -20.48
N GLU I 64 -32.41 -34.45 -20.70
CA GLU I 64 -33.08 -33.40 -21.45
C GLU I 64 -33.19 -32.09 -20.68
N ARG I 65 -32.65 -32.03 -19.45
CA ARG I 65 -32.55 -30.78 -18.72
C ARG I 65 -31.46 -29.87 -19.27
N PHE I 66 -30.78 -30.28 -20.34
CA PHE I 66 -29.71 -29.50 -20.96
C PHE I 66 -30.18 -29.05 -22.33
N SER I 67 -30.52 -27.76 -22.46
CA SER I 67 -30.98 -27.19 -23.71
C SER I 67 -29.91 -26.25 -24.27
N GLY I 68 -30.07 -25.92 -25.55
CA GLY I 68 -29.12 -25.04 -26.21
C GLY I 68 -29.78 -24.05 -27.16
N SER I 69 -29.25 -22.83 -27.22
CA SER I 69 -29.78 -21.80 -28.11
C SER I 69 -28.64 -20.86 -28.49
N ASN I 70 -28.59 -20.51 -29.77
CA ASN I 70 -27.56 -19.61 -30.29
C ASN I 70 -28.18 -18.73 -31.37
N SER I 71 -28.21 -17.42 -31.12
CA SER I 71 -28.77 -16.48 -32.08
C SER I 71 -28.19 -15.11 -31.83
N GLY I 72 -27.64 -14.50 -32.88
CA GLY I 72 -27.15 -13.13 -32.77
C GLY I 72 -25.87 -13.05 -31.97
N ASN I 73 -25.85 -12.12 -31.02
CA ASN I 73 -24.66 -11.83 -30.23
C ASN I 73 -24.59 -12.61 -28.93
N MET I 74 -25.43 -13.64 -28.75
CA MET I 74 -25.43 -14.37 -27.49
C MET I 74 -25.84 -15.82 -27.73
N ALA I 75 -25.02 -16.74 -27.22
CA ALA I 75 -25.33 -18.16 -27.18
C ALA I 75 -25.23 -18.63 -25.74
N THR I 76 -26.30 -19.22 -25.22
CA THR I 76 -26.36 -19.58 -23.81
C THR I 76 -26.78 -21.03 -23.64
N LEU I 77 -26.26 -21.65 -22.57
CA LEU I 77 -26.61 -23.00 -22.18
C LEU I 77 -27.57 -22.95 -21.00
N SER I 78 -28.66 -23.69 -21.09
CA SER I 78 -29.73 -23.65 -20.09
C SER I 78 -29.88 -25.01 -19.44
N ILE I 79 -29.83 -25.04 -18.11
CA ILE I 79 -30.05 -26.24 -17.33
C ILE I 79 -31.34 -26.03 -16.54
N SER I 80 -32.42 -26.66 -16.99
CA SER I 80 -33.70 -26.55 -16.29
C SER I 80 -33.76 -27.53 -15.13
N ARG I 81 -34.36 -27.08 -14.02
CA ARG I 81 -34.47 -27.87 -12.79
C ARG I 81 -33.08 -28.33 -12.32
N VAL I 82 -32.34 -27.36 -11.78
CA VAL I 82 -30.95 -27.58 -11.41
C VAL I 82 -30.87 -28.50 -10.19
N GLU I 83 -29.95 -29.45 -10.23
CA GLU I 83 -29.65 -30.32 -9.10
C GLU I 83 -28.35 -29.88 -8.44
N VAL I 84 -28.12 -30.39 -7.23
CA VAL I 84 -26.89 -30.06 -6.53
C VAL I 84 -25.71 -30.79 -7.18
N GLY I 85 -25.96 -31.90 -7.86
CA GLY I 85 -24.89 -32.61 -8.53
C GLY I 85 -24.46 -32.01 -9.85
N ASP I 86 -25.13 -30.94 -10.29
CA ASP I 86 -24.78 -30.27 -11.53
C ASP I 86 -23.66 -29.26 -11.37
N GLU I 87 -23.15 -29.06 -10.16
CA GLU I 87 -22.08 -28.09 -9.94
C GLU I 87 -20.81 -28.54 -10.65
N ALA I 88 -20.39 -27.76 -11.65
CA ALA I 88 -19.22 -28.08 -12.46
C ALA I 88 -18.77 -26.81 -13.16
N ASP I 89 -17.90 -26.96 -14.15
CA ASP I 89 -17.44 -25.85 -14.99
C ASP I 89 -17.93 -26.09 -16.41
N TYR I 90 -18.46 -25.04 -17.03
CA TYR I 90 -19.10 -25.13 -18.34
C TYR I 90 -18.36 -24.22 -19.32
N TYR I 91 -17.87 -24.80 -20.40
CA TYR I 91 -17.10 -24.09 -21.41
C TYR I 91 -17.80 -24.17 -22.76
N CYS I 92 -17.67 -23.09 -23.54
CA CYS I 92 -18.19 -23.06 -24.90
C CYS I 92 -17.01 -23.07 -25.87
N GLN I 93 -17.02 -24.01 -26.80
CA GLN I 93 -15.96 -24.16 -27.80
C GLN I 93 -16.46 -23.69 -29.15
N VAL I 94 -15.65 -22.89 -29.84
CA VAL I 94 -15.99 -22.34 -31.14
C VAL I 94 -14.76 -22.38 -32.03
N TRP I 95 -14.96 -22.65 -33.32
CA TRP I 95 -13.87 -22.73 -34.28
C TRP I 95 -13.58 -21.33 -34.81
N ASP I 96 -12.38 -20.82 -34.52
CA ASP I 96 -11.98 -19.52 -35.04
C ASP I 96 -11.86 -19.60 -36.56
N SER I 97 -12.69 -18.83 -37.27
CA SER I 97 -12.85 -19.00 -38.70
C SER I 97 -11.68 -18.44 -39.50
N ASN I 98 -11.00 -17.41 -39.00
CA ASN I 98 -9.92 -16.78 -39.74
C ASN I 98 -8.54 -17.10 -39.19
N ASN I 99 -8.44 -17.87 -38.11
CA ASN I 99 -7.17 -18.42 -37.65
C ASN I 99 -7.12 -19.94 -37.74
N ASP I 100 -8.24 -20.59 -38.01
CA ASP I 100 -8.30 -22.03 -38.27
C ASP I 100 -7.77 -22.84 -37.10
N HIS I 101 -8.37 -22.62 -35.93
CA HIS I 101 -8.06 -23.43 -34.76
C HIS I 101 -9.16 -23.25 -33.74
N PRO I 102 -9.53 -24.30 -33.00
CA PRO I 102 -10.58 -24.15 -31.98
C PRO I 102 -10.15 -23.19 -30.89
N VAL I 103 -11.14 -22.56 -30.26
CA VAL I 103 -10.92 -21.66 -29.13
C VAL I 103 -12.00 -21.91 -28.10
N PHE I 104 -11.60 -21.95 -26.83
CA PHE I 104 -12.51 -22.22 -25.73
C PHE I 104 -12.86 -20.93 -25.00
N GLY I 105 -13.88 -21.02 -24.15
CA GLY I 105 -14.30 -19.89 -23.33
C GLY I 105 -13.59 -19.86 -21.98
N GLY I 106 -13.75 -18.73 -21.30
CA GLY I 106 -13.11 -18.57 -20.00
C GLY I 106 -13.66 -19.48 -18.94
N GLY I 107 -14.80 -20.10 -19.19
CA GLY I 107 -15.38 -21.02 -18.22
C GLY I 107 -16.31 -20.34 -17.25
N THR I 108 -17.32 -21.10 -16.81
CA THR I 108 -18.32 -20.60 -15.87
C THR I 108 -18.48 -21.62 -14.76
N LYS I 109 -18.12 -21.22 -13.54
CA LYS I 109 -18.28 -22.06 -12.36
C LYS I 109 -19.68 -21.87 -11.81
N LEU I 110 -20.48 -22.93 -11.81
CA LEU I 110 -21.86 -22.88 -11.35
C LEU I 110 -21.96 -23.49 -9.96
N THR I 111 -22.63 -22.80 -9.05
CA THR I 111 -22.93 -23.31 -7.72
C THR I 111 -24.42 -23.12 -7.44
N VAL I 112 -24.92 -23.93 -6.50
CA VAL I 112 -26.31 -23.84 -6.07
C VAL I 112 -26.34 -23.38 -4.61
N VAL I 113 -27.28 -22.50 -4.30
CA VAL I 113 -27.42 -21.97 -2.95
C VAL I 113 -28.51 -22.75 -2.23
N GLY I 114 -28.81 -22.36 -1.00
CA GLY I 114 -29.86 -23.04 -0.24
C GLY I 114 -29.52 -24.44 0.20
N GLN I 115 -28.25 -24.82 0.15
CA GLN I 115 -27.85 -26.14 0.61
C GLN I 115 -27.77 -26.15 2.13
N PRO I 116 -28.31 -27.17 2.80
CA PRO I 116 -28.32 -27.19 4.26
C PRO I 116 -26.91 -27.25 4.83
N LYS I 117 -26.73 -26.60 5.98
CA LYS I 117 -25.43 -26.58 6.64
C LYS I 117 -25.16 -27.91 7.31
N ALA I 118 -23.95 -28.43 7.13
CA ALA I 118 -23.54 -29.71 7.68
C ALA I 118 -22.37 -29.52 8.63
N ALA I 119 -22.40 -30.23 9.76
CA ALA I 119 -21.34 -30.13 10.73
C ALA I 119 -20.09 -30.85 10.23
N PRO I 120 -18.89 -30.31 10.51
CA PRO I 120 -17.65 -30.92 9.99
C PRO I 120 -17.24 -32.13 10.82
N SER I 121 -17.41 -33.31 10.24
CA SER I 121 -16.91 -34.54 10.88
C SER I 121 -15.39 -34.52 10.88
N VAL I 122 -14.79 -34.80 12.03
CA VAL I 122 -13.36 -34.63 12.22
C VAL I 122 -12.80 -35.85 12.96
N THR I 123 -11.71 -36.41 12.43
CA THR I 123 -10.98 -37.49 13.06
C THR I 123 -9.51 -37.09 13.16
N LEU I 124 -8.84 -37.58 14.22
CA LEU I 124 -7.45 -37.26 14.47
C LEU I 124 -6.65 -38.55 14.68
N PHE I 125 -5.39 -38.51 14.29
CA PHE I 125 -4.48 -39.64 14.45
C PHE I 125 -3.18 -39.19 15.11
N PRO I 126 -2.68 -39.96 16.07
CA PRO I 126 -1.40 -39.61 16.70
C PRO I 126 -0.23 -40.06 15.86
N PRO I 127 0.99 -39.54 16.11
CA PRO I 127 2.18 -39.94 15.36
C PRO I 127 2.45 -41.44 15.39
N GLU I 130 5.99 -46.16 14.03
CA GLU I 130 6.95 -46.21 12.94
C GLU I 130 7.59 -44.85 12.71
N GLU I 131 6.78 -43.79 12.75
CA GLU I 131 7.31 -42.44 12.56
C GLU I 131 8.12 -41.97 13.76
N LEU I 132 7.73 -42.40 14.97
CA LEU I 132 8.47 -41.99 16.16
C LEU I 132 9.87 -42.59 16.20
N GLN I 133 10.06 -43.75 15.55
CA GLN I 133 11.38 -44.35 15.51
C GLN I 133 12.36 -43.53 14.68
N ALA I 134 11.84 -42.80 13.68
CA ALA I 134 12.66 -41.93 12.84
C ALA I 134 12.83 -40.54 13.42
N ASN I 135 12.43 -40.33 14.68
CA ASN I 135 12.57 -39.04 15.36
C ASN I 135 11.83 -37.93 14.61
N LYS I 136 10.63 -38.24 14.13
CA LYS I 136 9.81 -37.26 13.41
C LYS I 136 8.35 -37.58 13.67
N ALA I 137 7.61 -36.61 14.22
CA ALA I 137 6.20 -36.79 14.56
C ALA I 137 5.34 -35.89 13.71
N THR I 138 4.14 -36.38 13.37
CA THR I 138 3.20 -35.63 12.56
C THR I 138 1.78 -36.00 12.99
N LEU I 139 0.96 -34.99 13.25
CA LEU I 139 -0.43 -35.18 13.66
C LEU I 139 -1.35 -34.81 12.50
N VAL I 140 -2.29 -35.69 12.18
CA VAL I 140 -3.19 -35.51 11.06
C VAL I 140 -4.59 -35.23 11.61
N CYS I 141 -5.08 -34.01 11.38
CA CYS I 141 -6.43 -33.62 11.73
C CYS I 141 -7.23 -33.54 10.44
N LEU I 142 -8.16 -34.47 10.27
CA LEU I 142 -8.90 -34.64 9.02
C LEU I 142 -10.32 -34.15 9.20
N ILE I 143 -10.73 -33.20 8.36
CA ILE I 143 -12.08 -32.63 8.37
C ILE I 143 -12.78 -33.09 7.11
N SER I 144 -14.04 -33.53 7.25
CA SER I 144 -14.76 -34.08 6.11
C SER I 144 -16.25 -33.81 6.27
N ASP I 145 -16.93 -33.67 5.13
CA ASP I 145 -18.39 -33.55 5.06
C ASP I 145 -18.88 -32.32 5.82
N PHE I 146 -18.56 -31.15 5.26
CA PHE I 146 -19.01 -29.89 5.83
C PHE I 146 -19.40 -28.94 4.71
N TYR I 147 -20.38 -28.09 4.99
CA TYR I 147 -20.92 -27.12 4.05
C TYR I 147 -21.55 -25.98 4.85
N PRO I 148 -21.23 -24.70 4.54
CA PRO I 148 -20.34 -24.21 3.49
C PRO I 148 -18.87 -24.55 3.72
N GLY I 149 -18.04 -24.32 2.71
CA GLY I 149 -16.64 -24.68 2.78
C GLY I 149 -15.74 -23.57 3.28
N ALA I 150 -15.73 -23.35 4.60
CA ALA I 150 -14.87 -22.33 5.19
C ALA I 150 -14.70 -22.70 6.67
N VAL I 151 -13.54 -23.29 6.99
CA VAL I 151 -13.23 -23.69 8.35
C VAL I 151 -11.89 -23.08 8.75
N THR I 152 -11.65 -23.05 10.06
CA THR I 152 -10.40 -22.56 10.62
C THR I 152 -9.92 -23.56 11.66
N VAL I 153 -8.73 -24.11 11.46
CA VAL I 153 -8.17 -25.17 12.31
C VAL I 153 -7.27 -24.53 13.36
N ALA I 154 -7.43 -24.95 14.60
CA ALA I 154 -6.63 -24.44 15.71
C ALA I 154 -5.96 -25.58 16.47
N GLY I 165 4.54 -23.52 11.63
CA GLY I 165 4.62 -24.72 12.42
C GLY I 165 3.50 -25.71 12.17
N VAL I 166 2.54 -25.29 11.34
CA VAL I 166 1.38 -26.11 11.00
C VAL I 166 1.05 -25.90 9.54
N GLU I 167 0.91 -26.99 8.79
CA GLU I 167 0.50 -26.95 7.39
C GLU I 167 -0.97 -27.36 7.30
N THR I 168 -1.76 -26.54 6.60
CA THR I 168 -3.19 -26.76 6.48
C THR I 168 -3.61 -26.64 5.02
N THR I 169 -4.63 -27.42 4.65
CA THR I 169 -5.14 -27.43 3.29
C THR I 169 -6.29 -26.44 3.14
N THR I 170 -6.67 -26.20 1.89
CA THR I 170 -7.84 -25.42 1.51
C THR I 170 -9.01 -26.35 1.23
N PRO I 171 -10.24 -25.93 1.52
CA PRO I 171 -11.39 -26.81 1.31
C PRO I 171 -11.56 -27.17 -0.16
N SER I 172 -12.06 -28.38 -0.39
CA SER I 172 -12.24 -28.90 -1.74
C SER I 172 -13.49 -29.78 -1.83
N SER I 175 -17.80 -36.32 -5.99
CA SER I 175 -17.65 -36.28 -4.55
C SER I 175 -19.00 -36.22 -3.86
N ASN I 176 -18.99 -36.13 -2.53
CA ASN I 176 -20.20 -36.01 -1.72
C ASN I 176 -20.74 -34.61 -1.67
N ASN I 177 -20.25 -33.72 -2.54
CA ASN I 177 -20.77 -32.38 -2.68
C ASN I 177 -20.45 -31.54 -1.46
N LYS I 178 -19.76 -32.14 -0.49
CA LYS I 178 -19.34 -31.46 0.72
C LYS I 178 -17.83 -31.30 0.74
N TYR I 179 -17.37 -30.17 1.26
CA TYR I 179 -15.95 -29.85 1.26
C TYR I 179 -15.20 -30.76 2.23
N ALA I 180 -13.87 -30.74 2.13
CA ALA I 180 -12.99 -31.52 2.98
C ALA I 180 -11.72 -30.73 3.24
N ALA I 181 -11.17 -30.88 4.44
CA ALA I 181 -9.97 -30.17 4.85
C ALA I 181 -9.04 -31.13 5.57
N SER I 182 -7.78 -30.73 5.68
CA SER I 182 -6.76 -31.54 6.33
C SER I 182 -5.65 -30.64 6.85
N SER I 183 -5.21 -30.89 8.08
CA SER I 183 -4.18 -30.11 8.72
C SER I 183 -3.11 -31.04 9.31
N TYR I 184 -1.89 -30.54 9.36
CA TYR I 184 -0.76 -31.30 9.88
C TYR I 184 0.05 -30.43 10.83
N LEU I 185 0.66 -31.07 11.83
CA LEU I 185 1.45 -30.39 12.84
C LEU I 185 2.75 -31.17 13.04
N SER I 186 3.85 -30.62 12.53
CA SER I 186 5.16 -31.26 12.65
C SER I 186 5.82 -30.83 13.96
N LEU I 187 6.16 -31.81 14.80
CA LEU I 187 6.76 -31.53 16.09
C LEU I 187 8.10 -32.25 16.24
N TYR I 198 -2.98 -33.77 23.01
CA TYR I 198 -3.09 -32.82 21.91
C TYR I 198 -4.51 -32.81 21.33
N SER I 199 -5.05 -31.61 21.15
CA SER I 199 -6.41 -31.43 20.65
C SER I 199 -6.40 -30.55 19.41
N CYS I 200 -7.21 -30.92 18.42
CA CYS I 200 -7.39 -30.15 17.20
C CYS I 200 -8.82 -29.63 17.17
N GLN I 201 -8.99 -28.32 17.32
CA GLN I 201 -10.30 -27.68 17.36
C GLN I 201 -10.50 -26.92 16.05
N VAL I 202 -11.37 -27.46 15.19
CA VAL I 202 -11.73 -26.79 13.95
C VAL I 202 -13.07 -26.10 14.14
N THR I 203 -13.25 -24.96 13.47
CA THR I 203 -14.46 -24.17 13.62
C THR I 203 -15.25 -24.13 12.32
N THR I 208 -18.11 -25.21 16.65
CA THR I 208 -16.78 -25.79 16.53
C THR I 208 -16.77 -27.22 17.06
N VAL I 209 -16.08 -28.11 16.34
CA VAL I 209 -15.92 -29.50 16.74
C VAL I 209 -14.43 -29.76 16.99
N GLU I 210 -14.11 -30.30 18.16
CA GLU I 210 -12.74 -30.53 18.57
C GLU I 210 -12.53 -31.99 18.93
N LYS I 211 -11.37 -32.53 18.54
CA LYS I 211 -10.98 -33.89 18.87
C LYS I 211 -9.62 -33.86 19.57
N THR I 212 -9.44 -34.75 20.53
CA THR I 212 -8.23 -34.79 21.34
C THR I 212 -7.64 -36.18 21.34
N VAL I 213 -6.31 -36.24 21.43
CA VAL I 213 -5.58 -37.50 21.53
C VAL I 213 -4.38 -37.29 22.45
N ALA I 214 -3.91 -38.38 23.06
CA ALA I 214 -2.80 -38.34 24.00
C ALA I 214 -1.93 -39.57 23.82
N PRO I 215 -0.60 -39.43 23.99
CA PRO I 215 0.33 -40.56 23.85
C PRO I 215 0.13 -41.64 24.91
N GLU J 6 -18.89 15.25 15.34
CA GLU J 6 -18.39 14.48 14.21
C GLU J 6 -17.79 15.38 13.14
N VAL J 7 -16.62 14.99 12.63
CA VAL J 7 -15.99 15.73 11.54
C VAL J 7 -16.87 15.63 10.29
N GLN J 8 -17.13 16.78 9.67
CA GLN J 8 -18.03 16.85 8.53
C GLN J 8 -17.45 17.75 7.46
N LEU J 9 -17.82 17.46 6.21
CA LEU J 9 -17.44 18.25 5.05
C LEU J 9 -18.66 18.39 4.15
N LEU J 10 -18.97 19.63 3.75
CA LEU J 10 -20.13 19.90 2.91
C LEU J 10 -19.72 20.82 1.76
N GLU J 11 -20.17 20.47 0.56
CA GLU J 11 -19.91 21.26 -0.64
C GLU J 11 -21.15 22.04 -1.05
N SER J 12 -20.93 23.06 -1.87
CA SER J 12 -22.00 23.89 -2.39
C SER J 12 -21.47 24.67 -3.59
N GLY J 13 -22.39 25.35 -4.27
CA GLY J 13 -22.03 26.17 -5.42
C GLY J 13 -22.10 25.46 -6.76
N GLY J 14 -22.51 24.20 -6.80
CA GLY J 14 -22.58 23.48 -8.05
C GLY J 14 -23.92 23.68 -8.72
N GLY J 15 -23.89 24.07 -9.98
CA GLY J 15 -25.10 24.30 -10.74
C GLY J 15 -24.81 24.34 -12.23
N LEU J 16 -25.82 24.76 -12.98
CA LEU J 16 -25.69 24.84 -14.43
C LEU J 16 -24.86 26.06 -14.82
N VAL J 17 -23.88 25.84 -15.69
CA VAL J 17 -22.99 26.90 -16.17
C VAL J 17 -22.70 26.65 -17.65
N ARG J 18 -22.74 27.71 -18.45
CA ARG J 18 -22.47 27.60 -19.87
C ARG J 18 -21.01 27.21 -20.13
N PRO J 19 -20.73 26.60 -21.27
CA PRO J 19 -19.34 26.32 -21.64
C PRO J 19 -18.52 27.61 -21.71
N GLY J 20 -17.36 27.59 -21.06
CA GLY J 20 -16.53 28.76 -20.94
C GLY J 20 -16.78 29.59 -19.70
N GLY J 21 -17.79 29.25 -18.91
CA GLY J 21 -18.10 29.99 -17.71
C GLY J 21 -17.07 29.78 -16.61
N SER J 22 -17.36 30.37 -15.46
CA SER J 22 -16.45 30.36 -14.30
C SER J 22 -17.27 30.11 -13.04
N GLN J 23 -17.35 28.84 -12.64
CA GLN J 23 -18.07 28.44 -11.45
C GLN J 23 -17.11 28.30 -10.28
N ARG J 24 -17.63 28.49 -9.06
CA ARG J 24 -16.82 28.47 -7.85
C ARG J 24 -17.46 27.52 -6.85
N LEU J 25 -16.74 26.45 -6.50
CA LEU J 25 -17.20 25.48 -5.51
C LEU J 25 -16.51 25.73 -4.18
N SER J 26 -17.21 25.41 -3.10
CA SER J 26 -16.70 25.58 -1.74
C SER J 26 -16.93 24.31 -0.95
N CYS J 27 -16.11 24.13 0.09
CA CYS J 27 -16.17 22.96 0.95
C CYS J 27 -16.15 23.43 2.40
N ALA J 28 -17.28 23.28 3.09
CA ALA J 28 -17.42 23.73 4.47
C ALA J 28 -17.03 22.60 5.42
N ALA J 29 -15.98 22.84 6.20
CA ALA J 29 -15.47 21.85 7.14
C ALA J 29 -15.82 22.24 8.57
N SER J 30 -15.94 21.23 9.43
CA SER J 30 -16.24 21.44 10.83
C SER J 30 -15.92 20.16 11.60
N GLY J 31 -15.76 20.32 12.92
CA GLY J 31 -15.55 19.19 13.80
C GLY J 31 -14.11 18.74 13.95
N PHE J 32 -13.14 19.52 13.48
CA PHE J 32 -11.74 19.15 13.58
C PHE J 32 -10.89 20.39 13.29
N THR J 33 -9.61 20.30 13.62
CA THR J 33 -8.66 21.36 13.33
C THR J 33 -8.40 21.38 11.82
N PHE J 34 -8.93 22.39 11.13
CA PHE J 34 -8.87 22.42 9.68
C PHE J 34 -7.49 22.79 9.16
N THR J 35 -6.74 23.60 9.91
CA THR J 35 -5.48 24.15 9.39
C THR J 35 -4.44 23.10 9.07
N PRO J 36 -4.08 22.16 9.97
CA PRO J 36 -2.94 21.28 9.68
C PRO J 36 -3.19 20.25 8.59
N TYR J 37 -4.45 20.07 8.16
CA TYR J 37 -4.78 19.03 7.21
C TYR J 37 -4.75 19.54 5.78
N ALA J 38 -4.34 18.67 4.86
CA ALA J 38 -4.36 18.96 3.44
C ALA J 38 -5.72 18.57 2.87
N MET J 39 -6.30 19.45 2.07
CA MET J 39 -7.62 19.26 1.51
C MET J 39 -7.52 18.94 0.02
N THR J 40 -8.36 18.02 -0.45
CA THR J 40 -8.24 17.47 -1.80
C THR J 40 -9.59 17.54 -2.51
N TRP J 41 -9.55 17.86 -3.81
CA TRP J 41 -10.73 17.84 -4.66
C TRP J 41 -10.69 16.61 -5.57
N VAL J 42 -11.86 16.00 -5.77
CA VAL J 42 -11.99 14.83 -6.63
C VAL J 42 -13.41 14.80 -7.18
N ARG J 43 -13.52 14.68 -8.49
CA ARG J 43 -14.82 14.67 -9.16
C ARG J 43 -15.15 13.25 -9.62
N GLN J 44 -16.41 13.08 -10.02
CA GLN J 44 -16.91 11.77 -10.45
C GLN J 44 -18.01 12.01 -11.47
N ALA J 45 -17.69 11.77 -12.74
CA ALA J 45 -18.69 11.89 -13.79
C ALA J 45 -19.80 10.86 -13.56
N PRO J 46 -21.01 11.13 -14.03
CA PRO J 46 -22.13 10.18 -13.81
C PRO J 46 -21.82 8.81 -14.40
N GLY J 47 -21.81 7.80 -13.53
CA GLY J 47 -21.47 6.45 -13.93
C GLY J 47 -19.98 6.17 -14.04
N LYS J 48 -19.14 7.18 -13.90
CA LYS J 48 -17.69 7.02 -14.01
C LYS J 48 -17.07 6.87 -12.62
N GLY J 49 -15.75 6.73 -12.59
CA GLY J 49 -15.01 6.57 -11.36
C GLY J 49 -14.46 7.88 -10.83
N LEU J 50 -13.86 7.80 -9.64
CA LEU J 50 -13.28 8.97 -9.01
C LEU J 50 -12.04 9.43 -9.78
N GLU J 51 -11.87 10.75 -9.85
CA GLU J 51 -10.75 11.37 -10.55
C GLU J 51 -10.14 12.44 -9.66
N TRP J 52 -8.92 12.21 -9.19
CA TRP J 52 -8.22 13.22 -8.39
C TRP J 52 -8.05 14.49 -9.21
N LEU J 53 -8.30 15.63 -8.58
CA LEU J 53 -8.24 16.92 -9.25
C LEU J 53 -7.12 17.79 -8.70
N SER J 54 -7.19 18.15 -7.42
CA SER J 54 -6.23 19.09 -6.84
C SER J 54 -6.22 18.91 -5.33
N THR J 55 -5.09 19.25 -4.72
CA THR J 55 -4.95 19.21 -3.27
C THR J 55 -4.03 20.35 -2.83
N ILE J 56 -4.40 20.98 -1.71
CA ILE J 56 -3.68 22.12 -1.18
C ILE J 56 -3.03 21.71 0.14
N SER J 57 -1.87 22.30 0.42
CA SER J 57 -1.16 22.01 1.66
C SER J 57 -1.93 22.58 2.85
N GLY J 58 -1.36 22.38 4.04
CA GLY J 58 -2.03 22.85 5.25
C GLY J 58 -2.17 24.36 5.30
N SER J 59 -1.10 25.08 4.96
CA SER J 59 -1.10 26.53 4.99
C SER J 59 -1.31 27.16 3.63
N GLY J 60 -1.42 26.36 2.58
CA GLY J 60 -1.55 26.88 1.23
C GLY J 60 -0.24 27.12 0.51
N GLY J 61 0.89 26.87 1.16
CA GLY J 61 2.19 27.04 0.53
C GLY J 61 2.49 26.03 -0.56
N SER J 62 1.62 25.04 -0.75
CA SER J 62 1.79 24.03 -1.78
C SER J 62 0.42 23.67 -2.35
N THR J 63 0.29 23.76 -3.66
CA THR J 63 -0.96 23.45 -4.35
C THR J 63 -0.66 22.52 -5.51
N TYR J 64 -1.31 21.36 -5.53
CA TYR J 64 -1.18 20.40 -6.63
C TYR J 64 -2.38 20.51 -7.55
N TYR J 65 -2.18 20.13 -8.81
CA TYR J 65 -3.24 20.17 -9.81
C TYR J 65 -3.09 18.98 -10.75
N ALA J 66 -4.17 18.68 -11.46
CA ALA J 66 -4.18 17.66 -12.49
C ALA J 66 -4.02 18.28 -13.87
N ASP J 67 -3.55 17.48 -14.82
CA ASP J 67 -3.28 17.98 -16.16
C ASP J 67 -4.54 18.44 -16.88
N SER J 68 -5.70 17.90 -16.51
CA SER J 68 -6.96 18.27 -17.16
C SER J 68 -7.57 19.54 -16.59
N VAL J 69 -7.07 20.04 -15.46
CA VAL J 69 -7.58 21.26 -14.86
C VAL J 69 -6.51 22.32 -14.66
N LYS J 70 -5.23 21.98 -14.85
CA LYS J 70 -4.16 22.95 -14.67
C LYS J 70 -4.30 24.07 -15.69
N GLY J 71 -4.15 25.31 -15.22
CA GLY J 71 -4.35 26.48 -16.04
C GLY J 71 -5.74 27.08 -15.94
N ARG J 72 -6.73 26.29 -15.55
CA ARG J 72 -8.10 26.77 -15.37
C ARG J 72 -8.51 26.78 -13.91
N PHE J 73 -8.31 25.68 -13.20
CA PHE J 73 -8.80 25.53 -11.84
C PHE J 73 -7.77 26.05 -10.85
N THR J 74 -8.27 26.59 -9.74
CA THR J 74 -7.43 27.09 -8.66
C THR J 74 -8.02 26.69 -7.33
N ILE J 75 -7.22 26.04 -6.49
CA ILE J 75 -7.65 25.61 -5.17
C ILE J 75 -7.16 26.60 -4.13
N SER J 76 -8.04 26.93 -3.19
CA SER J 76 -7.71 27.90 -2.15
C SER J 76 -8.48 27.55 -0.89
N ARG J 77 -7.89 27.88 0.27
CA ARG J 77 -8.50 27.62 1.56
C ARG J 77 -8.46 28.88 2.41
N ASP J 78 -9.39 28.95 3.36
CA ASP J 78 -9.50 30.06 4.30
C ASP J 78 -9.47 29.44 5.70
N ASN J 79 -8.28 29.38 6.30
CA ASN J 79 -8.13 28.78 7.62
C ASN J 79 -8.81 29.59 8.72
N SER J 80 -9.17 30.85 8.45
CA SER J 80 -9.88 31.63 9.45
C SER J 80 -11.34 31.20 9.57
N LYS J 81 -11.96 30.82 8.46
CA LYS J 81 -13.34 30.35 8.44
C LYS J 81 -13.44 28.84 8.24
N ASN J 82 -12.32 28.13 8.24
CA ASN J 82 -12.30 26.69 7.99
C ASN J 82 -12.98 26.34 6.68
N MET J 83 -12.65 27.10 5.64
CA MET J 83 -13.27 26.94 4.34
C MET J 83 -12.24 26.50 3.30
N LEU J 84 -12.74 25.83 2.26
CA LEU J 84 -11.90 25.28 1.20
C LEU J 84 -12.62 25.47 -0.12
N TYR J 85 -11.99 26.13 -1.07
CA TYR J 85 -12.63 26.56 -2.30
C TYR J 85 -11.98 25.91 -3.51
N LEU J 86 -12.63 26.09 -4.67
CA LEU J 86 -12.12 25.62 -5.95
C LEU J 86 -12.69 26.50 -7.05
N GLN J 87 -11.88 27.40 -7.58
CA GLN J 87 -12.29 28.30 -8.65
C GLN J 87 -12.10 27.59 -9.99
N MET J 88 -13.21 27.25 -10.63
CA MET J 88 -13.18 26.55 -11.91
C MET J 88 -13.45 27.55 -13.04
N ASN J 89 -12.51 27.69 -13.96
CA ASN J 89 -12.64 28.59 -15.09
C ASN J 89 -12.63 27.81 -16.40
N SER J 90 -13.18 28.43 -17.43
CA SER J 90 -13.16 27.88 -18.79
C SER J 90 -13.73 26.46 -18.83
N LEU J 91 -14.87 26.27 -18.16
CA LEU J 91 -15.46 24.95 -18.07
C LEU J 91 -15.94 24.46 -19.43
N THR J 92 -15.79 23.16 -19.67
CA THR J 92 -16.25 22.50 -20.88
C THR J 92 -17.25 21.41 -20.51
N ALA J 93 -17.76 20.73 -21.55
CA ALA J 93 -18.74 19.67 -21.31
C ALA J 93 -18.14 18.49 -20.56
N GLU J 94 -16.84 18.25 -20.73
CA GLU J 94 -16.20 17.12 -20.04
C GLU J 94 -16.09 17.35 -18.54
N ASP J 95 -16.22 18.59 -18.08
CA ASP J 95 -16.12 18.90 -16.66
C ASP J 95 -17.40 18.59 -15.90
N THR J 96 -18.44 18.08 -16.57
CA THR J 96 -19.69 17.73 -15.91
C THR J 96 -19.47 16.52 -15.01
N ALA J 97 -19.45 16.75 -13.69
CA ALA J 97 -19.23 15.69 -12.73
C ALA J 97 -19.69 16.16 -11.36
N LEU J 98 -19.71 15.23 -10.42
CA LEU J 98 -20.05 15.50 -9.02
C LEU J 98 -18.74 15.62 -8.25
N TYR J 99 -18.44 16.81 -7.74
CA TYR J 99 -17.14 17.11 -7.17
C TYR J 99 -17.14 16.86 -5.66
N TYR J 100 -16.16 16.11 -5.18
CA TYR J 100 -16.00 15.79 -3.77
C TYR J 100 -14.81 16.54 -3.19
N CYS J 101 -14.91 16.88 -1.91
CA CYS J 101 -13.78 17.38 -1.13
C CYS J 101 -13.52 16.42 0.01
N THR J 102 -12.28 15.97 0.14
CA THR J 102 -11.87 15.03 1.17
C THR J 102 -10.77 15.66 2.02
N LYS J 103 -10.28 14.88 2.98
CA LYS J 103 -9.19 15.32 3.84
C LYS J 103 -8.32 14.12 4.18
N ASP J 104 -7.01 14.35 4.30
CA ASP J 104 -6.11 13.31 4.76
C ASP J 104 -6.49 12.88 6.16
N LYS J 105 -6.38 11.58 6.44
CA LYS J 105 -6.76 11.08 7.76
C LYS J 105 -5.84 11.60 8.84
N ASP J 106 -4.61 11.94 8.48
CA ASP J 106 -3.65 12.58 9.38
C ASP J 106 -3.27 13.94 8.80
N GLU J 107 -2.44 14.68 9.53
CA GLU J 107 -2.05 16.02 9.15
C GLU J 107 -0.60 16.03 8.65
N TYR J 108 -0.29 17.08 7.89
CA TYR J 108 1.06 17.31 7.35
C TYR J 108 1.50 16.16 6.45
N THR J 109 0.67 15.86 5.45
CA THR J 109 0.95 14.77 4.52
C THR J 109 0.80 15.15 3.05
N PHE J 110 0.13 16.26 2.73
CA PHE J 110 0.05 16.78 1.36
C PHE J 110 -0.65 15.79 0.42
N GLY J 111 -1.64 15.08 0.94
CA GLY J 111 -2.39 14.14 0.13
C GLY J 111 -1.77 12.77 0.00
N HIS J 112 -0.59 12.55 0.58
CA HIS J 112 0.03 11.22 0.57
C HIS J 112 -0.50 10.39 1.73
N ASN J 113 -1.83 10.34 1.86
CA ASN J 113 -2.48 9.70 3.00
C ASN J 113 -3.74 9.02 2.49
N ALA J 114 -4.52 8.51 3.43
CA ALA J 114 -5.86 8.02 3.14
C ALA J 114 -6.87 9.14 3.34
N PHE J 115 -7.97 9.06 2.59
CA PHE J 115 -9.04 10.06 2.67
C PHE J 115 -10.17 9.45 3.49
N ASP J 116 -10.18 9.77 4.79
CA ASP J 116 -11.08 9.11 5.73
C ASP J 116 -12.48 9.72 5.70
N VAL J 117 -12.58 11.04 5.56
CA VAL J 117 -13.85 11.75 5.61
C VAL J 117 -14.09 12.39 4.25
N TRP J 118 -15.30 12.21 3.72
CA TRP J 118 -15.68 12.73 2.42
C TRP J 118 -16.90 13.63 2.54
N GLY J 119 -16.98 14.62 1.66
CA GLY J 119 -18.19 15.41 1.52
C GLY J 119 -19.27 14.66 0.78
N GLN J 120 -20.43 15.29 0.68
CA GLN J 120 -21.54 14.68 -0.05
C GLN J 120 -21.49 14.96 -1.55
N GLY J 121 -20.88 16.07 -1.94
CA GLY J 121 -20.69 16.37 -3.34
C GLY J 121 -21.74 17.27 -3.95
N THR J 122 -21.30 18.25 -4.72
CA THR J 122 -22.19 19.13 -5.46
C THR J 122 -22.04 18.86 -6.96
N MET J 123 -23.14 19.00 -7.69
CA MET J 123 -23.20 18.62 -9.09
C MET J 123 -22.91 19.82 -9.98
N VAL J 124 -21.91 19.70 -10.84
CA VAL J 124 -21.56 20.75 -11.81
C VAL J 124 -21.96 20.26 -13.18
N THR J 125 -22.87 20.98 -13.82
CA THR J 125 -23.37 20.63 -15.15
C THR J 125 -23.03 21.75 -16.12
N VAL J 126 -22.30 21.43 -17.18
CA VAL J 126 -21.88 22.39 -18.19
C VAL J 126 -22.50 22.00 -19.51
N SER J 127 -23.36 22.84 -20.04
CA SER J 127 -24.03 22.58 -21.31
C SER J 127 -24.50 23.89 -21.92
N SER J 128 -24.75 23.87 -23.22
CA SER J 128 -25.29 25.02 -23.92
C SER J 128 -26.80 25.13 -23.82
N ALA J 129 -27.47 24.09 -23.33
CA ALA J 129 -28.92 24.13 -23.19
C ALA J 129 -29.32 25.05 -22.05
N SER J 130 -30.47 25.70 -22.22
CA SER J 130 -30.99 26.61 -21.21
C SER J 130 -31.94 25.88 -20.26
N THR J 131 -32.16 26.48 -19.10
CA THR J 131 -33.06 25.91 -18.12
C THR J 131 -34.49 25.90 -18.65
N LYS J 132 -35.19 24.79 -18.45
CA LYS J 132 -36.55 24.61 -18.92
C LYS J 132 -37.39 24.02 -17.81
N GLY J 133 -38.58 24.58 -17.60
CA GLY J 133 -39.51 24.08 -16.63
C GLY J 133 -40.19 22.82 -17.11
N PRO J 134 -40.70 22.01 -16.20
CA PRO J 134 -41.33 20.74 -16.57
C PRO J 134 -42.82 20.89 -16.84
N SER J 135 -43.32 20.03 -17.72
CA SER J 135 -44.74 19.95 -18.05
C SER J 135 -45.33 18.76 -17.30
N VAL J 136 -46.18 19.05 -16.32
CA VAL J 136 -46.76 18.01 -15.47
C VAL J 136 -48.07 17.54 -16.09
N PHE J 137 -48.23 16.21 -16.19
CA PHE J 137 -49.42 15.61 -16.77
C PHE J 137 -49.99 14.58 -15.81
N PRO J 138 -51.32 14.48 -15.71
CA PRO J 138 -51.93 13.46 -14.86
C PRO J 138 -51.87 12.09 -15.49
N LEU J 139 -51.72 11.08 -14.62
CA LEU J 139 -51.67 9.68 -15.05
C LEU J 139 -52.68 8.90 -14.22
N ALA J 140 -53.81 8.55 -14.83
CA ALA J 140 -54.85 7.79 -14.15
C ALA J 140 -55.11 6.46 -14.84
N ALA J 152 -53.67 2.29 -9.11
CA ALA J 152 -52.31 2.68 -9.46
C ALA J 152 -52.32 3.89 -10.39
N LEU J 153 -52.17 5.08 -9.80
CA LEU J 153 -52.17 6.33 -10.54
C LEU J 153 -50.92 7.12 -10.19
N GLY J 154 -50.61 8.11 -11.01
CA GLY J 154 -49.42 8.90 -10.79
C GLY J 154 -49.39 10.17 -11.60
N CYS J 155 -48.18 10.70 -11.78
CA CYS J 155 -47.96 11.93 -12.52
C CYS J 155 -46.73 11.79 -13.40
N LEU J 156 -46.71 12.57 -14.48
CA LEU J 156 -45.62 12.56 -15.45
C LEU J 156 -44.95 13.93 -15.47
N VAL J 157 -43.66 13.96 -15.16
CA VAL J 157 -42.86 15.17 -15.19
C VAL J 157 -42.03 15.12 -16.46
N LYS J 158 -42.45 15.86 -17.49
CA LYS J 158 -41.92 15.72 -18.84
C LYS J 158 -41.09 16.94 -19.23
N ASP J 159 -39.93 16.69 -19.83
CA ASP J 159 -39.10 17.71 -20.46
C ASP J 159 -38.70 18.82 -19.48
N TYR J 160 -37.65 18.60 -18.70
CA TYR J 160 -37.11 19.61 -17.81
C TYR J 160 -35.59 19.50 -17.81
N PHE J 161 -34.94 20.65 -17.60
CA PHE J 161 -33.49 20.70 -17.56
C PHE J 161 -33.06 21.86 -16.68
N PRO J 162 -32.11 21.65 -15.75
CA PRO J 162 -31.53 20.34 -15.47
C PRO J 162 -32.13 19.69 -14.22
N GLU J 163 -31.53 18.59 -13.77
CA GLU J 163 -31.98 17.91 -12.58
C GLU J 163 -31.65 18.77 -11.34
N PRO J 164 -32.39 18.57 -10.24
CA PRO J 164 -33.51 17.65 -10.06
C PRO J 164 -34.87 18.33 -9.85
N VAL J 165 -35.91 17.52 -9.74
CA VAL J 165 -37.24 17.98 -9.36
C VAL J 165 -37.70 17.16 -8.16
N THR J 166 -38.66 17.72 -7.42
CA THR J 166 -39.23 17.08 -6.25
C THR J 166 -40.72 16.90 -6.45
N VAL J 167 -41.21 15.68 -6.24
CA VAL J 167 -42.62 15.35 -6.40
C VAL J 167 -43.19 14.96 -5.05
N SER J 168 -44.19 15.70 -4.60
CA SER J 168 -44.86 15.45 -3.33
C SER J 168 -46.34 15.22 -3.57
N TRP J 169 -46.91 14.22 -2.91
CA TRP J 169 -48.30 13.85 -3.08
C TRP J 169 -49.13 14.37 -1.91
N ASN J 170 -50.28 14.97 -2.23
CA ASN J 170 -51.18 15.56 -1.22
C ASN J 170 -50.44 16.57 -0.36
N SER J 171 -49.55 17.34 -0.98
CA SER J 171 -48.72 18.32 -0.27
C SER J 171 -47.92 17.67 0.85
N GLY J 172 -47.48 16.43 0.61
CA GLY J 172 -46.74 15.68 1.60
C GLY J 172 -47.58 14.87 2.57
N ALA J 173 -48.90 15.04 2.54
CA ALA J 173 -49.76 14.30 3.46
C ALA J 173 -49.87 12.83 3.07
N LEU J 174 -49.75 12.52 1.78
CA LEU J 174 -49.80 11.15 1.28
C LEU J 174 -48.37 10.69 0.96
N THR J 175 -47.85 9.78 1.79
CA THR J 175 -46.53 9.22 1.56
C THR J 175 -46.49 7.71 1.84
N SER J 176 -47.65 7.05 1.94
CA SER J 176 -47.69 5.65 2.33
C SER J 176 -47.08 4.75 1.25
N GLY J 177 -47.61 4.82 0.03
CA GLY J 177 -47.12 3.97 -1.04
C GLY J 177 -46.77 4.69 -2.31
N VAL J 178 -45.87 5.67 -2.22
CA VAL J 178 -45.43 6.43 -3.38
C VAL J 178 -44.13 5.85 -3.90
N HIS J 179 -43.95 5.95 -5.22
CA HIS J 179 -42.74 5.44 -5.88
C HIS J 179 -42.34 6.43 -6.97
N THR J 180 -41.23 7.12 -6.78
CA THR J 180 -40.72 8.09 -7.75
C THR J 180 -39.55 7.44 -8.49
N PHE J 181 -39.75 7.21 -9.79
CA PHE J 181 -38.71 6.58 -10.59
C PHE J 181 -37.62 7.58 -10.97
N PRO J 182 -36.38 7.13 -11.11
CA PRO J 182 -35.32 8.01 -11.60
C PRO J 182 -35.63 8.51 -13.01
N ALA J 183 -35.17 9.71 -13.31
CA ALA J 183 -35.46 10.33 -14.59
C ALA J 183 -34.76 9.62 -15.73
N VAL J 184 -35.22 9.89 -16.95
CA VAL J 184 -34.60 9.41 -18.16
C VAL J 184 -34.01 10.60 -18.91
N LEU J 185 -32.86 10.38 -19.54
CA LEU J 185 -32.22 11.41 -20.34
C LEU J 185 -32.43 11.08 -21.81
N GLN J 186 -33.28 11.86 -22.47
CA GLN J 186 -33.67 11.58 -23.85
C GLN J 186 -32.52 11.92 -24.79
N SER J 187 -32.79 11.83 -26.10
CA SER J 187 -31.80 12.27 -27.07
C SER J 187 -31.49 13.76 -26.90
N SER J 188 -32.50 14.56 -26.61
CA SER J 188 -32.28 15.93 -26.20
C SER J 188 -31.78 15.97 -24.76
N GLY J 189 -31.27 17.12 -24.34
CA GLY J 189 -30.76 17.27 -22.99
C GLY J 189 -31.83 17.24 -21.92
N LEU J 190 -33.10 17.25 -22.29
CA LEU J 190 -34.20 17.33 -21.34
C LEU J 190 -34.40 16.00 -20.61
N TYR J 191 -34.81 16.10 -19.35
CA TYR J 191 -35.11 14.95 -18.51
C TYR J 191 -36.61 14.72 -18.43
N SER J 192 -36.98 13.49 -18.08
CA SER J 192 -38.38 13.13 -17.90
C SER J 192 -38.45 12.03 -16.84
N LEU J 193 -39.38 12.18 -15.89
CA LEU J 193 -39.59 11.16 -14.87
C LEU J 193 -41.08 11.04 -14.59
N SER J 194 -41.47 9.86 -14.10
CA SER J 194 -42.84 9.58 -13.68
C SER J 194 -42.84 9.18 -12.21
N SER J 195 -43.92 9.56 -11.52
CA SER J 195 -44.08 9.27 -10.10
C SER J 195 -45.47 8.69 -9.89
N VAL J 196 -45.55 7.39 -9.62
CA VAL J 196 -46.81 6.69 -9.44
C VAL J 196 -46.94 6.24 -7.99
N VAL J 197 -48.15 6.37 -7.45
CA VAL J 197 -48.45 5.96 -6.07
C VAL J 197 -49.45 4.82 -6.12
N THR J 198 -49.13 3.72 -5.44
CA THR J 198 -50.02 2.57 -5.39
C THR J 198 -51.12 2.85 -4.37
N VAL J 199 -52.37 2.76 -4.83
CA VAL J 199 -53.52 3.19 -4.03
C VAL J 199 -54.55 2.06 -3.99
N PRO J 200 -55.20 1.82 -2.83
CA PRO J 200 -56.32 0.87 -2.81
C PRO J 200 -57.37 1.23 -3.84
N SER J 201 -57.84 0.20 -4.55
CA SER J 201 -58.77 0.43 -5.66
C SER J 201 -60.09 1.03 -5.19
N SER J 202 -60.47 0.79 -3.94
CA SER J 202 -61.74 1.31 -3.44
C SER J 202 -61.64 2.78 -3.05
N SER J 203 -60.46 3.25 -2.68
CA SER J 203 -60.28 4.62 -2.23
C SER J 203 -60.22 5.63 -3.36
N LEU J 204 -60.32 5.19 -4.62
CA LEU J 204 -60.27 6.10 -5.76
C LEU J 204 -61.50 6.98 -5.88
N GLY J 205 -62.59 6.66 -5.17
CA GLY J 205 -63.80 7.44 -5.27
C GLY J 205 -63.84 8.63 -4.31
N THR J 206 -63.52 8.38 -3.05
CA THR J 206 -63.59 9.42 -2.02
C THR J 206 -62.30 10.23 -1.91
N GLN J 207 -61.15 9.56 -1.93
CA GLN J 207 -59.88 10.23 -1.75
C GLN J 207 -59.50 11.00 -3.02
N THR J 208 -58.89 12.16 -2.83
CA THR J 208 -58.37 12.97 -3.92
C THR J 208 -56.85 12.95 -3.89
N TYR J 209 -56.24 12.71 -5.04
CA TYR J 209 -54.80 12.55 -5.15
C TYR J 209 -54.24 13.61 -6.09
N ILE J 210 -53.37 14.46 -5.56
CA ILE J 210 -52.74 15.54 -6.32
C ILE J 210 -51.24 15.51 -6.06
N CYS J 211 -50.46 15.40 -7.13
CA CYS J 211 -49.01 15.47 -7.03
C CYS J 211 -48.57 16.93 -7.08
N ASN J 212 -47.60 17.28 -6.24
CA ASN J 212 -47.04 18.62 -6.21
C ASN J 212 -45.62 18.55 -6.76
N VAL J 213 -45.41 19.10 -7.95
CA VAL J 213 -44.13 19.05 -8.65
C VAL J 213 -43.50 20.43 -8.59
N ASN J 214 -42.25 20.49 -8.15
CA ASN J 214 -41.53 21.76 -8.01
C ASN J 214 -40.15 21.62 -8.64
N HIS J 215 -39.84 22.53 -9.56
CA HIS J 215 -38.51 22.61 -10.16
C HIS J 215 -37.75 23.78 -9.53
N LYS J 216 -36.45 23.58 -9.33
CA LYS J 216 -35.66 24.60 -8.65
C LYS J 216 -34.93 25.51 -9.63
N PRO J 217 -34.19 24.98 -10.64
CA PRO J 217 -33.53 25.90 -11.59
C PRO J 217 -34.50 26.80 -12.31
N SER J 218 -35.69 26.31 -12.65
CA SER J 218 -36.75 27.13 -13.20
C SER J 218 -37.71 27.52 -12.09
N ASN J 219 -38.00 28.81 -11.97
CA ASN J 219 -38.86 29.33 -10.90
C ASN J 219 -40.31 29.00 -11.24
N THR J 220 -40.63 27.70 -11.17
CA THR J 220 -41.96 27.22 -11.53
C THR J 220 -42.29 25.99 -10.71
N LYS J 221 -43.43 26.03 -10.03
CA LYS J 221 -43.96 24.90 -9.28
C LYS J 221 -45.41 24.69 -9.69
N VAL J 222 -45.77 23.44 -9.97
CA VAL J 222 -47.11 23.11 -10.44
C VAL J 222 -47.57 21.82 -9.80
N ASP J 223 -48.88 21.72 -9.59
CA ASP J 223 -49.51 20.51 -9.05
C ASP J 223 -50.72 20.15 -9.90
N LYS J 224 -50.89 18.86 -10.17
CA LYS J 224 -51.88 18.37 -11.12
C LYS J 224 -52.91 17.51 -10.39
N LYS J 225 -54.18 17.78 -10.67
CA LYS J 225 -55.26 16.93 -10.16
C LYS J 225 -55.34 15.65 -10.97
N VAL J 226 -55.28 14.52 -10.28
CA VAL J 226 -55.36 13.22 -10.96
C VAL J 226 -56.73 12.61 -10.72
N GLU J 227 -57.73 13.07 -11.49
CA GLU J 227 -59.07 12.55 -11.35
C GLU J 227 -59.18 11.17 -11.97
N PRO J 228 -60.22 10.41 -11.63
CA PRO J 228 -60.43 9.10 -12.28
C PRO J 228 -60.63 9.26 -13.78
N LYS J 229 -60.45 8.14 -14.49
CA LYS J 229 -60.52 8.15 -15.94
C LYS J 229 -61.92 8.45 -16.47
N SER J 230 -62.95 8.29 -15.64
CA SER J 230 -64.32 8.55 -16.06
C SER J 230 -64.56 10.03 -16.31
N TYR K 7 1.43 6.84 -12.43
CA TYR K 7 1.16 5.47 -12.03
C TYR K 7 -0.17 5.00 -12.63
N GLU K 8 -0.24 3.71 -12.96
CA GLU K 8 -1.43 3.13 -13.58
C GLU K 8 -2.02 2.10 -12.64
N LEU K 9 -3.27 2.33 -12.23
CA LEU K 9 -4.00 1.40 -11.38
C LEU K 9 -5.06 0.69 -12.21
N THR K 10 -5.01 -0.64 -12.21
CA THR K 10 -5.93 -1.46 -12.99
C THR K 10 -6.81 -2.28 -12.06
N GLN K 11 -8.13 -2.15 -12.24
CA GLN K 11 -9.10 -2.93 -11.49
C GLN K 11 -10.07 -3.58 -12.47
N ALA K 12 -10.48 -4.81 -12.15
CA ALA K 12 -11.48 -5.48 -12.97
C ALA K 12 -12.81 -4.73 -12.87
N PRO K 13 -13.50 -4.53 -13.99
CA PRO K 13 -14.75 -3.75 -13.94
C PRO K 13 -15.85 -4.41 -13.12
N SER K 14 -15.99 -5.74 -13.19
CA SER K 14 -17.09 -6.41 -12.55
C SER K 14 -16.61 -7.69 -11.87
N VAL K 15 -17.12 -7.93 -10.66
CA VAL K 15 -16.85 -9.14 -9.89
C VAL K 15 -18.14 -9.56 -9.21
N SER K 16 -18.54 -10.82 -9.40
CA SER K 16 -19.78 -11.35 -8.85
C SER K 16 -19.47 -12.36 -7.75
N VAL K 17 -20.16 -12.23 -6.61
CA VAL K 17 -19.99 -13.14 -5.49
C VAL K 17 -21.37 -13.50 -4.97
N ALA K 18 -21.42 -14.59 -4.22
CA ALA K 18 -22.64 -15.09 -3.60
C ALA K 18 -22.65 -14.77 -2.12
N PRO K 19 -23.83 -14.69 -1.50
CA PRO K 19 -23.90 -14.41 -0.06
C PRO K 19 -23.14 -15.45 0.74
N GLY K 20 -22.37 -14.98 1.73
CA GLY K 20 -21.58 -15.84 2.57
C GLY K 20 -20.23 -16.24 2.00
N GLN K 21 -20.05 -16.19 0.68
CA GLN K 21 -18.78 -16.52 0.06
C GLN K 21 -17.85 -15.32 0.07
N THR K 22 -16.56 -15.58 0.23
CA THR K 22 -15.58 -14.51 0.32
C THR K 22 -15.35 -13.88 -1.06
N ALA K 23 -15.49 -12.57 -1.14
CA ALA K 23 -15.28 -11.82 -2.37
C ALA K 23 -13.91 -11.15 -2.35
N ARG K 24 -13.22 -11.18 -3.49
CA ARG K 24 -11.90 -10.58 -3.63
C ARG K 24 -11.92 -9.57 -4.76
N ILE K 25 -11.48 -8.35 -4.46
CA ILE K 25 -11.39 -7.26 -5.43
C ILE K 25 -9.92 -6.94 -5.64
N THR K 26 -9.50 -6.93 -6.91
CA THR K 26 -8.10 -6.82 -7.26
C THR K 26 -7.70 -5.38 -7.59
N CYS K 27 -6.40 -5.12 -7.48
CA CYS K 27 -5.82 -3.82 -7.82
C CYS K 27 -4.36 -4.04 -8.16
N GLY K 28 -4.01 -3.90 -9.44
CA GLY K 28 -2.68 -4.22 -9.92
C GLY K 28 -1.80 -3.01 -10.12
N GLY K 29 -0.50 -3.20 -9.91
CA GLY K 29 0.48 -2.15 -10.11
C GLY K 29 1.81 -2.77 -10.50
N ASP K 30 2.64 -1.95 -11.16
CA ASP K 30 3.92 -2.46 -11.65
C ASP K 30 4.81 -2.92 -10.51
N ASN K 31 4.88 -2.15 -9.43
CA ASN K 31 5.55 -2.56 -8.20
C ASN K 31 4.73 -2.02 -7.02
N ILE K 32 3.46 -2.44 -6.97
CA ILE K 32 2.52 -1.88 -6.02
C ILE K 32 2.86 -2.25 -4.57
N GLY K 33 3.65 -3.30 -4.37
CA GLY K 33 4.04 -3.69 -3.03
C GLY K 33 4.95 -2.71 -2.33
N ARG K 34 5.41 -1.68 -3.03
CA ARG K 34 6.30 -0.67 -2.45
C ARG K 34 5.55 0.51 -1.85
N LYS K 35 4.24 0.61 -2.09
CA LYS K 35 3.45 1.75 -1.65
C LYS K 35 2.22 1.29 -0.91
N THR K 36 1.76 2.11 0.03
CA THR K 36 0.52 1.83 0.73
C THR K 36 -0.67 2.00 -0.20
N VAL K 37 -1.60 1.05 -0.14
CA VAL K 37 -2.80 1.06 -0.97
C VAL K 37 -4.01 1.18 -0.06
N ASN K 38 -4.85 2.17 -0.32
CA ASN K 38 -6.04 2.43 0.47
C ASN K 38 -7.29 2.10 -0.35
N TRP K 39 -8.26 1.47 0.29
CA TRP K 39 -9.49 1.04 -0.36
C TRP K 39 -10.65 1.93 0.06
N TYR K 40 -11.57 2.17 -0.88
CA TYR K 40 -12.75 2.99 -0.63
C TYR K 40 -13.98 2.27 -1.19
N GLN K 41 -15.07 2.32 -0.44
CA GLN K 41 -16.34 1.72 -0.84
C GLN K 41 -17.34 2.83 -1.11
N GLN K 42 -17.93 2.83 -2.31
CA GLN K 42 -18.95 3.78 -2.68
C GLN K 42 -20.21 3.01 -3.08
N LYS K 43 -21.33 3.38 -2.49
CA LYS K 43 -22.63 2.78 -2.74
C LYS K 43 -23.44 3.68 -3.67
N PRO K 44 -24.49 3.13 -4.32
CA PRO K 44 -25.29 3.95 -5.25
C PRO K 44 -25.81 5.25 -4.64
N GLY K 45 -25.31 6.37 -5.14
CA GLY K 45 -25.75 7.67 -4.68
C GLY K 45 -25.18 8.10 -3.34
N GLN K 46 -23.98 7.63 -3.00
CA GLN K 46 -23.35 7.97 -1.73
C GLN K 46 -21.92 8.43 -1.98
N ALA K 47 -21.23 8.82 -0.89
CA ALA K 47 -19.84 9.24 -0.89
C ALA K 47 -18.94 8.06 -0.53
N PRO K 48 -17.74 8.01 -1.11
CA PRO K 48 -16.82 6.89 -0.80
C PRO K 48 -16.47 6.84 0.68
N VAL K 49 -16.34 5.62 1.20
CA VAL K 49 -16.01 5.37 2.59
C VAL K 49 -14.70 4.61 2.66
N LEU K 50 -13.76 5.11 3.45
CA LEU K 50 -12.45 4.47 3.60
C LEU K 50 -12.63 3.13 4.29
N VAL K 51 -12.50 2.05 3.52
CA VAL K 51 -12.70 0.69 4.04
C VAL K 51 -11.40 0.12 4.59
N ILE K 52 -10.31 0.26 3.85
CA ILE K 52 -9.00 -0.24 4.27
C ILE K 52 -7.95 0.78 3.84
N TYR K 53 -6.97 1.03 4.70
CA TYR K 53 -5.83 1.87 4.35
C TYR K 53 -4.54 1.13 4.68
N TYR K 54 -3.46 1.58 4.07
CA TYR K 54 -2.12 1.05 4.27
C TYR K 54 -2.11 -0.48 4.19
N ASP K 55 -2.59 -0.98 3.04
CA ASP K 55 -2.58 -2.39 2.69
C ASP K 55 -3.51 -3.23 3.56
N ASN K 56 -3.34 -3.18 4.88
CA ASN K 56 -4.14 -4.03 5.75
C ASN K 56 -4.63 -3.35 7.03
N ASP K 57 -4.55 -2.04 7.14
CA ASP K 57 -5.12 -1.35 8.30
C ASP K 57 -6.62 -1.19 8.12
N ARG K 58 -7.36 -1.32 9.21
CA ARG K 58 -8.81 -1.22 9.20
C ARG K 58 -9.26 -0.06 10.07
N PRO K 59 -10.03 0.90 9.53
CA PRO K 59 -10.54 1.98 10.37
C PRO K 59 -11.50 1.46 11.42
N SER K 60 -11.69 2.26 12.47
CA SER K 60 -12.66 1.92 13.50
C SER K 60 -14.08 2.06 12.94
N GLY K 61 -14.92 1.07 13.24
CA GLY K 61 -16.27 1.01 12.72
C GLY K 61 -16.43 0.17 11.48
N ILE K 62 -15.33 -0.29 10.89
CA ILE K 62 -15.37 -1.17 9.71
C ILE K 62 -15.45 -2.62 10.21
N PRO K 63 -16.36 -3.43 9.68
CA PRO K 63 -16.46 -4.82 10.14
C PRO K 63 -15.16 -5.58 9.93
N GLU K 64 -14.93 -6.57 10.79
CA GLU K 64 -13.69 -7.35 10.75
C GLU K 64 -13.58 -8.16 9.46
N ARG K 65 -14.67 -8.33 8.72
CA ARG K 65 -14.61 -9.07 7.47
C ARG K 65 -13.84 -8.35 6.39
N PHE K 66 -13.59 -7.04 6.55
CA PHE K 66 -12.88 -6.24 5.56
C PHE K 66 -11.38 -6.33 5.85
N SER K 67 -10.67 -7.07 5.00
CA SER K 67 -9.22 -7.23 5.12
C SER K 67 -8.57 -6.99 3.78
N GLY K 68 -7.32 -6.52 3.81
CA GLY K 68 -6.59 -6.24 2.61
C GLY K 68 -5.19 -6.84 2.66
N SER K 69 -4.61 -7.02 1.47
CA SER K 69 -3.26 -7.54 1.33
C SER K 69 -2.60 -6.85 0.15
N ASN K 70 -1.26 -6.86 0.16
CA ASN K 70 -0.50 -6.16 -0.86
C ASN K 70 0.92 -6.72 -0.89
N SER K 71 1.34 -7.25 -2.04
CA SER K 71 2.68 -7.78 -2.20
C SER K 71 2.96 -7.94 -3.69
N GLY K 72 4.15 -7.51 -4.11
CA GLY K 72 4.55 -7.65 -5.49
C GLY K 72 3.81 -6.74 -6.45
N ASN K 73 2.96 -7.34 -7.30
CA ASN K 73 2.26 -6.60 -8.34
C ASN K 73 0.75 -6.62 -8.15
N MET K 74 0.25 -7.08 -7.01
CA MET K 74 -1.19 -7.24 -6.82
C MET K 74 -1.56 -6.90 -5.39
N ALA K 75 -2.50 -5.96 -5.24
CA ALA K 75 -3.13 -5.65 -3.96
C ALA K 75 -4.61 -5.99 -4.08
N THR K 76 -5.11 -6.80 -3.15
CA THR K 76 -6.48 -7.29 -3.23
C THR K 76 -7.23 -6.99 -1.95
N LEU K 77 -8.49 -6.61 -2.10
CA LEU K 77 -9.40 -6.35 -0.99
C LEU K 77 -10.32 -7.56 -0.82
N SER K 78 -10.23 -8.21 0.34
CA SER K 78 -10.98 -9.43 0.61
C SER K 78 -12.04 -9.15 1.67
N ILE K 79 -13.28 -9.51 1.36
CA ILE K 79 -14.40 -9.40 2.29
C ILE K 79 -15.01 -10.79 2.47
N SER K 80 -15.13 -11.22 3.71
CA SER K 80 -15.62 -12.56 4.04
C SER K 80 -17.08 -12.49 4.50
N ARG K 81 -17.82 -13.56 4.24
CA ARG K 81 -19.23 -13.65 4.56
C ARG K 81 -19.98 -12.44 3.98
N VAL K 82 -19.87 -12.31 2.67
CA VAL K 82 -20.42 -11.14 1.98
C VAL K 82 -21.93 -11.11 2.15
N GLU K 83 -22.45 -9.94 2.47
CA GLU K 83 -23.89 -9.72 2.61
C GLU K 83 -24.39 -8.90 1.44
N VAL K 84 -25.72 -8.82 1.33
CA VAL K 84 -26.33 -8.06 0.24
C VAL K 84 -25.96 -6.59 0.33
N GLY K 85 -25.75 -6.07 1.54
CA GLY K 85 -25.42 -4.67 1.71
C GLY K 85 -24.01 -4.32 1.27
N ASP K 86 -23.15 -5.31 1.07
CA ASP K 86 -21.79 -5.07 0.61
C ASP K 86 -21.72 -4.70 -0.86
N GLU K 87 -22.84 -4.70 -1.58
CA GLU K 87 -22.84 -4.27 -2.97
C GLU K 87 -22.44 -2.81 -3.07
N ALA K 88 -21.47 -2.52 -3.94
CA ALA K 88 -21.01 -1.15 -4.16
C ALA K 88 -19.77 -1.14 -5.03
N ASP K 89 -19.34 0.04 -5.46
CA ASP K 89 -18.11 0.17 -6.23
C ASP K 89 -16.95 0.40 -5.28
N TYR K 90 -15.92 -0.43 -5.39
CA TYR K 90 -14.74 -0.34 -4.56
C TYR K 90 -13.57 0.18 -5.39
N TYR K 91 -12.83 1.13 -4.83
CA TYR K 91 -11.71 1.78 -5.51
C TYR K 91 -10.44 1.61 -4.68
N CYS K 92 -9.31 1.44 -5.37
CA CYS K 92 -8.00 1.48 -4.74
C CYS K 92 -7.31 2.76 -5.15
N GLN K 93 -6.57 3.36 -4.20
CA GLN K 93 -5.92 4.64 -4.42
C GLN K 93 -4.47 4.54 -4.00
N VAL K 94 -3.57 5.06 -4.84
CA VAL K 94 -2.14 5.06 -4.61
C VAL K 94 -1.60 6.46 -4.90
N TRP K 95 -0.54 6.83 -4.20
CA TRP K 95 0.11 8.12 -4.41
C TRP K 95 1.20 7.97 -5.47
N ASP K 96 1.08 8.74 -6.55
CA ASP K 96 2.09 8.70 -7.60
C ASP K 96 3.40 9.29 -7.07
N SER K 97 4.51 8.60 -7.34
CA SER K 97 5.78 9.00 -6.77
C SER K 97 6.46 10.09 -7.59
N ASN K 98 6.60 9.87 -8.89
CA ASN K 98 7.32 10.81 -9.76
C ASN K 98 6.41 11.88 -10.34
N ASN K 99 5.10 11.80 -10.11
CA ASN K 99 4.18 12.85 -10.52
C ASN K 99 3.63 13.65 -9.35
N ASP K 100 3.78 13.17 -8.12
CA ASP K 100 3.46 13.90 -6.90
C ASP K 100 1.98 14.27 -6.83
N HIS K 101 1.13 13.24 -6.89
CA HIS K 101 -0.30 13.39 -6.69
C HIS K 101 -0.95 12.02 -6.54
N PRO K 102 -2.08 11.92 -5.83
CA PRO K 102 -2.77 10.64 -5.73
C PRO K 102 -3.36 10.22 -7.08
N VAL K 103 -3.67 8.93 -7.17
CA VAL K 103 -4.33 8.37 -8.35
C VAL K 103 -5.27 7.27 -7.88
N PHE K 104 -6.47 7.24 -8.45
CA PHE K 104 -7.48 6.23 -8.13
C PHE K 104 -7.51 5.17 -9.22
N GLY K 105 -8.10 4.02 -8.87
CA GLY K 105 -8.35 2.99 -9.84
C GLY K 105 -9.60 3.28 -10.65
N GLY K 106 -9.92 2.36 -11.56
CA GLY K 106 -11.11 2.49 -12.36
C GLY K 106 -12.40 2.17 -11.64
N GLY K 107 -12.32 1.34 -10.61
CA GLY K 107 -13.50 0.90 -9.88
C GLY K 107 -13.85 -0.54 -10.18
N THR K 108 -14.65 -1.12 -9.29
CA THR K 108 -15.08 -2.51 -9.43
C THR K 108 -16.47 -2.65 -8.81
N LYS K 109 -17.45 -3.05 -9.62
CA LYS K 109 -18.82 -3.20 -9.16
C LYS K 109 -18.98 -4.59 -8.56
N LEU K 110 -19.24 -4.65 -7.26
CA LEU K 110 -19.53 -5.90 -6.57
C LEU K 110 -21.04 -6.11 -6.55
N THR K 111 -21.49 -7.24 -7.10
CA THR K 111 -22.91 -7.56 -7.17
C THR K 111 -23.12 -8.94 -6.56
N VAL K 112 -23.85 -9.00 -5.46
CA VAL K 112 -24.21 -10.29 -4.88
C VAL K 112 -25.26 -10.94 -5.77
N VAL K 113 -24.96 -12.15 -6.22
CA VAL K 113 -25.76 -12.79 -7.26
C VAL K 113 -26.77 -13.80 -6.71
N GLY K 114 -26.55 -14.32 -5.49
CA GLY K 114 -27.40 -15.36 -4.96
C GLY K 114 -28.71 -14.93 -4.35
N GLN K 115 -29.10 -13.66 -4.46
CA GLN K 115 -30.39 -13.24 -3.93
C GLN K 115 -31.52 -13.94 -4.68
N PRO K 116 -32.68 -14.11 -4.03
CA PRO K 116 -33.79 -14.79 -4.71
C PRO K 116 -34.25 -14.03 -5.95
N LYS K 117 -34.87 -14.77 -6.87
CA LYS K 117 -35.45 -14.17 -8.06
C LYS K 117 -36.72 -13.41 -7.70
N ALA K 118 -37.12 -12.49 -8.58
CA ALA K 118 -38.30 -11.68 -8.35
C ALA K 118 -38.92 -11.31 -9.69
N ALA K 119 -40.24 -11.40 -9.77
CA ALA K 119 -40.87 -11.05 -11.04
C ALA K 119 -41.16 -9.55 -11.09
N PRO K 120 -40.89 -8.90 -12.21
CA PRO K 120 -41.16 -7.46 -12.32
C PRO K 120 -42.65 -7.18 -12.41
N SER K 121 -43.08 -6.14 -11.68
CA SER K 121 -44.46 -5.66 -11.71
C SER K 121 -44.47 -4.34 -12.48
N VAL K 122 -45.28 -4.29 -13.54
CA VAL K 122 -45.27 -3.14 -14.43
C VAL K 122 -46.67 -2.53 -14.49
N THR K 123 -46.72 -1.24 -14.82
CA THR K 123 -47.96 -0.52 -15.07
C THR K 123 -47.78 0.33 -16.32
N LEU K 124 -48.73 0.26 -17.23
CA LEU K 124 -48.70 1.02 -18.48
C LEU K 124 -49.72 2.15 -18.43
N PHE K 125 -49.32 3.32 -18.90
CA PHE K 125 -50.16 4.50 -18.85
C PHE K 125 -50.36 5.08 -20.25
N PRO K 126 -51.59 5.34 -20.67
CA PRO K 126 -51.83 5.99 -21.96
C PRO K 126 -51.52 7.47 -21.88
N PRO K 127 -51.49 8.18 -23.01
CA PRO K 127 -51.30 9.64 -22.94
C PRO K 127 -52.48 10.31 -22.27
N SER K 128 -52.19 11.35 -21.50
CA SER K 128 -53.25 12.12 -20.86
C SER K 128 -54.00 12.94 -21.89
N SER K 129 -55.28 13.21 -21.60
CA SER K 129 -56.08 14.05 -22.48
C SER K 129 -55.52 15.46 -22.56
N GLU K 130 -54.87 15.93 -21.49
CA GLU K 130 -54.22 17.24 -21.52
C GLU K 130 -53.02 17.23 -22.45
N GLU K 131 -52.21 16.18 -22.41
CA GLU K 131 -51.08 16.08 -23.33
C GLU K 131 -51.56 15.95 -24.77
N LEU K 132 -52.58 15.12 -25.00
CA LEU K 132 -53.14 14.98 -26.34
C LEU K 132 -53.65 16.31 -26.87
N GLN K 133 -54.20 17.15 -25.98
CA GLN K 133 -54.62 18.49 -26.37
C GLN K 133 -53.44 19.40 -26.67
N ALA K 134 -52.24 19.03 -26.20
CA ALA K 134 -51.03 19.80 -26.47
C ALA K 134 -50.30 19.32 -27.72
N ASN K 135 -50.92 18.45 -28.52
CA ASN K 135 -50.40 17.94 -29.78
C ASN K 135 -49.22 16.99 -29.61
N LYS K 136 -48.94 16.54 -28.39
CA LYS K 136 -47.89 15.56 -28.14
C LYS K 136 -48.46 14.42 -27.31
N ALA K 137 -47.99 13.21 -27.56
CA ALA K 137 -48.40 12.03 -26.81
C ALA K 137 -47.19 11.31 -26.27
N THR K 138 -47.34 10.70 -25.10
CA THR K 138 -46.25 10.00 -24.45
C THR K 138 -46.81 8.78 -23.71
N LEU K 139 -46.20 7.62 -23.94
CA LEU K 139 -46.55 6.39 -23.25
C LEU K 139 -45.58 6.16 -22.10
N VAL K 140 -46.12 5.71 -20.96
CA VAL K 140 -45.34 5.52 -19.75
C VAL K 140 -45.42 4.04 -19.36
N CYS K 141 -44.26 3.40 -19.24
CA CYS K 141 -44.15 2.01 -18.83
C CYS K 141 -43.15 1.94 -17.68
N LEU K 142 -43.63 1.51 -16.51
CA LEU K 142 -42.85 1.57 -15.28
C LEU K 142 -42.65 0.15 -14.74
N ILE K 143 -41.41 -0.32 -14.77
CA ILE K 143 -41.05 -1.65 -14.30
C ILE K 143 -40.45 -1.53 -12.91
N SER K 144 -40.81 -2.45 -12.02
CA SER K 144 -40.36 -2.35 -10.64
C SER K 144 -40.38 -3.73 -10.00
N ASP K 145 -39.69 -3.83 -8.85
CA ASP K 145 -39.73 -5.00 -7.98
C ASP K 145 -39.22 -6.26 -8.69
N PHE K 146 -38.04 -6.15 -9.29
CA PHE K 146 -37.44 -7.29 -9.98
C PHE K 146 -35.97 -7.44 -9.59
N TYR K 147 -35.51 -8.70 -9.59
CA TYR K 147 -34.13 -9.06 -9.39
C TYR K 147 -33.89 -10.37 -10.13
N PRO K 148 -32.76 -10.55 -10.83
CA PRO K 148 -31.63 -9.63 -11.00
C PRO K 148 -31.98 -8.37 -11.78
N GLY K 149 -31.15 -7.33 -11.66
CA GLY K 149 -31.42 -6.06 -12.29
C GLY K 149 -31.02 -6.01 -13.75
N ALA K 150 -31.79 -6.66 -14.61
CA ALA K 150 -31.52 -6.67 -16.04
C ALA K 150 -32.80 -7.04 -16.76
N VAL K 151 -33.40 -6.08 -17.45
CA VAL K 151 -34.62 -6.31 -18.23
C VAL K 151 -34.40 -5.83 -19.65
N THR K 152 -35.28 -6.28 -20.54
CA THR K 152 -35.30 -5.84 -21.93
C THR K 152 -36.73 -5.45 -22.27
N VAL K 153 -36.94 -4.20 -22.66
CA VAL K 153 -38.26 -3.67 -22.93
C VAL K 153 -38.46 -3.59 -24.43
N ALA K 154 -39.64 -4.01 -24.90
CA ALA K 154 -39.99 -3.96 -26.31
C ALA K 154 -41.41 -3.44 -26.44
N TRP K 155 -41.58 -2.36 -27.21
CA TRP K 155 -42.89 -1.76 -27.41
C TRP K 155 -43.53 -2.31 -28.67
N LYS K 156 -44.86 -2.45 -28.64
CA LYS K 156 -45.61 -2.98 -29.77
C LYS K 156 -46.73 -2.02 -30.14
N ALA K 157 -46.90 -1.81 -31.44
CA ALA K 157 -47.98 -0.98 -31.99
C ALA K 157 -48.86 -1.88 -32.83
N ASP K 158 -50.09 -2.12 -32.37
CA ASP K 158 -51.00 -3.06 -33.02
C ASP K 158 -50.34 -4.44 -33.14
N SER K 159 -49.67 -4.86 -32.07
CA SER K 159 -48.92 -6.11 -32.03
C SER K 159 -47.83 -6.14 -33.10
N SER K 160 -47.16 -5.00 -33.28
CA SER K 160 -46.05 -4.86 -34.22
C SER K 160 -44.98 -3.98 -33.59
N PRO K 161 -43.70 -4.31 -33.78
CA PRO K 161 -42.63 -3.54 -33.12
C PRO K 161 -42.61 -2.09 -33.60
N VAL K 162 -42.17 -1.21 -32.69
CA VAL K 162 -42.12 0.21 -32.97
C VAL K 162 -40.66 0.65 -33.11
N LYS K 163 -40.01 0.87 -31.98
CA LYS K 163 -38.61 1.33 -31.91
C LYS K 163 -38.42 2.67 -32.62
N ALA K 164 -39.48 3.44 -32.81
CA ALA K 164 -39.37 4.74 -33.47
C ALA K 164 -38.94 5.82 -32.48
N GLY K 165 -39.68 5.98 -31.38
CA GLY K 165 -39.34 6.95 -30.37
C GLY K 165 -39.45 6.37 -28.97
N VAL K 166 -38.48 5.55 -28.58
CA VAL K 166 -38.48 4.86 -27.29
C VAL K 166 -37.22 5.25 -26.54
N GLU K 167 -37.38 5.60 -25.27
CA GLU K 167 -36.24 5.90 -24.38
C GLU K 167 -36.44 5.13 -23.08
N THR K 168 -35.57 4.15 -22.83
CA THR K 168 -35.63 3.33 -21.64
C THR K 168 -34.49 3.69 -20.70
N THR K 169 -34.76 3.65 -19.40
CA THR K 169 -33.77 4.01 -18.40
C THR K 169 -32.94 2.80 -18.01
N THR K 170 -31.80 3.08 -17.36
CA THR K 170 -30.98 2.03 -16.80
C THR K 170 -31.58 1.54 -15.48
N PRO K 171 -31.35 0.29 -15.11
CA PRO K 171 -31.90 -0.21 -13.84
C PRO K 171 -31.25 0.46 -12.64
N SER K 172 -32.07 0.74 -11.62
CA SER K 172 -31.62 1.41 -10.41
C SER K 172 -32.12 0.66 -9.20
N LYS K 173 -31.24 0.47 -8.22
CA LYS K 173 -31.60 -0.25 -7.00
C LYS K 173 -32.55 0.58 -6.15
N GLN K 174 -33.53 -0.09 -5.55
CA GLN K 174 -34.42 0.52 -4.58
C GLN K 174 -33.89 0.26 -3.18
N SER K 175 -34.60 0.79 -2.18
CA SER K 175 -34.31 0.42 -0.80
C SER K 175 -34.68 -1.02 -0.51
N ASN K 176 -35.59 -1.59 -1.30
CA ASN K 176 -35.98 -2.99 -1.17
C ASN K 176 -34.99 -3.95 -1.82
N ASN K 177 -33.87 -3.43 -2.32
CA ASN K 177 -32.87 -4.24 -3.04
C ASN K 177 -33.45 -4.93 -4.25
N LYS K 178 -34.53 -4.35 -4.80
CA LYS K 178 -35.11 -4.78 -6.06
C LYS K 178 -35.02 -3.61 -7.04
N TYR K 179 -34.58 -3.89 -8.26
CA TYR K 179 -34.30 -2.83 -9.21
C TYR K 179 -35.59 -2.27 -9.81
N ALA K 180 -35.44 -1.17 -10.55
CA ALA K 180 -36.58 -0.51 -11.18
C ALA K 180 -36.12 0.10 -12.50
N ALA K 181 -37.08 0.29 -13.40
CA ALA K 181 -36.78 0.83 -14.72
C ALA K 181 -38.03 1.53 -15.26
N SER K 182 -37.82 2.33 -16.30
CA SER K 182 -38.91 3.07 -16.92
C SER K 182 -38.64 3.18 -18.41
N SER K 183 -39.72 3.35 -19.19
CA SER K 183 -39.60 3.46 -20.63
C SER K 183 -40.69 4.40 -21.14
N TYR K 184 -40.35 5.18 -22.17
CA TYR K 184 -41.25 6.19 -22.72
C TYR K 184 -41.33 6.05 -24.22
N LEU K 185 -42.56 5.97 -24.74
CA LEU K 185 -42.80 5.97 -26.19
C LEU K 185 -43.49 7.27 -26.55
N SER K 186 -42.80 8.09 -27.34
CA SER K 186 -43.36 9.32 -27.86
C SER K 186 -43.90 9.10 -29.27
N LEU K 187 -45.07 9.67 -29.55
CA LEU K 187 -45.71 9.48 -30.84
C LEU K 187 -46.75 10.59 -31.04
N THR K 188 -47.16 10.76 -32.29
CA THR K 188 -48.15 11.77 -32.61
C THR K 188 -49.52 11.35 -32.09
N PRO K 189 -50.40 12.31 -31.79
CA PRO K 189 -51.76 11.95 -31.40
C PRO K 189 -52.51 11.19 -32.48
N GLU K 190 -52.18 11.42 -33.76
CA GLU K 190 -52.76 10.63 -34.82
C GLU K 190 -52.27 9.19 -34.77
N GLN K 191 -51.01 8.98 -34.41
CA GLN K 191 -50.48 7.62 -34.25
C GLN K 191 -51.13 6.91 -33.07
N TRP K 192 -51.53 7.65 -32.04
CA TRP K 192 -52.12 7.04 -30.86
C TRP K 192 -53.59 6.70 -31.08
N LYS K 193 -54.31 7.54 -31.83
CA LYS K 193 -55.74 7.31 -32.01
C LYS K 193 -56.01 6.34 -33.16
N SER K 194 -55.09 6.23 -34.12
CA SER K 194 -55.32 5.36 -35.26
C SER K 194 -55.14 3.89 -34.91
N HIS K 195 -54.13 3.58 -34.10
CA HIS K 195 -53.86 2.20 -33.75
C HIS K 195 -54.93 1.65 -32.81
N ARG K 196 -55.06 0.33 -32.80
CA ARG K 196 -56.05 -0.32 -31.96
C ARG K 196 -55.60 -0.38 -30.50
N SER K 197 -54.30 -0.62 -30.28
CA SER K 197 -53.76 -0.70 -28.93
C SER K 197 -52.25 -0.54 -28.99
N TYR K 198 -51.67 -0.16 -27.86
CA TYR K 198 -50.22 -0.04 -27.71
C TYR K 198 -49.80 -0.85 -26.49
N SER K 199 -48.77 -1.67 -26.66
CA SER K 199 -48.36 -2.62 -25.64
C SER K 199 -46.89 -2.42 -25.28
N CYS K 200 -46.60 -2.53 -23.99
CA CYS K 200 -45.23 -2.49 -23.47
C CYS K 200 -44.94 -3.84 -22.83
N GLN K 201 -44.02 -4.59 -23.42
CA GLN K 201 -43.60 -5.88 -22.88
C GLN K 201 -42.17 -5.78 -22.35
N VAL K 202 -41.94 -6.38 -21.20
CA VAL K 202 -40.62 -6.41 -20.56
C VAL K 202 -40.26 -7.85 -20.26
N THR K 203 -39.07 -8.27 -20.69
CA THR K 203 -38.56 -9.60 -20.42
C THR K 203 -37.54 -9.52 -19.29
N HIS K 204 -37.63 -10.47 -18.37
CA HIS K 204 -36.74 -10.49 -17.20
C HIS K 204 -35.86 -11.74 -17.20
N THR K 208 -42.01 -13.14 -18.37
CA THR K 208 -42.03 -11.84 -19.02
C THR K 208 -43.42 -11.21 -18.91
N VAL K 209 -43.52 -10.14 -18.13
CA VAL K 209 -44.80 -9.47 -17.92
C VAL K 209 -45.05 -8.50 -19.06
N GLU K 210 -46.27 -8.51 -19.59
CA GLU K 210 -46.67 -7.63 -20.67
C GLU K 210 -48.00 -6.98 -20.32
N LYS K 211 -48.11 -5.68 -20.60
CA LYS K 211 -49.34 -4.94 -20.41
C LYS K 211 -49.60 -4.08 -21.64
N THR K 212 -50.89 -3.85 -21.91
CA THR K 212 -51.34 -3.17 -23.12
C THR K 212 -52.38 -2.13 -22.77
N VAL K 213 -52.33 -0.99 -23.47
CA VAL K 213 -53.31 0.07 -23.32
C VAL K 213 -53.85 0.42 -24.70
N ALA K 214 -55.06 0.97 -24.73
CA ALA K 214 -55.75 1.27 -25.97
C ALA K 214 -56.43 2.63 -25.87
N PRO K 215 -56.56 3.34 -27.00
CA PRO K 215 -57.26 4.64 -27.03
C PRO K 215 -58.76 4.50 -26.81
N SER L 5 23.50 16.92 21.69
CA SER L 5 23.69 16.99 20.25
C SER L 5 22.58 16.26 19.52
N THR L 6 22.80 14.97 19.25
CA THR L 6 21.81 14.16 18.57
C THR L 6 20.71 13.71 19.53
N ASN L 7 19.56 13.37 18.97
CA ASN L 7 18.39 12.92 19.72
C ASN L 7 17.95 13.96 20.75
N THR L 8 18.11 15.24 20.42
CA THR L 8 17.73 16.32 21.33
C THR L 8 17.55 17.60 20.51
N THR L 9 16.44 18.29 20.75
CA THR L 9 16.14 19.55 20.08
C THR L 9 16.42 20.69 21.05
N ASP L 10 17.32 21.59 20.67
CA ASP L 10 17.75 22.68 21.52
C ASP L 10 17.11 24.01 21.15
N ASN L 11 16.34 24.06 20.06
CA ASN L 11 15.74 25.31 19.60
C ASN L 11 14.40 25.01 18.97
N ILE L 12 13.34 25.61 19.52
CA ILE L 12 11.99 25.38 19.01
C ILE L 12 11.39 26.69 18.51
N ASP L 13 12.22 27.51 17.85
CA ASP L 13 11.74 28.78 17.31
C ASP L 13 10.88 28.61 16.06
N TYR L 14 10.69 27.38 15.57
CA TYR L 14 9.88 27.18 14.38
C TYR L 14 8.39 27.33 14.66
N PHE L 15 7.98 27.27 15.92
CA PHE L 15 6.58 27.47 16.26
C PHE L 15 6.17 28.92 16.04
N ASP L 16 4.99 29.11 15.48
CA ASP L 16 4.40 30.44 15.34
C ASP L 16 2.89 30.32 15.48
N ILE L 17 2.24 31.47 15.63
CA ILE L 17 0.80 31.50 15.85
C ILE L 17 0.24 32.77 15.21
N SER L 18 -1.01 32.71 14.78
CA SER L 18 -1.73 33.84 14.23
C SER L 18 -3.01 34.06 15.03
N ASP L 19 -3.52 35.29 14.97
CA ASP L 19 -4.77 35.59 15.65
C ASP L 19 -5.93 34.90 14.95
N GLU L 20 -7.09 34.92 15.61
CA GLU L 20 -8.26 34.20 15.10
C GLU L 20 -8.70 34.75 13.74
N SER L 21 -8.45 36.04 13.49
CA SER L 21 -8.78 36.64 12.19
C SER L 21 -7.72 36.37 11.13
N ASN L 22 -6.57 35.81 11.52
CA ASN L 22 -5.48 35.48 10.59
C ASN L 22 -4.91 36.71 9.90
N TYR L 23 -5.01 37.88 10.55
CA TYR L 23 -4.42 39.08 9.98
C TYR L 23 -2.91 39.16 10.28
N TYR L 24 -2.51 38.82 11.49
CA TYR L 24 -1.13 38.94 11.93
C TYR L 24 -0.53 37.57 12.18
N LEU L 25 0.74 37.41 11.84
CA LEU L 25 1.49 36.18 12.08
C LEU L 25 2.62 36.49 13.04
N ILE L 26 2.56 35.89 14.23
CA ILE L 26 3.53 36.17 15.29
C ILE L 26 4.66 35.15 15.20
N SER L 27 5.88 35.62 14.97
CA SER L 27 7.05 34.78 14.91
C SER L 27 7.93 35.03 16.13
N GLN L 28 8.61 33.97 16.58
CA GLN L 28 9.51 34.09 17.72
C GLN L 28 10.74 34.92 17.40
N LEU L 29 11.09 35.05 16.12
CA LEU L 29 12.25 35.84 15.73
C LEU L 29 11.89 37.30 15.60
N ARG L 30 12.83 38.18 15.95
CA ARG L 30 12.60 39.60 15.79
C ARG L 30 12.42 39.94 14.30
N PRO L 31 11.62 40.96 13.99
CA PRO L 31 10.87 41.81 14.92
C PRO L 31 9.48 41.25 15.26
N HIS L 32 9.30 39.94 15.14
CA HIS L 32 8.09 39.23 15.53
C HIS L 32 6.90 39.56 14.63
N PHE L 33 6.78 40.81 14.20
CA PHE L 33 5.69 41.24 13.34
C PHE L 33 6.23 41.71 12.01
N SER L 34 5.55 41.31 10.92
CA SER L 34 5.93 41.81 9.60
C SER L 34 5.72 43.32 9.50
N ASN L 35 4.78 43.86 10.26
CA ASN L 35 4.46 45.28 10.19
C ASN L 35 5.62 46.14 10.65
N ILE L 36 6.47 45.62 11.55
CA ILE L 36 7.61 46.39 12.02
C ILE L 36 8.58 46.68 10.89
N TYR L 37 8.75 45.73 9.96
CA TYR L 37 9.60 45.97 8.80
C TYR L 37 9.04 47.06 7.91
N PHE L 38 7.71 47.12 7.77
CA PHE L 38 7.10 48.21 7.02
C PHE L 38 7.24 49.53 7.76
N PHE L 39 7.18 49.50 9.09
CA PHE L 39 7.39 50.72 9.87
C PHE L 39 8.79 51.25 9.69
N ASP L 40 9.79 50.35 9.63
CA ASP L 40 11.16 50.76 9.37
C ASP L 40 11.34 51.31 7.97
N GLU L 41 10.48 50.92 7.02
CA GLU L 41 10.58 51.44 5.67
C GLU L 41 10.07 52.88 5.57
N PHE L 42 9.17 53.29 6.47
CA PHE L 42 8.72 54.68 6.46
C PHE L 42 9.82 55.63 6.90
N LYS L 43 10.71 55.16 7.79
CA LYS L 43 11.90 55.95 8.12
C LYS L 43 12.79 56.14 6.90
N ARG L 44 12.80 55.16 5.99
CA ARG L 44 13.50 55.33 4.73
C ARG L 44 12.67 56.09 3.71
N TYR L 45 11.34 55.99 3.80
CA TYR L 45 10.46 56.74 2.90
C TYR L 45 10.63 58.24 3.08
N ALA L 46 10.58 58.69 4.34
CA ALA L 46 10.62 60.12 4.62
C ALA L 46 12.02 60.69 4.51
N SER L 47 13.02 59.98 5.03
CA SER L 47 14.37 60.53 5.06
C SER L 47 14.97 60.67 3.67
N TYR L 48 14.78 59.66 2.81
CA TYR L 48 15.39 59.69 1.49
C TYR L 48 14.79 60.77 0.60
N HIS L 49 13.52 61.13 0.83
CA HIS L 49 12.85 62.08 -0.03
C HIS L 49 12.18 63.20 0.76
N THR L 50 11.23 62.84 1.61
CA THR L 50 10.43 63.83 2.34
C THR L 50 11.26 64.59 3.36
N GLU L 51 12.21 65.39 2.90
CA GLU L 51 12.85 66.38 3.77
C GLU L 51 11.82 67.33 4.37
N ILE L 52 10.68 67.49 3.68
CA ILE L 52 9.60 68.33 4.18
C ILE L 52 9.04 67.76 5.46
N LYS L 53 8.94 66.44 5.56
CA LYS L 53 8.40 65.75 6.73
C LYS L 53 9.49 64.83 7.28
N ARG L 54 10.33 65.37 8.17
CA ARG L 54 11.34 64.57 8.82
C ARG L 54 11.03 64.41 10.31
N TYR L 55 9.87 63.82 10.62
CA TYR L 55 9.54 63.42 11.98
C TYR L 55 10.06 62.02 12.31
N GLU L 56 11.20 61.64 11.73
CA GLU L 56 11.72 60.28 11.92
C GLU L 56 12.17 60.05 13.36
N ASP L 57 12.56 61.12 14.06
CA ASP L 57 12.93 60.97 15.47
C ASP L 57 11.73 60.61 16.34
N ILE L 58 10.51 60.84 15.85
CA ILE L 58 9.30 60.43 16.58
C ILE L 58 8.99 58.95 16.39
N HIS L 59 9.65 58.28 15.44
CA HIS L 59 9.43 56.86 15.25
C HIS L 59 9.95 56.05 16.44
N LYS L 60 11.03 56.52 17.07
CA LYS L 60 11.54 55.84 18.26
C LYS L 60 10.53 55.90 19.41
N THR L 61 9.70 56.94 19.44
CA THR L 61 8.66 57.07 20.46
C THR L 61 7.48 56.15 20.23
N LYS L 62 7.40 55.50 19.07
CA LYS L 62 6.26 54.64 18.76
C LYS L 62 6.71 53.27 18.28
N VAL L 63 7.65 53.22 17.34
CA VAL L 63 8.06 51.95 16.75
C VAL L 63 8.91 51.15 17.74
N ASN L 64 9.92 51.80 18.34
CA ASN L 64 10.78 51.10 19.29
C ASN L 64 10.01 50.64 20.52
N SER L 65 9.01 51.42 20.95
CA SER L 65 8.18 51.00 22.08
C SER L 65 7.40 49.74 21.73
N LEU L 66 6.94 49.63 20.49
CA LEU L 66 6.24 48.42 20.06
C LEU L 66 7.20 47.25 19.92
N LEU L 67 8.42 47.52 19.44
CA LEU L 67 9.41 46.45 19.28
C LEU L 67 9.88 45.92 20.63
N ASN L 68 10.18 46.83 21.56
CA ASN L 68 10.62 46.39 22.88
C ASN L 68 9.51 45.71 23.66
N GLU L 69 8.25 46.09 23.43
CA GLU L 69 7.14 45.42 24.07
C GLU L 69 6.82 44.07 23.43
N ALA L 70 7.11 43.93 22.14
CA ALA L 70 6.92 42.64 21.48
C ALA L 70 7.92 41.61 21.97
N SER L 71 9.19 42.01 22.13
CA SER L 71 10.18 41.12 22.71
C SER L 71 9.88 40.80 24.16
N ARG L 72 9.31 41.77 24.90
CA ARG L 72 8.95 41.54 26.30
C ARG L 72 7.77 40.57 26.43
N ALA L 73 6.87 40.57 25.45
CA ALA L 73 5.75 39.64 25.47
C ALA L 73 6.16 38.24 25.04
N ILE L 74 7.11 38.12 24.11
CA ILE L 74 7.63 36.81 23.73
C ILE L 74 8.43 36.21 24.87
N GLY L 75 9.17 37.03 25.62
CA GLY L 75 9.98 36.59 26.74
C GLY L 75 9.22 36.12 27.97
N ILE L 76 7.94 36.49 28.11
CA ILE L 76 7.16 36.03 29.25
C ILE L 76 6.80 34.55 29.13
N CYS L 77 6.87 33.98 27.92
CA CYS L 77 6.56 32.58 27.69
C CYS L 77 7.80 31.69 27.58
N ASN L 78 8.95 32.15 28.10
CA ASN L 78 10.14 31.32 28.05
C ASN L 78 10.07 30.15 29.03
N ARG L 79 9.26 30.26 30.08
CA ARG L 79 8.98 29.12 30.94
C ARG L 79 8.02 28.12 30.30
N ALA L 80 7.16 28.57 29.38
CA ALA L 80 6.33 27.68 28.59
C ALA L 80 7.05 27.13 27.37
N LYS L 81 7.96 27.91 26.77
CA LYS L 81 8.80 27.37 25.70
C LYS L 81 9.71 26.26 26.20
N ASN L 82 10.19 26.36 27.44
CA ASN L 82 11.10 25.35 27.97
C ASN L 82 10.36 24.06 28.31
N THR L 83 9.12 24.18 28.82
CA THR L 83 8.33 23.00 29.14
C THR L 83 8.06 22.16 27.90
N VAL L 84 7.77 22.82 26.78
CA VAL L 84 7.55 22.10 25.53
C VAL L 84 8.87 21.51 25.02
N LYS L 85 9.96 22.27 25.12
CA LYS L 85 11.26 21.76 24.69
C LYS L 85 11.66 20.54 25.50
N GLY L 86 11.27 20.48 26.77
CA GLY L 86 11.58 19.31 27.57
C GLY L 86 10.78 18.09 27.14
N LEU L 87 9.51 18.28 26.80
CA LEU L 87 8.69 17.15 26.36
C LEU L 87 9.11 16.65 24.98
N ILE L 88 9.57 17.55 24.11
CA ILE L 88 10.06 17.13 22.80
C ILE L 88 11.29 16.25 22.96
N ASN L 89 12.22 16.65 23.84
CA ASN L 89 13.44 15.88 24.03
C ASN L 89 13.15 14.51 24.63
N ILE L 90 12.03 14.35 25.33
CA ILE L 90 11.66 13.04 25.87
C ILE L 90 10.96 12.20 24.81
N LEU L 91 10.15 12.83 23.96
CA LEU L 91 9.37 12.09 22.98
C LEU L 91 10.18 11.73 21.74
N GLU L 92 11.19 12.52 21.39
CA GLU L 92 12.02 12.25 20.23
C GLU L 92 13.24 11.41 20.55
N ASN L 93 13.44 11.04 21.82
CA ASN L 93 14.62 10.30 22.25
C ASN L 93 14.17 9.03 22.98
N PRO L 94 14.27 7.86 22.35
CA PRO L 94 13.92 6.61 23.06
C PRO L 94 14.79 6.37 24.28
N GLN L 95 16.08 6.70 24.19
CA GLN L 95 16.96 6.52 25.35
C GLN L 95 16.53 7.41 26.51
N LYS L 96 16.07 8.63 26.22
CA LYS L 96 15.59 9.52 27.26
C LYS L 96 14.22 9.11 27.75
N PHE L 97 13.37 8.61 26.85
CA PHE L 97 12.04 8.16 27.25
C PHE L 97 12.10 7.00 28.23
N LYS L 98 13.14 6.16 28.13
CA LYS L 98 13.24 4.97 28.95
C LYS L 98 13.86 5.24 30.32
N THR L 99 14.19 6.49 30.63
CA THR L 99 14.63 6.84 31.97
C THR L 99 13.46 7.20 32.89
N GLN L 100 12.32 7.57 32.33
CA GLN L 100 11.12 7.84 33.10
C GLN L 100 10.23 6.59 33.13
N ARG L 101 9.04 6.73 33.70
CA ARG L 101 8.20 5.57 33.99
C ARG L 101 6.78 5.65 33.43
N GLU L 102 6.40 6.75 32.79
CA GLU L 102 5.05 6.91 32.29
C GLU L 102 4.92 6.43 30.85
N SER L 103 3.73 5.93 30.52
CA SER L 103 3.47 5.41 29.19
C SER L 103 3.65 6.49 28.13
N TYR L 104 3.89 6.04 26.89
CA TYR L 104 4.17 6.98 25.81
C TYR L 104 2.94 7.81 25.44
N ASP L 105 1.74 7.22 25.57
CA ASP L 105 0.53 7.97 25.30
C ASP L 105 0.34 9.09 26.31
N VAL L 106 0.80 8.89 27.55
CA VAL L 106 0.71 9.95 28.55
C VAL L 106 1.55 11.14 28.15
N LYS L 107 2.74 10.89 27.57
CA LYS L 107 3.66 11.97 27.27
C LYS L 107 3.20 12.77 26.06
N LEU L 108 2.53 12.13 25.10
CA LEU L 108 1.99 12.88 23.96
C LEU L 108 0.80 13.74 24.39
N ARG L 109 -0.09 13.17 25.21
CA ARG L 109 -1.20 13.96 25.76
C ARG L 109 -0.70 15.18 26.52
N GLN L 110 0.45 15.05 27.19
CA GLN L 110 1.05 16.19 27.87
C GLN L 110 1.67 17.17 26.89
N TYR L 111 2.15 16.68 25.75
CA TYR L 111 2.85 17.54 24.80
C TYR L 111 1.88 18.42 24.01
N GLU L 112 0.75 17.87 23.60
CA GLU L 112 -0.24 18.66 22.87
C GLU L 112 -0.81 19.78 23.74
N GLU L 113 -0.99 19.52 25.03
CA GLU L 113 -1.49 20.55 25.94
C GLU L 113 -0.46 21.65 26.14
N LYS L 114 0.81 21.28 26.34
CA LYS L 114 1.85 22.28 26.54
C LYS L 114 2.16 23.01 25.23
N LYS L 115 2.06 22.34 24.09
CA LYS L 115 2.36 22.98 22.82
C LYS L 115 1.37 24.09 22.52
N GLU L 116 0.08 23.87 22.79
CA GLU L 116 -0.91 24.92 22.59
C GLU L 116 -0.83 25.98 23.68
N ALA L 117 -0.57 25.56 24.93
CA ALA L 117 -0.41 26.53 26.00
C ALA L 117 0.78 27.44 25.74
N PHE L 118 1.88 26.90 25.21
CA PHE L 118 3.01 27.72 24.82
C PHE L 118 2.64 28.61 23.63
N ARG L 119 2.13 28.00 22.56
CA ARG L 119 1.80 28.77 21.35
C ARG L 119 0.80 29.88 21.67
N GLY L 120 -0.26 29.54 22.39
CA GLY L 120 -1.26 30.54 22.76
C GLY L 120 -0.67 31.68 23.57
N CYS L 121 0.32 31.38 24.42
CA CYS L 121 0.95 32.44 25.21
C CYS L 121 1.59 33.50 24.31
N LEU L 122 2.01 33.11 23.10
CA LEU L 122 2.57 34.08 22.17
C LEU L 122 1.50 35.03 21.63
N LEU L 123 0.27 34.54 21.45
CA LEU L 123 -0.81 35.37 20.93
C LEU L 123 -1.46 36.22 22.02
N ASN L 124 -1.70 35.63 23.20
CA ASN L 124 -2.39 36.35 24.27
C ASN L 124 -1.54 37.51 24.79
N LYS L 125 -0.23 37.29 24.97
CA LYS L 125 0.63 38.34 25.49
C LYS L 125 0.91 39.42 24.46
N ASN L 126 0.64 39.16 23.19
CA ASN L 126 0.80 40.15 22.13
C ASN L 126 -0.53 40.73 21.66
N ARG L 127 -1.63 40.41 22.36
CA ARG L 127 -2.94 40.93 21.96
C ARG L 127 -2.97 42.45 22.02
N LYS L 128 -2.35 43.04 23.04
CA LYS L 128 -2.31 44.49 23.13
C LYS L 128 -1.33 45.10 22.12
N ASN L 129 -0.28 44.35 21.76
CA ASN L 129 0.68 44.86 20.80
C ASN L 129 0.15 44.82 19.38
N LEU L 130 -0.73 43.85 19.07
CA LEU L 130 -1.31 43.79 17.73
C LEU L 130 -2.25 44.96 17.47
N ASP L 131 -2.98 45.40 18.50
CA ASP L 131 -3.82 46.58 18.34
C ASP L 131 -2.99 47.86 18.20
N GLN L 132 -1.77 47.86 18.75
CA GLN L 132 -0.88 49.00 18.57
C GLN L 132 -0.48 49.17 17.11
N ILE L 133 -0.45 48.08 16.35
CA ILE L 133 -0.04 48.15 14.94
C ILE L 133 -1.01 49.03 14.15
N LYS L 134 -2.30 48.97 14.48
CA LYS L 134 -3.29 49.76 13.76
C LYS L 134 -3.04 51.26 13.95
N LYS L 135 -2.75 51.68 15.18
CA LYS L 135 -2.51 53.10 15.44
C LYS L 135 -1.24 53.58 14.75
N ILE L 136 -0.19 52.76 14.75
CA ILE L 136 1.04 53.15 14.08
C ILE L 136 0.87 53.12 12.57
N ASN L 137 -0.01 52.25 12.06
CA ASN L 137 -0.30 52.23 10.63
C ASN L 137 -1.05 53.48 10.20
N ASN L 138 -1.99 53.94 11.04
CA ASN L 138 -2.76 55.14 10.69
C ASN L 138 -1.88 56.39 10.73
N GLU L 139 -0.97 56.46 11.70
CA GLU L 139 -0.09 57.62 11.81
C GLU L 139 0.85 57.73 10.62
N ILE L 140 1.20 56.60 10.00
CA ILE L 140 2.07 56.63 8.82
C ILE L 140 1.38 57.36 7.67
N ARG L 141 0.08 57.12 7.48
CA ARG L 141 -0.66 57.85 6.46
C ARG L 141 -0.78 59.33 6.78
N ASP L 142 -0.80 59.67 8.07
CA ASP L 142 -0.90 61.08 8.46
C ASP L 142 0.41 61.81 8.21
N LEU L 143 1.54 61.18 8.51
CA LEU L 143 2.83 61.80 8.25
C LEU L 143 3.09 61.98 6.76
N LEU L 144 2.48 61.13 5.93
CA LEU L 144 2.60 61.28 4.48
C LEU L 144 1.68 62.36 3.93
N GLU L 145 0.74 62.86 4.73
CA GLU L 145 -0.15 63.91 4.26
C GLU L 145 0.51 65.28 4.27
N LYS L 146 1.59 65.46 5.01
CA LYS L 146 2.31 66.73 5.07
C LYS L 146 3.29 66.92 3.92
N LEU L 147 3.13 66.19 2.83
CA LEU L 147 3.99 66.34 1.67
C LEU L 147 3.63 67.61 0.91
N LYS L 148 4.62 68.17 0.22
CA LYS L 148 4.38 69.40 -0.54
C LYS L 148 3.36 69.17 -1.66
N CYS L 149 3.45 68.02 -2.33
CA CYS L 149 2.49 67.72 -3.38
C CYS L 149 1.09 67.54 -2.79
N SER L 150 0.09 67.73 -3.64
CA SER L 150 -1.30 67.58 -3.23
C SER L 150 -2.12 67.02 -4.39
N GLN L 151 -1.59 67.15 -5.60
CA GLN L 151 -2.24 66.56 -6.77
C GLN L 151 -1.25 66.21 -7.87
N ASP L 152 0.06 66.30 -7.61
CA ASP L 152 1.08 66.01 -8.61
C ASP L 152 2.39 65.63 -7.91
N CYS L 153 2.51 64.38 -7.47
CA CYS L 153 3.67 63.92 -6.73
C CYS L 153 4.61 63.15 -7.65
N GLN L 154 5.90 63.44 -7.55
CA GLN L 154 6.89 62.73 -8.33
C GLN L 154 7.07 61.32 -7.80
N THR L 155 7.04 60.34 -8.71
CA THR L 155 7.17 58.93 -8.35
C THR L 155 8.60 58.43 -8.49
N ASN L 156 9.56 59.32 -8.76
CA ASN L 156 10.95 58.88 -8.94
C ASN L 156 11.53 58.29 -7.67
N VAL L 157 11.03 58.72 -6.51
CA VAL L 157 11.47 58.11 -5.26
C VAL L 157 10.76 56.78 -5.03
N TYR L 158 9.46 56.73 -5.31
CA TYR L 158 8.73 55.46 -5.27
C TYR L 158 9.39 54.42 -6.16
N PHE L 159 9.92 54.85 -7.30
CA PHE L 159 10.64 53.93 -8.18
C PHE L 159 12.10 53.77 -7.79
N ASP L 160 12.68 54.73 -7.07
CA ASP L 160 14.00 54.51 -6.50
C ASP L 160 13.97 53.44 -5.41
N MET L 161 12.84 53.33 -4.70
CA MET L 161 12.70 52.27 -3.71
C MET L 161 12.46 50.92 -4.37
N ILE L 162 11.72 50.91 -5.48
CA ILE L 162 11.44 49.66 -6.18
C ILE L 162 12.72 49.06 -6.74
N LYS L 163 13.57 49.89 -7.33
CA LYS L 163 14.83 49.39 -7.90
C LYS L 163 15.75 48.87 -6.81
N ILE L 164 15.75 49.48 -5.62
CA ILE L 164 16.56 48.98 -4.52
C ILE L 164 15.99 47.67 -3.99
N TYR L 165 14.66 47.54 -3.98
CA TYR L 165 14.05 46.31 -3.48
C TYR L 165 14.45 45.11 -4.32
N LEU L 166 14.61 45.30 -5.64
CA LEU L 166 15.02 44.19 -6.49
C LEU L 166 16.44 43.74 -6.18
N VAL L 167 17.31 44.65 -5.77
CA VAL L 167 18.67 44.28 -5.39
C VAL L 167 18.63 43.39 -4.14
N ASP L 168 17.83 43.77 -3.15
CA ASP L 168 17.70 42.94 -1.96
C ASP L 168 17.04 41.60 -2.27
N PHE L 169 16.17 41.56 -3.28
CA PHE L 169 15.57 40.30 -3.69
C PHE L 169 16.60 39.34 -4.26
N LYS L 170 17.66 39.87 -4.89
CA LYS L 170 18.67 39.03 -5.50
C LYS L 170 19.57 38.34 -4.48
N LYS L 171 19.57 38.82 -3.23
CA LYS L 171 20.43 38.23 -2.20
C LYS L 171 19.94 36.88 -1.72
N MET L 172 18.63 36.67 -1.68
CA MET L 172 18.09 35.43 -1.14
C MET L 172 18.17 34.32 -2.19
N PRO L 173 18.68 33.14 -1.83
CA PRO L 173 18.73 32.01 -2.79
C PRO L 173 17.39 31.31 -2.91
N TYR L 174 16.49 31.90 -3.70
CA TYR L 174 15.14 31.35 -3.82
C TYR L 174 15.15 30.01 -4.53
N GLU L 175 15.89 29.91 -5.64
CA GLU L 175 15.94 28.65 -6.38
C GLU L 175 16.54 27.54 -5.52
N ASN L 176 17.54 27.86 -4.70
CA ASN L 176 18.09 26.87 -3.79
C ASN L 176 17.12 26.56 -2.66
N TYR L 177 16.41 27.58 -2.17
CA TYR L 177 15.39 27.35 -1.15
C TYR L 177 14.23 26.53 -1.70
N ASP L 178 13.88 26.73 -2.98
CA ASP L 178 12.83 25.94 -3.58
C ASP L 178 13.30 24.52 -3.87
N THR L 179 14.55 24.36 -4.29
CA THR L 179 15.09 23.03 -4.51
C THR L 179 15.26 22.27 -3.19
N PHE L 180 15.59 22.99 -2.11
CA PHE L 180 15.76 22.34 -0.81
C PHE L 180 14.45 21.79 -0.28
N ILE L 181 13.37 22.56 -0.40
CA ILE L 181 12.10 22.12 0.17
C ILE L 181 11.50 20.98 -0.65
N LYS L 182 11.78 20.94 -1.96
CA LYS L 182 11.25 19.84 -2.77
C LYS L 182 11.97 18.53 -2.45
N GLN L 183 13.30 18.59 -2.28
CA GLN L 183 14.05 17.36 -2.01
C GLN L 183 13.76 16.83 -0.61
N TYR L 184 13.53 17.73 0.36
CA TYR L 184 13.29 17.29 1.73
C TYR L 184 11.85 16.84 1.93
N LYS L 185 10.89 17.50 1.27
CA LYS L 185 9.51 17.07 1.38
C LYS L 185 9.31 15.70 0.73
N ASN L 186 10.03 15.43 -0.37
CA ASN L 186 9.99 14.11 -0.97
C ASN L 186 10.63 13.07 -0.07
N SER L 187 11.70 13.45 0.63
CA SER L 187 12.33 12.53 1.58
C SER L 187 11.45 12.33 2.80
N TYR L 188 10.75 13.38 3.24
CA TYR L 188 9.89 13.26 4.40
C TYR L 188 8.65 12.43 4.09
N LEU L 189 8.11 12.56 2.88
CA LEU L 189 6.94 11.77 2.50
C LEU L 189 7.29 10.29 2.38
N SER L 190 8.46 9.98 1.82
CA SER L 190 8.86 8.58 1.69
C SER L 190 9.21 7.97 3.03
N GLY L 191 9.64 8.78 4.00
CA GLY L 191 9.93 8.26 5.32
C GLY L 191 8.67 7.93 6.10
N VAL L 192 7.65 8.79 6.01
CA VAL L 192 6.38 8.51 6.66
C VAL L 192 5.74 7.25 6.09
N ASP L 193 5.91 7.05 4.78
CA ASP L 193 5.24 5.91 4.13
C ASP L 193 5.91 4.59 4.48
N MET L 194 7.25 4.55 4.48
CA MET L 194 7.93 3.31 4.84
C MET L 194 7.70 2.93 6.30
N ILE L 195 7.33 3.89 7.14
CA ILE L 195 6.91 3.55 8.50
C ILE L 195 5.54 2.91 8.49
N ARG L 196 4.63 3.39 7.63
CA ARG L 196 3.35 2.74 7.45
C ARG L 196 3.52 1.30 6.99
N LYS L 197 4.58 1.01 6.24
CA LYS L 197 4.81 -0.33 5.72
C LYS L 197 5.32 -1.28 6.80
N ILE L 198 6.33 -0.86 7.56
CA ILE L 198 7.08 -1.76 8.42
C ILE L 198 6.65 -1.69 9.88
N GLU L 199 5.64 -0.89 10.21
CA GLU L 199 5.23 -0.78 11.60
C GLU L 199 4.53 -2.04 12.06
N LYS L 200 4.78 -2.42 13.32
CA LYS L 200 4.14 -3.58 13.92
C LYS L 200 4.07 -3.38 15.43
N GLN L 201 3.20 -4.16 16.07
CA GLN L 201 2.99 -4.05 17.52
C GLN L 201 3.40 -5.33 18.24
N ILE L 202 4.27 -6.14 17.64
CA ILE L 202 4.72 -7.36 18.31
C ILE L 202 5.84 -7.05 19.30
N ASP L 203 6.66 -6.03 19.02
CA ASP L 203 7.78 -5.71 19.89
C ASP L 203 7.67 -4.29 20.44
N ASN L 204 8.79 -3.71 20.83
CA ASN L 204 8.80 -2.40 21.46
C ASN L 204 8.61 -1.31 20.42
N PRO L 205 7.63 -0.41 20.60
CA PRO L 205 7.37 0.63 19.60
C PRO L 205 7.97 2.00 19.91
N VAL L 206 8.88 2.10 20.88
CA VAL L 206 9.36 3.41 21.31
C VAL L 206 10.13 4.10 20.18
N THR L 207 11.01 3.38 19.48
CA THR L 207 11.77 4.00 18.40
C THR L 207 10.86 4.39 17.25
N ILE L 208 9.92 3.52 16.87
CA ILE L 208 8.96 3.86 15.83
C ILE L 208 8.09 5.03 16.25
N ASN L 209 7.74 5.10 17.54
CA ASN L 209 7.00 6.26 18.05
C ASN L 209 7.85 7.52 17.99
N ALA L 210 9.14 7.41 18.27
CA ALA L 210 10.02 8.57 18.20
C ALA L 210 10.23 9.02 16.76
N ILE L 211 10.18 8.09 15.80
CA ILE L 211 10.27 8.46 14.40
C ILE L 211 8.99 9.16 13.95
N LYS L 212 7.84 8.57 14.26
CA LYS L 212 6.57 9.18 13.89
C LYS L 212 6.38 10.54 14.56
N PHE L 213 6.84 10.68 15.81
CA PHE L 213 6.71 11.96 16.50
C PHE L 213 7.56 13.03 15.82
N THR L 214 8.81 12.71 15.49
CA THR L 214 9.69 13.70 14.89
C THR L 214 9.27 14.03 13.46
N GLN L 215 8.78 13.04 12.72
CA GLN L 215 8.31 13.29 11.37
C GLN L 215 7.14 14.27 11.36
N LYS L 216 6.22 14.12 12.31
CA LYS L 216 5.10 15.07 12.40
C LYS L 216 5.60 16.48 12.70
N GLU L 217 6.68 16.60 13.48
CA GLU L 217 7.29 17.91 13.68
C GLU L 217 7.88 18.45 12.39
N MET L 218 8.46 17.57 11.58
CA MET L 218 8.99 17.99 10.28
C MET L 218 7.87 18.50 9.38
N GLY L 219 6.73 17.83 9.39
CA GLY L 219 5.61 18.26 8.57
C GLY L 219 5.12 19.66 8.92
N TYR L 220 5.22 20.03 10.20
CA TYR L 220 4.89 21.40 10.59
C TYR L 220 5.90 22.39 10.05
N ILE L 221 7.19 22.07 10.17
CA ILE L 221 8.23 22.96 9.65
C ILE L 221 8.15 23.05 8.14
N ILE L 222 7.85 21.95 7.47
CA ILE L 222 7.70 21.98 6.02
C ILE L 222 6.51 22.85 5.62
N ASP L 223 5.39 22.71 6.34
CA ASP L 223 4.21 23.51 6.03
C ASP L 223 4.47 24.99 6.27
N ARG L 224 5.19 25.32 7.34
CA ARG L 224 5.51 26.73 7.62
C ARG L 224 6.57 27.25 6.65
N PHE L 225 7.48 26.39 6.20
CA PHE L 225 8.50 26.82 5.24
C PHE L 225 7.87 27.19 3.91
N GLU L 226 7.02 26.31 3.37
CA GLU L 226 6.37 26.56 2.09
C GLU L 226 5.44 27.76 2.13
N TYR L 227 4.94 28.13 3.31
CA TYR L 227 4.10 29.31 3.43
C TYR L 227 4.91 30.58 3.17
N HIS L 228 6.09 30.68 3.79
CA HIS L 228 6.91 31.88 3.60
C HIS L 228 7.57 31.88 2.22
N LEU L 229 7.96 30.71 1.72
CA LEU L 229 8.54 30.64 0.39
C LEU L 229 7.55 31.08 -0.68
N GLN L 230 6.27 30.76 -0.49
CA GLN L 230 5.23 31.23 -1.40
C GLN L 230 4.94 32.71 -1.18
N LYS L 231 4.93 33.15 0.07
CA LYS L 231 4.71 34.57 0.37
C LYS L 231 5.80 35.43 -0.23
N VAL L 232 7.06 35.04 -0.04
CA VAL L 232 8.18 35.84 -0.51
C VAL L 232 8.18 35.91 -2.04
N LYS L 233 7.87 34.79 -2.71
CA LYS L 233 7.79 34.80 -4.16
C LYS L 233 6.77 35.80 -4.66
N HIS L 234 5.61 35.88 -3.99
CA HIS L 234 4.59 36.84 -4.40
C HIS L 234 5.09 38.27 -4.21
N SER L 235 5.85 38.53 -3.15
CA SER L 235 6.40 39.86 -2.93
C SER L 235 7.39 40.23 -4.02
N ILE L 236 8.29 39.30 -4.37
CA ILE L 236 9.25 39.55 -5.43
C ILE L 236 8.55 39.69 -6.78
N ASP L 237 7.55 38.84 -7.03
CA ASP L 237 6.88 38.86 -8.33
C ASP L 237 6.07 40.14 -8.52
N GLN L 238 5.45 40.66 -7.45
CA GLN L 238 4.63 41.86 -7.59
C GLN L 238 5.47 43.12 -7.70
N VAL L 239 6.58 43.20 -6.95
CA VAL L 239 7.43 44.38 -7.02
C VAL L 239 8.19 44.39 -8.35
N THR L 240 8.68 43.23 -8.79
CA THR L 240 9.34 43.16 -10.09
C THR L 240 8.37 43.49 -11.21
N ALA L 241 7.08 43.15 -11.05
CA ALA L 241 6.08 43.53 -12.04
C ALA L 241 5.83 45.04 -12.03
N LEU L 242 6.03 45.69 -10.88
CA LEU L 242 5.85 47.14 -10.82
C LEU L 242 6.92 47.86 -11.62
N SER L 243 8.18 47.50 -11.42
CA SER L 243 9.25 48.08 -12.21
C SER L 243 9.13 47.69 -13.68
N ASP L 244 8.67 46.48 -13.95
CA ASP L 244 8.44 46.03 -15.33
C ASP L 244 7.00 46.33 -15.77
N GLY L 245 6.56 47.56 -15.54
CA GLY L 245 5.23 47.98 -15.92
C GLY L 245 5.17 49.46 -16.26
N VAL L 246 3.97 50.04 -16.19
CA VAL L 246 3.82 51.47 -16.49
C VAL L 246 4.49 52.27 -15.38
N LYS L 247 5.27 53.27 -15.76
CA LYS L 247 5.96 54.15 -14.83
C LYS L 247 5.40 55.56 -14.98
N PRO L 248 4.31 55.89 -14.29
CA PRO L 248 3.79 57.26 -14.34
C PRO L 248 4.72 58.22 -13.61
N LYS L 249 5.10 59.30 -14.30
CA LYS L 249 6.00 60.28 -13.70
C LYS L 249 5.34 61.05 -12.57
N GLN L 250 4.02 61.07 -12.50
CA GLN L 250 3.32 61.81 -11.46
C GLN L 250 2.04 61.08 -11.09
N VAL L 251 1.65 61.23 -9.82
CA VAL L 251 0.41 60.66 -9.30
C VAL L 251 -0.14 61.57 -8.22
N THR L 252 -1.32 61.24 -7.70
CA THR L 252 -1.91 62.04 -6.64
C THR L 252 -1.31 61.68 -5.29
N LYS L 253 -1.49 62.58 -4.32
CA LYS L 253 -0.94 62.34 -2.99
C LYS L 253 -1.63 61.17 -2.29
N ASN L 254 -2.92 60.98 -2.55
CA ASN L 254 -3.61 59.83 -1.98
C ASN L 254 -3.13 58.53 -2.60
N ARG L 255 -2.82 58.55 -3.90
CA ARG L 255 -2.31 57.35 -4.55
C ARG L 255 -0.89 57.03 -4.10
N LEU L 256 -0.08 58.07 -3.88
CA LEU L 256 1.29 57.84 -3.40
C LEU L 256 1.29 57.21 -2.02
N LYS L 257 0.32 57.61 -1.18
CA LYS L 257 0.18 56.96 0.12
C LYS L 257 -0.13 55.47 -0.04
N GLU L 258 -1.02 55.13 -0.98
CA GLU L 258 -1.26 53.73 -1.29
C GLU L 258 -0.09 53.09 -2.02
N TYR L 259 0.75 53.89 -2.68
CA TYR L 259 1.92 53.34 -3.35
C TYR L 259 2.96 52.87 -2.34
N TYR L 260 3.30 53.72 -1.37
CA TYR L 260 4.32 53.35 -0.39
C TYR L 260 3.86 52.17 0.47
N PHE L 261 2.56 52.11 0.78
CA PHE L 261 2.03 50.97 1.50
C PHE L 261 2.11 49.69 0.68
N ASN L 262 2.00 49.81 -0.64
CA ASN L 262 2.07 48.63 -1.50
C ASN L 262 3.45 47.99 -1.46
N ILE L 263 4.48 48.77 -1.79
CA ILE L 263 5.84 48.25 -1.77
C ILE L 263 6.28 47.97 -0.33
N GLY L 264 5.74 48.72 0.64
CA GLY L 264 6.12 48.48 2.02
C GLY L 264 5.62 47.15 2.54
N ASN L 265 4.35 46.85 2.32
CA ASN L 265 3.81 45.56 2.73
C ASN L 265 4.47 44.42 1.97
N TYR L 266 4.76 44.63 0.69
CA TYR L 266 5.46 43.61 -0.09
C TYR L 266 6.87 43.39 0.44
N TYR L 267 7.59 44.48 0.74
CA TYR L 267 8.96 44.34 1.22
C TYR L 267 9.00 43.84 2.65
N SER L 268 7.99 44.17 3.46
CA SER L 268 7.98 43.69 4.83
C SER L 268 7.81 42.17 4.89
N ILE L 269 6.94 41.63 4.04
CA ILE L 269 6.77 40.18 3.97
C ILE L 269 8.06 39.51 3.49
N PHE L 270 8.81 40.18 2.61
CA PHE L 270 10.05 39.61 2.10
C PHE L 270 11.08 39.43 3.21
N LYS L 271 11.42 40.53 3.90
CA LYS L 271 12.40 40.44 4.97
C LYS L 271 11.88 39.61 6.14
N PHE L 272 10.56 39.56 6.34
CA PHE L 272 10.00 38.70 7.37
C PHE L 272 10.13 37.24 6.99
N GLY L 273 9.88 36.91 5.71
CA GLY L 273 10.03 35.54 5.27
C GLY L 273 11.48 35.07 5.28
N LYS L 274 12.41 35.97 4.92
CA LYS L 274 13.82 35.60 4.92
C LYS L 274 14.28 35.17 6.30
N ASP L 275 13.79 35.84 7.35
CA ASP L 275 14.14 35.45 8.71
C ASP L 275 13.55 34.09 9.05
N SER L 276 12.28 33.87 8.68
CA SER L 276 11.66 32.58 8.96
C SER L 276 12.25 31.48 8.09
N LEU L 277 12.47 31.75 6.79
CA LEU L 277 13.04 30.74 5.91
C LEU L 277 14.42 30.30 6.38
N ASN L 278 15.22 31.24 6.90
CA ASN L 278 16.55 30.90 7.40
C ASN L 278 16.46 29.98 8.60
N MET L 279 15.50 30.24 9.50
CA MET L 279 15.36 29.43 10.70
C MET L 279 14.63 28.12 10.44
N LEU L 280 13.60 28.16 9.58
CA LEU L 280 12.87 26.94 9.26
C LEU L 280 13.73 25.97 8.47
N ASN L 281 14.64 26.49 7.64
CA ASN L 281 15.56 25.62 6.92
C ASN L 281 16.48 24.87 7.87
N LYS L 282 17.01 25.57 8.88
CA LYS L 282 17.92 24.95 9.83
C LYS L 282 17.18 23.99 10.75
N ALA L 283 15.94 24.34 11.13
CA ALA L 283 15.16 23.45 11.98
C ALA L 283 14.77 22.18 11.23
N LEU L 284 14.42 22.32 9.95
CA LEU L 284 14.12 21.15 9.14
C LEU L 284 15.34 20.23 9.01
N ILE L 285 16.52 20.82 8.79
CA ILE L 285 17.74 20.02 8.68
C ILE L 285 18.04 19.33 10.00
N HIS L 286 17.84 20.02 11.12
CA HIS L 286 18.07 19.41 12.43
C HIS L 286 17.12 18.25 12.68
N LYS L 287 15.83 18.45 12.37
CA LYS L 287 14.86 17.37 12.54
C LYS L 287 15.12 16.23 11.57
N GLU L 288 15.68 16.51 10.40
CA GLU L 288 16.00 15.46 9.45
C GLU L 288 17.18 14.62 9.94
N LYS L 289 18.09 15.21 10.71
CA LYS L 289 19.18 14.45 11.29
C LYS L 289 18.73 13.60 12.47
N ILE L 290 17.73 14.07 13.23
CA ILE L 290 17.23 13.30 14.35
C ILE L 290 16.50 12.06 13.87
N VAL L 291 15.75 12.17 12.78
CA VAL L 291 15.01 11.02 12.25
C VAL L 291 15.99 9.94 11.78
N HIS L 292 17.05 10.34 11.07
CA HIS L 292 18.00 9.36 10.57
C HIS L 292 18.86 8.79 11.68
N ASN L 293 19.06 9.55 12.76
CA ASN L 293 19.67 8.97 13.96
C ASN L 293 18.78 7.89 14.57
N LEU L 294 17.46 8.09 14.49
CA LEU L 294 16.53 7.08 14.98
C LEU L 294 16.45 5.89 14.04
N LEU L 295 16.44 6.14 12.73
CA LEU L 295 16.44 5.04 11.77
C LEU L 295 17.71 4.20 11.90
N GLY L 296 18.82 4.81 12.30
CA GLY L 296 20.01 4.03 12.57
C GLY L 296 19.84 3.12 13.77
N GLU L 297 19.15 3.60 14.81
CA GLU L 297 18.83 2.75 15.95
C GLU L 297 17.84 1.66 15.56
N LEU L 298 16.90 1.97 14.67
CA LEU L 298 15.88 1.00 14.28
C LEU L 298 16.50 -0.24 13.65
N PHE L 299 17.36 -0.03 12.66
CA PHE L 299 18.07 -1.14 12.01
C PHE L 299 19.40 -1.46 12.67
N GLY L 300 19.54 -1.17 13.96
CA GLY L 300 20.78 -1.43 14.66
C GLY L 300 20.98 -2.87 15.05
N HIS L 301 19.93 -3.52 15.53
CA HIS L 301 20.04 -4.91 15.94
C HIS L 301 20.04 -5.85 14.74
N LEU L 302 18.98 -5.76 13.92
CA LEU L 302 18.62 -6.69 12.86
C LEU L 302 18.22 -8.06 13.40
N GLU L 303 18.34 -8.29 14.71
CA GLU L 303 17.63 -9.37 15.37
C GLU L 303 16.29 -8.89 15.94
N GLU L 304 16.14 -7.58 16.07
CA GLU L 304 14.87 -6.94 16.39
C GLU L 304 14.88 -5.58 15.72
N ARG L 305 13.70 -5.10 15.32
CA ARG L 305 13.60 -3.86 14.55
C ARG L 305 13.40 -2.63 15.44
N ILE L 306 14.08 -2.56 16.59
CA ILE L 306 13.91 -1.45 17.51
C ILE L 306 15.31 -1.00 17.94
N SER L 307 15.39 -0.15 18.97
CA SER L 307 16.66 0.30 19.52
C SER L 307 16.93 -0.36 20.87
#